data_9JW1
#
_entry.id   9JW1
#
_cell.length_a   1.00
_cell.length_b   1.00
_cell.length_c   1.00
_cell.angle_alpha   90.00
_cell.angle_beta   90.00
_cell.angle_gamma   90.00
#
_symmetry.space_group_name_H-M   'P 1'
#
loop_
_entity.id
_entity.type
_entity.pdbx_description
1 polymer 'Ring finger protein 213'
2 non-polymer "ADENOSINE-5'-TRIPHOSPHATE"
3 non-polymer 'MAGNESIUM ION'
#
_entity_poly.entity_id   1
_entity_poly.type   'polypeptide(L)'
_entity_poly.pdbx_seq_one_letter_code
;GPGTSTLSPGGGVTVFFHAIISLHFPFNPDLHKVFIRGGEEFGESKWDSNICELHYTRDLGHDRVLVEGIVCISKKHLDK
YIPYKYVIYNGESFEYEFIYKHQQKKGEYVNRCLFIKSSLLGSGDWHQYYDIVYMKPHGRLQKVMNHITDGPRKDLVKGK
QIAAALMLDSTFSILQTWDTINLNSFFTQFEQFCFVLQQPMIYEGQAQLWTDLQYREKEVKRYLWQHLKKHVVPLPDGKS
TDFLPVDCPVRSKLKTGLIVLFVVEKIELLLEGSLDWLCHLLTSDASSPDEFHRDLSHILGIPQSWRLYLVNLCQRCMDT
RTYTWLGALPVLHCCMELAPRHKDAWRQPEDTWAALEGLSFSPFREQMLDTSSLLQFMREKQHLLSIDEPLFRSWFSLLP
LSHLVMYMENFIEHLGRFPAHILDCLSGIYYRLPGLEQVLNTQDVQDVQNVQNILEMLLRLLDTYRDKIPEEALSPSYLT
VCLKLHEAICSSTKLLKFYELPALSAEIVCRMIRLLSLVDSAGQRDETGNNSVQTVFQGTLAATKRWLREVFTKNMLTSS
GASFTYVKEIEVWRRLVEIQFPAEHGWKESLLGDMEWRLTKEEPLSQITAYCNSCWDTKGLEDSVAKTFEKCIIEAVSSA
CQSQTSILQGFSYSDLRKFGIVLSAVITKSWPRTADNFDDILKHLLTLADVKHVFRLCGTDEKILANVTEDAKRLIAVAD
SVLTKVVGDLLSGTILVGQLELIIKHKNQFLDIWQLREKSLSPQDEQCAVEEALDWRREELLLLKKEKRCVDSLLKMCGN
VKHLIQVDFGVLAVRHSQDLSSKRLNDTVTVRLSTSSNSQRATHYHLSSQVQEMAGKIDLLRDSHIFQLFWREAAEPLSE
PKEDQEAAELLSEPEEESERHILELEEVYDYLYQPSYRKFIKLHQDLKSGEVTLAEIDVIFKDFVNKYTDLDSELKIMCT
VDHQDQRDWIKDRVEQIKEYHHLHQAVHAAKVILQVKESLGLNGDFSVLNTLLNFTDNFDDFRRETLDQINQELIQAKKL
LQDISEARCKGLQALSLRKEFICWVREALGGINELKVFVDLASISAGENDIDVDRVACFHDAVQGYASLLFKLDPSVDFS
AFMKHLKKLWKALDKDQYLPRKLCDSARNLEWLKTVNESHGSVERSSLTLATAINQRGIYVIQAPKGGQKISPDTVLHLI
LPESPGSHEESREYSLEEVKELLNKLMLMSGKKDRNNTEVERFSEVFCSVQRLSQAFIDLHSAGNMLFRTWIAMAYCSPK
QGVSLQMDFGLDLVTELKEGGDVTELLAALCRQMEHFLDSWKRFVTQKRMEHFYLNFYTAEQLVYLSTELRKQPPSDAAL
TMLSFIKSNCTLRDVLRASVGCGSEAARYRMRRVMEELPLMLLSEFSLVDKLRIIMEQSMRCLPAFLPDCLDLETLGHCL
AHLAGMGGSPVERCLPRGLQVGQPNLVVCGHSEVLPAALAVYMQTPSQPLPTYDEVLLCTPATTFEEVALLLRRCLTLGS
LGHKVYSLLFADQLSYEVARQAEELFHNLCTQQHREDYQLVMVCDGDWEHCYLPSAFSQHKVFVTPQAPLEAIQAYLAGH
YRVPKQTLSAAAVFNDRLCVGIVASERAGVGKSLYVKRLHDKMKMQLNVKNVPLKTIRLIDPQVDESRVLGALLPFLDAQ
YQKVPVLFHLDVTSSVQTGIWVFLFKLLILQYLMDINGKMWLRNPCHLYIVEILERRTSVPSRSSSALRTRVPQFSFLDI
FPKVTCRPPKEVIDMELSALRSDTEPGMDLWEFCSETFQRPYQYLRRFNQNQDLDTFQYQEGSVEGTPEECLQHFLFHCG
VINPSWSELRNFARFLNYQLRDCEASLFCNPSFIGDTLRGFKKFVVTFMIFMARDFATPSLHTSDQSPGKHMVTMDGVRE
EDLAPFSLRKRWESEPHPYVFFNDDHTTMTFIGFHLQPNINGSVDAISHLTGKVIKRDVMTRDLYQGLLLQRVPFNVDFD
KLPRHKKLERLCLTLGIPQATDPDKTYELTTDNMLKILAIEMRFRCGIPVIIMGETGCGKTRLIKFLSDLRRGGTNADTI
KLVKVHGGTTADMIYSRVREAENVAFANKDQHQLDTILFFDEANTTEAISCIKEVLCDHMVDGQPLAEDSGLHIIAACNP
YRKHSEEMICRLESAGLGYRVSMEETADRLGSIPLRQLVYRVHALPPSLIPLVWDFGQLSDVAEKLYIQQIVQRLVESIS
LDENGTRVITEVLCASQGFMRKTEDECSFVSLRDVERCVKVFRWFHEHSAMLLAQLNAFLSKSSVSKNHTERDPVLWSLM
LAIGVCYHASLEKKDSYRKAIARFFPKPYDDSRLLLDEITRAQDLFLDGVPLRKTIAKNLALKENVFMMVVCIELKIPLF
LVGKPGSSKSLAKTIVADAMQGPAAYSDLFRSLKQVHLVSFQCSPHSTPQGIISTFRQCARFQQGKDLQQYVSVVVLDEV
GLAEDSPKMPLKTLHPLLEDGCIEDDPAPHKKVGFVGISNWALDPAKMNRGIFVSRGSPNETELIESAKGICSSDILVQD
VAQGYFASFAKAYETVCKRQDKEFFGLRDYYSLIKMVFAAAKASNRKPSPQDIAQAVLRNFSGKDDIQALDIFLANLPEA
KCSEEVSPMQLIKQNIFGPSQKVPGGEQEDAESRYLLVLTKNYVALQILQQTFFEGDQQPEIIFGSGFPKDQEYTQLCRN
INRVKICMETGKMVLLLNLQNLYESLYDALNQYYVHLGGQKYVDLGLGTHRVKCRVHPNFRLIVIEEKDVVYKHFPIPLI
NRLEKHYLDINTVLEKWQKSIVEELCAWVEKFINVKAHHFQKRHKYSPSDVFIGYHSDACASVVLQVIERQGPRALTEEL
HQKVSEEAKSILLNCATPDAVVRLSAYSLGGFAAEWLSQEYFHRQRHNSFADFLQAHLHTADLERHAIFTEITTFSRLLT
SHDCEILESEVTGRAPKPTLLWLQQFDTEYSFLKEVRNCLTNTAKCKILIFQTDFEDGIRSAQLIASAKYSVINEINKIR
ENEDRIFVYFITKLSRVGRGTAYVGFHGGLWQSVHIDDLRRSTLMVSDVTRLQHVTISQLFAPGDLPELGLEHRAEDGHE
EAMETEASTSGEVAEVAEEAMETESSEKVGKETSELGGSDVSILDTTRLLRSCVQSAVGMLRDQNESCTRNMRRVVLLLG
LLNEDDACHASFLRVSKMRLSVFLKKQEESQFHPLEWLAREACNQDALQEAGTFRHTLWKRVQGAVTPLLASMISFIDRD
GNLELLTRPDTPPWARDLWMFIFSDTMLLNIPLVMNNERHKGEMAYIVVQNHMNLSENASNNVPFSWKIKDYLEELWVQA
QYITDAEGLPKKFVDIFQQTPLGRFLAQLHGEPQQELLQCYLKDFILLTMRVSTEEELKFLQMALWSCTRKLKAASEAPE
EEVSLPWVHLAYQRFRSRLQNFSRILTIYPQVLHSLMEARWNHELAGCEMTLDAFAAMACTEMLTRNTLKPSPQAWLQLV
KNLSMPLELICSDEHMQGSGSLAQAVIREVRAQWSRIFSTALFVEHVLLGTESRVPELQGLVTEHVFLLDKCLRENSDVK
THGPFEAVMRTLCECKETASKTLSRFGIQPCSICLGDAKDPVCLPCDHVHCLRCLRAWFASEQMICPYCLTALPDEFSPA
VSQAHREAIEKHARFRQMCNSFFVDLVSTICFKDNAPPEKEVIESLLSLLFVQKGRLRDAAQRHCEHTKSLSPFNDVVDK
TPVIRSVILKLLLKYSFHDVKDYIQEYLTLLKKKAFITEDKTELYMLFINCLEDSILEKTSAYSRNDELNHLEEEGRFLK
AYSPASRGREPANEASVEYLQEVARIRLCLDRAADFLSEPEGGPEMAKEKQCYLQQVKQFCIRVENDWHRVYLVRKLSSQ
RGMEFVQGLSKPGRPHQWVFPKDVVKQQGLRQDHPGQMDRYLVYGDEYKALRDAVAKAVLECKPLGIKTALKACKTPQSQ
QSAYFLLTLFREVAILYRSHNASLHPTPEQCEAVSKFIGECKILSPPDISRFATSLVDNSVPLLRAGPSDSNLDGTVTEM
AIHAAAVLLCGQNELLEPLKNLAFSPATMAHAFLPTMPEDLLAQARRWKGLERVHWYTCPNGHPCSVGECGRPMEQSICI
DCHAPIGGIDHKPRDGFHLVKDKADRTQTGHVLGNPQRRDVVTCDRGLPPVVFLLIRLLTHLALLLGASQSSQALINIIK
PPVRDPKGFLQQHILKDLEQLAKMLGHSADETIGVVHLVLRRLLQEQHQLSSRRLLNFDTELSTKEMRNNWEKEIAAVIS
PELEHLDKTLPTMNNLISQDKRISSNPVAKIIYGDPVTFLPHLPRKSVVHCSKIWSCRKRITVEYLQHIVEQKNGKERVP
ILWHFLQKEAELRLVKFLPEILALQRDLVKQFQNVQQVEYSSIRGFLSKHSSDGLRQLLHNRITVFLSTWNKLRRSLETN
GEINLPKDYCSTDLDLDTEFEILLPRRRGLGLCATALVSYLIRLHNEIVYAVEKLSKENNSYSVDAAEVTELHVISYEVE
RDLTPLILSNCQYQVEEGRETVQEFDLEKIQRQIVSRFLQGKPRLSLKGIPTLVYRHDWNYEHLFMDIKNKMAQDSLPSS
VISAISGQLQSYSDACEVLSVVEVTLGFLSTAGGDPNMQLNVYTQDILQMGDQTIHVLKALNRCQLKHTIALWQFLSAHK
SEQLLRLHKEPFGEISSRYKADLSPENAKLLSTFLNQTGLDAFLLELHEMIILKLKNPQTQTEERFRPQWSLRDTLVSYM
QTKESEILPEMASQFPEEILLASCVSVWKTAAVLKWNREMR
;
_entity_poly.pdbx_strand_id   A
#
# COMPACT_ATOMS: atom_id res chain seq x y z
N VAL A 157 77.03 62.48 -11.07
CA VAL A 157 76.06 62.17 -10.02
C VAL A 157 75.39 63.45 -9.53
N LYS A 158 76.19 64.39 -9.06
CA LYS A 158 75.64 65.66 -8.57
C LYS A 158 74.93 66.43 -9.68
N GLY A 159 75.49 66.42 -10.88
CA GLY A 159 74.85 67.09 -12.00
C GLY A 159 73.51 66.44 -12.30
N LYS A 160 73.48 65.11 -12.27
CA LYS A 160 72.23 64.41 -12.54
C LYS A 160 71.22 64.81 -11.49
N GLN A 161 71.65 64.89 -10.24
CA GLN A 161 70.74 65.27 -9.16
C GLN A 161 70.18 66.67 -9.35
N ILE A 162 71.04 67.63 -9.75
CA ILE A 162 70.54 68.97 -9.99
C ILE A 162 69.56 69.00 -11.17
N ALA A 163 69.82 68.20 -12.21
CA ALA A 163 68.89 68.14 -13.32
C ALA A 163 67.55 67.61 -12.85
N ALA A 164 67.58 66.60 -11.98
CA ALA A 164 66.36 66.03 -11.45
C ALA A 164 65.60 67.09 -10.65
N ALA A 165 66.34 67.87 -9.87
CA ALA A 165 65.71 68.92 -9.07
C ALA A 165 65.05 69.93 -9.98
N LEU A 166 65.72 70.29 -11.07
CA LEU A 166 65.16 71.25 -12.02
C LEU A 166 63.89 70.71 -12.65
N MET A 167 63.90 69.42 -12.99
CA MET A 167 62.70 68.80 -13.57
C MET A 167 61.56 68.84 -12.57
N LEU A 168 61.86 68.57 -11.31
CA LEU A 168 60.82 68.61 -10.29
C LEU A 168 60.26 70.02 -10.17
N ASP A 169 61.14 71.01 -10.22
CA ASP A 169 60.69 72.40 -10.13
C ASP A 169 59.77 72.71 -11.29
N SER A 170 60.14 72.26 -12.48
CA SER A 170 59.30 72.52 -13.65
C SER A 170 57.93 71.85 -13.51
N THR A 171 57.91 70.62 -13.01
CA THR A 171 56.62 69.96 -12.84
C THR A 171 55.78 70.72 -11.83
N PHE A 172 56.39 71.19 -10.75
CA PHE A 172 55.65 71.93 -9.73
C PHE A 172 55.08 73.19 -10.36
N SER A 173 55.86 73.87 -11.18
CA SER A 173 55.40 75.09 -11.84
C SER A 173 54.24 74.82 -12.81
N ILE A 174 54.26 73.71 -13.53
CA ILE A 174 53.17 73.51 -14.50
C ILE A 174 51.92 72.74 -14.02
N LEU A 175 52.05 71.81 -13.07
CA LEU A 175 50.89 71.11 -12.52
C LEU A 175 49.94 72.07 -11.80
N GLN A 176 50.14 73.37 -11.99
CA GLN A 176 49.31 74.41 -11.38
C GLN A 176 47.83 74.16 -11.64
N THR A 177 47.49 73.78 -12.87
CA THR A 177 46.12 73.37 -13.20
C THR A 177 46.06 71.86 -13.40
N TRP A 178 44.83 71.33 -13.39
CA TRP A 178 44.64 69.89 -13.56
C TRP A 178 43.42 69.56 -14.42
N ASP A 179 42.94 70.51 -15.23
CA ASP A 179 41.62 70.37 -15.84
C ASP A 179 41.49 69.18 -16.78
N THR A 180 42.17 69.20 -17.92
CA THR A 180 42.04 68.09 -18.86
C THR A 180 43.38 67.56 -19.36
N ILE A 181 44.34 68.45 -19.64
CA ILE A 181 45.60 68.06 -20.26
C ILE A 181 46.81 68.50 -19.42
N ASN A 182 46.58 69.01 -18.22
CA ASN A 182 47.66 69.48 -17.37
C ASN A 182 48.06 68.46 -16.32
N LEU A 183 47.70 67.20 -16.52
CA LEU A 183 48.21 66.13 -15.66
C LEU A 183 48.79 64.97 -16.45
N ASN A 184 48.17 64.58 -17.57
CA ASN A 184 48.59 63.38 -18.28
C ASN A 184 49.94 63.57 -18.99
N SER A 185 50.21 64.78 -19.49
CA SER A 185 51.51 65.03 -20.11
C SER A 185 52.64 64.87 -19.11
N PHE A 186 52.48 65.45 -17.92
CA PHE A 186 53.50 65.28 -16.90
C PHE A 186 53.52 63.86 -16.35
N PHE A 187 52.40 63.14 -16.45
CA PHE A 187 52.42 61.73 -16.10
C PHE A 187 53.29 60.93 -17.05
N THR A 188 53.14 61.16 -18.35
CA THR A 188 53.99 60.46 -19.31
C THR A 188 55.41 61.02 -19.35
N GLN A 189 55.67 62.17 -18.73
CA GLN A 189 57.07 62.54 -18.44
C GLN A 189 57.61 61.89 -17.17
N PHE A 190 56.78 61.67 -16.14
CA PHE A 190 57.24 60.84 -15.03
C PHE A 190 57.55 59.42 -15.49
N GLU A 191 56.83 58.92 -16.48
CA GLU A 191 57.16 57.62 -17.03
C GLU A 191 58.58 57.60 -17.61
N GLN A 192 58.92 58.63 -18.39
CA GLN A 192 60.29 58.73 -18.90
C GLN A 192 61.30 58.89 -17.76
N PHE A 193 60.98 59.71 -16.76
CA PHE A 193 61.84 59.84 -15.58
C PHE A 193 62.15 58.48 -14.98
N CYS A 194 61.11 57.67 -14.71
CA CYS A 194 61.34 56.33 -14.19
C CYS A 194 62.15 55.50 -15.17
N PHE A 195 62.02 55.77 -16.46
CA PHE A 195 62.77 55.02 -17.46
C PHE A 195 64.26 55.42 -17.50
N VAL A 196 64.62 56.60 -16.99
CA VAL A 196 66.02 57.01 -17.03
C VAL A 196 66.84 56.31 -15.95
N LEU A 197 66.49 56.52 -14.68
CA LEU A 197 67.39 56.14 -13.59
C LEU A 197 67.54 54.63 -13.43
N GLN A 198 66.72 53.83 -14.11
CA GLN A 198 66.84 52.38 -14.01
C GLN A 198 68.14 51.85 -14.60
N GLN A 199 68.86 52.66 -15.38
CA GLN A 199 70.19 52.29 -15.85
C GLN A 199 71.23 53.29 -15.37
N ARG A 216 74.78 52.85 0.28
CA ARG A 216 74.91 54.28 0.44
C ARG A 216 73.64 55.00 -0.01
N GLU A 217 72.50 54.37 0.22
CA GLU A 217 71.22 54.94 -0.17
C GLU A 217 70.65 55.89 0.88
N LYS A 218 71.31 56.03 2.03
CA LYS A 218 70.82 56.95 3.06
C LYS A 218 70.88 58.39 2.57
N GLU A 219 71.96 58.77 1.89
CA GLU A 219 72.06 60.12 1.34
C GLU A 219 71.02 60.35 0.26
N VAL A 220 70.74 59.34 -0.55
CA VAL A 220 69.69 59.45 -1.57
C VAL A 220 68.33 59.66 -0.91
N LYS A 221 68.05 58.91 0.15
CA LYS A 221 66.80 59.08 0.87
C LYS A 221 66.69 60.47 1.47
N ARG A 222 67.79 60.97 2.05
CA ARG A 222 67.80 62.31 2.61
C ARG A 222 67.54 63.35 1.53
N TYR A 223 68.14 63.18 0.35
CA TYR A 223 67.97 64.16 -0.71
C TYR A 223 66.56 64.15 -1.27
N LEU A 224 65.96 62.96 -1.45
CA LEU A 224 64.59 62.92 -1.93
C LEU A 224 63.62 63.48 -0.89
N TRP A 225 63.86 63.22 0.39
CA TRP A 225 63.03 63.83 1.42
C TRP A 225 63.22 65.34 1.47
N GLN A 226 64.43 65.82 1.18
CA GLN A 226 64.61 67.27 1.03
C GLN A 226 63.78 67.81 -0.12
N HIS A 227 63.72 67.06 -1.23
CA HIS A 227 62.88 67.47 -2.35
C HIS A 227 61.40 67.54 -1.95
N LEU A 228 60.93 66.53 -1.21
CA LEU A 228 59.55 66.57 -0.74
C LEU A 228 59.32 67.74 0.21
N LYS A 229 60.26 67.98 1.11
CA LYS A 229 60.14 69.10 2.05
C LYS A 229 60.17 70.44 1.31
N LYS A 230 60.78 70.48 0.12
CA LYS A 230 60.85 71.73 -0.63
C LYS A 230 59.63 71.92 -1.52
N HIS A 231 58.98 70.83 -1.94
CA HIS A 231 57.81 70.95 -2.80
C HIS A 231 56.49 70.73 -2.07
N VAL A 232 56.49 70.54 -0.75
CA VAL A 232 55.25 70.52 0.02
C VAL A 232 55.19 71.59 1.08
N VAL A 233 56.29 72.28 1.36
CA VAL A 233 56.29 73.37 2.34
C VAL A 233 55.48 74.59 1.87
N PRO A 234 55.27 74.85 0.57
CA PRO A 234 54.33 75.93 0.22
C PRO A 234 52.92 75.71 0.75
N LEU A 235 52.54 74.45 0.99
CA LEU A 235 51.20 74.10 1.47
C LEU A 235 51.36 73.23 2.72
N PRO A 236 51.65 73.84 3.89
CA PRO A 236 51.85 73.11 5.14
C PRO A 236 50.54 72.55 5.70
N CYS A 248 50.67 79.92 -3.93
CA CYS A 248 50.54 78.91 -4.97
C CYS A 248 49.06 78.57 -5.22
N PRO A 249 48.68 78.45 -6.48
CA PRO A 249 47.31 78.04 -6.82
C PRO A 249 47.02 76.58 -6.53
N VAL A 250 48.03 75.80 -6.16
CA VAL A 250 47.85 74.39 -5.80
C VAL A 250 47.34 74.41 -4.36
N ARG A 251 46.02 74.31 -4.20
CA ARG A 251 45.38 74.40 -2.90
C ARG A 251 44.73 73.08 -2.49
N SER A 252 44.19 72.33 -3.45
CA SER A 252 43.56 71.04 -3.15
C SER A 252 44.63 70.08 -2.65
N LYS A 253 44.62 69.83 -1.33
CA LYS A 253 45.64 68.98 -0.72
C LYS A 253 45.55 67.55 -1.24
N LEU A 254 44.35 67.08 -1.55
CA LEU A 254 44.03 65.74 -2.00
C LEU A 254 44.43 65.47 -3.46
N LYS A 255 45.14 66.37 -4.10
CA LYS A 255 45.85 66.12 -5.35
C LYS A 255 47.36 66.17 -5.18
N THR A 256 47.85 67.11 -4.35
CA THR A 256 49.26 67.11 -3.99
C THR A 256 49.64 65.81 -3.29
N GLY A 257 48.73 65.24 -2.52
CA GLY A 257 48.97 63.95 -1.89
C GLY A 257 49.14 62.83 -2.90
N LEU A 258 48.26 62.78 -3.90
CA LEU A 258 48.38 61.75 -4.93
C LEU A 258 49.63 61.92 -5.77
N ILE A 259 49.97 63.16 -6.12
CA ILE A 259 51.19 63.39 -6.90
C ILE A 259 52.40 62.93 -6.11
N VAL A 260 52.45 63.28 -4.82
CA VAL A 260 53.61 62.91 -3.99
C VAL A 260 53.69 61.40 -3.84
N LEU A 261 52.55 60.73 -3.58
CA LEU A 261 52.60 59.29 -3.35
C LEU A 261 52.95 58.55 -4.64
N PHE A 262 52.49 59.06 -5.79
CA PHE A 262 52.90 58.47 -7.05
C PHE A 262 54.40 58.63 -7.28
N VAL A 263 54.93 59.82 -6.99
CA VAL A 263 56.36 60.05 -7.14
C VAL A 263 57.15 59.08 -6.26
N VAL A 264 56.71 58.92 -5.02
CA VAL A 264 57.44 58.10 -4.06
C VAL A 264 57.37 56.62 -4.43
N GLU A 265 56.17 56.13 -4.77
CA GLU A 265 55.96 54.70 -4.93
C GLU A 265 56.16 54.20 -6.36
N LYS A 266 56.30 55.10 -7.35
CA LYS A 266 56.57 54.64 -8.70
C LYS A 266 58.07 54.55 -8.99
N ILE A 267 58.86 55.47 -8.43
CA ILE A 267 60.31 55.42 -8.57
C ILE A 267 60.88 54.53 -7.46
N GLU A 268 59.96 53.89 -6.71
CA GLU A 268 60.28 52.98 -5.60
C GLU A 268 61.38 53.53 -4.68
N LEU A 269 61.39 54.85 -4.50
CA LEU A 269 62.23 55.50 -3.50
C LEU A 269 61.30 55.91 -2.36
N LEU A 270 61.12 55.00 -1.41
CA LEU A 270 60.10 55.17 -0.38
C LEU A 270 60.43 56.35 0.53
N LEU A 271 59.41 57.14 0.82
CA LEU A 271 59.54 58.19 1.83
C LEU A 271 59.51 57.57 3.22
N GLU A 272 60.45 57.97 4.06
CA GLU A 272 60.61 57.37 5.38
C GLU A 272 60.77 58.45 6.45
N GLY A 273 59.89 59.45 6.40
CA GLY A 273 59.90 60.52 7.37
C GLY A 273 58.56 60.74 8.03
N SER A 274 58.12 61.99 8.08
CA SER A 274 56.84 62.33 8.68
C SER A 274 55.72 61.96 7.73
N LEU A 275 55.13 60.77 7.94
CA LEU A 275 53.93 60.40 7.20
C LEU A 275 52.75 61.28 7.56
N ASP A 276 52.81 61.99 8.69
CA ASP A 276 51.69 62.80 9.14
C ASP A 276 51.38 63.91 8.14
N TRP A 277 52.41 64.56 7.59
CA TRP A 277 52.18 65.62 6.63
C TRP A 277 51.42 65.12 5.40
N LEU A 278 51.93 64.05 4.78
CA LEU A 278 51.29 63.53 3.59
C LEU A 278 49.88 63.04 3.90
N CYS A 279 49.71 62.32 5.00
CA CYS A 279 48.39 61.83 5.37
C CYS A 279 47.41 62.99 5.56
N HIS A 280 47.86 64.06 6.23
CA HIS A 280 47.05 65.26 6.34
C HIS A 280 46.71 65.82 4.97
N LEU A 281 47.62 65.70 4.01
CA LEU A 281 47.30 66.12 2.64
C LEU A 281 46.18 65.27 2.05
N LEU A 282 46.19 63.95 2.29
CA LEU A 282 45.08 63.13 1.81
C LEU A 282 43.81 63.30 2.65
N THR A 283 43.91 63.91 3.83
CA THR A 283 42.72 64.10 4.65
C THR A 283 41.80 65.10 3.96
N SER A 284 40.73 64.60 3.35
CA SER A 284 39.79 65.47 2.65
C SER A 284 38.86 66.16 3.64
N ASP A 285 38.58 67.43 3.35
CA ASP A 285 37.64 68.23 4.13
C ASP A 285 36.32 68.45 3.39
N ALA A 286 35.94 67.49 2.54
CA ALA A 286 34.73 67.62 1.76
C ALA A 286 33.50 67.58 2.66
N SER A 287 32.49 68.38 2.34
CA SER A 287 31.27 68.47 3.12
C SER A 287 30.01 68.23 2.31
N SER A 288 30.11 68.12 0.99
CA SER A 288 28.96 67.86 0.13
C SER A 288 29.31 66.74 -0.83
N PRO A 289 28.37 65.83 -1.10
CA PRO A 289 28.69 64.70 -1.99
C PRO A 289 29.14 65.12 -3.38
N ASP A 290 28.45 66.07 -3.99
CA ASP A 290 28.91 66.60 -5.27
C ASP A 290 30.25 67.30 -5.12
N GLU A 291 30.41 68.07 -4.04
CA GLU A 291 31.71 68.69 -3.77
C GLU A 291 32.76 67.62 -3.48
N PHE A 292 32.38 66.54 -2.81
CA PHE A 292 33.32 65.45 -2.57
C PHE A 292 33.80 64.85 -3.88
N HIS A 293 32.89 64.67 -4.84
CA HIS A 293 33.28 64.17 -6.14
C HIS A 293 34.22 65.14 -6.85
N ARG A 294 33.77 66.39 -7.03
CA ARG A 294 34.55 67.36 -7.79
C ARG A 294 35.84 67.77 -7.09
N ASP A 295 36.03 67.43 -5.82
CA ASP A 295 37.29 67.73 -5.16
C ASP A 295 38.44 66.98 -5.83
N LEU A 296 38.21 65.73 -6.22
CA LEU A 296 39.18 65.02 -7.06
C LEU A 296 38.82 65.17 -8.54
N SER A 297 37.67 64.63 -8.94
CA SER A 297 37.16 64.77 -10.31
C SER A 297 38.12 64.28 -11.37
N HIS A 298 39.24 63.65 -10.98
CA HIS A 298 40.25 63.25 -11.95
C HIS A 298 40.92 61.93 -11.64
N ILE A 299 40.54 61.24 -10.56
CA ILE A 299 41.11 59.92 -10.32
C ILE A 299 40.56 58.89 -11.30
N LEU A 300 39.38 59.16 -11.88
CA LEU A 300 38.84 58.26 -12.91
C LEU A 300 39.62 58.39 -14.21
N GLY A 301 40.02 59.61 -14.57
CA GLY A 301 40.77 59.82 -15.79
C GLY A 301 42.18 59.27 -15.76
N ILE A 302 42.64 58.83 -14.59
CA ILE A 302 43.99 58.28 -14.44
C ILE A 302 43.86 56.79 -14.15
N PRO A 303 44.04 55.92 -15.14
CA PRO A 303 43.87 54.47 -14.92
C PRO A 303 45.17 53.80 -14.44
N GLN A 304 45.63 54.20 -13.27
CA GLN A 304 46.84 53.67 -12.66
C GLN A 304 46.49 52.84 -11.42
N SER A 305 47.49 52.13 -10.92
CA SER A 305 47.30 51.22 -9.80
C SER A 305 47.45 51.94 -8.45
N TRP A 306 46.63 52.99 -8.29
CA TRP A 306 46.63 53.75 -7.04
C TRP A 306 46.29 52.89 -5.83
N ARG A 307 45.56 51.79 -6.04
CA ARG A 307 45.17 50.93 -4.94
C ARG A 307 46.40 50.32 -4.25
N LEU A 308 47.39 49.91 -5.05
CA LEU A 308 48.58 49.28 -4.48
C LEU A 308 49.31 50.23 -3.55
N TYR A 309 49.50 51.48 -3.99
CA TYR A 309 50.20 52.45 -3.16
C TYR A 309 49.36 52.88 -1.95
N LEU A 310 48.04 52.95 -2.11
CA LEU A 310 47.18 53.24 -0.96
C LEU A 310 47.30 52.15 0.11
N VAL A 311 47.31 50.89 -0.32
CA VAL A 311 47.47 49.78 0.61
C VAL A 311 48.86 49.82 1.24
N ASN A 312 49.87 50.20 0.47
CA ASN A 312 51.22 50.30 1.02
C ASN A 312 51.31 51.38 2.09
N LEU A 313 50.65 52.53 1.87
CA LEU A 313 50.67 53.57 2.89
C LEU A 313 49.88 53.16 4.12
N CYS A 314 48.81 52.37 3.94
CA CYS A 314 48.10 51.84 5.10
C CYS A 314 48.96 50.86 5.89
N GLN A 315 49.73 50.03 5.18
CA GLN A 315 50.68 49.14 5.83
C GLN A 315 51.72 49.93 6.62
N ARG A 316 52.22 51.01 6.01
CA ARG A 316 53.15 51.88 6.71
C ARG A 316 52.49 52.53 7.92
N CYS A 317 51.16 52.73 7.85
CA CYS A 317 50.44 53.28 9.00
C CYS A 317 50.34 52.29 10.14
N MET A 318 50.21 50.99 9.83
CA MET A 318 50.52 49.99 10.85
C MET A 318 51.92 50.20 11.41
N ASP A 319 52.93 50.19 10.55
CA ASP A 319 54.30 50.10 11.00
C ASP A 319 54.78 51.36 11.71
N THR A 320 54.07 52.49 11.58
CA THR A 320 54.43 53.72 12.26
C THR A 320 53.64 53.95 13.55
N ARG A 321 52.73 53.05 13.90
CA ARG A 321 51.92 53.16 15.11
C ARG A 321 51.17 54.50 15.17
N THR A 322 50.63 54.93 14.03
CA THR A 322 49.91 56.18 13.93
C THR A 322 48.45 55.94 13.56
N TYR A 323 47.65 57.00 13.64
CA TYR A 323 46.24 56.92 13.34
C TYR A 323 45.77 57.94 12.31
N THR A 324 46.69 58.60 11.60
CA THR A 324 46.26 59.61 10.64
C THR A 324 45.52 59.01 9.45
N TRP A 325 45.76 57.75 9.11
CA TRP A 325 45.08 57.13 7.98
C TRP A 325 43.56 57.22 8.06
N LEU A 326 43.00 57.52 9.25
CA LEU A 326 41.56 57.67 9.33
C LEU A 326 41.07 58.75 8.39
N GLY A 327 41.73 59.92 8.40
CA GLY A 327 41.39 60.94 7.43
C GLY A 327 41.70 60.53 6.01
N ALA A 328 42.62 59.58 5.84
CA ALA A 328 42.92 58.99 4.54
C ALA A 328 42.04 57.80 4.20
N LEU A 329 41.16 57.38 5.11
CA LEU A 329 40.20 56.33 4.76
C LEU A 329 39.24 56.73 3.64
N PRO A 330 38.66 57.95 3.61
CA PRO A 330 37.79 58.29 2.48
C PRO A 330 38.46 58.17 1.13
N VAL A 331 39.72 58.61 1.00
CA VAL A 331 40.38 58.54 -0.29
C VAL A 331 40.59 57.09 -0.71
N LEU A 332 40.79 56.19 0.26
CA LEU A 332 40.78 54.76 -0.05
C LEU A 332 39.45 54.38 -0.68
N HIS A 333 38.35 54.80 -0.06
CA HIS A 333 37.02 54.58 -0.64
C HIS A 333 36.88 55.30 -1.97
N CYS A 334 37.71 56.31 -2.22
CA CYS A 334 37.71 56.96 -3.53
C CYS A 334 38.26 56.02 -4.60
N CYS A 335 39.25 55.20 -4.25
CA CYS A 335 39.88 54.34 -5.23
C CYS A 335 39.43 52.88 -5.14
N MET A 336 39.05 52.41 -3.96
CA MET A 336 38.52 51.06 -3.83
C MET A 336 37.26 50.90 -4.67
N GLU A 337 36.87 49.65 -4.88
CA GLU A 337 35.68 49.35 -5.66
C GLU A 337 34.45 49.90 -4.95
N LEU A 338 33.91 51.01 -5.47
CA LEU A 338 32.75 51.67 -4.86
C LEU A 338 31.49 50.89 -5.23
N ALA A 339 31.36 49.72 -4.61
CA ALA A 339 30.26 48.81 -4.86
C ALA A 339 29.52 48.51 -3.56
N PRO A 340 28.21 48.34 -3.62
CA PRO A 340 27.44 48.04 -2.41
C PRO A 340 27.45 46.55 -2.12
N ARG A 341 26.70 46.17 -1.10
CA ARG A 341 26.58 44.78 -0.68
C ARG A 341 25.39 44.13 -1.40
N HIS A 342 25.28 42.82 -1.24
CA HIS A 342 24.13 42.07 -1.74
C HIS A 342 23.04 41.90 -0.69
N LYS A 343 23.13 42.63 0.41
CA LYS A 343 22.21 42.64 1.56
C LYS A 343 22.30 41.37 2.39
N ASP A 344 23.00 40.34 1.92
CA ASP A 344 23.31 39.16 2.74
C ASP A 344 24.69 39.33 3.37
N ALA A 345 24.82 40.40 4.15
CA ALA A 345 26.12 40.84 4.63
C ALA A 345 26.79 39.82 5.55
N TRP A 346 26.00 39.05 6.29
CA TRP A 346 26.60 38.12 7.24
C TRP A 346 27.35 36.98 6.57
N ARG A 347 27.05 36.69 5.29
CA ARG A 347 27.83 35.70 4.56
C ARG A 347 29.23 36.20 4.25
N GLN A 348 29.35 37.47 3.83
CA GLN A 348 30.63 37.97 3.36
C GLN A 348 31.61 38.14 4.51
N PRO A 349 32.91 38.02 4.24
CA PRO A 349 33.91 38.24 5.29
C PRO A 349 34.00 39.70 5.68
N GLU A 350 34.79 39.95 6.73
CA GLU A 350 34.94 41.31 7.24
C GLU A 350 35.73 42.19 6.31
N ASP A 351 36.70 41.61 5.58
CA ASP A 351 37.55 42.40 4.70
C ASP A 351 36.76 43.02 3.56
N THR A 352 35.98 42.20 2.85
CA THR A 352 35.14 42.72 1.78
C THR A 352 33.94 43.49 2.31
N TRP A 353 33.64 43.37 3.61
CA TRP A 353 32.55 44.16 4.19
C TRP A 353 33.01 45.59 4.47
N ALA A 354 34.16 45.74 5.15
CA ALA A 354 34.66 47.03 5.58
C ALA A 354 35.38 47.80 4.49
N ALA A 355 35.40 47.28 3.26
CA ALA A 355 36.10 47.91 2.14
C ALA A 355 37.60 48.07 2.43
N LEU A 356 38.16 47.08 3.13
CA LEU A 356 39.60 47.02 3.39
C LEU A 356 40.21 45.74 2.82
N GLU A 357 39.77 45.33 1.63
CA GLU A 357 40.26 44.11 1.02
C GLU A 357 41.75 44.24 0.69
N GLY A 358 42.46 43.12 0.80
CA GLY A 358 43.87 43.07 0.46
C GLY A 358 44.77 43.55 1.59
N LEU A 359 44.39 44.68 2.19
CA LEU A 359 45.15 45.23 3.30
C LEU A 359 45.12 44.28 4.49
N SER A 360 46.29 44.07 5.11
CA SER A 360 46.39 43.21 6.28
C SER A 360 45.53 43.79 7.39
N PHE A 361 44.41 43.13 7.69
CA PHE A 361 43.39 43.69 8.55
C PHE A 361 43.63 43.29 10.01
N SER A 362 43.69 44.31 10.87
CA SER A 362 43.76 44.21 12.32
C SER A 362 44.93 43.43 12.89
N PRO A 363 46.17 43.62 12.43
CA PRO A 363 47.32 43.10 13.18
C PRO A 363 48.06 44.16 14.01
N PHE A 364 47.61 45.40 14.00
CA PHE A 364 48.39 46.53 14.50
C PHE A 364 47.96 47.04 15.86
N ARG A 365 46.67 46.94 16.20
CA ARG A 365 46.15 47.56 17.41
C ARG A 365 46.41 46.69 18.65
N GLU A 366 47.09 45.56 18.48
CA GLU A 366 47.43 44.69 19.59
C GLU A 366 48.26 45.44 20.62
N GLN A 367 47.77 45.48 21.87
CA GLN A 367 48.41 46.14 22.99
C GLN A 367 48.89 47.56 22.65
N MET A 368 47.95 48.39 22.24
CA MET A 368 48.16 49.84 22.22
C MET A 368 46.97 50.50 22.91
N LEU A 369 46.64 50.01 24.12
CA LEU A 369 45.41 50.38 24.82
C LEU A 369 45.21 51.89 24.93
N ASP A 370 46.22 52.70 24.63
CA ASP A 370 46.08 54.16 24.59
C ASP A 370 45.35 54.56 23.31
N THR A 371 44.15 53.98 23.14
CA THR A 371 43.32 54.29 21.98
C THR A 371 42.53 55.58 22.15
N SER A 372 42.61 56.20 23.33
CA SER A 372 41.90 57.46 23.54
C SER A 372 42.41 58.55 22.60
N SER A 373 43.69 58.50 22.21
CA SER A 373 44.22 59.47 21.27
C SER A 373 43.49 59.39 19.93
N LEU A 374 43.39 58.19 19.36
CA LEU A 374 42.69 58.03 18.09
C LEU A 374 41.19 58.26 18.25
N LEU A 375 40.63 57.91 19.40
CA LEU A 375 39.21 58.21 19.64
C LEU A 375 38.95 59.72 19.59
N GLN A 376 39.77 60.49 20.30
CA GLN A 376 39.67 61.94 20.21
C GLN A 376 39.94 62.42 18.79
N PHE A 377 40.81 61.73 18.07
CA PHE A 377 41.08 62.10 16.68
C PHE A 377 39.82 61.97 15.83
N MET A 378 39.03 60.92 16.05
CA MET A 378 37.72 60.86 15.40
C MET A 378 36.78 61.95 15.93
N ARG A 379 36.88 62.27 17.22
CA ARG A 379 35.80 63.02 17.88
C ARG A 379 35.49 64.35 17.23
N GLU A 380 36.42 64.94 16.49
CA GLU A 380 36.18 66.20 15.78
C GLU A 380 36.07 65.98 14.27
N LYS A 381 35.63 64.79 13.86
CA LYS A 381 35.50 64.47 12.44
C LYS A 381 34.11 63.96 12.09
N GLN A 382 33.07 64.49 12.75
CA GLN A 382 31.70 64.22 12.32
C GLN A 382 31.46 64.80 10.92
N HIS A 383 32.18 65.86 10.56
CA HIS A 383 32.12 66.36 9.20
C HIS A 383 32.67 65.33 8.21
N LEU A 384 33.76 64.65 8.59
CA LEU A 384 34.30 63.59 7.75
C LEU A 384 33.37 62.38 7.72
N LEU A 385 32.63 62.15 8.81
CA LEU A 385 31.67 61.05 8.83
C LEU A 385 30.47 61.33 7.94
N SER A 386 30.09 62.59 7.78
CA SER A 386 28.90 62.94 7.01
C SER A 386 29.12 62.89 5.51
N ILE A 387 30.35 62.64 5.06
CA ILE A 387 30.66 62.71 3.63
C ILE A 387 30.96 61.32 3.08
N ASP A 388 31.41 60.41 3.93
CA ASP A 388 31.79 59.06 3.53
C ASP A 388 30.92 58.06 4.29
N GLU A 389 29.96 57.47 3.59
CA GLU A 389 29.07 56.50 4.24
C GLU A 389 29.80 55.27 4.76
N PRO A 390 30.66 54.58 3.99
CA PRO A 390 31.34 53.41 4.54
C PRO A 390 32.43 53.74 5.56
N LEU A 391 32.71 55.02 5.79
CA LEU A 391 33.80 55.38 6.70
C LEU A 391 33.46 54.96 8.13
N PHE A 392 32.22 55.23 8.57
CA PHE A 392 31.81 54.83 9.91
C PHE A 392 31.83 53.31 10.04
N ARG A 393 31.41 52.61 8.99
CA ARG A 393 31.44 51.16 9.00
C ARG A 393 32.86 50.64 9.17
N SER A 394 33.82 51.25 8.45
CA SER A 394 35.21 50.86 8.61
C SER A 394 35.70 51.15 10.03
N TRP A 395 35.38 52.33 10.56
CA TRP A 395 35.82 52.69 11.90
C TRP A 395 35.27 51.72 12.93
N PHE A 396 34.03 51.26 12.74
CA PHE A 396 33.49 50.24 13.62
C PHE A 396 34.19 48.90 13.37
N SER A 397 34.69 48.69 12.15
CA SER A 397 35.37 47.45 11.81
C SER A 397 36.76 47.34 12.44
N LEU A 398 37.44 48.45 12.74
CA LEU A 398 38.67 48.32 13.52
C LEU A 398 38.35 47.69 14.87
N LEU A 399 39.38 47.31 15.64
CA LEU A 399 39.16 46.36 16.73
C LEU A 399 39.44 46.90 18.13
N PRO A 400 38.89 48.04 18.54
CA PRO A 400 39.06 48.42 19.96
C PRO A 400 38.04 47.66 20.82
N LEU A 401 38.41 46.42 21.15
CA LEU A 401 37.49 45.50 21.82
C LEU A 401 36.93 46.10 23.10
N SER A 402 37.80 46.41 24.06
CA SER A 402 37.34 47.03 25.29
C SER A 402 36.90 48.48 25.07
N HIS A 403 37.38 49.12 24.02
CA HIS A 403 37.05 50.52 23.74
C HIS A 403 35.92 50.68 22.74
N LEU A 404 35.32 49.58 22.26
CA LEU A 404 34.20 49.68 21.35
C LEU A 404 32.95 50.25 22.02
N VAL A 405 32.86 50.15 23.35
CA VAL A 405 31.64 50.56 24.03
C VAL A 405 31.46 52.08 23.96
N MET A 406 32.53 52.86 24.19
CA MET A 406 32.37 54.31 24.19
C MET A 406 32.24 54.88 22.79
N TYR A 407 32.80 54.21 21.79
CA TYR A 407 32.74 54.70 20.42
C TYR A 407 31.30 54.78 19.92
N MET A 408 30.48 53.79 20.25
CA MET A 408 29.14 53.73 19.69
C MET A 408 28.28 54.92 20.12
N GLU A 409 28.49 55.41 21.34
CA GLU A 409 27.76 56.58 21.83
C GLU A 409 28.52 57.89 21.63
N ASN A 410 29.81 57.84 21.29
CA ASN A 410 30.55 59.05 21.00
C ASN A 410 29.87 59.85 19.88
N PHE A 411 29.74 59.25 18.71
CA PHE A 411 29.03 59.87 17.59
C PHE A 411 27.58 59.40 17.54
N ILE A 412 26.89 59.53 18.68
CA ILE A 412 25.47 59.20 18.71
C ILE A 412 24.68 60.20 17.87
N GLU A 413 25.15 61.44 17.77
CA GLU A 413 24.51 62.41 16.89
C GLU A 413 24.72 62.04 15.42
N HIS A 414 25.88 61.46 15.10
CA HIS A 414 26.09 60.93 13.75
C HIS A 414 25.13 59.80 13.46
N LEU A 415 24.84 58.97 14.46
CA LEU A 415 23.81 57.94 14.29
C LEU A 415 22.44 58.59 14.09
N GLY A 416 22.17 59.69 14.81
CA GLY A 416 20.89 60.35 14.66
C GLY A 416 20.68 60.94 13.28
N ARG A 417 21.71 61.59 12.72
CA ARG A 417 21.58 62.16 11.39
C ARG A 417 21.50 61.08 10.32
N PHE A 418 22.14 59.94 10.56
CA PHE A 418 22.19 58.83 9.61
C PHE A 418 21.67 57.57 10.31
N PRO A 419 20.34 57.38 10.35
CA PRO A 419 19.76 56.24 11.08
C PRO A 419 19.72 54.96 10.26
N ALA A 420 20.81 54.67 9.56
CA ALA A 420 20.97 53.42 8.83
C ALA A 420 22.30 52.74 9.13
N HIS A 421 23.18 53.38 9.89
CA HIS A 421 24.47 52.82 10.26
C HIS A 421 24.41 52.02 11.55
N ILE A 422 23.29 52.05 12.28
CA ILE A 422 23.17 51.25 13.50
C ILE A 422 23.08 49.77 13.17
N LEU A 423 22.36 49.42 12.10
CA LEU A 423 22.26 48.01 11.70
C LEU A 423 23.63 47.42 11.47
N ASP A 424 24.45 48.10 10.66
CA ASP A 424 25.80 47.63 10.39
C ASP A 424 26.61 47.46 11.67
N CYS A 425 26.29 48.26 12.70
CA CYS A 425 26.96 48.10 14.00
C CYS A 425 26.86 46.65 14.48
N LEU A 426 25.65 46.09 14.46
CA LEU A 426 25.46 44.70 14.81
C LEU A 426 26.29 43.77 13.93
N SER A 427 26.34 44.08 12.63
CA SER A 427 27.22 43.34 11.73
C SER A 427 28.64 43.30 12.29
N GLY A 428 29.16 44.46 12.69
CA GLY A 428 30.47 44.49 13.30
C GLY A 428 30.56 43.59 14.51
N ILE A 429 29.56 43.65 15.39
CA ILE A 429 29.56 42.79 16.57
C ILE A 429 29.51 41.33 16.16
N TYR A 430 28.80 41.02 15.07
CA TYR A 430 28.82 39.67 14.54
C TYR A 430 30.25 39.24 14.20
N TYR A 431 31.01 40.13 13.56
CA TYR A 431 32.39 39.81 13.23
C TYR A 431 33.27 39.75 14.46
N ARG A 432 32.78 40.19 15.62
CA ARG A 432 33.49 40.04 16.88
C ARG A 432 33.07 38.79 17.64
N LEU A 433 32.24 37.94 17.03
CA LEU A 433 31.69 36.78 17.75
C LEU A 433 32.75 35.89 18.39
N PRO A 434 33.85 35.52 17.72
CA PRO A 434 34.87 34.71 18.41
C PRO A 434 35.44 35.41 19.63
N GLY A 435 35.88 36.67 19.47
CA GLY A 435 36.47 37.39 20.58
C GLY A 435 35.54 37.48 21.78
N LEU A 436 34.24 37.67 21.52
CA LEU A 436 33.26 37.66 22.59
C LEU A 436 33.40 36.40 23.45
N GLU A 437 33.43 35.23 22.80
CA GLU A 437 33.63 33.99 23.55
C GLU A 437 34.86 34.11 24.44
N GLN A 438 35.96 34.61 23.87
CA GLN A 438 37.17 34.84 24.64
C GLN A 438 36.85 35.59 25.93
N VAL A 439 36.28 36.79 25.81
CA VAL A 439 35.97 37.54 27.03
C VAL A 439 34.89 36.83 27.83
N LEU A 440 33.94 36.21 27.13
CA LEU A 440 32.93 35.44 27.83
C LEU A 440 33.48 34.15 28.43
N ASN A 441 34.69 33.75 28.05
CA ASN A 441 35.36 32.64 28.70
C ASN A 441 36.20 33.10 29.89
N THR A 442 36.27 34.41 30.14
CA THR A 442 36.98 34.93 31.30
C THR A 442 36.08 35.11 32.51
N GLN A 443 34.79 35.39 32.29
CA GLN A 443 33.79 35.54 33.34
C GLN A 443 34.14 36.65 34.33
N ASP A 444 35.08 37.53 33.97
CA ASP A 444 35.42 38.65 34.84
C ASP A 444 34.27 39.65 34.88
N VAL A 445 34.07 40.26 36.05
CA VAL A 445 32.91 41.12 36.25
C VAL A 445 32.97 42.32 35.30
N GLN A 446 34.14 42.96 35.20
CA GLN A 446 34.28 44.11 34.31
C GLN A 446 34.31 43.68 32.85
N ASP A 447 35.01 42.58 32.55
CA ASP A 447 35.08 42.10 31.18
C ASP A 447 33.71 41.72 30.65
N VAL A 448 32.91 41.02 31.47
CA VAL A 448 31.54 40.70 31.09
C VAL A 448 30.67 41.95 31.09
N GLN A 449 30.92 42.88 32.00
CA GLN A 449 30.14 44.12 32.05
C GLN A 449 30.32 44.92 30.77
N ASN A 450 31.49 44.82 30.14
CA ASN A 450 31.68 45.48 28.84
C ASN A 450 30.67 44.97 27.82
N VAL A 451 30.55 43.65 27.69
CA VAL A 451 29.55 43.09 26.79
C VAL A 451 28.15 43.49 27.24
N GLN A 452 27.92 43.54 28.55
CA GLN A 452 26.59 43.86 29.06
C GLN A 452 26.14 45.25 28.65
N ASN A 453 26.97 46.28 28.90
CA ASN A 453 26.52 47.62 28.56
C ASN A 453 26.62 47.85 27.06
N ILE A 454 27.46 47.08 26.35
CA ILE A 454 27.43 47.13 24.89
C ILE A 454 26.06 46.69 24.38
N LEU A 455 25.56 45.57 24.90
CA LEU A 455 24.24 45.09 24.49
C LEU A 455 23.15 46.07 24.92
N GLU A 456 23.26 46.63 26.11
CA GLU A 456 22.24 47.59 26.58
C GLU A 456 22.20 48.84 25.70
N MET A 457 23.36 49.39 25.36
CA MET A 457 23.37 50.59 24.55
C MET A 457 22.96 50.29 23.11
N LEU A 458 23.30 49.12 22.58
CA LEU A 458 22.80 48.75 21.27
C LEU A 458 21.27 48.62 21.29
N LEU A 459 20.74 48.05 22.37
CA LEU A 459 19.29 48.04 22.56
C LEU A 459 18.71 49.44 22.56
N ARG A 460 19.39 50.38 23.23
CA ARG A 460 18.86 51.75 23.29
C ARG A 460 18.86 52.40 21.91
N LEU A 461 19.99 52.31 21.19
CA LEU A 461 20.05 52.88 19.86
C LEU A 461 19.15 52.16 18.86
N LEU A 462 18.70 50.95 19.18
CA LEU A 462 17.75 50.30 18.29
C LEU A 462 16.31 50.72 18.61
N ASP A 463 15.94 50.74 19.90
CA ASP A 463 14.55 51.04 20.25
C ASP A 463 14.24 52.52 20.07
N THR A 464 15.19 53.40 20.41
CA THR A 464 14.93 54.83 20.31
C THR A 464 14.86 55.30 18.86
N TYR A 465 15.51 54.58 17.95
CA TYR A 465 15.57 54.97 16.55
C TYR A 465 14.75 54.04 15.65
N ARG A 466 13.68 53.46 16.19
CA ARG A 466 12.90 52.49 15.44
C ARG A 466 12.25 53.12 14.20
N ASP A 467 11.73 54.34 14.34
CA ASP A 467 10.92 54.93 13.28
C ASP A 467 11.74 55.39 12.10
N LYS A 468 12.97 55.86 12.34
CA LYS A 468 13.78 56.45 11.29
C LYS A 468 14.68 55.44 10.58
N ILE A 469 14.54 54.16 10.88
CA ILE A 469 15.28 53.13 10.13
C ILE A 469 14.72 53.06 8.71
N PRO A 470 15.55 53.13 7.68
CA PRO A 470 15.04 52.97 6.31
C PRO A 470 14.47 51.57 6.11
N GLU A 471 13.36 51.51 5.36
CA GLU A 471 12.73 50.23 5.09
C GLU A 471 13.58 49.37 4.18
N GLU A 472 14.21 49.97 3.17
CA GLU A 472 15.05 49.23 2.24
C GLU A 472 16.33 48.74 2.89
N ALA A 473 16.78 49.37 3.99
CA ALA A 473 17.94 48.87 4.70
C ALA A 473 17.66 47.53 5.36
N LEU A 474 16.43 47.34 5.83
CA LEU A 474 16.05 46.06 6.42
C LEU A 474 16.06 44.95 5.37
N SER A 475 16.43 43.76 5.80
CA SER A 475 16.48 42.59 4.93
C SER A 475 16.37 41.35 5.80
N PRO A 476 15.88 40.23 5.25
CA PRO A 476 15.86 38.99 6.04
C PRO A 476 17.24 38.34 6.16
N SER A 477 18.23 39.16 6.49
CA SER A 477 19.60 38.68 6.69
C SER A 477 20.23 39.13 7.99
N TYR A 478 19.76 40.22 8.60
CA TYR A 478 20.20 40.62 9.92
C TYR A 478 19.55 39.78 11.02
N LEU A 479 18.43 39.13 10.72
CA LEU A 479 17.83 38.21 11.68
C LEU A 479 18.77 37.05 11.97
N THR A 480 19.44 36.54 10.94
CA THR A 480 20.46 35.52 11.17
C THR A 480 21.64 36.08 11.96
N VAL A 481 21.96 37.36 11.75
CA VAL A 481 23.02 37.99 12.53
C VAL A 481 22.69 37.97 14.02
N CYS A 482 21.47 38.38 14.37
CA CYS A 482 21.06 38.35 15.77
C CYS A 482 20.94 36.93 16.30
N LEU A 483 20.44 36.00 15.48
CA LEU A 483 20.37 34.61 15.91
C LEU A 483 21.75 34.08 16.28
N LYS A 484 22.74 34.34 15.43
CA LYS A 484 24.10 33.88 15.70
C LYS A 484 24.69 34.58 16.91
N LEU A 485 24.45 35.89 17.05
CA LEU A 485 24.96 36.59 18.21
C LEU A 485 24.35 36.07 19.50
N HIS A 486 23.03 35.83 19.51
CA HIS A 486 22.36 35.32 20.70
C HIS A 486 22.82 33.91 21.03
N GLU A 487 22.97 33.05 20.02
CA GLU A 487 23.43 31.69 20.28
C GLU A 487 24.89 31.66 20.72
N ALA A 488 25.69 32.63 20.27
CA ALA A 488 27.06 32.73 20.76
C ALA A 488 27.10 33.23 22.19
N ILE A 489 26.19 34.15 22.55
CA ILE A 489 26.12 34.63 23.92
C ILE A 489 25.68 33.51 24.86
N CYS A 490 24.62 32.80 24.50
CA CYS A 490 24.13 31.69 25.32
C CYS A 490 24.85 30.39 24.98
N SER A 491 26.18 30.47 24.92
CA SER A 491 27.02 29.30 24.80
C SER A 491 28.30 29.42 25.62
N SER A 492 28.49 30.52 26.34
CA SER A 492 29.72 30.75 27.09
C SER A 492 29.40 31.23 28.50
N THR A 493 28.20 31.78 28.70
CA THR A 493 27.76 32.22 30.03
C THR A 493 27.33 30.99 30.81
N LYS A 494 28.32 30.27 31.33
CA LYS A 494 28.11 29.02 32.04
C LYS A 494 27.78 29.22 33.52
N LEU A 495 27.32 30.40 33.89
CA LEU A 495 26.99 30.72 35.27
C LEU A 495 25.55 31.22 35.36
N LEU A 496 25.13 31.56 36.59
CA LEU A 496 23.79 32.04 36.84
C LEU A 496 23.72 33.55 37.06
N LYS A 497 24.75 34.14 37.68
CA LYS A 497 24.73 35.58 37.92
C LYS A 497 24.69 36.36 36.62
N PHE A 498 25.26 35.82 35.55
CA PHE A 498 25.19 36.46 34.24
C PHE A 498 23.92 36.05 33.48
N TYR A 499 22.77 36.18 34.14
CA TYR A 499 21.51 35.96 33.46
C TYR A 499 21.06 37.17 32.66
N GLU A 500 21.76 38.30 32.80
CA GLU A 500 21.40 39.50 32.06
C GLU A 500 21.83 39.42 30.60
N LEU A 501 22.95 38.75 30.31
CA LEU A 501 23.41 38.66 28.92
C LEU A 501 22.45 37.88 28.02
N PRO A 502 21.99 36.68 28.39
CA PRO A 502 20.98 36.02 27.54
C PRO A 502 19.71 36.83 27.41
N ALA A 503 19.28 37.50 28.48
CA ALA A 503 18.09 38.32 28.41
C ALA A 503 18.28 39.49 27.45
N LEU A 504 19.45 40.12 27.47
CA LEU A 504 19.71 41.24 26.58
C LEU A 504 19.81 40.78 25.12
N SER A 505 20.42 39.61 24.89
CA SER A 505 20.46 39.08 23.53
C SER A 505 19.05 38.77 23.03
N ALA A 506 18.21 38.20 23.91
CA ALA A 506 16.83 37.95 23.54
C ALA A 506 16.09 39.25 23.24
N GLU A 507 16.35 40.29 24.04
CA GLU A 507 15.72 41.58 23.78
C GLU A 507 16.16 42.15 22.43
N ILE A 508 17.44 42.04 22.11
CA ILE A 508 17.95 42.56 20.84
C ILE A 508 17.31 41.83 19.67
N VAL A 509 17.28 40.49 19.74
CA VAL A 509 16.69 39.72 18.65
C VAL A 509 15.20 40.00 18.55
N CYS A 510 14.52 40.17 19.69
CA CYS A 510 13.11 40.51 19.69
C CYS A 510 12.88 41.86 19.03
N ARG A 511 13.75 42.82 19.33
CA ARG A 511 13.64 44.15 18.71
C ARG A 511 13.75 44.06 17.21
N MET A 512 14.70 43.28 16.68
CA MET A 512 14.72 43.24 15.21
C MET A 512 13.68 42.29 14.59
N ILE A 513 13.15 41.30 15.32
CA ILE A 513 11.99 40.61 14.77
C ILE A 513 10.79 41.54 14.68
N ARG A 514 10.55 42.35 15.72
CA ARG A 514 9.44 43.29 15.68
C ARG A 514 9.70 44.38 14.64
N LEU A 515 10.96 44.72 14.39
CA LEU A 515 11.28 45.69 13.35
C LEU A 515 11.06 45.11 11.96
N LEU A 516 11.54 43.89 11.72
CA LEU A 516 11.36 43.22 10.45
C LEU A 516 9.91 42.82 10.20
N SER A 517 9.07 42.86 11.24
CA SER A 517 7.65 42.64 11.04
C SER A 517 7.05 43.72 10.13
N LEU A 518 7.44 44.97 10.33
CA LEU A 518 6.96 46.06 9.49
C LEU A 518 7.39 45.93 8.04
N VAL A 519 8.38 45.10 7.74
CA VAL A 519 8.80 44.89 6.36
C VAL A 519 8.16 43.62 5.79
N ASP A 520 8.20 42.53 6.56
CA ASP A 520 7.65 41.26 6.09
C ASP A 520 6.14 41.34 5.90
N SER A 521 5.43 41.95 6.86
CA SER A 521 3.97 42.00 6.81
C SER A 521 3.47 43.24 6.07
N ALA A 522 3.93 44.41 6.48
CA ALA A 522 3.45 45.67 5.91
C ALA A 522 4.30 46.05 4.70
N GLY A 523 3.62 46.31 3.58
CA GLY A 523 4.28 46.79 2.38
C GLY A 523 4.95 45.73 1.54
N GLN A 524 6.09 45.23 2.00
CA GLN A 524 6.89 44.27 1.23
C GLN A 524 6.55 42.85 1.67
N ARG A 525 5.36 42.40 1.27
CA ARG A 525 4.95 41.02 1.53
C ARG A 525 5.78 40.08 0.67
N ASP A 526 6.36 39.07 1.31
CA ASP A 526 7.28 38.18 0.62
C ASP A 526 7.28 36.82 1.30
N GLU A 527 7.77 35.81 0.58
CA GLU A 527 7.94 34.47 1.13
C GLU A 527 9.23 34.33 1.92
N THR A 528 10.10 35.34 1.90
CA THR A 528 11.33 35.33 2.67
C THR A 528 11.12 35.74 4.12
N GLY A 529 9.88 36.08 4.49
CA GLY A 529 9.56 36.46 5.86
C GLY A 529 9.36 35.26 6.75
N ASN A 530 8.26 35.26 7.51
CA ASN A 530 7.44 34.09 7.85
C ASN A 530 8.24 32.84 8.19
N ASN A 531 9.31 32.61 7.47
CA ASN A 531 9.99 31.32 7.47
C ASN A 531 11.42 31.45 7.93
N SER A 532 12.18 32.36 7.33
CA SER A 532 13.40 32.81 7.96
C SER A 532 13.11 33.51 9.28
N VAL A 533 11.86 33.88 9.53
CA VAL A 533 11.49 34.42 10.84
C VAL A 533 11.02 33.33 11.81
N GLN A 534 10.26 32.33 11.35
CA GLN A 534 9.94 31.21 12.24
C GLN A 534 11.20 30.45 12.62
N THR A 535 12.12 30.27 11.68
CA THR A 535 13.38 29.58 11.98
C THR A 535 14.20 30.36 13.00
N VAL A 536 14.29 31.68 12.84
CA VAL A 536 15.10 32.46 13.78
C VAL A 536 14.46 32.48 15.16
N PHE A 537 13.12 32.54 15.23
CA PHE A 537 12.47 32.46 16.53
C PHE A 537 12.71 31.09 17.17
N GLN A 538 12.62 30.02 16.39
CA GLN A 538 12.84 28.68 16.92
C GLN A 538 14.27 28.54 17.44
N GLY A 539 15.24 29.04 16.68
CA GLY A 539 16.62 28.99 17.12
C GLY A 539 16.87 29.78 18.39
N THR A 540 16.28 30.98 18.47
CA THR A 540 16.43 31.79 19.68
C THR A 540 15.85 31.08 20.90
N LEU A 541 14.64 30.53 20.75
CA LEU A 541 14.01 29.84 21.88
C LEU A 541 14.79 28.60 22.28
N ALA A 542 15.28 27.84 21.29
CA ALA A 542 16.07 26.66 21.59
C ALA A 542 17.37 27.01 22.31
N ALA A 543 18.04 28.08 21.87
CA ALA A 543 19.26 28.50 22.55
C ALA A 543 18.97 28.94 23.98
N THR A 544 17.88 29.68 24.18
CA THR A 544 17.53 30.13 25.52
C THR A 544 17.23 28.94 26.44
N LYS A 545 16.46 27.97 25.95
CA LYS A 545 16.14 26.81 26.77
C LYS A 545 17.37 25.96 27.03
N ARG A 546 18.27 25.85 26.05
CA ARG A 546 19.51 25.12 26.26
C ARG A 546 20.36 25.78 27.33
N TRP A 547 20.45 27.11 27.31
CA TRP A 547 21.17 27.82 28.38
C TRP A 547 20.51 27.57 29.73
N LEU A 548 19.18 27.64 29.78
CA LEU A 548 18.47 27.44 31.04
C LEU A 548 18.72 26.04 31.60
N ARG A 549 18.75 25.03 30.73
CA ARG A 549 19.08 23.68 31.17
C ARG A 549 20.53 23.60 31.64
N GLU A 550 21.43 24.30 30.95
CA GLU A 550 22.84 24.23 31.28
C GLU A 550 23.19 24.95 32.58
N VAL A 551 22.37 25.90 33.03
CA VAL A 551 22.63 26.57 34.31
C VAL A 551 21.88 25.90 35.45
N PHE A 552 20.60 25.54 35.23
CA PHE A 552 19.78 24.93 36.27
C PHE A 552 20.05 23.43 36.28
N THR A 553 20.99 23.00 37.12
CA THR A 553 21.34 21.59 37.24
C THR A 553 20.64 20.90 38.40
N LYS A 554 20.41 21.60 39.51
CA LYS A 554 19.77 21.02 40.68
C LYS A 554 18.27 21.33 40.65
N ASN A 555 17.56 20.77 41.63
CA ASN A 555 16.14 21.05 41.77
C ASN A 555 15.94 22.47 42.31
N MET A 556 14.71 22.96 42.15
CA MET A 556 14.35 24.28 42.65
C MET A 556 13.91 24.26 44.10
N LEU A 557 13.80 23.08 44.71
CA LEU A 557 13.49 22.95 46.13
C LEU A 557 14.56 22.08 46.77
N THR A 558 15.13 22.56 47.87
CA THR A 558 16.34 21.96 48.46
C THR A 558 15.98 21.00 49.58
N SER A 559 15.43 19.84 49.21
CA SER A 559 15.27 18.69 50.10
C SER A 559 14.44 18.98 51.34
N SER A 560 13.80 20.16 51.41
CA SER A 560 12.98 20.51 52.55
C SER A 560 11.64 21.06 52.07
N GLY A 561 11.60 21.54 50.84
CA GLY A 561 10.41 22.16 50.30
C GLY A 561 10.14 23.55 50.80
N ALA A 562 11.08 24.18 51.50
CA ALA A 562 10.88 25.49 52.07
C ALA A 562 11.52 26.61 51.25
N SER A 563 12.82 26.50 50.96
CA SER A 563 13.55 27.54 50.24
C SER A 563 13.98 27.03 48.88
N PHE A 564 14.32 27.97 48.00
CA PHE A 564 14.78 27.63 46.66
C PHE A 564 16.29 27.39 46.67
N THR A 565 16.72 26.34 45.96
CA THR A 565 18.15 26.04 45.89
C THR A 565 18.92 27.17 45.22
N TYR A 566 18.36 27.74 44.17
CA TYR A 566 18.96 28.88 43.47
C TYR A 566 18.28 30.15 43.96
N VAL A 567 19.08 31.07 44.51
CA VAL A 567 18.52 32.28 45.11
C VAL A 567 17.95 33.20 44.02
N LYS A 568 18.47 33.10 42.81
CA LYS A 568 18.07 33.98 41.72
C LYS A 568 17.11 33.31 40.74
N GLU A 569 16.66 32.09 41.01
CA GLU A 569 15.92 31.32 40.00
C GLU A 569 14.61 32.02 39.61
N ILE A 570 13.83 32.45 40.60
CA ILE A 570 12.56 33.11 40.30
C ILE A 570 12.80 34.42 39.55
N GLU A 571 13.84 35.17 39.96
CA GLU A 571 14.16 36.41 39.25
C GLU A 571 14.57 36.14 37.81
N VAL A 572 15.37 35.09 37.57
CA VAL A 572 15.77 34.75 36.21
C VAL A 572 14.55 34.37 35.37
N TRP A 573 13.64 33.56 35.94
CA TRP A 573 12.43 33.21 35.21
C TRP A 573 11.61 34.45 34.88
N ARG A 574 11.42 35.34 35.86
CA ARG A 574 10.64 36.55 35.63
C ARG A 574 11.26 37.40 34.54
N ARG A 575 12.59 37.53 34.54
CA ARG A 575 13.25 38.33 33.51
C ARG A 575 13.08 37.69 32.14
N LEU A 576 13.18 36.35 32.06
CA LEU A 576 13.20 35.70 30.75
C LEU A 576 11.83 35.64 30.12
N VAL A 577 10.78 35.34 30.90
CA VAL A 577 9.47 35.21 30.27
C VAL A 577 8.87 36.55 29.86
N GLU A 578 9.35 37.66 30.42
CA GLU A 578 8.79 38.96 30.12
C GLU A 578 9.54 39.73 29.03
N ILE A 579 10.46 39.08 28.33
CA ILE A 579 10.96 39.64 27.08
C ILE A 579 9.92 39.39 25.99
N GLN A 580 9.12 40.42 25.69
CA GLN A 580 7.89 40.26 24.93
C GLN A 580 8.18 40.17 23.44
N PHE A 581 8.30 38.95 22.94
CA PHE A 581 8.33 38.69 21.51
C PHE A 581 6.90 38.82 20.96
N PRO A 582 6.75 38.89 19.64
CA PRO A 582 5.40 38.80 19.06
C PRO A 582 4.65 37.61 19.64
N ALA A 583 3.58 37.90 20.38
CA ALA A 583 2.91 36.91 21.22
C ALA A 583 1.96 36.03 20.41
N GLU A 584 2.53 35.40 19.38
CA GLU A 584 1.81 34.37 18.63
C GLU A 584 2.70 33.17 18.28
N HIS A 585 3.98 33.20 18.65
CA HIS A 585 4.89 32.11 18.35
C HIS A 585 5.13 31.18 19.53
N GLY A 586 5.13 31.69 20.75
CA GLY A 586 5.22 30.86 21.92
C GLY A 586 6.44 31.05 22.82
N TRP A 587 7.03 32.25 22.86
CA TRP A 587 8.10 32.50 23.82
C TRP A 587 7.62 32.48 25.25
N LYS A 588 6.36 32.84 25.49
CA LYS A 588 5.80 32.88 26.84
C LYS A 588 5.34 31.51 27.31
N GLU A 589 4.52 30.82 26.51
CA GLU A 589 3.92 29.56 26.95
C GLU A 589 4.99 28.50 27.18
N SER A 590 5.95 28.39 26.25
CA SER A 590 6.97 27.35 26.39
C SER A 590 7.88 27.62 27.60
N LEU A 591 8.33 28.87 27.76
CA LEU A 591 9.20 29.19 28.88
C LEU A 591 8.46 29.08 30.20
N LEU A 592 7.14 29.29 30.21
CA LEU A 592 6.38 29.11 31.44
C LEU A 592 6.17 27.64 31.73
N GLY A 593 5.92 26.83 30.70
CA GLY A 593 5.78 25.40 30.90
C GLY A 593 7.07 24.74 31.35
N ASP A 594 8.21 25.31 30.98
CA ASP A 594 9.48 24.80 31.47
C ASP A 594 9.55 24.88 33.00
N MET A 595 9.29 26.06 33.56
CA MET A 595 9.34 26.19 35.01
C MET A 595 8.16 25.48 35.66
N GLU A 596 7.05 25.33 34.93
CA GLU A 596 5.95 24.51 35.42
C GLU A 596 6.37 23.06 35.60
N TRP A 597 7.11 22.52 34.63
CA TRP A 597 7.64 21.16 34.77
C TRP A 597 8.65 21.09 35.91
N ARG A 598 9.48 22.13 36.06
CA ARG A 598 10.43 22.13 37.18
C ARG A 598 9.71 22.09 38.51
N LEU A 599 8.64 22.87 38.66
CA LEU A 599 7.94 22.93 39.94
C LEU A 599 7.11 21.67 40.18
N THR A 600 6.48 21.13 39.13
CA THR A 600 5.70 19.91 39.27
C THR A 600 6.62 18.70 39.24
N LYS A 601 7.66 18.73 40.06
CA LYS A 601 8.59 17.62 40.21
C LYS A 601 8.86 17.25 41.65
N GLU A 602 8.75 18.18 42.60
CA GLU A 602 8.92 17.87 44.00
C GLU A 602 7.60 17.37 44.59
N GLU A 603 7.67 16.94 45.85
CA GLU A 603 6.48 16.46 46.53
C GLU A 603 5.46 17.60 46.68
N PRO A 604 4.17 17.29 46.55
CA PRO A 604 3.15 18.35 46.60
C PRO A 604 3.21 19.19 47.87
N LEU A 605 3.42 18.56 49.03
CA LEU A 605 3.54 19.33 50.26
C LEU A 605 4.78 20.20 50.25
N SER A 606 5.87 19.71 49.64
CA SER A 606 7.06 20.54 49.49
C SER A 606 6.80 21.72 48.57
N GLN A 607 6.07 21.52 47.47
CA GLN A 607 5.68 22.62 46.61
C GLN A 607 4.86 23.64 47.39
N ILE A 608 3.92 23.16 48.19
CA ILE A 608 3.03 24.03 48.95
C ILE A 608 3.82 24.84 49.98
N THR A 609 4.75 24.19 50.66
CA THR A 609 5.54 24.88 51.68
C THR A 609 6.50 25.89 51.03
N ALA A 610 7.01 25.56 49.84
CA ALA A 610 7.80 26.53 49.10
C ALA A 610 6.96 27.74 48.69
N TYR A 611 5.69 27.51 48.37
CA TYR A 611 4.81 28.63 48.01
C TYR A 611 4.68 29.61 49.17
N CYS A 612 4.48 29.11 50.39
CA CYS A 612 4.42 29.96 51.58
C CYS A 612 5.37 29.43 52.64
N ASN A 613 6.66 29.69 52.48
CA ASN A 613 7.62 29.64 53.57
C ASN A 613 8.62 30.78 53.41
N SER A 614 8.77 31.26 52.18
CA SER A 614 9.82 32.18 51.80
C SER A 614 9.23 33.41 51.10
N CYS A 615 10.09 34.19 50.47
CA CYS A 615 9.72 35.47 49.86
C CYS A 615 10.13 35.47 48.38
N TRP A 616 9.76 34.39 47.67
CA TRP A 616 10.05 34.32 46.24
C TRP A 616 9.40 35.47 45.49
N ASP A 617 8.26 35.95 45.96
CA ASP A 617 7.55 37.06 45.35
C ASP A 617 7.54 38.23 46.30
N THR A 618 8.24 39.30 45.93
CA THR A 618 8.21 40.52 46.75
C THR A 618 6.88 41.24 46.61
N LYS A 619 6.38 41.36 45.39
CA LYS A 619 5.12 42.04 45.09
C LYS A 619 4.74 41.68 43.66
N GLY A 620 3.71 42.34 43.13
CA GLY A 620 3.32 42.16 41.75
C GLY A 620 2.84 40.77 41.42
N LEU A 621 1.93 40.21 42.24
CA LEU A 621 1.39 38.87 42.01
C LEU A 621 0.33 38.94 40.91
N GLU A 622 0.76 39.38 39.73
CA GLU A 622 -0.08 39.43 38.56
C GLU A 622 0.59 38.90 37.30
N ASP A 623 1.91 38.84 37.25
CA ASP A 623 2.62 38.44 36.04
C ASP A 623 2.50 36.94 35.80
N SER A 624 3.13 36.49 34.72
CA SER A 624 3.01 35.09 34.32
C SER A 624 3.65 34.15 35.34
N VAL A 625 4.80 34.53 35.89
CA VAL A 625 5.50 33.66 36.83
C VAL A 625 4.66 33.42 38.07
N ALA A 626 4.15 34.50 38.67
CA ALA A 626 3.34 34.37 39.88
C ALA A 626 2.06 33.59 39.59
N LYS A 627 1.40 33.87 38.46
CA LYS A 627 0.16 33.18 38.14
C LYS A 627 0.39 31.69 37.93
N THR A 628 1.48 31.32 37.24
CA THR A 628 1.74 29.91 37.00
C THR A 628 2.14 29.20 38.30
N PHE A 629 2.89 29.89 39.17
CA PHE A 629 3.18 29.31 40.48
C PHE A 629 1.90 29.09 41.26
N GLU A 630 1.00 30.07 41.24
CA GLU A 630 -0.26 29.94 41.97
C GLU A 630 -1.11 28.80 41.43
N LYS A 631 -1.19 28.65 40.11
CA LYS A 631 -2.01 27.59 39.55
C LYS A 631 -1.41 26.22 39.84
N CYS A 632 -0.08 26.11 39.78
CA CYS A 632 0.56 24.85 40.16
C CYS A 632 0.28 24.52 41.62
N ILE A 633 0.32 25.51 42.50
CA ILE A 633 0.10 25.25 43.92
C ILE A 633 -1.35 24.87 44.21
N ILE A 634 -2.32 25.52 43.54
CA ILE A 634 -3.71 25.14 43.80
C ILE A 634 -3.99 23.76 43.23
N GLU A 635 -3.36 23.41 42.10
CA GLU A 635 -3.49 22.05 41.59
C GLU A 635 -2.89 21.03 42.56
N ALA A 636 -1.74 21.37 43.16
CA ALA A 636 -1.16 20.51 44.18
C ALA A 636 -2.08 20.37 45.38
N VAL A 637 -2.75 21.47 45.76
CA VAL A 637 -3.74 21.41 46.84
C VAL A 637 -4.85 20.45 46.48
N SER A 638 -5.38 20.56 45.27
CA SER A 638 -6.50 19.72 44.85
C SER A 638 -6.10 18.25 44.83
N SER A 639 -4.88 17.96 44.39
CA SER A 639 -4.38 16.59 44.37
C SER A 639 -4.11 16.03 45.75
N ALA A 640 -3.54 16.84 46.66
CA ALA A 640 -3.14 16.32 47.96
C ALA A 640 -4.34 16.19 48.90
N CYS A 641 -5.29 17.14 48.82
CA CYS A 641 -6.44 17.10 49.72
C CYS A 641 -7.42 16.01 49.35
N GLN A 642 -7.45 15.62 48.07
CA GLN A 642 -8.32 14.52 47.65
C GLN A 642 -7.89 13.20 48.28
N SER A 643 -6.64 13.10 48.72
CA SER A 643 -6.11 11.90 49.37
C SER A 643 -6.31 11.92 50.87
N GLN A 644 -7.01 12.92 51.41
CA GLN A 644 -7.34 13.07 52.82
C GLN A 644 -6.11 13.29 53.70
N THR A 645 -4.99 13.72 53.11
CA THR A 645 -3.79 13.97 53.90
C THR A 645 -3.93 15.26 54.70
N SER A 646 -3.32 15.28 55.88
CA SER A 646 -3.34 16.44 56.76
C SER A 646 -2.37 17.48 56.20
N ILE A 647 -2.89 18.32 55.31
CA ILE A 647 -2.06 19.30 54.61
C ILE A 647 -1.62 20.40 55.57
N LEU A 648 -2.54 20.92 56.39
CA LEU A 648 -2.27 22.15 57.12
C LEU A 648 -1.39 21.92 58.35
N GLN A 649 -1.30 20.69 58.83
CA GLN A 649 -0.53 20.43 60.05
C GLN A 649 0.95 20.74 59.84
N GLY A 650 1.54 21.43 60.81
CA GLY A 650 2.94 21.79 60.74
C GLY A 650 3.28 22.75 59.63
N PHE A 651 2.49 23.80 59.48
CA PHE A 651 2.69 24.79 58.42
C PHE A 651 3.44 25.99 58.96
N SER A 652 4.63 26.25 58.41
CA SER A 652 5.41 27.44 58.71
C SER A 652 5.29 28.41 57.54
N TYR A 653 5.00 29.67 57.85
CA TYR A 653 4.65 30.65 56.82
C TYR A 653 5.28 32.00 57.14
N SER A 654 5.51 32.78 56.08
CA SER A 654 5.98 34.15 56.21
C SER A 654 5.02 35.13 55.58
N ASP A 655 4.57 34.89 54.34
CA ASP A 655 3.69 35.82 53.64
C ASP A 655 2.23 35.45 53.88
N LEU A 656 1.43 36.44 54.28
CA LEU A 656 0.04 36.16 54.61
C LEU A 656 -0.78 35.86 53.36
N ARG A 657 -0.48 36.53 52.24
CA ARG A 657 -1.25 36.35 51.02
C ARG A 657 -1.14 34.93 50.49
N LYS A 658 0.07 34.36 50.52
CA LYS A 658 0.26 33.00 50.04
C LYS A 658 -0.55 32.01 50.87
N PHE A 659 -0.54 32.18 52.20
CA PHE A 659 -1.32 31.31 53.07
C PHE A 659 -2.81 31.49 52.80
N GLY A 660 -3.25 32.72 52.54
CA GLY A 660 -4.64 32.94 52.20
C GLY A 660 -5.05 32.20 50.94
N ILE A 661 -4.21 32.27 49.90
CA ILE A 661 -4.51 31.53 48.67
C ILE A 661 -4.52 30.03 48.93
N VAL A 662 -3.57 29.55 49.74
CA VAL A 662 -3.51 28.12 50.05
C VAL A 662 -4.77 27.66 50.76
N LEU A 663 -5.22 28.43 51.76
CA LEU A 663 -6.45 28.08 52.47
C LEU A 663 -7.66 28.14 51.56
N SER A 664 -7.73 29.15 50.69
CA SER A 664 -8.83 29.21 49.74
C SER A 664 -8.90 27.94 48.90
N ALA A 665 -7.77 27.53 48.33
CA ALA A 665 -7.74 26.32 47.54
C ALA A 665 -8.12 25.10 48.37
N VAL A 666 -7.59 25.00 49.58
CA VAL A 666 -7.86 23.83 50.43
C VAL A 666 -9.34 23.74 50.74
N ILE A 667 -9.98 24.86 51.06
CA ILE A 667 -11.39 24.82 51.42
C ILE A 667 -12.26 24.50 50.21
N THR A 668 -12.00 25.14 49.06
CA THR A 668 -12.87 24.89 47.91
C THR A 668 -12.63 23.54 47.27
N LYS A 669 -11.49 22.89 47.55
CA LYS A 669 -11.28 21.56 47.00
C LYS A 669 -11.63 20.46 48.00
N SER A 670 -11.54 20.76 49.29
CA SER A 670 -11.80 19.73 50.31
C SER A 670 -13.28 19.39 50.41
N TRP A 671 -14.16 20.33 50.07
CA TRP A 671 -15.58 20.10 50.25
C TRP A 671 -16.08 19.00 49.31
N PRO A 672 -17.17 18.32 49.66
CA PRO A 672 -17.70 17.29 48.77
C PRO A 672 -18.11 17.88 47.42
N ARG A 673 -18.02 17.06 46.38
CA ARG A 673 -18.36 17.53 45.04
C ARG A 673 -19.81 17.97 44.97
N THR A 674 -20.71 17.20 45.59
CA THR A 674 -22.12 17.59 45.71
C THR A 674 -22.32 18.20 47.10
N ALA A 675 -21.90 19.46 47.22
CA ALA A 675 -21.94 20.17 48.51
C ALA A 675 -23.26 20.95 48.65
N ASP A 676 -24.37 20.22 48.49
CA ASP A 676 -25.69 20.80 48.56
C ASP A 676 -26.62 19.88 49.34
N ASN A 677 -26.14 19.36 50.47
CA ASN A 677 -26.96 18.46 51.28
C ASN A 677 -26.54 18.57 52.74
N PHE A 678 -27.44 18.12 53.62
CA PHE A 678 -27.17 18.16 55.05
C PHE A 678 -26.15 17.11 55.47
N ASP A 679 -26.43 15.84 55.14
CA ASP A 679 -25.66 14.73 55.68
C ASP A 679 -24.22 14.75 55.17
N ASP A 680 -24.03 14.93 53.87
CA ASP A 680 -22.68 14.90 53.32
C ASP A 680 -21.84 16.07 53.84
N ILE A 681 -22.43 17.25 53.94
CA ILE A 681 -21.69 18.40 54.47
C ILE A 681 -21.32 18.17 55.92
N LEU A 682 -22.25 17.65 56.73
CA LEU A 682 -21.95 17.38 58.13
C LEU A 682 -20.83 16.35 58.25
N LYS A 683 -20.88 15.30 57.43
CA LYS A 683 -19.82 14.30 57.43
C LYS A 683 -18.49 14.92 57.04
N HIS A 684 -18.51 15.84 56.08
CA HIS A 684 -17.27 16.51 55.67
C HIS A 684 -16.69 17.33 56.81
N LEU A 685 -17.53 18.07 57.54
CA LEU A 685 -17.01 18.86 58.65
C LEU A 685 -16.50 17.97 59.77
N LEU A 686 -17.13 16.80 59.97
CA LEU A 686 -16.74 15.95 61.10
C LEU A 686 -15.48 15.15 60.79
N THR A 687 -15.49 14.39 59.70
CA THR A 687 -14.44 13.40 59.47
C THR A 687 -13.09 14.05 59.18
N LEU A 688 -13.06 15.03 58.28
CA LEU A 688 -11.79 15.56 57.79
C LEU A 688 -11.08 16.36 58.88
N ALA A 689 -9.76 16.22 58.95
CA ALA A 689 -8.98 16.99 59.91
C ALA A 689 -8.54 18.32 59.33
N ASP A 690 -8.53 18.44 58.01
CA ASP A 690 -8.13 19.70 57.38
C ASP A 690 -9.10 20.82 57.75
N VAL A 691 -10.39 20.51 57.86
CA VAL A 691 -11.36 21.53 58.24
C VAL A 691 -11.13 21.98 59.67
N LYS A 692 -10.78 21.04 60.56
CA LYS A 692 -10.44 21.41 61.93
C LYS A 692 -9.22 22.32 61.97
N HIS A 693 -8.19 21.96 61.20
CA HIS A 693 -6.97 22.78 61.17
C HIS A 693 -7.25 24.18 60.63
N VAL A 694 -7.98 24.27 59.52
CA VAL A 694 -8.25 25.57 58.91
C VAL A 694 -9.12 26.41 59.84
N PHE A 695 -10.05 25.78 60.56
CA PHE A 695 -10.88 26.53 61.49
C PHE A 695 -10.05 27.05 62.65
N ARG A 696 -9.09 26.25 63.14
CA ARG A 696 -8.24 26.72 64.24
C ARG A 696 -7.36 27.88 63.79
N LEU A 697 -6.80 27.79 62.58
CA LEU A 697 -6.01 28.91 62.06
C LEU A 697 -6.87 30.15 61.84
N CYS A 698 -8.11 29.96 61.37
CA CYS A 698 -9.01 31.10 61.20
C CYS A 698 -9.37 31.73 62.53
N GLY A 699 -9.54 30.93 63.58
CA GLY A 699 -9.83 31.47 64.89
C GLY A 699 -8.64 32.04 65.63
N THR A 700 -7.42 31.72 65.20
CA THR A 700 -6.24 32.29 65.86
C THR A 700 -6.09 33.78 65.53
N ASP A 701 -6.18 34.14 64.24
CA ASP A 701 -5.93 35.50 63.81
C ASP A 701 -6.93 35.92 62.74
N GLU A 702 -7.14 37.23 62.63
CA GLU A 702 -8.11 37.78 61.67
C GLU A 702 -7.49 38.09 60.32
N LYS A 703 -6.17 38.27 60.25
CA LYS A 703 -5.54 38.48 58.95
C LYS A 703 -5.72 37.27 58.05
N ILE A 704 -5.81 36.08 58.64
CA ILE A 704 -6.15 34.88 57.86
C ILE A 704 -7.53 35.04 57.23
N LEU A 705 -8.49 35.57 58.00
CA LEU A 705 -9.81 35.83 57.44
C LEU A 705 -9.74 36.87 56.33
N ALA A 706 -8.89 37.89 56.50
CA ALA A 706 -8.76 38.93 55.49
C ALA A 706 -8.20 38.36 54.19
N ASN A 707 -7.24 37.43 54.28
CA ASN A 707 -6.56 36.95 53.09
C ASN A 707 -7.43 36.00 52.27
N VAL A 708 -8.22 35.16 52.92
CA VAL A 708 -8.98 34.15 52.21
C VAL A 708 -10.07 34.80 51.37
N THR A 709 -10.27 34.28 50.17
CA THR A 709 -11.16 34.89 49.18
C THR A 709 -12.62 34.76 49.61
N GLU A 710 -13.46 35.58 48.98
CA GLU A 710 -14.89 35.59 49.29
C GLU A 710 -15.60 34.33 48.79
N ASP A 711 -15.10 33.70 47.73
CA ASP A 711 -15.67 32.43 47.30
C ASP A 711 -15.56 31.39 48.39
N ALA A 712 -14.39 31.31 49.05
CA ALA A 712 -14.26 30.46 50.22
C ALA A 712 -14.95 31.04 51.44
N LYS A 713 -15.15 32.36 51.48
CA LYS A 713 -15.93 32.96 52.56
C LYS A 713 -17.34 32.41 52.57
N ARG A 714 -17.97 32.29 51.40
CA ARG A 714 -19.32 31.75 51.36
C ARG A 714 -19.35 30.30 51.82
N LEU A 715 -18.32 29.52 51.46
CA LEU A 715 -18.26 28.12 51.89
C LEU A 715 -18.10 28.03 53.41
N ILE A 716 -17.21 28.84 53.98
CA ILE A 716 -17.01 28.80 55.43
C ILE A 716 -18.26 29.30 56.15
N ALA A 717 -18.96 30.28 55.57
CA ALA A 717 -20.21 30.74 56.16
C ALA A 717 -21.27 29.64 56.15
N VAL A 718 -21.38 28.91 55.05
CA VAL A 718 -22.31 27.78 54.99
C VAL A 718 -21.93 26.75 56.04
N ALA A 719 -20.62 26.47 56.19
CA ALA A 719 -20.18 25.49 57.16
C ALA A 719 -20.54 25.89 58.58
N ASP A 720 -20.24 27.14 58.96
CA ASP A 720 -20.52 27.55 60.33
C ASP A 720 -22.02 27.66 60.59
N SER A 721 -22.80 28.11 59.61
CA SER A 721 -24.25 28.19 59.79
C SER A 721 -24.85 26.79 59.95
N VAL A 722 -24.41 25.83 59.14
CA VAL A 722 -24.95 24.48 59.28
C VAL A 722 -24.49 23.84 60.59
N LEU A 723 -23.28 24.16 61.05
CA LEU A 723 -22.84 23.68 62.35
C LEU A 723 -23.70 24.24 63.47
N THR A 724 -24.01 25.54 63.39
CA THR A 724 -24.89 26.15 64.39
C THR A 724 -26.29 25.53 64.35
N LYS A 725 -26.79 25.24 63.15
CA LYS A 725 -28.08 24.58 63.02
C LYS A 725 -28.08 23.20 63.67
N VAL A 726 -27.00 22.43 63.43
CA VAL A 726 -26.89 21.11 64.04
C VAL A 726 -26.83 21.23 65.56
N VAL A 727 -26.08 22.21 66.07
CA VAL A 727 -25.97 22.39 67.51
C VAL A 727 -27.33 22.74 68.11
N GLY A 728 -28.07 23.64 67.46
CA GLY A 728 -29.39 23.99 67.96
C GLY A 728 -30.34 22.81 67.94
N ASP A 729 -30.32 22.03 66.86
CA ASP A 729 -31.18 20.85 66.79
C ASP A 729 -30.82 19.84 67.86
N LEU A 730 -29.52 19.64 68.11
CA LEU A 730 -29.10 18.70 69.15
C LEU A 730 -29.51 19.19 70.53
N LEU A 731 -29.37 20.49 70.80
CA LEU A 731 -29.78 21.04 72.09
C LEU A 731 -31.29 20.89 72.28
N SER A 732 -32.07 21.17 71.24
CA SER A 732 -33.52 20.97 71.33
C SER A 732 -33.86 19.49 71.43
N GLY A 733 -33.16 18.65 70.68
CA GLY A 733 -33.42 17.21 70.66
C GLY A 733 -34.24 16.73 69.48
N THR A 734 -34.50 17.56 68.47
CA THR A 734 -35.33 17.20 67.34
C THR A 734 -34.51 16.67 66.15
N ILE A 735 -33.22 16.48 66.31
CA ILE A 735 -32.33 16.18 65.20
C ILE A 735 -32.39 14.68 64.90
N LEU A 736 -32.22 14.33 63.62
CA LEU A 736 -32.40 12.96 63.15
C LEU A 736 -31.39 12.01 63.78
N VAL A 737 -31.75 10.72 63.79
CA VAL A 737 -31.00 9.72 64.54
C VAL A 737 -29.62 9.48 63.92
N GLY A 738 -29.56 9.41 62.59
CA GLY A 738 -28.27 9.24 61.94
C GLY A 738 -27.31 10.35 62.30
N GLN A 739 -27.81 11.58 62.41
CA GLN A 739 -26.95 12.67 62.87
C GLN A 739 -26.49 12.44 64.30
N LEU A 740 -27.37 11.93 65.17
CA LEU A 740 -26.95 11.64 66.54
C LEU A 740 -25.77 10.67 66.55
N GLU A 741 -25.89 9.55 65.84
CA GLU A 741 -24.78 8.59 65.85
C GLU A 741 -23.54 9.18 65.17
N LEU A 742 -23.73 10.08 64.21
CA LEU A 742 -22.58 10.73 63.58
C LEU A 742 -21.82 11.60 64.57
N ILE A 743 -22.54 12.43 65.33
CA ILE A 743 -21.86 13.27 66.32
C ILE A 743 -21.24 12.41 67.43
N ILE A 744 -21.97 11.40 67.91
CA ILE A 744 -21.43 10.56 68.97
C ILE A 744 -20.18 9.82 68.50
N LYS A 745 -20.13 9.45 67.22
CA LYS A 745 -18.94 8.81 66.70
C LYS A 745 -17.72 9.72 66.77
N HIS A 746 -17.91 11.01 66.48
CA HIS A 746 -16.81 11.96 66.52
C HIS A 746 -17.09 13.07 67.53
N LYS A 747 -17.50 12.69 68.75
CA LYS A 747 -17.85 13.69 69.75
C LYS A 747 -16.68 14.62 70.08
N ASN A 748 -15.46 14.09 70.11
CA ASN A 748 -14.30 14.94 70.37
C ASN A 748 -14.13 15.98 69.27
N GLN A 749 -14.20 15.56 68.00
CA GLN A 749 -14.06 16.49 66.89
C GLN A 749 -15.15 17.55 66.90
N PHE A 750 -16.40 17.13 67.11
CA PHE A 750 -17.51 18.07 67.11
C PHE A 750 -17.39 19.07 68.26
N LEU A 751 -17.09 18.58 69.46
CA LEU A 751 -16.98 19.48 70.60
C LEU A 751 -15.83 20.46 70.41
N ASP A 752 -14.69 19.98 69.93
CA ASP A 752 -13.54 20.86 69.73
C ASP A 752 -13.85 21.91 68.65
N ILE A 753 -14.47 21.49 67.56
CA ILE A 753 -14.73 22.43 66.46
C ILE A 753 -15.77 23.47 66.89
N TRP A 754 -16.77 23.06 67.68
CA TRP A 754 -17.74 24.01 68.17
C TRP A 754 -17.11 24.97 69.17
N GLN A 755 -16.22 24.48 70.03
CA GLN A 755 -15.53 25.38 70.95
C GLN A 755 -14.69 26.40 70.21
N LEU A 756 -13.97 25.96 69.17
CA LEU A 756 -13.19 26.90 68.36
C LEU A 756 -14.10 27.91 67.66
N ARG A 757 -15.25 27.46 67.15
CA ARG A 757 -16.17 28.38 66.48
C ARG A 757 -16.73 29.41 67.46
N GLU A 758 -17.08 29.00 68.68
CA GLU A 758 -17.57 29.95 69.67
C GLU A 758 -16.46 30.89 70.12
N LYS A 759 -15.22 30.41 70.16
CA LYS A 759 -14.10 31.31 70.40
C LYS A 759 -13.97 32.34 69.28
N SER A 760 -14.22 31.92 68.03
CA SER A 760 -14.24 32.86 66.92
C SER A 760 -15.49 33.73 66.90
N LEU A 761 -16.60 33.25 67.46
CA LEU A 761 -17.83 34.03 67.52
C LEU A 761 -18.74 33.50 68.63
N CYS A 768 -20.06 24.24 77.53
CA CYS A 768 -21.27 24.77 78.13
C CYS A 768 -22.38 23.73 78.12
N ALA A 769 -23.53 24.09 77.53
CA ALA A 769 -24.65 23.17 77.45
C ALA A 769 -24.49 22.16 76.32
N VAL A 770 -23.54 22.36 75.42
CA VAL A 770 -23.38 21.46 74.28
C VAL A 770 -22.96 20.06 74.74
N GLU A 771 -22.01 19.99 75.67
CA GLU A 771 -21.55 18.68 76.14
C GLU A 771 -22.62 18.00 77.00
N GLU A 772 -23.35 18.76 77.80
CA GLU A 772 -24.45 18.18 78.58
C GLU A 772 -25.53 17.62 77.65
N ALA A 773 -25.89 18.38 76.62
CA ALA A 773 -26.86 17.89 75.65
C ALA A 773 -26.34 16.65 74.92
N LEU A 774 -25.05 16.65 74.57
CA LEU A 774 -24.46 15.49 73.91
C LEU A 774 -24.55 14.24 74.80
N ASP A 775 -24.23 14.38 76.08
CA ASP A 775 -24.31 13.25 76.99
C ASP A 775 -25.76 12.77 77.15
N TRP A 776 -26.70 13.71 77.26
CA TRP A 776 -28.11 13.32 77.41
C TRP A 776 -28.62 12.60 76.17
N ARG A 777 -28.29 13.11 74.98
CA ARG A 777 -28.69 12.44 73.76
C ARG A 777 -28.02 11.08 73.63
N ARG A 778 -26.77 10.96 74.09
CA ARG A 778 -26.09 9.67 74.09
C ARG A 778 -26.84 8.67 74.96
N GLU A 779 -27.23 9.08 76.17
CA GLU A 779 -27.97 8.18 77.04
C GLU A 779 -29.33 7.80 76.45
N GLU A 780 -30.03 8.78 75.87
CA GLU A 780 -31.33 8.48 75.28
C GLU A 780 -31.21 7.53 74.10
N LEU A 781 -30.21 7.74 73.25
CA LEU A 781 -30.01 6.85 72.10
C LEU A 781 -29.57 5.47 72.55
N LEU A 782 -28.75 5.38 73.61
CA LEU A 782 -28.37 4.08 74.14
C LEU A 782 -29.58 3.32 74.66
N LEU A 783 -30.46 4.02 75.39
CA LEU A 783 -31.68 3.38 75.87
C LEU A 783 -32.58 2.95 74.71
N LEU A 784 -32.67 3.79 73.68
CA LEU A 784 -33.46 3.44 72.50
C LEU A 784 -32.89 2.19 71.84
N LYS A 785 -31.57 2.11 71.72
CA LYS A 785 -30.96 0.94 71.10
C LYS A 785 -31.13 -0.31 71.95
N LYS A 786 -31.08 -0.17 73.28
CA LYS A 786 -31.32 -1.32 74.15
C LYS A 786 -32.75 -1.84 73.98
N GLU A 787 -33.73 -0.94 73.99
CA GLU A 787 -35.11 -1.35 73.77
C GLU A 787 -35.28 -1.98 72.38
N LYS A 788 -34.64 -1.39 71.37
CA LYS A 788 -34.73 -1.91 70.01
C LYS A 788 -34.16 -3.32 69.94
N ARG A 789 -32.99 -3.54 70.55
CA ARG A 789 -32.37 -4.86 70.54
C ARG A 789 -33.25 -5.88 71.26
N CYS A 790 -33.80 -5.49 72.41
CA CYS A 790 -34.72 -6.37 73.12
C CYS A 790 -35.89 -6.77 72.24
N VAL A 791 -36.47 -5.80 71.52
CA VAL A 791 -37.69 -6.13 70.78
C VAL A 791 -37.38 -7.00 69.57
N ASP A 792 -36.28 -6.73 68.83
CA ASP A 792 -36.10 -7.59 67.65
C ASP A 792 -35.65 -8.97 68.09
N SER A 793 -34.95 -9.07 69.22
CA SER A 793 -34.69 -10.39 69.79
C SER A 793 -35.99 -11.09 70.14
N LEU A 794 -36.99 -10.34 70.61
CA LEU A 794 -38.28 -10.93 70.92
C LEU A 794 -38.94 -11.49 69.66
N LEU A 795 -39.03 -10.69 68.59
CA LEU A 795 -39.63 -11.22 67.37
C LEU A 795 -38.80 -12.34 66.76
N LYS A 796 -37.48 -12.31 66.89
CA LYS A 796 -36.67 -13.40 66.35
C LYS A 796 -36.90 -14.69 67.13
N MET A 797 -37.00 -14.60 68.45
CA MET A 797 -37.35 -15.78 69.25
C MET A 797 -38.73 -16.30 68.89
N CYS A 798 -39.68 -15.40 68.65
CA CYS A 798 -41.00 -15.82 68.20
C CYS A 798 -40.96 -16.50 66.85
N GLY A 799 -40.19 -15.97 65.89
CA GLY A 799 -40.07 -16.52 64.56
C GLY A 799 -39.11 -17.68 64.41
N ASN A 800 -38.44 -18.08 65.49
CA ASN A 800 -37.62 -19.29 65.44
C ASN A 800 -38.48 -20.52 65.12
N VAL A 801 -39.77 -20.45 65.40
CA VAL A 801 -40.72 -21.52 65.13
C VAL A 801 -41.80 -21.00 64.19
N LYS A 802 -41.41 -20.11 63.27
CA LYS A 802 -42.31 -19.40 62.37
C LYS A 802 -43.30 -20.31 61.64
N HIS A 803 -43.06 -21.62 61.67
CA HIS A 803 -43.97 -22.59 61.08
C HIS A 803 -45.22 -22.82 61.92
N LEU A 804 -45.52 -21.92 62.85
CA LEU A 804 -46.57 -22.11 63.84
C LEU A 804 -47.35 -20.80 63.96
N ILE A 805 -48.14 -20.69 65.03
CA ILE A 805 -49.08 -19.60 65.26
C ILE A 805 -48.36 -18.30 65.63
N GLN A 806 -47.03 -18.31 65.54
CA GLN A 806 -46.19 -17.31 66.19
C GLN A 806 -46.50 -15.87 65.78
N VAL A 807 -46.68 -15.62 64.48
CA VAL A 807 -46.78 -14.25 63.96
C VAL A 807 -48.23 -13.82 63.93
N ASP A 808 -48.57 -12.84 64.77
CA ASP A 808 -49.91 -12.27 64.78
C ASP A 808 -49.88 -10.76 64.61
N PHE A 809 -49.01 -10.09 65.37
CA PHE A 809 -49.17 -8.67 65.66
C PHE A 809 -49.20 -7.82 64.38
N GLY A 810 -48.10 -7.81 63.65
CA GLY A 810 -48.01 -6.92 62.50
C GLY A 810 -47.77 -5.47 62.87
N VAL A 811 -48.64 -4.90 63.71
CA VAL A 811 -48.45 -3.52 64.16
C VAL A 811 -47.14 -3.38 64.92
N LEU A 812 -46.83 -4.35 65.80
CA LEU A 812 -45.53 -4.37 66.45
C LEU A 812 -44.41 -4.47 65.44
N ALA A 813 -44.66 -5.15 64.31
CA ALA A 813 -43.70 -5.14 63.21
C ALA A 813 -43.74 -3.85 62.42
N VAL A 814 -44.90 -3.19 62.35
CA VAL A 814 -45.02 -1.96 61.57
C VAL A 814 -44.07 -0.90 62.13
N ARG A 815 -44.11 -0.67 63.43
CA ARG A 815 -43.15 0.23 64.06
C ARG A 815 -41.73 -0.31 63.92
N HIS A 816 -41.56 -1.62 63.84
CA HIS A 816 -40.26 -2.19 63.50
C HIS A 816 -39.88 -1.89 62.06
N SER A 817 -40.86 -1.90 61.16
CA SER A 817 -40.58 -1.67 59.75
C SER A 817 -40.12 -0.24 59.49
N GLN A 818 -40.50 0.69 60.36
CA GLN A 818 -40.09 2.08 60.19
C GLN A 818 -38.58 2.21 60.39
N ASP A 819 -37.94 2.98 59.51
CA ASP A 819 -36.50 3.20 59.61
C ASP A 819 -36.19 4.10 60.78
N LEU A 820 -34.97 3.95 61.31
CA LEU A 820 -34.54 4.76 62.45
C LEU A 820 -33.73 5.97 62.04
N SER A 821 -32.93 5.86 60.98
CA SER A 821 -32.08 6.98 60.57
C SER A 821 -32.90 8.20 60.19
N SER A 822 -33.99 8.01 59.44
CA SER A 822 -34.87 9.09 59.07
C SER A 822 -35.77 9.54 60.22
N LYS A 823 -35.82 8.78 61.32
CA LYS A 823 -36.68 9.13 62.44
C LYS A 823 -36.04 10.21 63.30
N ARG A 824 -36.88 10.91 64.06
CA ARG A 824 -36.45 11.98 64.94
C ARG A 824 -36.35 11.48 66.37
N LEU A 825 -35.42 12.06 67.13
CA LEU A 825 -35.25 11.65 68.53
C LEU A 825 -36.48 11.98 69.35
N ASN A 826 -36.94 13.23 69.30
CA ASN A 826 -38.00 13.67 70.20
C ASN A 826 -39.34 13.02 69.86
N ASP A 827 -39.59 12.73 68.59
CA ASP A 827 -40.84 12.12 68.19
C ASP A 827 -41.02 10.74 68.81
N THR A 828 -39.90 10.03 69.02
CA THR A 828 -39.98 8.67 69.55
C THR A 828 -39.58 8.61 71.02
N VAL A 829 -38.52 9.32 71.41
CA VAL A 829 -37.98 9.27 72.76
C VAL A 829 -38.00 10.67 73.35
N THR A 830 -38.56 10.79 74.55
CA THR A 830 -38.65 12.09 75.22
C THR A 830 -37.28 12.51 75.74
N VAL A 831 -36.91 13.76 75.48
CA VAL A 831 -35.60 14.25 75.91
C VAL A 831 -35.65 14.68 77.37
N ARG A 832 -34.47 14.89 77.94
CA ARG A 832 -34.32 15.35 79.31
C ARG A 832 -33.81 16.78 79.31
N LEU A 833 -34.45 17.64 80.10
CA LEU A 833 -34.10 19.06 80.19
C LEU A 833 -33.96 19.42 81.66
N SER A 834 -32.79 19.92 82.04
CA SER A 834 -32.53 20.33 83.41
C SER A 834 -32.88 21.79 83.63
N ARG A 841 -37.47 6.89 80.67
CA ARG A 841 -38.15 7.79 79.75
C ARG A 841 -39.02 7.02 78.77
N ALA A 842 -40.07 7.68 78.27
CA ALA A 842 -40.97 7.02 77.33
C ALA A 842 -40.25 6.75 76.01
N THR A 843 -40.24 5.49 75.60
CA THR A 843 -39.55 5.06 74.41
C THR A 843 -40.49 5.08 73.21
N HIS A 844 -40.00 4.58 72.08
CA HIS A 844 -40.82 4.37 70.91
C HIS A 844 -41.59 3.06 71.07
N TYR A 845 -42.47 2.77 70.11
CA TYR A 845 -43.28 1.55 70.09
C TYR A 845 -44.36 1.57 71.18
N HIS A 846 -44.32 2.59 72.04
CA HIS A 846 -45.19 2.71 73.21
C HIS A 846 -45.39 1.36 73.88
N LEU A 847 -44.28 0.68 74.11
CA LEU A 847 -44.34 -0.68 74.65
C LEU A 847 -44.93 -0.70 76.04
N SER A 848 -45.93 -1.56 76.23
CA SER A 848 -46.53 -1.72 77.56
C SER A 848 -45.50 -2.34 78.51
N SER A 849 -45.60 -1.96 79.79
CA SER A 849 -44.65 -2.48 80.78
C SER A 849 -44.82 -3.98 81.00
N GLN A 850 -45.91 -4.57 80.49
CA GLN A 850 -46.10 -6.01 80.63
C GLN A 850 -45.00 -6.80 79.92
N VAL A 851 -44.71 -6.50 78.65
CA VAL A 851 -43.73 -7.25 77.88
C VAL A 851 -42.32 -6.68 77.99
N GLN A 852 -42.15 -5.53 78.66
CA GLN A 852 -40.82 -4.95 78.80
C GLN A 852 -39.89 -5.83 79.63
N GLU A 853 -40.41 -6.44 80.70
CA GLU A 853 -39.58 -7.34 81.49
C GLU A 853 -39.21 -8.60 80.71
N MET A 854 -40.16 -9.14 79.93
CA MET A 854 -39.86 -10.28 79.08
C MET A 854 -38.80 -9.94 78.04
N ALA A 855 -38.85 -8.72 77.51
CA ALA A 855 -37.87 -8.25 76.54
C ALA A 855 -36.45 -8.43 77.07
N GLY A 856 -36.15 -7.83 78.21
CA GLY A 856 -34.84 -8.00 78.82
C GLY A 856 -34.56 -9.41 79.29
N LYS A 857 -35.57 -10.12 79.77
CA LYS A 857 -35.38 -11.49 80.25
C LYS A 857 -34.87 -12.39 79.14
N ILE A 858 -35.47 -12.29 77.95
CA ILE A 858 -35.02 -13.10 76.83
C ILE A 858 -33.86 -12.46 76.07
N ASP A 859 -33.61 -11.17 76.28
CA ASP A 859 -32.38 -10.58 75.75
C ASP A 859 -31.16 -11.12 76.48
N LEU A 860 -31.29 -11.33 77.80
CA LEU A 860 -30.22 -11.98 78.54
C LEU A 860 -30.04 -13.44 78.16
N LEU A 861 -31.02 -14.03 77.47
CA LEU A 861 -31.05 -15.46 77.19
C LEU A 861 -31.34 -15.72 75.72
N ARG A 862 -30.87 -14.82 74.85
CA ARG A 862 -31.07 -15.03 73.41
C ARG A 862 -30.16 -16.16 72.91
N ASP A 863 -28.91 -16.18 73.37
CA ASP A 863 -27.96 -17.22 73.01
C ASP A 863 -27.89 -18.25 74.14
N SER A 864 -28.92 -19.09 74.21
CA SER A 864 -29.04 -20.10 75.24
C SER A 864 -29.72 -21.32 74.61
N HIS A 865 -28.92 -22.35 74.29
CA HIS A 865 -29.45 -23.51 73.59
C HIS A 865 -30.52 -24.23 74.41
N ILE A 866 -30.35 -24.26 75.73
CA ILE A 866 -31.35 -24.90 76.59
C ILE A 866 -32.66 -24.14 76.54
N PHE A 867 -32.59 -22.81 76.66
CA PHE A 867 -33.80 -21.99 76.66
C PHE A 867 -34.52 -22.10 75.32
N GLN A 868 -33.78 -22.01 74.22
CA GLN A 868 -34.38 -22.16 72.90
C GLN A 868 -34.99 -23.54 72.73
N LEU A 869 -34.27 -24.57 73.18
CA LEU A 869 -34.74 -25.95 73.02
C LEU A 869 -36.07 -26.15 73.74
N PHE A 870 -36.13 -25.87 75.03
CA PHE A 870 -37.40 -26.14 75.69
C PHE A 870 -38.44 -25.06 75.43
N TRP A 871 -38.07 -23.91 74.86
CA TRP A 871 -39.07 -23.02 74.30
C TRP A 871 -39.77 -23.68 73.11
N ARG A 872 -38.99 -24.32 72.24
CA ARG A 872 -39.57 -25.08 71.13
C ARG A 872 -40.45 -26.21 71.67
N GLU A 873 -39.96 -26.93 72.68
CA GLU A 873 -40.76 -28.03 73.23
C GLU A 873 -42.01 -27.55 73.96
N ALA A 874 -42.00 -26.35 74.53
CA ALA A 874 -43.22 -25.78 75.07
C ALA A 874 -44.17 -25.37 73.94
N ALA A 875 -43.62 -24.96 72.80
CA ALA A 875 -44.46 -24.62 71.66
C ALA A 875 -45.01 -25.86 70.95
N GLU A 876 -44.42 -27.03 71.18
CA GLU A 876 -44.89 -28.24 70.50
C GLU A 876 -46.34 -28.58 70.79
N PRO A 877 -46.80 -28.68 72.05
CA PRO A 877 -48.18 -29.10 72.29
C PRO A 877 -49.21 -28.05 71.94
N LEU A 878 -48.83 -26.78 71.87
CA LEU A 878 -49.80 -25.72 71.62
C LEU A 878 -50.43 -25.85 70.25
N SER A 879 -49.63 -26.12 69.22
CA SER A 879 -50.14 -26.25 67.86
C SER A 879 -49.16 -27.01 66.98
N ARG A 900 -52.38 -20.86 63.27
CA ARG A 900 -53.84 -20.78 63.17
C ARG A 900 -54.44 -20.17 64.42
N HIS A 901 -53.59 -19.60 65.27
CA HIS A 901 -54.03 -18.97 66.52
C HIS A 901 -53.56 -17.52 66.51
N ILE A 902 -54.50 -16.60 66.76
CA ILE A 902 -54.14 -15.19 66.90
C ILE A 902 -53.37 -15.01 68.20
N LEU A 903 -52.12 -14.57 68.09
CA LEU A 903 -51.20 -14.52 69.22
C LEU A 903 -51.10 -13.09 69.72
N GLU A 904 -52.05 -12.69 70.57
CA GLU A 904 -52.02 -11.38 71.18
C GLU A 904 -51.07 -11.39 72.38
N LEU A 905 -50.86 -10.21 72.96
CA LEU A 905 -49.97 -10.09 74.12
C LEU A 905 -50.55 -10.81 75.34
N GLU A 906 -51.87 -10.79 75.51
CA GLU A 906 -52.48 -11.31 76.73
C GLU A 906 -52.38 -12.83 76.80
N GLU A 907 -52.70 -13.52 75.71
CA GLU A 907 -52.61 -14.97 75.70
C GLU A 907 -51.17 -15.46 75.75
N VAL A 908 -50.22 -14.70 75.20
CA VAL A 908 -48.82 -15.00 75.46
C VAL A 908 -48.51 -14.87 76.94
N TYR A 909 -48.84 -13.71 77.52
CA TYR A 909 -48.43 -13.39 78.87
C TYR A 909 -48.96 -14.39 79.89
N ASP A 910 -50.26 -14.67 79.83
CA ASP A 910 -50.89 -15.41 80.92
C ASP A 910 -50.35 -16.84 81.06
N TYR A 911 -50.22 -17.57 79.95
CA TYR A 911 -49.80 -18.96 80.01
C TYR A 911 -48.77 -19.34 78.96
N LEU A 912 -48.74 -18.66 77.82
CA LEU A 912 -48.09 -19.24 76.65
C LEU A 912 -46.59 -19.08 76.71
N TYR A 913 -46.09 -17.90 77.04
CA TYR A 913 -44.65 -17.72 77.23
C TYR A 913 -44.39 -17.99 78.70
N GLN A 914 -43.12 -18.24 79.02
CA GLN A 914 -42.47 -18.60 80.27
C GLN A 914 -42.99 -19.83 81.05
N PRO A 915 -43.53 -20.90 80.40
CA PRO A 915 -43.48 -22.20 81.07
C PRO A 915 -42.04 -22.64 80.99
N SER A 916 -41.41 -22.26 79.88
CA SER A 916 -39.98 -22.43 79.71
C SER A 916 -39.20 -21.69 80.79
N TYR A 917 -39.58 -20.44 81.06
CA TYR A 917 -38.89 -19.65 82.08
C TYR A 917 -39.03 -20.30 83.45
N ARG A 918 -40.26 -20.61 83.87
CA ARG A 918 -40.42 -21.20 85.20
C ARG A 918 -39.78 -22.58 85.27
N LYS A 919 -39.82 -23.33 84.16
CA LYS A 919 -39.21 -24.65 84.12
C LYS A 919 -37.71 -24.57 84.31
N PHE A 920 -37.05 -23.58 83.70
CA PHE A 920 -35.61 -23.55 83.89
C PHE A 920 -35.18 -22.74 85.10
N ILE A 921 -36.07 -21.99 85.76
CA ILE A 921 -35.77 -21.61 87.14
C ILE A 921 -35.79 -22.84 88.03
N LYS A 922 -36.75 -23.74 87.80
CA LYS A 922 -36.72 -25.02 88.52
C LYS A 922 -35.44 -25.78 88.21
N LEU A 923 -35.04 -25.79 86.94
CA LEU A 923 -33.80 -26.48 86.54
C LEU A 923 -32.58 -25.81 87.15
N HIS A 924 -32.58 -24.48 87.24
CA HIS A 924 -31.46 -23.76 87.84
C HIS A 924 -31.35 -24.07 89.32
N GLN A 925 -32.49 -24.13 90.03
CA GLN A 925 -32.46 -24.55 91.43
C GLN A 925 -31.97 -25.99 91.55
N ASP A 926 -32.39 -26.85 90.62
CA ASP A 926 -31.95 -28.24 90.64
C ASP A 926 -30.44 -28.35 90.47
N LEU A 927 -29.89 -27.59 89.52
CA LEU A 927 -28.45 -27.62 89.27
C LEU A 927 -27.68 -26.99 90.43
N LYS A 928 -28.19 -25.90 91.00
CA LYS A 928 -27.55 -25.26 92.13
C LYS A 928 -27.52 -26.20 93.33
N SER A 929 -28.62 -26.91 93.59
CA SER A 929 -28.67 -27.84 94.71
C SER A 929 -28.10 -29.21 94.36
N GLY A 930 -28.33 -29.68 93.14
CA GLY A 930 -27.68 -30.90 92.67
C GLY A 930 -28.54 -32.15 92.65
N GLU A 931 -29.87 -32.02 92.58
CA GLU A 931 -30.75 -33.19 92.50
C GLU A 931 -31.32 -33.39 91.10
N VAL A 932 -30.55 -33.14 90.05
CA VAL A 932 -31.01 -33.36 88.69
C VAL A 932 -31.07 -34.85 88.42
N THR A 933 -32.23 -35.31 87.96
CA THR A 933 -32.41 -36.72 87.63
C THR A 933 -31.57 -37.08 86.41
N LEU A 934 -31.22 -38.36 86.30
CA LEU A 934 -30.32 -38.85 85.26
C LEU A 934 -31.01 -39.00 83.91
N ALA A 935 -32.24 -38.49 83.77
CA ALA A 935 -32.96 -38.50 82.50
C ALA A 935 -33.11 -37.10 81.91
N GLU A 936 -33.54 -36.14 82.73
CA GLU A 936 -33.66 -34.76 82.25
C GLU A 936 -32.29 -34.20 81.88
N ILE A 937 -31.24 -34.60 82.61
CA ILE A 937 -29.90 -34.13 82.30
C ILE A 937 -29.48 -34.60 80.92
N ASP A 938 -29.76 -35.86 80.59
CA ASP A 938 -29.45 -36.37 79.25
C ASP A 938 -30.30 -35.65 78.22
N VAL A 939 -31.60 -35.53 78.46
CA VAL A 939 -32.49 -34.90 77.49
C VAL A 939 -32.04 -33.47 77.18
N ILE A 940 -31.58 -32.75 78.19
CA ILE A 940 -31.12 -31.38 77.97
C ILE A 940 -29.75 -31.36 77.33
N PHE A 941 -28.73 -31.87 78.02
CA PHE A 941 -27.36 -31.79 77.53
C PHE A 941 -26.96 -33.04 76.75
N LYS A 942 -27.82 -33.47 75.83
CA LYS A 942 -27.38 -34.42 74.80
C LYS A 942 -26.66 -33.73 73.64
N ASP A 943 -26.67 -32.41 73.59
CA ASP A 943 -26.00 -31.67 72.52
C ASP A 943 -24.63 -31.14 72.90
N PHE A 944 -24.37 -30.93 74.19
CA PHE A 944 -23.11 -30.39 74.66
C PHE A 944 -22.04 -31.46 74.84
N VAL A 945 -22.18 -32.61 74.17
CA VAL A 945 -21.24 -33.70 74.33
C VAL A 945 -19.88 -33.29 73.80
N ASN A 946 -18.83 -33.51 74.60
CA ASN A 946 -17.45 -33.20 74.24
C ASN A 946 -17.34 -31.72 73.87
N LYS A 947 -17.99 -30.86 74.65
CA LYS A 947 -17.90 -29.40 74.51
C LYS A 947 -17.78 -28.80 75.90
N TYR A 948 -16.56 -28.37 76.26
CA TYR A 948 -16.30 -27.82 77.58
C TYR A 948 -16.60 -26.32 77.63
N THR A 949 -15.97 -25.54 76.75
CA THR A 949 -16.11 -24.09 76.78
C THR A 949 -17.53 -23.66 76.45
N ASP A 950 -18.16 -24.30 75.46
CA ASP A 950 -19.52 -23.94 75.08
C ASP A 950 -20.49 -24.21 76.22
N LEU A 951 -20.36 -25.37 76.87
CA LEU A 951 -21.21 -25.67 78.02
C LEU A 951 -20.96 -24.72 79.17
N ASP A 952 -19.69 -24.36 79.39
CA ASP A 952 -19.36 -23.40 80.45
C ASP A 952 -20.02 -22.06 80.20
N SER A 953 -19.95 -21.56 78.96
CA SER A 953 -20.59 -20.29 78.63
C SER A 953 -22.10 -20.39 78.76
N GLU A 954 -22.68 -21.51 78.33
CA GLU A 954 -24.11 -21.70 78.46
C GLU A 954 -24.54 -21.67 79.92
N LEU A 955 -23.77 -22.31 80.80
CA LEU A 955 -24.11 -22.31 82.21
C LEU A 955 -23.86 -20.95 82.85
N LYS A 956 -22.88 -20.19 82.34
CA LYS A 956 -22.70 -18.82 82.81
C LYS A 956 -23.94 -17.98 82.49
N ILE A 957 -24.44 -18.10 81.26
CA ILE A 957 -25.68 -17.41 80.89
C ILE A 957 -26.83 -17.91 81.74
N MET A 958 -26.84 -19.21 82.06
CA MET A 958 -27.86 -19.78 82.91
C MET A 958 -27.85 -19.16 84.30
N CYS A 959 -26.67 -18.99 84.88
CA CYS A 959 -26.54 -18.46 86.23
C CYS A 959 -26.68 -16.94 86.30
N THR A 960 -26.49 -16.24 85.19
CA THR A 960 -26.60 -14.79 85.22
C THR A 960 -28.05 -14.29 85.17
N VAL A 961 -29.03 -15.19 85.16
CA VAL A 961 -30.43 -14.74 85.12
C VAL A 961 -30.81 -14.07 86.43
N ASP A 962 -30.31 -14.58 87.55
CA ASP A 962 -30.59 -14.03 88.87
C ASP A 962 -29.28 -13.55 89.49
N HIS A 963 -29.25 -12.29 89.92
CA HIS A 963 -28.03 -11.70 90.45
C HIS A 963 -27.75 -12.07 91.89
N GLN A 964 -28.72 -12.66 92.60
CA GLN A 964 -28.49 -13.05 93.98
C GLN A 964 -27.42 -14.14 94.08
N ASP A 965 -27.42 -15.09 93.16
CA ASP A 965 -26.43 -16.16 93.16
C ASP A 965 -25.22 -15.76 92.32
N GLN A 966 -24.05 -15.79 92.94
CA GLN A 966 -22.79 -15.58 92.24
C GLN A 966 -21.78 -16.68 92.54
N ARG A 967 -22.24 -17.83 93.05
CA ARG A 967 -21.35 -18.89 93.45
C ARG A 967 -20.71 -19.56 92.25
N ASP A 968 -19.60 -20.26 92.49
CA ASP A 968 -18.80 -20.89 91.44
C ASP A 968 -19.03 -22.39 91.38
N TRP A 969 -20.27 -22.84 91.58
CA TRP A 969 -20.57 -24.27 91.49
C TRP A 969 -20.40 -24.79 90.06
N ILE A 970 -20.38 -23.91 89.07
CA ILE A 970 -20.29 -24.33 87.67
C ILE A 970 -19.02 -25.15 87.44
N LYS A 971 -17.91 -24.74 88.05
CA LYS A 971 -16.63 -25.39 87.81
C LYS A 971 -16.68 -26.87 88.15
N ASP A 972 -17.53 -27.26 89.11
CA ASP A 972 -17.69 -28.67 89.46
C ASP A 972 -18.88 -29.32 88.76
N ARG A 973 -19.95 -28.57 88.51
CA ARG A 973 -21.09 -29.15 87.79
C ARG A 973 -20.73 -29.55 86.36
N VAL A 974 -19.93 -28.75 85.66
CA VAL A 974 -19.54 -29.11 84.31
C VAL A 974 -18.68 -30.37 84.32
N GLU A 975 -17.77 -30.50 85.29
CA GLU A 975 -16.96 -31.70 85.38
C GLU A 975 -17.81 -32.91 85.72
N GLN A 976 -18.82 -32.74 86.58
CA GLN A 976 -19.71 -33.86 86.91
C GLN A 976 -20.49 -34.32 85.68
N ILE A 977 -21.06 -33.38 84.93
CA ILE A 977 -21.83 -33.76 83.75
C ILE A 977 -20.92 -34.38 82.69
N LYS A 978 -19.69 -33.89 82.57
CA LYS A 978 -18.78 -34.47 81.59
C LYS A 978 -18.29 -35.85 82.04
N GLU A 979 -18.19 -36.09 83.35
CA GLU A 979 -17.89 -37.42 83.84
C GLU A 979 -19.04 -38.38 83.53
N TYR A 980 -20.28 -37.91 83.65
CA TYR A 980 -21.41 -38.75 83.26
C TYR A 980 -21.38 -39.06 81.76
N HIS A 981 -21.07 -38.05 80.94
CA HIS A 981 -20.95 -38.27 79.50
C HIS A 981 -19.84 -39.26 79.18
N HIS A 982 -18.70 -39.14 79.87
CA HIS A 982 -17.61 -40.08 79.69
C HIS A 982 -18.00 -41.48 80.14
N LEU A 983 -18.81 -41.60 81.19
CA LEU A 983 -19.29 -42.91 81.60
C LEU A 983 -20.13 -43.55 80.50
N HIS A 984 -21.03 -42.77 79.88
CA HIS A 984 -21.82 -43.29 78.77
C HIS A 984 -20.93 -43.68 77.59
N GLN A 985 -19.93 -42.84 77.30
CA GLN A 985 -19.02 -43.14 76.19
C GLN A 985 -18.24 -44.43 76.44
N ALA A 986 -17.76 -44.61 77.67
CA ALA A 986 -17.04 -45.84 77.99
C ALA A 986 -17.98 -47.03 78.05
N VAL A 987 -19.27 -46.82 78.32
CA VAL A 987 -20.25 -47.89 78.15
C VAL A 987 -20.30 -48.35 76.70
N HIS A 988 -20.39 -47.38 75.78
CA HIS A 988 -20.40 -47.73 74.37
C HIS A 988 -19.11 -48.45 73.97
N ALA A 989 -17.98 -47.98 74.49
CA ALA A 989 -16.71 -48.62 74.20
C ALA A 989 -16.63 -50.02 74.80
N ALA A 990 -17.26 -50.22 75.96
CA ALA A 990 -17.31 -51.56 76.56
C ALA A 990 -18.11 -52.52 75.69
N LYS A 991 -19.24 -52.06 75.16
CA LYS A 991 -19.97 -52.89 74.21
C LYS A 991 -19.12 -53.18 72.98
N VAL A 992 -18.36 -52.17 72.50
CA VAL A 992 -17.51 -52.36 71.34
C VAL A 992 -16.45 -53.42 71.60
N ILE A 993 -15.81 -53.37 72.77
CA ILE A 993 -14.74 -54.31 73.06
C ILE A 993 -15.31 -55.70 73.33
N LEU A 994 -16.53 -55.79 73.89
CA LEU A 994 -17.17 -57.10 74.01
C LEU A 994 -17.43 -57.71 72.65
N GLN A 995 -17.90 -56.91 71.70
CA GLN A 995 -18.08 -57.41 70.34
C GLN A 995 -16.74 -57.80 69.73
N VAL A 996 -15.69 -57.02 69.99
CA VAL A 996 -14.37 -57.33 69.46
C VAL A 996 -13.88 -58.68 69.99
N LYS A 997 -14.05 -58.91 71.29
CA LYS A 997 -13.66 -60.20 71.86
C LYS A 997 -14.46 -61.34 71.25
N GLU A 998 -15.78 -61.17 71.14
CA GLU A 998 -16.60 -62.26 70.63
C GLU A 998 -16.42 -62.49 69.14
N SER A 999 -15.87 -61.52 68.42
CA SER A 999 -15.61 -61.68 66.99
C SER A 999 -14.20 -62.14 66.67
N LEU A 1000 -13.22 -61.81 67.51
CA LEU A 1000 -11.85 -62.24 67.31
C LEU A 1000 -11.58 -63.64 67.82
N GLY A 1001 -12.55 -64.28 68.45
CA GLY A 1001 -12.33 -65.58 69.07
C GLY A 1001 -11.38 -65.53 70.24
N LEU A 1002 -11.40 -64.43 71.01
CA LEU A 1002 -10.51 -64.27 72.13
C LEU A 1002 -11.07 -64.99 73.36
N ASN A 1003 -10.17 -65.32 74.28
CA ASN A 1003 -10.55 -65.96 75.54
C ASN A 1003 -9.75 -65.32 76.67
N GLY A 1004 -10.29 -65.44 77.88
CA GLY A 1004 -9.68 -64.83 79.04
C GLY A 1004 -10.70 -64.35 80.05
N ASP A 1005 -11.97 -64.37 79.68
CA ASP A 1005 -13.08 -64.07 80.58
C ASP A 1005 -12.91 -62.66 81.17
N PHE A 1006 -13.05 -61.68 80.30
CA PHE A 1006 -13.05 -60.29 80.75
C PHE A 1006 -14.20 -60.06 81.72
N SER A 1007 -13.87 -59.67 82.95
CA SER A 1007 -14.88 -59.42 83.97
C SER A 1007 -14.88 -57.99 84.50
N VAL A 1008 -13.86 -57.20 84.21
CA VAL A 1008 -13.87 -55.80 84.63
C VAL A 1008 -14.94 -55.02 83.89
N LEU A 1009 -15.15 -55.34 82.60
CA LEU A 1009 -16.20 -54.70 81.82
C LEU A 1009 -17.60 -55.13 82.24
N ASN A 1010 -17.70 -56.17 83.08
CA ASN A 1010 -19.02 -56.56 83.59
C ASN A 1010 -19.61 -55.48 84.49
N THR A 1011 -18.76 -54.70 85.17
CA THR A 1011 -19.29 -53.59 85.96
C THR A 1011 -19.82 -52.47 85.08
N LEU A 1012 -19.19 -52.25 83.92
CA LEU A 1012 -19.76 -51.29 82.96
C LEU A 1012 -21.06 -51.82 82.37
N LEU A 1013 -21.13 -53.13 82.13
CA LEU A 1013 -22.38 -53.73 81.67
C LEU A 1013 -23.47 -53.57 82.72
N ASN A 1014 -23.10 -53.70 84.00
CA ASN A 1014 -24.05 -53.42 85.08
C ASN A 1014 -24.48 -51.96 85.08
N PHE A 1015 -23.53 -51.05 84.88
CA PHE A 1015 -23.85 -49.63 84.78
C PHE A 1015 -24.77 -49.34 83.61
N THR A 1016 -24.75 -50.16 82.57
CA THR A 1016 -25.60 -49.94 81.40
C THR A 1016 -26.81 -50.84 81.33
N ASP A 1017 -27.04 -51.73 82.30
CA ASP A 1017 -28.32 -52.42 82.38
C ASP A 1017 -29.26 -51.83 83.41
N ASN A 1018 -28.78 -50.89 84.23
CA ASN A 1018 -29.61 -50.13 85.13
C ASN A 1018 -30.07 -48.81 84.50
N PHE A 1019 -30.20 -48.76 83.18
CA PHE A 1019 -30.64 -47.55 82.51
C PHE A 1019 -32.03 -47.13 83.00
N ASP A 1020 -32.88 -48.11 83.30
CA ASP A 1020 -34.21 -47.85 83.85
C ASP A 1020 -34.22 -47.83 85.37
N ASP A 1021 -33.07 -48.06 86.00
CA ASP A 1021 -32.96 -48.06 87.46
C ASP A 1021 -32.32 -46.81 88.02
N PHE A 1022 -31.35 -46.22 87.32
CA PHE A 1022 -30.74 -44.96 87.72
C PHE A 1022 -31.41 -43.76 87.08
N ARG A 1023 -32.50 -43.96 86.34
CA ARG A 1023 -33.17 -42.88 85.64
C ARG A 1023 -33.71 -41.82 86.60
N ARG A 1024 -33.90 -42.16 87.87
CA ARG A 1024 -34.39 -41.22 88.88
C ARG A 1024 -33.30 -40.82 89.86
N GLU A 1025 -32.04 -41.16 89.60
CA GLU A 1025 -30.97 -40.92 90.55
C GLU A 1025 -30.36 -39.54 90.32
N THR A 1026 -29.41 -39.18 91.17
CA THR A 1026 -28.74 -37.89 91.10
C THR A 1026 -27.41 -38.03 90.36
N LEU A 1027 -26.79 -36.88 90.08
CA LEU A 1027 -25.52 -36.88 89.36
C LEU A 1027 -24.40 -37.48 90.22
N ASP A 1028 -24.43 -37.25 91.53
CA ASP A 1028 -23.51 -37.89 92.47
C ASP A 1028 -24.30 -38.99 93.17
N GLN A 1029 -24.35 -40.16 92.53
CA GLN A 1029 -25.10 -41.29 93.05
C GLN A 1029 -24.23 -42.51 93.31
N ILE A 1030 -23.46 -42.95 92.31
CA ILE A 1030 -22.71 -44.20 92.41
C ILE A 1030 -21.25 -43.92 92.05
N ASN A 1031 -20.39 -44.87 92.43
CA ASN A 1031 -18.97 -44.75 92.18
C ASN A 1031 -18.67 -44.89 90.68
N GLN A 1032 -17.43 -44.58 90.33
CA GLN A 1032 -16.93 -44.74 88.96
C GLN A 1032 -15.74 -45.69 89.05
N GLU A 1033 -15.82 -46.80 88.33
CA GLU A 1033 -14.78 -47.83 88.33
C GLU A 1033 -14.25 -48.08 86.91
N LEU A 1034 -14.01 -46.98 86.20
CA LEU A 1034 -13.65 -47.08 84.78
C LEU A 1034 -12.39 -46.32 84.41
N ILE A 1035 -11.84 -45.48 85.30
CA ILE A 1035 -10.65 -44.70 84.97
C ILE A 1035 -9.39 -45.54 84.83
N GLN A 1036 -9.42 -46.80 85.26
CA GLN A 1036 -8.22 -47.63 85.27
C GLN A 1036 -7.64 -47.79 83.86
N ALA A 1037 -8.41 -48.40 82.97
CA ALA A 1037 -7.95 -48.61 81.60
C ALA A 1037 -9.04 -48.33 80.56
N LYS A 1038 -10.30 -48.37 80.95
CA LYS A 1038 -11.42 -48.23 80.03
C LYS A 1038 -11.89 -46.79 79.84
N LYS A 1039 -11.19 -45.82 80.44
CA LYS A 1039 -11.57 -44.44 80.24
C LYS A 1039 -10.43 -43.58 79.72
N LEU A 1040 -9.20 -43.83 80.17
CA LEU A 1040 -8.05 -43.04 79.78
C LEU A 1040 -7.12 -43.84 78.88
N LEU A 1041 -6.60 -43.18 77.85
CA LEU A 1041 -5.60 -43.70 76.93
C LEU A 1041 -6.08 -44.90 76.12
N GLN A 1042 -7.38 -45.17 76.11
CA GLN A 1042 -7.92 -46.23 75.25
C GLN A 1042 -9.18 -45.83 74.49
N ASP A 1043 -9.93 -44.84 74.94
CA ASP A 1043 -11.17 -44.41 74.31
C ASP A 1043 -11.09 -42.94 73.91
N ILE A 1044 -9.98 -42.55 73.30
CA ILE A 1044 -9.70 -41.15 73.03
C ILE A 1044 -10.56 -40.67 71.87
N SER A 1045 -11.37 -39.64 72.11
CA SER A 1045 -12.11 -38.93 71.08
C SER A 1045 -13.08 -39.81 70.31
N GLU A 1046 -13.40 -40.99 70.85
CA GLU A 1046 -14.30 -41.96 70.23
C GLU A 1046 -13.85 -42.39 68.85
N ALA A 1047 -12.60 -42.08 68.47
CA ALA A 1047 -12.04 -42.53 67.21
C ALA A 1047 -11.31 -43.86 67.35
N ARG A 1048 -10.56 -44.03 68.43
CA ARG A 1048 -9.95 -45.33 68.72
C ARG A 1048 -11.02 -46.35 69.06
N CYS A 1049 -12.12 -45.91 69.67
CA CYS A 1049 -13.29 -46.77 69.80
C CYS A 1049 -13.82 -47.19 68.43
N LYS A 1050 -13.86 -46.24 67.48
CA LYS A 1050 -14.19 -46.62 66.11
C LYS A 1050 -13.05 -47.40 65.47
N GLY A 1051 -11.82 -47.21 65.94
CA GLY A 1051 -10.73 -48.05 65.49
C GLY A 1051 -10.98 -49.51 65.79
N LEU A 1052 -11.51 -49.80 66.98
CA LEU A 1052 -11.92 -51.16 67.30
C LEU A 1052 -13.23 -51.55 66.61
N GLN A 1053 -14.12 -50.58 66.39
CA GLN A 1053 -15.34 -50.85 65.62
C GLN A 1053 -15.00 -51.32 64.21
N ALA A 1054 -13.84 -50.92 63.70
CA ALA A 1054 -13.38 -51.44 62.42
C ALA A 1054 -13.16 -52.94 62.47
N LEU A 1055 -12.50 -53.42 63.53
CA LEU A 1055 -12.28 -54.85 63.74
C LEU A 1055 -13.48 -55.53 64.38
N SER A 1056 -14.57 -54.80 64.57
CA SER A 1056 -15.83 -55.31 65.08
C SER A 1056 -16.55 -56.13 64.02
N LEU A 1057 -17.87 -56.27 64.14
CA LEU A 1057 -18.68 -57.38 63.65
C LEU A 1057 -18.17 -58.06 62.38
N ARG A 1058 -17.72 -57.28 61.38
CA ARG A 1058 -17.12 -57.89 60.20
C ARG A 1058 -16.03 -58.87 60.60
N LYS A 1059 -16.26 -60.16 60.34
CA LYS A 1059 -15.44 -61.23 60.89
C LYS A 1059 -14.77 -62.10 59.83
N GLU A 1060 -15.44 -62.33 58.70
CA GLU A 1060 -14.89 -63.23 57.68
C GLU A 1060 -13.55 -62.73 57.17
N PHE A 1061 -13.35 -61.41 57.15
CA PHE A 1061 -12.06 -60.87 56.71
C PHE A 1061 -10.95 -61.31 57.66
N ILE A 1062 -11.21 -61.32 58.97
CA ILE A 1062 -10.20 -61.76 59.93
C ILE A 1062 -9.85 -63.22 59.69
N CYS A 1063 -10.86 -64.06 59.49
CA CYS A 1063 -10.62 -65.48 59.23
C CYS A 1063 -9.79 -65.67 57.97
N TRP A 1064 -10.12 -64.94 56.91
CA TRP A 1064 -9.36 -65.09 55.66
C TRP A 1064 -7.94 -64.57 55.81
N VAL A 1065 -7.76 -63.43 56.49
CA VAL A 1065 -6.42 -62.87 56.63
C VAL A 1065 -5.56 -63.72 57.56
N ARG A 1066 -6.19 -64.53 58.42
CA ARG A 1066 -5.41 -65.48 59.21
C ARG A 1066 -5.10 -66.75 58.42
N GLU A 1067 -6.06 -67.23 57.63
CA GLU A 1067 -5.88 -68.48 56.90
C GLU A 1067 -4.92 -68.33 55.73
N ALA A 1068 -5.06 -67.29 54.93
CA ALA A 1068 -4.24 -67.11 53.73
C ALA A 1068 -2.93 -66.37 53.98
N LEU A 1069 -2.88 -65.51 54.99
CA LEU A 1069 -1.68 -64.79 55.35
C LEU A 1069 -1.23 -65.27 56.73
N GLY A 1070 -0.05 -65.88 56.79
CA GLY A 1070 0.43 -66.45 58.03
C GLY A 1070 1.15 -65.44 58.91
N GLY A 1071 2.08 -64.69 58.34
CA GLY A 1071 2.87 -63.74 59.11
C GLY A 1071 2.99 -62.42 58.38
N ILE A 1072 3.63 -61.46 59.06
CA ILE A 1072 3.82 -60.14 58.49
C ILE A 1072 4.75 -60.20 57.28
N ASN A 1073 5.78 -61.06 57.35
CA ASN A 1073 6.73 -61.17 56.24
C ASN A 1073 6.07 -61.61 54.94
N GLU A 1074 4.90 -62.25 55.01
CA GLU A 1074 4.17 -62.64 53.83
C GLU A 1074 3.39 -61.49 53.20
N LEU A 1075 3.23 -60.38 53.92
CA LEU A 1075 2.46 -59.26 53.40
C LEU A 1075 3.12 -58.67 52.15
N LYS A 1076 4.44 -58.54 52.16
CA LYS A 1076 5.14 -57.99 51.01
C LYS A 1076 4.95 -58.88 49.78
N VAL A 1077 5.06 -60.20 49.96
CA VAL A 1077 4.85 -61.12 48.85
C VAL A 1077 3.41 -61.02 48.35
N PHE A 1078 2.45 -60.95 49.26
CA PHE A 1078 1.06 -60.89 48.85
C PHE A 1078 0.75 -59.62 48.08
N VAL A 1079 1.26 -58.47 48.54
CA VAL A 1079 0.98 -57.22 47.84
C VAL A 1079 1.71 -57.18 46.51
N ASP A 1080 2.91 -57.76 46.43
CA ASP A 1080 3.62 -57.84 45.15
C ASP A 1080 2.84 -58.69 44.16
N LEU A 1081 2.26 -59.79 44.63
CA LEU A 1081 1.45 -60.62 43.76
C LEU A 1081 0.16 -59.93 43.35
N ALA A 1082 -0.46 -59.17 44.26
CA ALA A 1082 -1.74 -58.55 43.99
C ALA A 1082 -1.62 -57.32 43.09
N SER A 1083 -0.49 -56.62 43.15
CA SER A 1083 -0.34 -55.41 42.34
C SER A 1083 -0.39 -55.71 40.85
N ILE A 1084 0.22 -56.82 40.43
CA ILE A 1084 0.27 -57.16 39.01
C ILE A 1084 -1.09 -57.56 38.46
N SER A 1085 -2.04 -57.89 39.33
CA SER A 1085 -3.37 -58.33 38.90
C SER A 1085 -4.49 -57.37 39.26
N ALA A 1086 -4.19 -56.32 40.04
CA ALA A 1086 -5.24 -55.38 40.45
C ALA A 1086 -5.82 -54.63 39.26
N GLY A 1087 -4.96 -54.18 38.34
CA GLY A 1087 -5.42 -53.39 37.21
C GLY A 1087 -5.17 -51.91 37.40
N GLU A 1088 -4.36 -51.31 36.53
CA GLU A 1088 -3.91 -49.94 36.70
C GLU A 1088 -5.01 -48.98 36.26
N ASN A 1089 -5.78 -48.49 37.24
CA ASN A 1089 -6.88 -47.58 36.93
C ASN A 1089 -7.04 -46.46 37.96
N ASP A 1090 -6.12 -46.33 38.92
CA ASP A 1090 -6.09 -45.28 39.94
C ASP A 1090 -7.19 -45.46 40.99
N ILE A 1091 -8.10 -46.41 40.75
CA ILE A 1091 -9.02 -46.84 41.79
C ILE A 1091 -8.89 -48.32 42.11
N ASP A 1092 -8.43 -49.14 41.17
CA ASP A 1092 -8.17 -50.55 41.41
C ASP A 1092 -6.76 -50.80 41.92
N VAL A 1093 -5.89 -49.79 41.92
CA VAL A 1093 -4.53 -49.94 42.44
C VAL A 1093 -4.38 -49.38 43.85
N ASP A 1094 -5.34 -48.61 44.34
CA ASP A 1094 -5.33 -48.21 45.74
C ASP A 1094 -5.88 -49.29 46.66
N ARG A 1095 -6.55 -50.30 46.09
CA ARG A 1095 -7.04 -51.42 46.89
C ARG A 1095 -5.93 -52.32 47.39
N VAL A 1096 -4.78 -52.34 46.73
CA VAL A 1096 -3.64 -53.13 47.19
C VAL A 1096 -2.73 -52.33 48.11
N ALA A 1097 -2.97 -51.02 48.25
CA ALA A 1097 -2.28 -50.21 49.25
C ALA A 1097 -3.09 -50.02 50.52
N CYS A 1098 -4.42 -49.89 50.38
CA CYS A 1098 -5.27 -49.86 51.57
C CYS A 1098 -5.17 -51.16 52.34
N PHE A 1099 -5.15 -52.30 51.63
CA PHE A 1099 -4.96 -53.59 52.29
C PHE A 1099 -3.60 -53.65 52.99
N HIS A 1100 -2.55 -53.20 52.30
CA HIS A 1100 -1.21 -53.25 52.86
C HIS A 1100 -1.08 -52.39 54.10
N ASP A 1101 -1.73 -51.24 54.14
CA ASP A 1101 -1.71 -50.38 55.33
C ASP A 1101 -2.60 -50.93 56.44
N ALA A 1102 -3.81 -51.40 56.12
CA ALA A 1102 -4.73 -51.86 57.14
C ALA A 1102 -4.29 -53.18 57.78
N VAL A 1103 -3.53 -54.00 57.07
CA VAL A 1103 -3.03 -55.23 57.66
C VAL A 1103 -1.75 -54.97 58.47
N GLN A 1104 -0.85 -54.16 57.93
CA GLN A 1104 0.38 -53.84 58.66
C GLN A 1104 0.11 -52.95 59.87
N GLY A 1105 -1.02 -52.26 59.91
CA GLY A 1105 -1.37 -51.47 61.07
C GLY A 1105 -2.16 -52.24 62.11
N TYR A 1106 -2.59 -53.45 61.75
CA TYR A 1106 -3.35 -54.32 62.64
C TYR A 1106 -2.58 -55.59 62.99
N ALA A 1107 -1.25 -55.57 62.89
CA ALA A 1107 -0.46 -56.75 63.18
C ALA A 1107 -0.61 -57.19 64.62
N SER A 1108 -0.86 -56.25 65.53
CA SER A 1108 -0.99 -56.59 66.94
C SER A 1108 -2.19 -57.49 67.19
N LEU A 1109 -3.31 -57.22 66.52
CA LEU A 1109 -4.57 -57.90 66.81
C LEU A 1109 -4.89 -59.02 65.81
N LEU A 1110 -4.21 -59.09 64.68
CA LEU A 1110 -4.57 -60.04 63.62
C LEU A 1110 -3.77 -61.33 63.71
N PHE A 1111 -2.45 -61.25 63.62
CA PHE A 1111 -1.63 -62.46 63.46
C PHE A 1111 -1.23 -63.06 64.79
N LYS A 1112 -0.48 -62.31 65.61
CA LYS A 1112 0.10 -62.83 66.83
C LYS A 1112 -0.72 -62.32 68.03
N LEU A 1113 -1.77 -63.08 68.35
CA LEU A 1113 -2.61 -62.80 69.51
C LEU A 1113 -3.16 -64.14 70.02
N ASP A 1114 -2.50 -64.69 71.03
CA ASP A 1114 -2.95 -65.95 71.59
C ASP A 1114 -4.25 -65.75 72.35
N PRO A 1115 -5.29 -66.55 72.06
CA PRO A 1115 -6.57 -66.35 72.76
C PRO A 1115 -6.54 -66.83 74.20
N SER A 1116 -5.67 -66.24 75.01
CA SER A 1116 -5.59 -66.57 76.42
C SER A 1116 -5.33 -65.37 77.32
N VAL A 1117 -5.29 -64.15 76.77
CA VAL A 1117 -4.94 -62.98 77.56
C VAL A 1117 -6.14 -62.55 78.40
N ASP A 1118 -5.85 -61.83 79.48
CA ASP A 1118 -6.86 -61.27 80.36
C ASP A 1118 -7.15 -59.83 79.96
N PHE A 1119 -8.01 -59.17 80.74
CA PHE A 1119 -8.41 -57.80 80.43
C PHE A 1119 -7.22 -56.86 80.47
N SER A 1120 -6.40 -56.95 81.52
CA SER A 1120 -5.24 -56.08 81.65
C SER A 1120 -4.24 -56.32 80.53
N ALA A 1121 -3.98 -57.59 80.22
CA ALA A 1121 -3.07 -57.91 79.11
C ALA A 1121 -3.60 -57.39 77.78
N PHE A 1122 -4.92 -57.53 77.56
CA PHE A 1122 -5.50 -57.06 76.31
C PHE A 1122 -5.41 -55.53 76.19
N MET A 1123 -5.67 -54.83 77.30
CA MET A 1123 -5.57 -53.38 77.27
C MET A 1123 -4.14 -52.90 77.11
N LYS A 1124 -3.16 -53.62 77.67
CA LYS A 1124 -1.76 -53.28 77.43
C LYS A 1124 -1.34 -53.58 75.99
N HIS A 1125 -1.91 -54.63 75.39
CA HIS A 1125 -1.59 -54.96 74.01
C HIS A 1125 -2.22 -53.97 73.04
N LEU A 1126 -3.40 -53.44 73.36
CA LEU A 1126 -4.03 -52.46 72.49
C LEU A 1126 -3.20 -51.19 72.36
N LYS A 1127 -2.32 -50.91 73.33
CA LYS A 1127 -1.40 -49.78 73.19
C LYS A 1127 -0.19 -50.20 72.36
N LYS A 1128 -0.46 -50.90 71.25
CA LYS A 1128 0.50 -51.13 70.19
C LYS A 1128 -0.19 -50.75 68.89
N LEU A 1129 -1.51 -50.93 68.88
CA LEU A 1129 -2.36 -50.36 67.83
C LEU A 1129 -2.60 -48.88 68.06
N TRP A 1130 -2.67 -48.46 69.32
CA TRP A 1130 -2.88 -47.03 69.60
C TRP A 1130 -1.69 -46.19 69.19
N LYS A 1131 -0.48 -46.74 69.18
CA LYS A 1131 0.70 -46.00 68.76
C LYS A 1131 0.90 -46.01 67.25
N ALA A 1132 0.06 -46.74 66.52
CA ALA A 1132 0.06 -46.68 65.06
C ALA A 1132 -1.18 -46.00 64.50
N LEU A 1133 -2.26 -45.90 65.29
CA LEU A 1133 -3.46 -45.20 64.87
C LEU A 1133 -3.29 -43.69 64.81
N ASP A 1134 -2.19 -43.17 65.33
CA ASP A 1134 -1.90 -41.73 65.25
C ASP A 1134 -1.03 -41.36 64.06
N LYS A 1135 -0.19 -42.27 63.59
CA LYS A 1135 0.61 -42.01 62.39
C LYS A 1135 -0.29 -41.80 61.18
N ASP A 1136 -1.31 -42.62 61.03
CA ASP A 1136 -2.31 -42.47 59.98
C ASP A 1136 -3.69 -42.68 60.60
N GLN A 1137 -4.54 -41.67 60.51
CA GLN A 1137 -5.85 -41.70 61.16
C GLN A 1137 -6.92 -42.38 60.32
N TYR A 1138 -6.57 -42.89 59.14
CA TYR A 1138 -7.52 -43.52 58.25
C TYR A 1138 -7.42 -45.04 58.26
N LEU A 1139 -6.75 -45.60 59.27
CA LEU A 1139 -6.67 -47.05 59.38
C LEU A 1139 -8.03 -47.73 59.51
N PRO A 1140 -8.96 -47.28 60.38
CA PRO A 1140 -10.27 -47.94 60.40
C PRO A 1140 -11.01 -47.89 59.08
N ARG A 1141 -10.96 -46.76 58.38
CA ARG A 1141 -11.58 -46.68 57.06
C ARG A 1141 -10.87 -47.56 56.05
N LYS A 1142 -9.55 -47.65 56.12
CA LYS A 1142 -8.82 -48.55 55.23
C LYS A 1142 -9.23 -50.00 55.44
N LEU A 1143 -9.36 -50.42 56.70
CA LEU A 1143 -9.80 -51.78 56.97
C LEU A 1143 -11.25 -52.00 56.51
N CYS A 1144 -12.14 -51.04 56.78
CA CYS A 1144 -13.52 -51.17 56.34
C CYS A 1144 -13.65 -51.22 54.82
N ASP A 1145 -12.77 -50.52 54.09
CA ASP A 1145 -12.78 -50.59 52.64
C ASP A 1145 -12.15 -51.88 52.11
N SER A 1146 -11.16 -52.43 52.81
CA SER A 1146 -10.60 -53.72 52.43
C SER A 1146 -11.51 -54.88 52.80
N ALA A 1147 -12.45 -54.68 53.73
CA ALA A 1147 -13.36 -55.73 54.13
C ALA A 1147 -14.43 -56.00 53.08
N ARG A 1148 -15.01 -54.95 52.51
CA ARG A 1148 -15.99 -55.13 51.44
C ARG A 1148 -15.37 -55.74 50.19
N ASN A 1149 -14.06 -55.54 50.00
CA ASN A 1149 -13.37 -56.16 48.88
C ASN A 1149 -12.93 -57.57 49.26
N LEU A 1150 -13.85 -58.38 49.75
CA LEU A 1150 -13.56 -59.74 50.15
C LEU A 1150 -13.84 -60.75 49.05
N GLU A 1151 -14.68 -60.40 48.08
CA GLU A 1151 -14.90 -61.26 46.92
C GLU A 1151 -13.80 -61.12 45.89
N TRP A 1152 -12.91 -60.15 46.05
CA TRP A 1152 -11.74 -60.00 45.19
C TRP A 1152 -10.44 -60.40 45.86
N LEU A 1153 -10.35 -60.27 47.18
CA LEU A 1153 -9.12 -60.64 47.88
C LEU A 1153 -8.85 -62.14 47.76
N LYS A 1154 -9.89 -62.96 47.63
CA LYS A 1154 -9.71 -64.38 47.38
C LYS A 1154 -9.57 -64.66 45.89
N THR A 1155 -8.70 -63.90 45.24
CA THR A 1155 -8.39 -64.09 43.83
C THR A 1155 -6.90 -64.00 43.54
N VAL A 1156 -6.12 -63.32 44.38
CA VAL A 1156 -4.69 -63.14 44.13
C VAL A 1156 -3.98 -64.48 44.02
N ASN A 1157 -4.34 -65.42 44.89
CA ASN A 1157 -3.75 -66.76 44.84
C ASN A 1157 -4.15 -67.50 43.58
N LEU A 1168 -0.41 -50.21 29.71
CA LEU A 1168 0.88 -49.55 29.56
C LEU A 1168 1.89 -50.48 28.93
N THR A 1169 1.88 -51.76 29.33
CA THR A 1169 2.79 -52.73 28.73
C THR A 1169 2.50 -52.90 27.25
N LEU A 1170 1.23 -52.83 26.85
CA LEU A 1170 0.90 -52.84 25.43
C LEU A 1170 1.48 -51.62 24.73
N ALA A 1171 1.41 -50.46 25.37
CA ALA A 1171 2.02 -49.26 24.79
C ALA A 1171 3.53 -49.41 24.68
N THR A 1172 4.17 -50.00 25.69
CA THR A 1172 5.61 -50.24 25.62
C THR A 1172 5.95 -51.19 24.48
N ALA A 1173 5.15 -52.24 24.29
CA ALA A 1173 5.38 -53.16 23.18
C ALA A 1173 5.21 -52.46 21.84
N ILE A 1174 4.20 -51.61 21.71
CA ILE A 1174 3.99 -50.89 20.46
C ILE A 1174 5.16 -49.94 20.20
N ASN A 1175 5.65 -49.28 21.24
CA ASN A 1175 6.82 -48.42 21.07
C ASN A 1175 8.04 -49.21 20.65
N GLN A 1176 8.26 -50.38 21.26
CA GLN A 1176 9.43 -51.19 20.92
C GLN A 1176 9.30 -51.80 19.54
N ARG A 1177 8.12 -52.32 19.20
CA ARG A 1177 7.88 -52.95 17.90
C ARG A 1177 6.48 -52.53 17.45
N GLY A 1178 6.43 -51.53 16.58
CA GLY A 1178 5.15 -51.03 16.10
C GLY A 1178 5.18 -50.70 14.63
N ILE A 1179 4.24 -51.27 13.88
CA ILE A 1179 4.15 -51.07 12.44
C ILE A 1179 2.88 -50.30 12.15
N TYR A 1180 3.03 -49.10 11.60
CA TYR A 1180 1.92 -48.28 11.13
C TYR A 1180 1.91 -48.37 9.61
N VAL A 1181 0.85 -48.94 9.05
CA VAL A 1181 0.72 -49.07 7.60
C VAL A 1181 -0.27 -48.03 7.10
N ILE A 1182 0.12 -47.31 6.06
CA ILE A 1182 -0.72 -46.30 5.43
C ILE A 1182 -0.86 -46.67 3.97
N GLN A 1183 -2.08 -46.96 3.54
CA GLN A 1183 -2.34 -47.42 2.18
C GLN A 1183 -3.73 -46.98 1.77
N ALA A 1184 -3.96 -46.95 0.47
CA ALA A 1184 -5.31 -46.72 -0.03
C ALA A 1184 -6.22 -47.83 0.47
N PRO A 1185 -7.47 -47.53 0.83
CA PRO A 1185 -8.33 -48.56 1.42
C PRO A 1185 -8.54 -49.72 0.46
N LYS A 1186 -8.50 -50.93 1.01
CA LYS A 1186 -8.66 -52.13 0.22
C LYS A 1186 -10.14 -52.47 0.08
N GLY A 1187 -10.58 -52.64 -1.16
CA GLY A 1187 -11.97 -52.91 -1.43
C GLY A 1187 -12.65 -51.71 -2.07
N GLY A 1188 -13.85 -51.40 -1.61
CA GLY A 1188 -14.61 -50.28 -2.16
C GLY A 1188 -15.02 -49.26 -1.13
N GLN A 1189 -14.58 -49.44 0.11
CA GLN A 1189 -14.95 -48.51 1.17
C GLN A 1189 -14.31 -47.15 0.94
N LYS A 1190 -14.99 -46.10 1.39
CA LYS A 1190 -14.50 -44.73 1.21
C LYS A 1190 -13.21 -44.52 1.98
N ILE A 1191 -12.32 -43.72 1.39
CA ILE A 1191 -11.06 -43.40 2.03
C ILE A 1191 -11.31 -42.52 3.25
N SER A 1192 -10.76 -42.94 4.39
CA SER A 1192 -10.95 -42.24 5.65
C SER A 1192 -9.80 -42.62 6.59
N PRO A 1193 -9.51 -41.81 7.60
CA PRO A 1193 -8.43 -42.16 8.53
C PRO A 1193 -8.65 -43.50 9.22
N ASP A 1194 -9.90 -43.86 9.51
CA ASP A 1194 -10.19 -45.14 10.14
C ASP A 1194 -10.01 -46.32 9.19
N THR A 1195 -9.82 -46.07 7.89
CA THR A 1195 -9.72 -47.13 6.91
C THR A 1195 -8.35 -47.22 6.24
N VAL A 1196 -7.48 -46.22 6.41
CA VAL A 1196 -6.18 -46.20 5.76
C VAL A 1196 -5.05 -46.34 6.77
N LEU A 1197 -5.36 -46.61 8.04
CA LEU A 1197 -4.33 -46.67 9.07
C LEU A 1197 -4.59 -47.85 9.99
N HIS A 1198 -3.61 -48.73 10.09
CA HIS A 1198 -3.62 -49.85 11.03
C HIS A 1198 -2.41 -49.75 11.95
N LEU A 1199 -2.30 -50.73 12.84
CA LEU A 1199 -1.13 -50.86 13.72
C LEU A 1199 -0.85 -52.35 13.87
N ILE A 1200 0.25 -52.82 13.29
CA ILE A 1200 0.58 -54.24 13.26
C ILE A 1200 1.59 -54.49 14.38
N LEU A 1201 1.12 -54.92 15.54
CA LEU A 1201 2.01 -55.30 16.61
C LEU A 1201 2.59 -56.68 16.30
N PRO A 1202 3.91 -56.81 16.11
CA PRO A 1202 4.48 -58.07 15.64
C PRO A 1202 4.69 -59.09 16.75
N GLU A 1203 5.31 -60.21 16.40
CA GLU A 1203 5.58 -61.29 17.35
C GLU A 1203 6.77 -60.92 18.22
N SER A 1204 6.59 -61.04 19.53
CA SER A 1204 7.71 -60.82 20.44
C SER A 1204 8.75 -61.92 20.27
N PRO A 1205 10.04 -61.58 20.31
CA PRO A 1205 11.08 -62.61 20.16
C PRO A 1205 11.00 -63.65 21.27
N GLY A 1206 10.73 -64.89 20.86
CA GLY A 1206 10.61 -65.98 21.80
C GLY A 1206 9.23 -66.17 22.41
N SER A 1207 8.23 -65.45 21.93
CA SER A 1207 6.87 -65.58 22.44
C SER A 1207 6.00 -66.31 21.42
N HIS A 1208 4.69 -66.40 21.72
CA HIS A 1208 3.78 -67.21 20.92
C HIS A 1208 2.45 -66.53 20.62
N GLU A 1209 2.38 -65.21 20.63
CA GLU A 1209 1.13 -64.51 20.36
C GLU A 1209 0.85 -64.51 18.85
N GLU A 1210 -0.10 -63.70 18.41
CA GLU A 1210 -0.57 -63.72 17.04
C GLU A 1210 -0.17 -62.50 16.23
N SER A 1211 0.69 -61.63 16.77
CA SER A 1211 1.14 -60.41 16.09
C SER A 1211 -0.06 -59.57 15.65
N ARG A 1212 -0.74 -59.05 16.67
CA ARG A 1212 -2.10 -58.54 16.52
C ARG A 1212 -2.15 -57.34 15.58
N GLU A 1213 -3.34 -57.08 15.04
CA GLU A 1213 -3.62 -55.90 14.22
C GLU A 1213 -4.67 -55.05 14.93
N TYR A 1214 -4.37 -53.76 15.08
CA TYR A 1214 -5.26 -52.82 15.75
C TYR A 1214 -5.72 -51.76 14.75
N SER A 1215 -7.02 -51.50 14.72
CA SER A 1215 -7.55 -50.44 13.87
C SER A 1215 -7.27 -49.08 14.51
N LEU A 1216 -7.66 -48.02 13.82
CA LEU A 1216 -7.45 -46.68 14.35
C LEU A 1216 -8.26 -46.44 15.62
N GLU A 1217 -9.49 -46.94 15.66
CA GLU A 1217 -10.33 -46.75 16.84
C GLU A 1217 -9.75 -47.47 18.06
N GLU A 1218 -9.21 -48.67 17.85
CA GLU A 1218 -8.62 -49.41 18.96
C GLU A 1218 -7.28 -48.85 19.40
N VAL A 1219 -6.69 -47.94 18.63
CA VAL A 1219 -5.53 -47.18 19.09
C VAL A 1219 -5.95 -45.90 19.79
N LYS A 1220 -7.02 -45.26 19.30
CA LYS A 1220 -7.54 -44.08 19.99
C LYS A 1220 -8.05 -44.43 21.39
N GLU A 1221 -8.77 -45.55 21.50
CA GLU A 1221 -9.23 -45.97 22.82
C GLU A 1221 -8.07 -46.38 23.73
N LEU A 1222 -7.00 -46.96 23.16
CA LEU A 1222 -5.82 -47.24 23.96
C LEU A 1222 -5.16 -45.96 24.44
N LEU A 1223 -5.13 -44.93 23.58
CA LEU A 1223 -4.59 -43.64 24.00
C LEU A 1223 -5.41 -43.04 25.12
N ASN A 1224 -6.74 -43.13 25.02
CA ASN A 1224 -7.59 -42.64 26.10
C ASN A 1224 -7.32 -43.39 27.40
N LYS A 1225 -7.24 -44.71 27.32
CA LYS A 1225 -6.91 -45.50 28.50
C LYS A 1225 -5.58 -45.06 29.10
N LEU A 1226 -4.56 -44.91 28.25
CA LEU A 1226 -3.23 -44.51 28.71
C LEU A 1226 -3.28 -43.16 29.39
N MET A 1227 -4.02 -42.21 28.82
CA MET A 1227 -4.12 -40.90 29.41
C MET A 1227 -4.83 -40.94 30.76
N LEU A 1228 -5.73 -41.90 30.95
CA LEU A 1228 -6.51 -41.95 32.18
C LEU A 1228 -6.04 -43.00 33.18
N MET A 1229 -4.94 -43.72 32.91
CA MET A 1229 -4.42 -44.70 33.86
C MET A 1229 -3.10 -44.25 34.49
N SER A 1230 -2.90 -42.94 34.62
CA SER A 1230 -1.61 -42.34 34.93
C SER A 1230 -0.78 -43.12 35.94
N GLY A 1231 -1.43 -43.68 36.96
CA GLY A 1231 -0.77 -44.62 37.86
C GLY A 1231 0.02 -43.93 38.95
N LYS A 1232 0.78 -44.76 39.67
CA LYS A 1232 1.52 -44.32 40.84
C LYS A 1232 2.90 -43.78 40.53
N LYS A 1233 3.37 -43.91 39.28
CA LYS A 1233 4.74 -43.54 38.95
C LYS A 1233 4.80 -42.51 37.83
N ASP A 1234 4.00 -41.45 37.95
CA ASP A 1234 3.99 -40.39 36.93
C ASP A 1234 5.18 -39.47 37.09
N ARG A 1235 6.39 -40.03 36.97
CA ARG A 1235 7.62 -39.26 37.07
C ARG A 1235 8.60 -39.52 35.94
N ASN A 1236 8.37 -40.57 35.13
CA ASN A 1236 9.22 -40.89 34.00
C ASN A 1236 8.37 -41.25 32.79
N ASN A 1237 7.32 -40.46 32.54
CA ASN A 1237 6.33 -40.75 31.51
C ASN A 1237 6.97 -40.52 30.14
N THR A 1238 7.80 -41.47 29.73
CA THR A 1238 8.42 -41.47 28.40
C THR A 1238 7.76 -42.46 27.45
N GLU A 1239 7.42 -43.65 27.93
CA GLU A 1239 6.74 -44.64 27.11
C GLU A 1239 5.36 -44.19 26.68
N VAL A 1240 4.77 -43.21 27.35
CA VAL A 1240 3.48 -42.65 26.93
C VAL A 1240 3.68 -41.47 25.99
N GLU A 1241 4.65 -40.60 26.30
CA GLU A 1241 4.93 -39.45 25.45
C GLU A 1241 5.38 -39.88 24.07
N ARG A 1242 6.26 -40.89 24.00
CA ARG A 1242 6.73 -41.37 22.69
C ARG A 1242 5.58 -41.96 21.88
N PHE A 1243 4.71 -42.75 22.53
CA PHE A 1243 3.58 -43.33 21.84
C PHE A 1243 2.64 -42.25 21.32
N SER A 1244 2.34 -41.26 22.15
CA SER A 1244 1.45 -40.18 21.73
C SER A 1244 2.06 -39.33 20.61
N GLU A 1245 3.38 -39.17 20.61
CA GLU A 1245 4.04 -38.41 19.55
C GLU A 1245 4.01 -39.17 18.23
N VAL A 1246 4.35 -40.46 18.26
CA VAL A 1246 4.36 -41.26 17.04
C VAL A 1246 2.94 -41.38 16.48
N PHE A 1247 1.94 -41.52 17.35
CA PHE A 1247 0.57 -41.62 16.88
C PHE A 1247 0.16 -40.34 16.16
N CYS A 1248 0.51 -39.17 16.72
CA CYS A 1248 0.18 -37.90 16.08
C CYS A 1248 0.88 -37.78 14.73
N SER A 1249 2.16 -38.15 14.67
CA SER A 1249 2.89 -38.05 13.40
C SER A 1249 2.27 -38.95 12.34
N VAL A 1250 1.94 -40.19 12.72
CA VAL A 1250 1.37 -41.13 11.76
C VAL A 1250 -0.02 -40.68 11.31
N GLN A 1251 -0.82 -40.12 12.23
CA GLN A 1251 -2.12 -39.60 11.86
C GLN A 1251 -2.00 -38.42 10.91
N ARG A 1252 -1.00 -37.55 11.14
CA ARG A 1252 -0.75 -36.43 10.23
C ARG A 1252 -0.39 -36.94 8.84
N LEU A 1253 0.46 -37.97 8.77
CA LEU A 1253 0.81 -38.56 7.48
C LEU A 1253 -0.42 -39.16 6.81
N SER A 1254 -1.26 -39.84 7.57
CA SER A 1254 -2.46 -40.45 7.00
C SER A 1254 -3.41 -39.39 6.44
N GLN A 1255 -3.58 -38.29 7.17
CA GLN A 1255 -4.43 -37.21 6.66
C GLN A 1255 -3.83 -36.57 5.40
N ALA A 1256 -2.51 -36.37 5.39
CA ALA A 1256 -1.87 -35.83 4.20
C ALA A 1256 -2.02 -36.74 3.00
N PHE A 1257 -2.09 -38.05 3.21
CA PHE A 1257 -2.35 -38.97 2.11
C PHE A 1257 -3.82 -38.97 1.70
N ILE A 1258 -4.73 -38.92 2.67
CA ILE A 1258 -6.16 -38.95 2.36
C ILE A 1258 -6.57 -37.74 1.55
N ASP A 1259 -6.12 -36.56 1.97
CA ASP A 1259 -6.46 -35.34 1.24
C ASP A 1259 -5.83 -35.33 -0.16
N LEU A 1260 -4.63 -35.89 -0.31
CA LEU A 1260 -4.03 -35.99 -1.64
C LEU A 1260 -4.81 -36.96 -2.52
N HIS A 1261 -5.28 -38.08 -1.96
CA HIS A 1261 -6.10 -39.01 -2.73
C HIS A 1261 -7.40 -38.34 -3.17
N SER A 1262 -8.01 -37.57 -2.28
CA SER A 1262 -9.20 -36.82 -2.65
C SER A 1262 -8.91 -35.70 -3.64
N ALA A 1263 -7.66 -35.23 -3.72
CA ALA A 1263 -7.32 -34.18 -4.67
C ALA A 1263 -7.36 -34.67 -6.11
N GLY A 1264 -6.98 -35.93 -6.35
CA GLY A 1264 -7.01 -36.49 -7.69
C GLY A 1264 -5.67 -37.03 -8.18
N ASN A 1265 -4.72 -37.32 -7.31
CA ASN A 1265 -3.42 -37.80 -7.75
C ASN A 1265 -3.51 -39.24 -8.26
N MET A 1266 -2.59 -39.57 -9.18
CA MET A 1266 -2.45 -40.92 -9.72
C MET A 1266 -1.38 -41.74 -9.00
N LEU A 1267 -0.28 -41.10 -8.61
CA LEU A 1267 0.90 -41.81 -8.11
C LEU A 1267 0.67 -42.48 -6.76
N PHE A 1268 -0.20 -41.92 -5.91
CA PHE A 1268 -0.42 -42.49 -4.58
C PHE A 1268 -1.57 -43.48 -4.53
N ARG A 1269 -2.16 -43.85 -5.67
CA ARG A 1269 -3.32 -44.74 -5.65
C ARG A 1269 -2.99 -46.15 -5.19
N THR A 1270 -1.72 -46.55 -5.21
CA THR A 1270 -1.30 -47.86 -4.73
C THR A 1270 -0.18 -47.75 -3.70
N TRP A 1271 -0.02 -46.60 -3.07
CA TRP A 1271 1.08 -46.37 -2.15
C TRP A 1271 0.87 -47.15 -0.85
N ILE A 1272 1.96 -47.71 -0.33
CA ILE A 1272 1.98 -48.42 0.94
C ILE A 1272 3.18 -47.91 1.75
N ALA A 1273 2.91 -47.44 2.96
CA ALA A 1273 3.95 -46.97 3.87
C ALA A 1273 4.13 -47.96 5.01
N MET A 1274 5.27 -47.84 5.69
CA MET A 1274 5.60 -48.71 6.81
C MET A 1274 6.37 -47.87 7.81
N ALA A 1275 5.69 -47.39 8.84
CA ALA A 1275 6.30 -46.56 9.88
C ALA A 1275 6.65 -47.46 11.06
N TYR A 1276 7.92 -47.52 11.41
CA TYR A 1276 8.41 -48.34 12.51
C TYR A 1276 8.66 -47.45 13.72
N CYS A 1277 8.03 -47.77 14.84
CA CYS A 1277 8.22 -47.01 16.06
C CYS A 1277 9.64 -47.15 16.61
N SER A 1278 10.39 -48.15 16.16
CA SER A 1278 11.79 -48.32 16.54
C SER A 1278 12.51 -48.91 15.33
N PRO A 1279 13.79 -48.59 15.15
CA PRO A 1279 14.53 -49.14 13.99
C PRO A 1279 14.54 -50.66 14.01
N LYS A 1280 13.89 -51.25 13.01
CA LYS A 1280 13.83 -52.71 12.93
C LYS A 1280 15.20 -53.31 12.70
N GLN A 1281 15.91 -52.83 11.66
CA GLN A 1281 17.27 -53.31 11.37
C GLN A 1281 18.17 -52.16 10.92
N GLY A 1282 17.88 -50.93 11.35
CA GLY A 1282 18.42 -49.74 10.73
C GLY A 1282 17.45 -49.08 9.77
N VAL A 1283 16.23 -49.60 9.65
CA VAL A 1283 15.19 -49.02 8.82
C VAL A 1283 14.11 -48.45 9.73
N SER A 1284 13.83 -47.16 9.56
CA SER A 1284 12.79 -46.49 10.34
C SER A 1284 11.51 -46.25 9.56
N LEU A 1285 11.60 -46.06 8.25
CA LEU A 1285 10.45 -45.72 7.43
C LEU A 1285 10.61 -46.37 6.06
N GLN A 1286 9.57 -47.07 5.61
CA GLN A 1286 9.56 -47.74 4.32
C GLN A 1286 8.44 -47.17 3.46
N MET A 1287 8.72 -47.06 2.16
CA MET A 1287 7.88 -46.30 1.24
C MET A 1287 7.86 -47.04 -0.09
N ASP A 1288 6.75 -47.72 -0.40
CA ASP A 1288 6.63 -48.47 -1.65
C ASP A 1288 5.43 -47.95 -2.41
N PHE A 1289 5.56 -47.86 -3.74
CA PHE A 1289 4.50 -47.27 -4.54
C PHE A 1289 3.67 -48.29 -5.30
N GLY A 1290 4.10 -49.55 -5.32
CA GLY A 1290 3.38 -50.60 -6.01
C GLY A 1290 3.62 -50.67 -7.51
N LEU A 1291 4.47 -49.80 -8.05
CA LEU A 1291 4.76 -49.78 -9.48
C LEU A 1291 6.15 -50.36 -9.76
N ASP A 1292 6.31 -50.85 -10.99
CA ASP A 1292 7.56 -51.51 -11.38
C ASP A 1292 8.72 -50.53 -11.51
N LEU A 1293 8.49 -49.34 -12.07
CA LEU A 1293 9.58 -48.40 -12.28
C LEU A 1293 10.16 -47.90 -10.97
N VAL A 1294 9.29 -47.60 -9.99
CA VAL A 1294 9.72 -46.98 -8.75
C VAL A 1294 10.41 -48.01 -7.87
N THR A 1295 11.55 -47.64 -7.31
CA THR A 1295 12.24 -48.50 -6.36
C THR A 1295 11.73 -48.25 -4.95
N GLU A 1296 11.53 -49.33 -4.20
CA GLU A 1296 11.07 -49.21 -2.82
C GLU A 1296 12.13 -48.51 -1.97
N LEU A 1297 11.69 -47.54 -1.17
CA LEU A 1297 12.61 -46.74 -0.38
C LEU A 1297 12.54 -47.14 1.09
N LYS A 1298 13.68 -47.02 1.77
CA LYS A 1298 13.77 -47.33 3.18
C LYS A 1298 14.83 -46.46 3.82
N GLU A 1299 14.50 -45.86 4.97
CA GLU A 1299 15.40 -44.94 5.65
C GLU A 1299 15.40 -45.24 7.13
N GLY A 1300 16.50 -44.92 7.79
CA GLY A 1300 16.65 -45.16 9.21
C GLY A 1300 16.95 -43.88 9.97
N GLY A 1301 16.44 -43.81 11.18
CA GLY A 1301 16.64 -42.65 12.03
C GLY A 1301 15.48 -42.51 13.01
N ASP A 1302 15.29 -41.28 13.48
CA ASP A 1302 14.14 -40.98 14.34
C ASP A 1302 12.89 -40.92 13.47
N VAL A 1303 11.89 -41.73 13.81
CA VAL A 1303 10.71 -41.84 12.95
C VAL A 1303 9.94 -40.53 12.91
N THR A 1304 9.90 -39.80 14.03
CA THR A 1304 9.10 -38.58 14.09
C THR A 1304 9.63 -37.50 13.15
N GLU A 1305 10.95 -37.29 13.14
CA GLU A 1305 11.52 -36.27 12.26
C GLU A 1305 11.31 -36.62 10.80
N LEU A 1306 11.53 -37.90 10.45
CA LEU A 1306 11.31 -38.34 9.08
C LEU A 1306 9.85 -38.14 8.67
N LEU A 1307 8.92 -38.50 9.55
CA LEU A 1307 7.50 -38.34 9.22
C LEU A 1307 7.13 -36.86 9.08
N ALA A 1308 7.70 -36.00 9.92
CA ALA A 1308 7.40 -34.58 9.83
C ALA A 1308 7.88 -34.01 8.49
N ALA A 1309 9.14 -34.30 8.12
CA ALA A 1309 9.65 -33.81 6.84
C ALA A 1309 8.86 -34.41 5.68
N LEU A 1310 8.49 -35.68 5.80
CA LEU A 1310 7.74 -36.36 4.75
C LEU A 1310 6.38 -35.71 4.52
N CYS A 1311 5.67 -35.44 5.60
CA CYS A 1311 4.35 -34.82 5.49
C CYS A 1311 4.46 -33.38 4.99
N ARG A 1312 5.52 -32.68 5.40
CA ARG A 1312 5.76 -31.34 4.86
C ARG A 1312 5.95 -31.40 3.35
N GLN A 1313 6.71 -32.38 2.88
CA GLN A 1313 6.92 -32.53 1.44
C GLN A 1313 5.61 -32.83 0.71
N MET A 1314 4.78 -33.72 1.27
CA MET A 1314 3.50 -34.00 0.63
C MET A 1314 2.60 -32.77 0.62
N GLU A 1315 2.59 -31.97 1.68
CA GLU A 1315 1.75 -30.77 1.65
C GLU A 1315 2.24 -29.77 0.60
N HIS A 1316 3.56 -29.60 0.50
CA HIS A 1316 4.10 -28.74 -0.54
C HIS A 1316 3.70 -29.22 -1.92
N PHE A 1317 3.84 -30.52 -2.19
CA PHE A 1317 3.46 -31.01 -3.51
C PHE A 1317 1.95 -30.98 -3.67
N LEU A 1318 1.21 -31.00 -2.56
CA LEU A 1318 -0.25 -30.87 -2.64
C LEU A 1318 -0.63 -29.54 -3.25
N ASP A 1319 -0.07 -28.44 -2.71
CA ASP A 1319 -0.39 -27.15 -3.30
C ASP A 1319 0.14 -27.06 -4.72
N SER A 1320 1.34 -27.60 -4.98
CA SER A 1320 1.88 -27.58 -6.34
C SER A 1320 0.98 -28.35 -7.31
N TRP A 1321 0.47 -29.51 -6.89
CA TRP A 1321 -0.34 -30.35 -7.76
C TRP A 1321 -1.71 -29.74 -7.99
N LYS A 1322 -2.28 -29.08 -6.96
CA LYS A 1322 -3.53 -28.37 -7.17
C LYS A 1322 -3.34 -27.24 -8.17
N ARG A 1323 -2.22 -26.51 -8.08
CA ARG A 1323 -1.92 -25.49 -9.09
C ARG A 1323 -1.79 -26.11 -10.47
N PHE A 1324 -1.12 -27.26 -10.57
CA PHE A 1324 -0.94 -27.93 -11.86
C PHE A 1324 -2.28 -28.36 -12.44
N VAL A 1325 -3.17 -28.89 -11.60
CA VAL A 1325 -4.49 -29.30 -12.06
C VAL A 1325 -5.29 -28.09 -12.53
N THR A 1326 -5.19 -26.98 -11.81
CA THR A 1326 -5.86 -25.76 -12.26
C THR A 1326 -5.33 -25.30 -13.62
N GLN A 1327 -4.01 -25.34 -13.81
CA GLN A 1327 -3.42 -24.95 -15.08
C GLN A 1327 -3.88 -25.85 -16.22
N LYS A 1328 -3.87 -27.17 -16.00
CA LYS A 1328 -4.29 -28.09 -17.04
C LYS A 1328 -5.78 -28.03 -17.31
N ARG A 1329 -6.58 -27.64 -16.31
CA ARG A 1329 -8.00 -27.39 -16.55
C ARG A 1329 -8.19 -26.12 -17.37
N MET A 1330 -7.36 -25.10 -17.13
CA MET A 1330 -7.42 -23.88 -17.93
C MET A 1330 -7.03 -24.15 -19.38
N GLU A 1331 -6.00 -24.97 -19.60
CA GLU A 1331 -5.55 -25.23 -20.97
C GLU A 1331 -6.54 -26.12 -21.71
N HIS A 1332 -6.76 -27.34 -21.22
CA HIS A 1332 -7.71 -28.26 -21.81
C HIS A 1332 -9.10 -27.97 -21.25
N PHE A 1333 -9.98 -27.43 -22.10
CA PHE A 1333 -11.29 -27.00 -21.63
C PHE A 1333 -12.12 -28.17 -21.13
N TYR A 1334 -12.19 -29.25 -21.91
CA TYR A 1334 -13.13 -30.32 -21.60
C TYR A 1334 -12.81 -31.02 -20.29
N LEU A 1335 -11.60 -30.85 -19.76
CA LEU A 1335 -11.36 -31.26 -18.38
C LEU A 1335 -11.96 -30.25 -17.42
N ASN A 1336 -13.19 -29.85 -17.75
CA ASN A 1336 -14.06 -29.06 -16.90
C ASN A 1336 -15.44 -29.70 -16.83
N PHE A 1337 -15.71 -30.71 -17.64
CA PHE A 1337 -16.97 -31.45 -17.56
C PHE A 1337 -17.02 -32.41 -16.38
N TYR A 1338 -15.89 -32.69 -15.74
CA TYR A 1338 -15.79 -33.75 -14.76
C TYR A 1338 -14.98 -33.29 -13.56
N THR A 1339 -15.31 -33.84 -12.39
CA THR A 1339 -14.68 -33.47 -11.14
C THR A 1339 -13.28 -34.06 -11.06
N ALA A 1340 -12.60 -33.85 -9.94
CA ALA A 1340 -11.25 -34.38 -9.77
C ALA A 1340 -11.23 -35.90 -9.60
N GLU A 1341 -12.37 -36.50 -9.23
CA GLU A 1341 -12.48 -37.96 -9.13
C GLU A 1341 -13.06 -38.59 -10.39
N GLN A 1342 -13.97 -37.91 -11.06
CA GLN A 1342 -14.42 -38.38 -12.36
C GLN A 1342 -13.29 -38.39 -13.36
N LEU A 1343 -12.36 -37.43 -13.25
CA LEU A 1343 -11.17 -37.45 -14.08
C LEU A 1343 -10.33 -38.69 -13.82
N VAL A 1344 -10.18 -39.08 -12.54
CA VAL A 1344 -9.50 -40.32 -12.21
C VAL A 1344 -10.19 -41.51 -12.84
N TYR A 1345 -11.52 -41.58 -12.70
CA TYR A 1345 -12.28 -42.70 -13.23
C TYR A 1345 -12.12 -42.81 -14.74
N LEU A 1346 -12.19 -41.66 -15.44
CA LEU A 1346 -12.09 -41.69 -16.90
C LEU A 1346 -10.68 -42.01 -17.36
N SER A 1347 -9.67 -41.40 -16.73
CA SER A 1347 -8.29 -41.69 -17.10
C SER A 1347 -7.88 -43.13 -16.80
N THR A 1348 -8.58 -43.79 -15.87
CA THR A 1348 -8.35 -45.21 -15.64
C THR A 1348 -9.14 -46.11 -16.58
N GLU A 1349 -10.39 -45.75 -16.90
CA GLU A 1349 -11.26 -46.64 -17.66
C GLU A 1349 -11.11 -46.52 -19.16
N LEU A 1350 -10.80 -45.32 -19.67
CA LEU A 1350 -10.80 -45.11 -21.12
C LEU A 1350 -9.73 -45.96 -21.81
N ARG A 1351 -8.53 -46.02 -21.24
CA ARG A 1351 -7.46 -46.83 -21.84
C ARG A 1351 -7.78 -48.32 -21.77
N LYS A 1352 -8.64 -48.73 -20.85
CA LYS A 1352 -8.91 -50.14 -20.64
C LYS A 1352 -9.70 -50.72 -21.82
N GLN A 1353 -9.65 -52.05 -21.93
CA GLN A 1353 -10.54 -52.85 -22.77
C GLN A 1353 -11.97 -52.51 -22.37
N PRO A 1354 -12.99 -52.83 -23.19
CA PRO A 1354 -14.22 -52.02 -23.23
C PRO A 1354 -14.62 -51.48 -21.87
N PRO A 1355 -14.68 -50.16 -21.74
CA PRO A 1355 -14.89 -49.56 -20.42
C PRO A 1355 -16.28 -49.87 -19.88
N SER A 1356 -16.41 -49.77 -18.56
CA SER A 1356 -17.72 -49.98 -17.94
C SER A 1356 -18.73 -48.99 -18.51
N ASP A 1357 -19.97 -49.45 -18.66
CA ASP A 1357 -20.99 -48.61 -19.26
C ASP A 1357 -21.24 -47.33 -18.48
N ALA A 1358 -20.82 -47.30 -17.21
CA ALA A 1358 -20.81 -46.05 -16.46
C ALA A 1358 -19.92 -45.01 -17.11
N ALA A 1359 -18.73 -45.40 -17.57
CA ALA A 1359 -17.86 -44.48 -18.30
C ALA A 1359 -18.47 -44.01 -19.61
N LEU A 1360 -19.12 -44.90 -20.34
CA LEU A 1360 -19.80 -44.50 -21.57
C LEU A 1360 -20.91 -43.49 -21.29
N THR A 1361 -21.68 -43.72 -20.22
CA THR A 1361 -22.73 -42.77 -19.85
C THR A 1361 -22.13 -41.44 -19.43
N MET A 1362 -21.01 -41.47 -18.70
CA MET A 1362 -20.36 -40.23 -18.29
C MET A 1362 -19.86 -39.44 -19.49
N LEU A 1363 -19.31 -40.14 -20.48
CA LEU A 1363 -18.86 -39.48 -21.71
C LEU A 1363 -19.99 -39.20 -22.68
N SER A 1364 -21.19 -39.74 -22.43
CA SER A 1364 -22.32 -39.49 -23.31
C SER A 1364 -22.82 -38.04 -23.24
N PHE A 1365 -22.42 -37.29 -22.23
CA PHE A 1365 -22.80 -35.88 -22.12
C PHE A 1365 -22.03 -35.00 -23.10
N ILE A 1366 -20.81 -35.40 -23.48
CA ILE A 1366 -20.02 -34.66 -24.45
C ILE A 1366 -20.43 -35.10 -25.85
N LYS A 1367 -20.26 -36.39 -26.13
CA LYS A 1367 -20.66 -37.00 -27.39
C LYS A 1367 -21.84 -37.91 -27.12
N SER A 1368 -23.02 -37.54 -27.60
CA SER A 1368 -24.22 -38.31 -27.33
C SER A 1368 -24.10 -39.72 -27.92
N ASN A 1369 -24.61 -40.71 -27.17
CA ASN A 1369 -24.56 -42.11 -27.58
C ASN A 1369 -23.12 -42.56 -27.86
N CYS A 1370 -22.21 -42.16 -26.98
CA CYS A 1370 -20.80 -42.53 -27.14
C CYS A 1370 -20.63 -44.04 -27.07
N THR A 1371 -19.77 -44.58 -27.93
CA THR A 1371 -19.52 -46.01 -28.01
C THR A 1371 -18.02 -46.26 -28.04
N LEU A 1372 -17.65 -47.55 -28.10
CA LEU A 1372 -16.25 -47.94 -28.03
C LEU A 1372 -15.46 -47.42 -29.22
N ARG A 1373 -16.01 -47.59 -30.43
CA ARG A 1373 -15.30 -47.15 -31.63
C ARG A 1373 -15.11 -45.65 -31.64
N ASP A 1374 -16.06 -44.90 -31.09
CA ASP A 1374 -15.88 -43.45 -30.97
C ASP A 1374 -14.72 -43.13 -30.04
N VAL A 1375 -14.59 -43.86 -28.94
CA VAL A 1375 -13.48 -43.63 -28.01
C VAL A 1375 -12.15 -43.92 -28.70
N LEU A 1376 -12.07 -45.03 -29.42
CA LEU A 1376 -10.84 -45.35 -30.13
C LEU A 1376 -10.51 -44.29 -31.18
N ARG A 1377 -11.52 -43.87 -31.94
CA ARG A 1377 -11.31 -42.89 -33.00
C ARG A 1377 -10.89 -41.55 -32.44
N ALA A 1378 -11.36 -41.19 -31.24
CA ALA A 1378 -10.89 -39.99 -30.57
C ALA A 1378 -9.50 -40.16 -29.98
N SER A 1379 -9.12 -41.39 -29.65
CA SER A 1379 -7.83 -41.66 -29.02
C SER A 1379 -6.76 -42.11 -30.02
N VAL A 1380 -7.05 -42.06 -31.33
CA VAL A 1380 -6.04 -42.46 -32.32
C VAL A 1380 -4.79 -41.60 -32.20
N GLY A 1381 -4.97 -40.29 -32.02
CA GLY A 1381 -3.83 -39.38 -32.02
C GLY A 1381 -3.90 -38.30 -30.97
N CYS A 1382 -4.53 -38.60 -29.83
CA CYS A 1382 -4.67 -37.60 -28.77
C CYS A 1382 -3.34 -37.21 -28.15
N GLY A 1383 -2.32 -38.06 -28.23
CA GLY A 1383 -1.02 -37.79 -27.64
C GLY A 1383 -0.03 -37.25 -28.65
N SER A 1384 0.80 -36.33 -28.20
CA SER A 1384 1.85 -35.78 -29.06
C SER A 1384 3.01 -36.76 -29.18
N GLU A 1385 3.72 -36.69 -30.32
CA GLU A 1385 4.84 -37.59 -30.56
C GLU A 1385 6.08 -37.23 -29.74
N ALA A 1386 6.14 -36.01 -29.19
CA ALA A 1386 7.22 -35.67 -28.28
C ALA A 1386 6.97 -36.18 -26.87
N ALA A 1387 5.71 -36.41 -26.51
CA ALA A 1387 5.39 -36.89 -25.16
C ALA A 1387 5.96 -38.29 -24.92
N ARG A 1388 5.85 -39.17 -25.92
CA ARG A 1388 6.40 -40.51 -25.76
C ARG A 1388 7.91 -40.48 -25.64
N TYR A 1389 8.57 -39.64 -26.43
CA TYR A 1389 10.03 -39.51 -26.31
C TYR A 1389 10.41 -38.97 -24.94
N ARG A 1390 9.64 -38.00 -24.43
CA ARG A 1390 9.92 -37.47 -23.10
C ARG A 1390 9.75 -38.53 -22.02
N MET A 1391 8.69 -39.35 -22.11
CA MET A 1391 8.50 -40.35 -21.06
C MET A 1391 9.58 -41.42 -21.13
N ARG A 1392 10.02 -41.81 -22.34
CA ARG A 1392 11.14 -42.73 -22.42
C ARG A 1392 12.41 -42.10 -21.83
N ARG A 1393 12.66 -40.82 -22.13
CA ARG A 1393 13.84 -40.15 -21.60
C ARG A 1393 13.82 -40.17 -20.07
N VAL A 1394 12.69 -39.82 -19.47
CA VAL A 1394 12.60 -39.82 -18.02
C VAL A 1394 12.69 -41.25 -17.48
N MET A 1395 12.14 -42.22 -18.20
CA MET A 1395 12.18 -43.61 -17.73
C MET A 1395 13.61 -44.12 -17.64
N GLU A 1396 14.43 -43.82 -18.63
CA GLU A 1396 15.84 -44.21 -18.59
C GLU A 1396 16.71 -43.21 -17.84
N GLU A 1397 16.15 -42.09 -17.40
CA GLU A 1397 16.91 -41.13 -16.60
C GLU A 1397 16.68 -41.27 -15.10
N LEU A 1398 15.54 -41.84 -14.69
CA LEU A 1398 15.16 -41.83 -13.28
C LEU A 1398 16.14 -42.51 -12.33
N PRO A 1399 16.66 -43.71 -12.61
CA PRO A 1399 17.60 -44.32 -11.65
C PRO A 1399 18.81 -43.46 -11.36
N LEU A 1400 19.33 -42.74 -12.36
CA LEU A 1400 20.47 -41.86 -12.13
C LEU A 1400 20.11 -40.74 -11.16
N MET A 1401 18.93 -40.12 -11.34
CA MET A 1401 18.53 -39.06 -10.42
C MET A 1401 18.27 -39.61 -9.02
N LEU A 1402 17.72 -40.82 -8.92
CA LEU A 1402 17.53 -41.44 -7.61
C LEU A 1402 18.85 -41.68 -6.91
N LEU A 1403 19.85 -42.17 -7.65
CA LEU A 1403 21.17 -42.36 -7.07
C LEU A 1403 21.88 -41.03 -6.78
N SER A 1404 21.47 -39.95 -7.44
CA SER A 1404 22.12 -38.66 -7.22
C SER A 1404 21.84 -38.14 -5.82
N GLU A 1405 20.61 -38.31 -5.33
CA GLU A 1405 20.20 -37.79 -4.03
C GLU A 1405 20.28 -38.89 -2.98
N PHE A 1406 20.55 -38.50 -1.74
CA PHE A 1406 20.72 -39.48 -0.66
C PHE A 1406 19.46 -39.57 0.22
N SER A 1407 18.97 -38.43 0.70
CA SER A 1407 17.87 -38.45 1.65
C SER A 1407 16.58 -38.94 0.99
N LEU A 1408 15.75 -39.61 1.79
CA LEU A 1408 14.48 -40.12 1.27
C LEU A 1408 13.57 -38.99 0.81
N VAL A 1409 13.64 -37.82 1.46
CA VAL A 1409 12.80 -36.71 1.06
C VAL A 1409 13.20 -36.19 -0.32
N ASP A 1410 14.51 -36.12 -0.60
CA ASP A 1410 14.95 -35.66 -1.92
C ASP A 1410 14.59 -36.67 -3.00
N LYS A 1411 14.78 -37.96 -2.73
CA LYS A 1411 14.39 -38.98 -3.69
C LYS A 1411 12.90 -38.91 -3.96
N LEU A 1412 12.09 -38.77 -2.91
CA LEU A 1412 10.65 -38.65 -3.09
C LEU A 1412 10.29 -37.42 -3.91
N ARG A 1413 10.97 -36.30 -3.64
CA ARG A 1413 10.79 -35.11 -4.47
C ARG A 1413 11.03 -35.43 -5.94
N ILE A 1414 12.12 -36.14 -6.23
CA ILE A 1414 12.47 -36.42 -7.62
C ILE A 1414 11.40 -37.30 -8.27
N ILE A 1415 11.02 -38.39 -7.61
CA ILE A 1415 10.03 -39.30 -8.18
C ILE A 1415 8.71 -38.57 -8.41
N MET A 1416 8.27 -37.79 -7.43
CA MET A 1416 6.94 -37.20 -7.51
C MET A 1416 6.91 -36.02 -8.47
N GLU A 1417 8.02 -35.28 -8.60
CA GLU A 1417 8.11 -34.25 -9.63
C GLU A 1417 8.09 -34.87 -11.03
N GLN A 1418 8.82 -35.97 -11.22
CA GLN A 1418 8.76 -36.63 -12.53
C GLN A 1418 7.38 -37.17 -12.82
N SER A 1419 6.65 -37.61 -11.78
CA SER A 1419 5.26 -37.99 -11.97
C SER A 1419 4.42 -36.80 -12.40
N MET A 1420 4.65 -35.64 -11.76
CA MET A 1420 3.96 -34.42 -12.18
C MET A 1420 4.29 -34.03 -13.61
N ARG A 1421 5.46 -34.45 -14.12
CA ARG A 1421 5.87 -34.12 -15.47
C ARG A 1421 5.28 -35.08 -16.50
N CYS A 1422 5.59 -36.38 -16.37
CA CYS A 1422 5.30 -37.39 -17.38
C CYS A 1422 4.68 -38.62 -16.74
N LEU A 1423 3.62 -38.41 -15.95
CA LEU A 1423 2.89 -39.42 -15.18
C LEU A 1423 2.77 -40.78 -15.87
N PRO A 1424 2.43 -40.85 -17.17
CA PRO A 1424 2.33 -42.17 -17.82
C PRO A 1424 3.63 -42.96 -17.81
N ALA A 1425 4.79 -42.31 -17.63
CA ALA A 1425 6.05 -43.04 -17.58
C ALA A 1425 6.08 -44.00 -16.39
N PHE A 1426 5.56 -43.56 -15.24
CA PHE A 1426 5.57 -44.42 -14.06
C PHE A 1426 4.50 -45.50 -14.16
N LEU A 1427 3.24 -45.09 -14.22
CA LEU A 1427 2.11 -46.02 -14.28
C LEU A 1427 1.48 -45.90 -15.66
N PRO A 1428 1.61 -46.89 -16.54
CA PRO A 1428 1.31 -46.70 -17.95
C PRO A 1428 -0.10 -47.06 -18.40
N ASP A 1429 -0.96 -47.58 -17.53
CA ASP A 1429 -2.28 -47.99 -17.95
C ASP A 1429 -3.32 -46.90 -17.81
N CYS A 1430 -2.93 -45.71 -17.37
CA CYS A 1430 -3.84 -44.60 -17.16
C CYS A 1430 -3.44 -43.41 -18.02
N LEU A 1431 -4.43 -42.67 -18.50
CA LEU A 1431 -4.17 -41.49 -19.31
C LEU A 1431 -3.62 -40.36 -18.45
N ASP A 1432 -2.81 -39.50 -19.07
CA ASP A 1432 -2.40 -38.28 -18.43
C ASP A 1432 -3.51 -37.24 -18.52
N LEU A 1433 -3.36 -36.14 -17.78
CA LEU A 1433 -4.38 -35.10 -17.79
C LEU A 1433 -4.49 -34.46 -19.18
N GLU A 1434 -3.36 -34.05 -19.76
CA GLU A 1434 -3.39 -33.44 -21.08
C GLU A 1434 -3.86 -34.44 -22.14
N THR A 1435 -3.44 -35.70 -22.01
CA THR A 1435 -3.90 -36.73 -22.94
C THR A 1435 -5.40 -36.93 -22.83
N LEU A 1436 -5.94 -36.94 -21.61
CA LEU A 1436 -7.39 -37.07 -21.43
C LEU A 1436 -8.12 -35.87 -22.02
N GLY A 1437 -7.58 -34.67 -21.82
CA GLY A 1437 -8.20 -33.49 -22.40
C GLY A 1437 -8.22 -33.53 -23.92
N HIS A 1438 -7.11 -33.95 -24.53
CA HIS A 1438 -7.06 -34.09 -25.97
C HIS A 1438 -8.05 -35.15 -26.47
N CYS A 1439 -8.15 -36.26 -25.74
CA CYS A 1439 -9.10 -37.31 -26.12
C CYS A 1439 -10.53 -36.80 -26.06
N LEU A 1440 -10.87 -36.05 -25.00
CA LEU A 1440 -12.21 -35.49 -24.90
C LEU A 1440 -12.48 -34.47 -26.00
N ALA A 1441 -11.48 -33.63 -26.31
CA ALA A 1441 -11.65 -32.64 -27.37
C ALA A 1441 -11.88 -33.32 -28.72
N HIS A 1442 -11.12 -34.37 -29.01
CA HIS A 1442 -11.34 -35.12 -30.25
C HIS A 1442 -12.69 -35.79 -30.25
N LEU A 1443 -13.11 -36.36 -29.11
CA LEU A 1443 -14.45 -36.94 -29.02
C LEU A 1443 -15.53 -35.87 -29.14
N ALA A 1444 -15.24 -34.65 -28.70
CA ALA A 1444 -16.22 -33.57 -28.78
C ALA A 1444 -16.52 -33.19 -30.21
N GLY A 1445 -15.50 -33.14 -31.07
CA GLY A 1445 -15.71 -32.77 -32.45
C GLY A 1445 -16.61 -33.73 -33.21
N MET A 1446 -16.52 -35.02 -32.89
CA MET A 1446 -17.38 -36.02 -33.52
C MET A 1446 -18.82 -35.94 -33.07
N GLY A 1447 -19.13 -35.14 -32.05
CA GLY A 1447 -20.47 -35.02 -31.53
C GLY A 1447 -21.50 -34.56 -32.55
N GLY A 1448 -21.38 -33.33 -33.02
CA GLY A 1448 -22.32 -32.81 -34.00
C GLY A 1448 -22.28 -31.29 -34.02
N SER A 1449 -23.36 -30.72 -34.53
CA SER A 1449 -23.46 -29.27 -34.64
C SER A 1449 -23.63 -28.66 -33.25
N PRO A 1450 -22.77 -27.72 -32.86
CA PRO A 1450 -22.93 -27.09 -31.54
C PRO A 1450 -24.25 -26.35 -31.44
N VAL A 1451 -24.82 -26.35 -30.25
CA VAL A 1451 -26.05 -25.60 -29.99
C VAL A 1451 -25.72 -24.13 -29.86
N GLU A 1452 -26.62 -23.28 -30.37
CA GLU A 1452 -26.44 -21.83 -30.35
C GLU A 1452 -27.70 -21.19 -29.77
N ARG A 1453 -27.61 -20.77 -28.51
CA ARG A 1453 -28.71 -20.11 -27.83
C ARG A 1453 -28.29 -18.69 -27.45
N CYS A 1454 -29.25 -17.78 -27.45
CA CYS A 1454 -29.00 -16.38 -27.16
C CYS A 1454 -29.72 -15.99 -25.88
N LEU A 1455 -29.13 -15.03 -25.17
CA LEU A 1455 -29.67 -14.55 -23.89
C LEU A 1455 -31.00 -13.85 -24.12
N PRO A 1456 -31.90 -13.86 -23.13
CA PRO A 1456 -33.22 -13.24 -23.32
C PRO A 1456 -33.17 -11.73 -23.37
N ARG A 1457 -34.31 -11.11 -23.66
CA ARG A 1457 -34.38 -9.66 -23.74
C ARG A 1457 -34.07 -9.04 -22.38
N GLY A 1458 -33.25 -7.99 -22.38
CA GLY A 1458 -32.81 -7.35 -21.16
C GLY A 1458 -31.59 -7.98 -20.54
N LEU A 1459 -31.05 -9.05 -21.11
CA LEU A 1459 -29.85 -9.69 -20.61
C LEU A 1459 -28.71 -9.49 -21.61
N GLN A 1460 -27.57 -9.06 -21.12
CA GLN A 1460 -26.44 -8.66 -21.95
C GLN A 1460 -25.36 -9.73 -21.89
N VAL A 1461 -24.83 -10.12 -23.06
CA VAL A 1461 -23.74 -11.08 -23.09
C VAL A 1461 -22.47 -10.42 -22.58
N GLY A 1462 -21.55 -11.24 -22.09
CA GLY A 1462 -20.31 -10.73 -21.54
C GLY A 1462 -20.41 -10.08 -20.19
N GLN A 1463 -21.58 -10.16 -19.54
CA GLN A 1463 -21.79 -9.59 -18.23
C GLN A 1463 -22.61 -10.55 -17.38
N PRO A 1464 -22.29 -10.68 -16.07
CA PRO A 1464 -23.19 -11.59 -15.32
C PRO A 1464 -24.57 -10.99 -15.21
N ASN A 1465 -25.59 -11.84 -15.28
CA ASN A 1465 -26.94 -11.36 -15.18
C ASN A 1465 -27.56 -11.95 -13.93
N LEU A 1466 -28.13 -11.10 -13.08
CA LEU A 1466 -28.71 -11.58 -11.85
C LEU A 1466 -30.21 -11.40 -11.92
N VAL A 1467 -30.95 -12.49 -11.75
CA VAL A 1467 -32.40 -12.42 -11.76
C VAL A 1467 -32.88 -12.71 -10.36
N VAL A 1468 -33.64 -11.79 -9.79
CA VAL A 1468 -34.19 -12.01 -8.46
C VAL A 1468 -35.70 -12.16 -8.59
N CYS A 1469 -36.23 -13.28 -8.12
CA CYS A 1469 -37.66 -13.54 -8.22
C CYS A 1469 -38.10 -14.47 -7.12
N GLY A 1470 -39.40 -14.58 -6.89
CA GLY A 1470 -39.92 -15.43 -5.83
C GLY A 1470 -39.54 -16.88 -6.02
N HIS A 1471 -39.58 -17.63 -4.92
CA HIS A 1471 -39.21 -19.04 -4.94
C HIS A 1471 -40.01 -19.81 -5.98
N SER A 1472 -41.34 -19.69 -5.93
CA SER A 1472 -42.21 -20.45 -6.83
C SER A 1472 -41.99 -20.10 -8.29
N GLU A 1473 -41.34 -18.99 -8.59
CA GLU A 1473 -41.05 -18.59 -9.96
C GLU A 1473 -39.59 -18.76 -10.33
N VAL A 1474 -38.75 -19.29 -9.44
CA VAL A 1474 -37.32 -19.42 -9.76
C VAL A 1474 -37.11 -20.41 -10.90
N LEU A 1475 -37.70 -21.61 -10.78
CA LEU A 1475 -37.56 -22.60 -11.85
C LEU A 1475 -38.21 -22.14 -13.14
N PRO A 1476 -39.46 -21.64 -13.15
CA PRO A 1476 -40.02 -21.14 -14.43
C PRO A 1476 -39.26 -19.98 -15.03
N ALA A 1477 -38.49 -19.24 -14.23
CA ALA A 1477 -37.67 -18.15 -14.75
C ALA A 1477 -36.43 -18.63 -15.46
N ALA A 1478 -36.10 -19.91 -15.37
CA ALA A 1478 -34.96 -20.48 -16.08
C ALA A 1478 -35.32 -20.99 -17.46
N LEU A 1479 -36.47 -21.66 -17.60
CA LEU A 1479 -36.88 -22.16 -18.90
C LEU A 1479 -36.93 -21.05 -19.95
N ALA A 1480 -37.51 -19.91 -19.58
CA ALA A 1480 -37.57 -18.78 -20.50
C ALA A 1480 -36.17 -18.37 -20.96
N VAL A 1481 -35.19 -18.44 -20.07
CA VAL A 1481 -33.81 -18.10 -20.45
C VAL A 1481 -33.35 -19.00 -21.58
N TYR A 1482 -33.73 -20.27 -21.55
CA TYR A 1482 -33.42 -21.20 -22.63
C TYR A 1482 -34.52 -21.30 -23.66
N MET A 1483 -35.63 -20.59 -23.48
CA MET A 1483 -36.74 -20.64 -24.44
C MET A 1483 -36.68 -19.51 -25.45
N GLN A 1484 -35.55 -19.36 -26.13
CA GLN A 1484 -35.46 -18.48 -27.28
C GLN A 1484 -34.89 -19.17 -28.50
N THR A 1485 -34.49 -20.44 -28.38
CA THR A 1485 -34.16 -21.30 -29.52
C THR A 1485 -34.93 -22.60 -29.34
N PRO A 1486 -36.26 -22.57 -29.49
CA PRO A 1486 -37.06 -23.76 -29.19
C PRO A 1486 -37.00 -24.80 -30.29
N SER A 1487 -35.81 -25.01 -30.84
CA SER A 1487 -35.55 -26.12 -31.76
C SER A 1487 -34.20 -26.77 -31.50
N GLN A 1488 -33.48 -26.34 -30.46
CA GLN A 1488 -32.18 -26.85 -30.04
C GLN A 1488 -32.34 -27.69 -28.79
N PRO A 1489 -31.51 -28.73 -28.61
CA PRO A 1489 -31.76 -29.69 -27.52
C PRO A 1489 -31.70 -29.05 -26.15
N LEU A 1490 -32.46 -29.63 -25.22
CA LEU A 1490 -32.53 -29.11 -23.87
C LEU A 1490 -31.17 -29.21 -23.18
N PRO A 1491 -30.89 -28.37 -22.19
CA PRO A 1491 -29.59 -28.43 -21.51
C PRO A 1491 -29.43 -29.69 -20.67
N THR A 1492 -28.31 -29.79 -19.96
CA THR A 1492 -27.96 -30.97 -19.19
C THR A 1492 -27.21 -30.47 -17.95
N TYR A 1493 -26.44 -31.35 -17.31
CA TYR A 1493 -25.66 -30.94 -16.16
C TYR A 1493 -24.64 -29.85 -16.52
N ASP A 1494 -24.30 -29.72 -17.79
CA ASP A 1494 -23.56 -28.54 -18.24
C ASP A 1494 -24.54 -27.41 -18.53
N GLU A 1495 -24.06 -26.17 -18.43
CA GLU A 1495 -24.89 -24.98 -18.66
C GLU A 1495 -25.93 -24.74 -17.56
N VAL A 1496 -26.38 -25.79 -16.88
CA VAL A 1496 -27.31 -25.57 -15.77
C VAL A 1496 -26.79 -26.12 -14.46
N LEU A 1497 -26.82 -25.31 -13.41
CA LEU A 1497 -26.41 -25.78 -12.09
C LEU A 1497 -27.50 -25.52 -11.07
N LEU A 1498 -27.81 -26.49 -10.24
CA LEU A 1498 -28.77 -26.29 -9.17
C LEU A 1498 -27.97 -26.19 -7.89
N CYS A 1499 -28.17 -25.13 -7.12
CA CYS A 1499 -27.35 -24.94 -5.92
C CYS A 1499 -28.08 -25.34 -4.65
N THR A 1500 -27.46 -26.19 -3.85
CA THR A 1500 -28.07 -26.66 -2.62
C THR A 1500 -27.05 -26.45 -1.51
N PRO A 1501 -27.52 -26.37 -0.26
CA PRO A 1501 -26.55 -26.27 0.83
C PRO A 1501 -25.47 -27.36 0.81
N ALA A 1502 -25.66 -28.42 0.02
CA ALA A 1502 -24.69 -29.51 0.00
C ALA A 1502 -23.71 -29.42 -1.16
N THR A 1503 -23.92 -28.49 -2.09
CA THR A 1503 -23.00 -28.36 -3.22
C THR A 1503 -21.69 -27.71 -2.76
N THR A 1504 -20.58 -28.37 -3.08
CA THR A 1504 -19.27 -27.90 -2.65
C THR A 1504 -18.67 -26.98 -3.72
N PHE A 1505 -17.38 -26.66 -3.57
CA PHE A 1505 -16.74 -25.75 -4.50
C PHE A 1505 -16.57 -26.36 -5.89
N GLU A 1506 -16.42 -27.67 -5.97
CA GLU A 1506 -16.12 -28.30 -7.25
C GLU A 1506 -17.27 -28.14 -8.24
N GLU A 1507 -18.51 -28.34 -7.78
CA GLU A 1507 -19.65 -28.30 -8.70
C GLU A 1507 -19.98 -26.90 -9.19
N VAL A 1508 -19.51 -25.85 -8.51
CA VAL A 1508 -19.76 -24.48 -8.95
C VAL A 1508 -18.57 -24.02 -9.78
N ALA A 1509 -17.37 -24.47 -9.40
CA ALA A 1509 -16.19 -24.21 -10.20
C ALA A 1509 -16.26 -24.84 -11.58
N LEU A 1510 -16.82 -26.05 -11.68
CA LEU A 1510 -16.96 -26.73 -12.97
C LEU A 1510 -17.99 -26.07 -13.87
N LEU A 1511 -18.77 -25.12 -13.37
CA LEU A 1511 -19.63 -24.30 -14.22
C LEU A 1511 -19.04 -22.94 -14.51
N LEU A 1512 -18.50 -22.26 -13.50
CA LEU A 1512 -17.84 -20.98 -13.72
C LEU A 1512 -16.56 -21.09 -14.53
N ARG A 1513 -16.02 -22.30 -14.70
CA ARG A 1513 -14.89 -22.53 -15.57
C ARG A 1513 -15.28 -23.18 -16.89
N ARG A 1514 -16.45 -23.85 -16.94
CA ARG A 1514 -17.01 -24.29 -18.21
C ARG A 1514 -17.59 -23.14 -19.02
N CYS A 1515 -17.97 -22.05 -18.38
CA CYS A 1515 -18.45 -20.87 -19.08
C CYS A 1515 -17.33 -19.93 -19.51
N LEU A 1516 -16.35 -19.70 -18.63
CA LEU A 1516 -15.26 -18.76 -18.90
C LEU A 1516 -13.99 -19.45 -19.36
N THR A 1517 -14.04 -20.16 -20.49
CA THR A 1517 -12.86 -20.84 -21.02
C THR A 1517 -12.86 -20.74 -22.54
N LEU A 1518 -11.67 -20.47 -23.11
CA LEU A 1518 -11.57 -20.24 -24.55
C LEU A 1518 -11.94 -21.47 -25.36
N GLY A 1519 -11.37 -22.62 -25.01
CA GLY A 1519 -11.46 -23.79 -25.87
C GLY A 1519 -12.82 -24.45 -25.89
N SER A 1520 -13.87 -23.65 -26.02
CA SER A 1520 -15.24 -24.14 -26.08
C SER A 1520 -15.82 -23.82 -27.45
N LEU A 1521 -16.39 -24.83 -28.10
CA LEU A 1521 -16.99 -24.69 -29.42
C LEU A 1521 -18.51 -24.64 -29.25
N GLY A 1522 -19.12 -23.58 -29.74
CA GLY A 1522 -20.55 -23.34 -29.61
C GLY A 1522 -20.85 -22.18 -28.69
N HIS A 1523 -22.13 -21.86 -28.60
CA HIS A 1523 -22.62 -20.78 -27.75
C HIS A 1523 -23.78 -21.31 -26.91
N LYS A 1524 -23.55 -21.37 -25.61
CA LYS A 1524 -24.59 -21.86 -24.71
C LYS A 1524 -24.72 -20.91 -23.54
N VAL A 1525 -25.85 -20.98 -22.83
CA VAL A 1525 -26.08 -20.07 -21.73
C VAL A 1525 -25.87 -20.83 -20.43
N TYR A 1526 -25.06 -20.28 -19.53
CA TYR A 1526 -24.78 -20.97 -18.29
C TYR A 1526 -25.61 -20.35 -17.18
N SER A 1527 -26.36 -21.18 -16.46
CA SER A 1527 -27.26 -20.64 -15.44
C SER A 1527 -27.12 -21.26 -14.06
N LEU A 1528 -27.31 -20.44 -13.02
CA LEU A 1528 -27.25 -20.95 -11.66
C LEU A 1528 -28.65 -20.82 -11.08
N LEU A 1529 -29.15 -21.91 -10.51
CA LEU A 1529 -30.50 -21.89 -9.96
C LEU A 1529 -30.41 -22.02 -8.45
N PHE A 1530 -31.20 -21.24 -7.73
CA PHE A 1530 -31.15 -21.24 -6.26
C PHE A 1530 -29.75 -20.92 -5.75
N ALA A 1531 -29.08 -19.97 -6.40
CA ALA A 1531 -27.74 -19.58 -5.99
C ALA A 1531 -27.74 -19.04 -4.57
N ASP A 1532 -28.79 -18.29 -4.21
CA ASP A 1532 -28.91 -17.79 -2.85
C ASP A 1532 -28.68 -18.87 -1.79
N GLN A 1533 -29.10 -20.10 -2.06
CA GLN A 1533 -28.98 -21.17 -1.07
C GLN A 1533 -27.56 -21.72 -0.99
N LEU A 1534 -26.67 -21.30 -1.88
CA LEU A 1534 -25.29 -21.75 -1.86
C LEU A 1534 -24.63 -21.40 -0.53
N SER A 1535 -23.74 -22.28 -0.08
CA SER A 1535 -23.05 -22.06 1.18
C SER A 1535 -22.17 -20.81 1.09
N TYR A 1536 -21.95 -20.16 2.24
CA TYR A 1536 -21.23 -18.90 2.25
C TYR A 1536 -19.81 -19.05 1.73
N GLU A 1537 -19.09 -20.06 2.22
CA GLU A 1537 -17.73 -20.29 1.73
C GLU A 1537 -17.73 -20.65 0.26
N VAL A 1538 -18.69 -21.47 -0.17
CA VAL A 1538 -18.78 -21.86 -1.58
C VAL A 1538 -19.04 -20.64 -2.45
N ALA A 1539 -19.96 -19.77 -2.02
CA ALA A 1539 -20.26 -18.57 -2.80
C ALA A 1539 -19.06 -17.63 -2.86
N ARG A 1540 -18.35 -17.48 -1.74
CA ARG A 1540 -17.17 -16.61 -1.72
C ARG A 1540 -16.10 -17.14 -2.67
N GLN A 1541 -15.82 -18.44 -2.60
CA GLN A 1541 -14.85 -19.04 -3.50
C GLN A 1541 -15.30 -18.94 -4.96
N ALA A 1542 -16.60 -19.08 -5.21
CA ALA A 1542 -17.11 -18.99 -6.57
C ALA A 1542 -16.91 -17.59 -7.14
N GLU A 1543 -17.31 -16.55 -6.44
CA GLU A 1543 -17.17 -15.25 -7.05
C GLU A 1543 -15.71 -14.98 -7.28
N GLU A 1544 -14.84 -15.45 -6.39
CA GLU A 1544 -13.42 -15.16 -6.50
C GLU A 1544 -12.83 -15.87 -7.71
N LEU A 1545 -13.26 -17.12 -7.92
CA LEU A 1545 -12.76 -17.87 -9.06
C LEU A 1545 -13.16 -17.18 -10.34
N PHE A 1546 -14.37 -16.65 -10.40
CA PHE A 1546 -14.85 -15.99 -11.60
C PHE A 1546 -13.96 -14.78 -11.92
N HIS A 1547 -13.63 -14.00 -10.90
CA HIS A 1547 -12.76 -12.84 -11.10
C HIS A 1547 -11.38 -13.25 -11.55
N ASN A 1548 -10.86 -14.34 -10.97
CA ASN A 1548 -9.54 -14.82 -11.36
C ASN A 1548 -9.55 -15.22 -12.83
N LEU A 1549 -10.61 -15.90 -13.26
CA LEU A 1549 -10.71 -16.32 -14.65
C LEU A 1549 -10.79 -15.11 -15.56
N CYS A 1550 -11.53 -14.10 -15.15
CA CYS A 1550 -11.63 -12.88 -15.94
C CYS A 1550 -10.27 -12.23 -16.09
N THR A 1551 -9.47 -12.21 -15.03
CA THR A 1551 -8.19 -11.52 -15.09
C THR A 1551 -7.13 -12.21 -15.98
N GLN A 1552 -7.42 -13.41 -16.47
CA GLN A 1552 -6.45 -14.11 -17.30
C GLN A 1552 -6.87 -14.15 -18.73
N GLN A 1553 -7.75 -15.09 -19.04
CA GLN A 1553 -8.24 -15.18 -20.40
C GLN A 1553 -9.67 -15.58 -20.25
N HIS A 1554 -10.48 -15.28 -21.23
CA HIS A 1554 -11.86 -15.56 -21.04
C HIS A 1554 -12.50 -15.59 -22.34
N ARG A 1555 -13.74 -15.97 -22.38
CA ARG A 1555 -14.48 -15.91 -23.58
C ARG A 1555 -15.07 -14.57 -23.29
N GLU A 1556 -15.19 -13.71 -24.29
CA GLU A 1556 -15.66 -12.36 -24.04
C GLU A 1556 -17.16 -12.32 -23.81
N ASP A 1557 -17.92 -13.12 -24.54
CA ASP A 1557 -19.37 -13.19 -24.38
C ASP A 1557 -19.75 -14.38 -23.49
N TYR A 1558 -19.29 -14.34 -22.25
CA TYR A 1558 -19.64 -15.40 -21.32
C TYR A 1558 -21.08 -15.15 -20.91
N GLN A 1559 -21.95 -16.12 -21.18
CA GLN A 1559 -23.36 -15.93 -20.86
C GLN A 1559 -23.58 -16.54 -19.49
N LEU A 1560 -23.77 -15.68 -18.49
CA LEU A 1560 -23.94 -16.17 -17.13
C LEU A 1560 -25.24 -15.67 -16.53
N VAL A 1561 -26.05 -16.58 -16.02
CA VAL A 1561 -27.32 -16.20 -15.40
C VAL A 1561 -27.38 -16.72 -13.97
N MET A 1562 -27.75 -15.86 -13.02
CA MET A 1562 -27.91 -16.30 -11.66
C MET A 1562 -29.35 -16.06 -11.25
N VAL A 1563 -30.02 -17.08 -10.74
CA VAL A 1563 -31.39 -16.92 -10.29
C VAL A 1563 -31.45 -17.14 -8.79
N CYS A 1564 -32.02 -16.19 -8.06
CA CYS A 1564 -32.07 -16.29 -6.60
C CYS A 1564 -33.46 -16.04 -6.06
N ASP A 1565 -33.83 -16.78 -5.01
CA ASP A 1565 -35.13 -16.55 -4.37
C ASP A 1565 -35.13 -15.15 -3.80
N GLY A 1566 -36.16 -14.36 -4.12
CA GLY A 1566 -36.22 -12.99 -3.65
C GLY A 1566 -36.09 -12.85 -2.14
N ASP A 1567 -36.55 -13.87 -1.39
CA ASP A 1567 -36.51 -13.79 0.06
C ASP A 1567 -35.08 -13.75 0.58
N TRP A 1568 -34.18 -14.47 -0.08
CA TRP A 1568 -32.78 -14.56 0.35
C TRP A 1568 -31.86 -13.63 -0.43
N GLU A 1569 -32.35 -12.45 -0.82
CA GLU A 1569 -31.51 -11.50 -1.54
C GLU A 1569 -30.35 -11.00 -0.68
N HIS A 1570 -30.50 -11.07 0.64
CA HIS A 1570 -29.44 -10.62 1.54
C HIS A 1570 -28.26 -11.58 1.57
N CYS A 1571 -28.39 -12.75 0.95
CA CYS A 1571 -27.30 -13.71 0.92
C CYS A 1571 -26.09 -13.14 0.20
N TYR A 1572 -24.94 -13.80 0.40
CA TYR A 1572 -23.68 -13.22 -0.04
C TYR A 1572 -23.62 -13.05 -1.56
N LEU A 1573 -23.90 -14.12 -2.30
CA LEU A 1573 -23.71 -14.07 -3.76
C LEU A 1573 -24.64 -13.07 -4.45
N PRO A 1574 -25.97 -13.06 -4.23
CA PRO A 1574 -26.79 -12.02 -4.87
C PRO A 1574 -26.41 -10.62 -4.46
N SER A 1575 -26.04 -10.42 -3.20
CA SER A 1575 -25.62 -9.09 -2.75
C SER A 1575 -24.34 -8.66 -3.45
N ALA A 1576 -23.41 -9.59 -3.64
CA ALA A 1576 -22.16 -9.26 -4.30
C ALA A 1576 -22.37 -8.97 -5.78
N PHE A 1577 -23.28 -9.68 -6.43
CA PHE A 1577 -23.53 -9.51 -7.85
C PHE A 1577 -24.66 -8.52 -8.15
N SER A 1578 -25.20 -7.85 -7.12
CA SER A 1578 -26.27 -6.89 -7.34
C SER A 1578 -25.85 -5.76 -8.27
N GLN A 1579 -24.54 -5.47 -8.36
CA GLN A 1579 -24.10 -4.42 -9.26
C GLN A 1579 -24.40 -4.75 -10.71
N HIS A 1580 -24.56 -6.03 -11.05
CA HIS A 1580 -24.92 -6.46 -12.40
C HIS A 1580 -26.35 -6.99 -12.45
N LYS A 1581 -27.15 -6.73 -11.43
CA LYS A 1581 -28.52 -7.25 -11.39
C LYS A 1581 -29.37 -6.63 -12.50
N VAL A 1582 -30.14 -7.48 -13.17
CA VAL A 1582 -31.04 -7.01 -14.21
C VAL A 1582 -32.36 -6.60 -13.57
N PHE A 1583 -33.11 -5.74 -14.27
CA PHE A 1583 -34.36 -5.22 -13.75
C PHE A 1583 -35.59 -5.92 -14.32
N VAL A 1584 -35.47 -6.57 -15.46
CA VAL A 1584 -36.59 -7.31 -16.05
C VAL A 1584 -36.47 -8.77 -15.65
N THR A 1585 -37.60 -9.38 -15.28
CA THR A 1585 -37.63 -10.78 -14.91
C THR A 1585 -38.04 -11.62 -16.12
N PRO A 1586 -37.21 -12.56 -16.57
CA PRO A 1586 -37.64 -13.43 -17.67
C PRO A 1586 -38.92 -14.16 -17.32
N GLN A 1587 -39.83 -14.22 -18.29
CA GLN A 1587 -41.15 -14.81 -18.04
C GLN A 1587 -41.74 -15.21 -19.38
N ALA A 1588 -42.71 -16.13 -19.32
CA ALA A 1588 -43.39 -16.63 -20.50
C ALA A 1588 -44.71 -17.24 -20.07
N PRO A 1589 -45.68 -17.31 -20.98
CA PRO A 1589 -46.97 -17.93 -20.64
C PRO A 1589 -46.82 -19.43 -20.43
N LEU A 1590 -47.81 -20.00 -19.73
CA LEU A 1590 -47.79 -21.42 -19.43
C LEU A 1590 -47.85 -22.27 -20.71
N GLU A 1591 -48.68 -21.86 -21.67
CA GLU A 1591 -48.83 -22.66 -22.89
C GLU A 1591 -47.52 -22.73 -23.66
N ALA A 1592 -46.75 -21.64 -23.67
CA ALA A 1592 -45.47 -21.65 -24.36
C ALA A 1592 -44.51 -22.67 -23.75
N ILE A 1593 -44.43 -22.71 -22.42
CA ILE A 1593 -43.55 -23.66 -21.75
C ILE A 1593 -44.04 -25.09 -22.01
N GLN A 1594 -45.35 -25.31 -21.92
CA GLN A 1594 -45.90 -26.64 -22.14
C GLN A 1594 -45.60 -27.13 -23.55
N ALA A 1595 -45.81 -26.29 -24.55
CA ALA A 1595 -45.50 -26.64 -25.94
C ALA A 1595 -44.01 -26.84 -26.17
N TYR A 1596 -43.15 -26.02 -25.56
CA TYR A 1596 -41.71 -26.20 -25.68
C TYR A 1596 -41.28 -27.56 -25.15
N LEU A 1597 -41.75 -27.91 -23.96
CA LEU A 1597 -41.35 -29.20 -23.37
C LEU A 1597 -41.99 -30.37 -24.10
N ALA A 1598 -43.21 -30.18 -24.64
CA ALA A 1598 -43.81 -31.23 -25.44
C ALA A 1598 -43.02 -31.47 -26.72
N GLY A 1599 -42.56 -30.41 -27.37
CA GLY A 1599 -41.74 -30.57 -28.56
C GLY A 1599 -40.41 -31.21 -28.26
N HIS A 1600 -39.80 -30.87 -27.13
CA HIS A 1600 -38.49 -31.43 -26.81
C HIS A 1600 -38.57 -32.80 -26.15
N TYR A 1601 -39.75 -33.24 -25.70
CA TYR A 1601 -39.91 -34.55 -25.11
C TYR A 1601 -40.38 -35.58 -26.13
N ARG A 1602 -40.66 -35.17 -27.35
CA ARG A 1602 -41.14 -36.07 -28.39
C ARG A 1602 -39.98 -36.90 -28.94
N VAL A 1603 -40.30 -38.11 -29.34
CA VAL A 1603 -39.33 -39.07 -29.87
C VAL A 1603 -39.55 -39.17 -31.38
N PRO A 1604 -38.50 -39.27 -32.19
CA PRO A 1604 -38.70 -39.46 -33.63
C PRO A 1604 -39.41 -40.77 -33.94
N LYS A 1605 -40.16 -40.77 -35.04
CA LYS A 1605 -40.93 -41.94 -35.43
C LYS A 1605 -40.06 -43.14 -35.74
N GLN A 1606 -38.82 -42.93 -36.19
CA GLN A 1606 -37.96 -44.03 -36.59
C GLN A 1606 -37.25 -44.69 -35.41
N THR A 1607 -36.97 -43.92 -34.36
CA THR A 1607 -36.27 -44.47 -33.19
C THR A 1607 -37.25 -45.23 -32.32
N LEU A 1608 -36.97 -46.52 -32.10
CA LEU A 1608 -37.84 -47.35 -31.28
C LEU A 1608 -37.77 -46.90 -29.83
N SER A 1609 -38.92 -46.56 -29.25
CA SER A 1609 -38.98 -46.05 -27.89
C SER A 1609 -40.24 -46.58 -27.21
N ALA A 1610 -40.23 -46.50 -25.88
CA ALA A 1610 -41.40 -46.87 -25.08
C ALA A 1610 -42.49 -45.81 -25.09
N ALA A 1611 -42.24 -44.66 -25.72
CA ALA A 1611 -43.23 -43.59 -25.76
C ALA A 1611 -44.38 -43.88 -26.69
N ALA A 1612 -44.34 -44.98 -27.44
CA ALA A 1612 -45.39 -45.31 -28.39
C ALA A 1612 -46.74 -45.55 -27.74
N VAL A 1613 -46.80 -45.80 -26.44
CA VAL A 1613 -48.06 -46.02 -25.75
C VAL A 1613 -48.61 -44.73 -25.17
N PHE A 1614 -47.73 -43.83 -24.73
CA PHE A 1614 -48.16 -42.56 -24.17
C PHE A 1614 -48.76 -41.68 -25.27
N ASN A 1615 -49.26 -40.51 -24.89
CA ASN A 1615 -49.85 -39.60 -25.85
C ASN A 1615 -48.80 -39.11 -26.83
N ASP A 1616 -49.12 -39.22 -28.13
CA ASP A 1616 -48.35 -38.73 -29.27
C ASP A 1616 -46.84 -38.79 -29.09
N ARG A 1617 -46.34 -39.94 -28.61
CA ARG A 1617 -44.90 -40.23 -28.52
C ARG A 1617 -44.16 -39.19 -27.68
N LEU A 1618 -44.50 -39.16 -26.40
CA LEU A 1618 -43.83 -38.29 -25.43
C LEU A 1618 -43.16 -39.17 -24.38
N CYS A 1619 -41.84 -39.07 -24.28
CA CYS A 1619 -41.11 -39.91 -23.31
C CYS A 1619 -40.91 -39.19 -21.98
N VAL A 1620 -41.99 -38.60 -21.47
CA VAL A 1620 -42.10 -37.99 -20.14
C VAL A 1620 -43.58 -37.97 -19.79
N GLY A 1621 -43.93 -38.44 -18.61
CA GLY A 1621 -45.33 -38.48 -18.21
C GLY A 1621 -45.49 -38.06 -16.77
N ILE A 1622 -46.65 -37.46 -16.49
CA ILE A 1622 -47.01 -37.07 -15.13
C ILE A 1622 -48.46 -37.45 -14.89
N VAL A 1623 -48.68 -38.54 -14.16
CA VAL A 1623 -50.02 -38.94 -13.74
C VAL A 1623 -50.26 -38.37 -12.35
N ALA A 1624 -51.28 -37.53 -12.22
CA ALA A 1624 -51.51 -36.83 -10.95
C ALA A 1624 -53.01 -36.69 -10.72
N SER A 1625 -53.37 -36.49 -9.46
CA SER A 1625 -54.75 -36.27 -9.07
C SER A 1625 -54.77 -35.60 -7.70
N GLU A 1626 -55.89 -34.96 -7.40
CA GLU A 1626 -56.05 -34.26 -6.12
C GLU A 1626 -56.50 -35.17 -4.99
N ARG A 1627 -57.22 -36.24 -5.31
CA ARG A 1627 -57.66 -37.19 -4.30
C ARG A 1627 -56.61 -38.29 -4.15
N ALA A 1628 -56.95 -39.34 -3.40
CA ALA A 1628 -56.07 -40.49 -3.24
C ALA A 1628 -56.85 -41.76 -3.60
N GLY A 1629 -56.19 -42.65 -4.33
CA GLY A 1629 -56.83 -43.88 -4.76
C GLY A 1629 -57.87 -43.64 -5.84
N VAL A 1630 -57.44 -43.11 -6.98
CA VAL A 1630 -58.35 -42.84 -8.09
C VAL A 1630 -57.80 -43.47 -9.36
N GLY A 1631 -56.60 -44.01 -9.42
CA GLY A 1631 -56.19 -44.62 -10.66
C GLY A 1631 -54.85 -44.24 -11.15
N LYS A 1632 -54.04 -43.60 -10.35
CA LYS A 1632 -52.81 -43.14 -10.86
C LYS A 1632 -52.03 -44.31 -11.29
N SER A 1633 -52.15 -45.44 -10.64
CA SER A 1633 -51.34 -46.59 -10.95
C SER A 1633 -52.04 -47.74 -11.58
N LEU A 1634 -53.24 -47.55 -12.08
CA LEU A 1634 -53.87 -48.60 -12.82
C LEU A 1634 -53.72 -47.97 -14.13
N TYR A 1635 -52.86 -46.97 -14.25
CA TYR A 1635 -52.58 -46.43 -15.54
C TYR A 1635 -51.18 -46.88 -15.83
N VAL A 1636 -50.22 -46.63 -14.99
CA VAL A 1636 -48.94 -47.13 -15.28
C VAL A 1636 -48.98 -48.62 -15.37
N LYS A 1637 -50.04 -49.30 -15.00
CA LYS A 1637 -50.15 -50.73 -15.31
C LYS A 1637 -50.82 -50.96 -16.65
N ARG A 1638 -51.86 -50.19 -16.97
CA ARG A 1638 -52.50 -50.31 -18.26
C ARG A 1638 -51.55 -49.94 -19.39
N LEU A 1639 -50.73 -48.90 -19.18
CA LEU A 1639 -49.76 -48.53 -20.22
C LEU A 1639 -48.71 -49.62 -20.39
N HIS A 1640 -48.32 -50.29 -19.31
CA HIS A 1640 -47.49 -51.47 -19.45
C HIS A 1640 -48.23 -52.59 -20.16
N ASP A 1641 -49.52 -52.74 -19.84
CA ASP A 1641 -50.34 -53.75 -20.52
C ASP A 1641 -50.44 -53.48 -22.00
N LYS A 1642 -50.61 -52.20 -22.37
CA LYS A 1642 -50.67 -51.83 -23.78
C LYS A 1642 -49.29 -51.67 -24.41
N MET A 1643 -48.22 -51.83 -23.63
CA MET A 1643 -46.88 -51.78 -24.22
C MET A 1643 -46.49 -53.13 -24.82
N LYS A 1644 -46.77 -54.22 -24.10
CA LYS A 1644 -46.38 -55.55 -24.52
C LYS A 1644 -47.03 -55.95 -25.84
N MET A 1645 -48.34 -55.72 -25.97
CA MET A 1645 -49.09 -56.18 -27.13
C MET A 1645 -48.98 -55.21 -28.30
N GLN A 1646 -48.35 -54.05 -28.09
CA GLN A 1646 -48.25 -53.05 -29.13
C GLN A 1646 -46.83 -52.71 -29.53
N LEU A 1647 -45.82 -53.23 -28.84
CA LEU A 1647 -44.43 -52.93 -29.17
C LEU A 1647 -43.68 -54.10 -29.77
N ASN A 1648 -44.28 -55.29 -29.82
CA ASN A 1648 -43.67 -56.47 -30.45
C ASN A 1648 -42.30 -56.78 -29.84
N VAL A 1649 -42.21 -56.75 -28.52
CA VAL A 1649 -41.00 -57.08 -27.80
C VAL A 1649 -41.30 -58.24 -26.85
N LYS A 1650 -40.32 -59.13 -26.69
CA LYS A 1650 -40.51 -60.29 -25.82
C LYS A 1650 -40.78 -59.87 -24.38
N ASN A 1651 -40.03 -58.88 -23.89
CA ASN A 1651 -40.26 -58.36 -22.54
C ASN A 1651 -39.97 -56.86 -22.54
N VAL A 1652 -40.75 -56.12 -21.76
CA VAL A 1652 -40.52 -54.69 -21.62
C VAL A 1652 -40.24 -54.45 -20.15
N PRO A 1653 -39.00 -54.10 -19.82
CA PRO A 1653 -38.66 -53.96 -18.40
C PRO A 1653 -39.46 -52.89 -17.68
N LEU A 1654 -39.92 -53.19 -16.47
CA LEU A 1654 -40.64 -52.21 -15.69
C LEU A 1654 -39.89 -51.99 -14.40
N LYS A 1655 -39.57 -50.74 -14.09
CA LYS A 1655 -38.91 -50.46 -12.83
C LYS A 1655 -39.78 -49.50 -12.05
N THR A 1656 -40.10 -49.85 -10.80
CA THR A 1656 -40.87 -48.95 -9.97
C THR A 1656 -39.97 -48.39 -8.90
N ILE A 1657 -39.83 -47.07 -8.86
CA ILE A 1657 -39.00 -46.45 -7.86
C ILE A 1657 -39.91 -45.64 -6.96
N ARG A 1658 -39.88 -45.92 -5.67
CA ARG A 1658 -40.78 -45.22 -4.75
C ARG A 1658 -39.99 -44.45 -3.71
N LEU A 1659 -40.31 -43.17 -3.53
CA LEU A 1659 -39.55 -42.33 -2.62
C LEU A 1659 -40.36 -42.03 -1.39
N ILE A 1660 -39.81 -42.31 -0.22
CA ILE A 1660 -40.57 -42.11 1.02
C ILE A 1660 -39.90 -41.13 1.98
N ASP A 1661 -38.70 -40.66 1.66
CA ASP A 1661 -38.00 -39.77 2.59
C ASP A 1661 -38.57 -38.36 2.46
N PRO A 1662 -38.93 -37.70 3.56
CA PRO A 1662 -39.56 -36.37 3.46
C PRO A 1662 -38.73 -35.37 2.68
N GLN A 1663 -37.41 -35.39 2.85
CA GLN A 1663 -36.51 -34.67 1.96
C GLN A 1663 -36.03 -35.65 0.90
N VAL A 1664 -36.43 -35.42 -0.35
CA VAL A 1664 -36.21 -36.42 -1.40
C VAL A 1664 -34.72 -36.64 -1.60
N ASP A 1665 -34.30 -37.90 -1.49
CA ASP A 1665 -32.90 -38.28 -1.67
C ASP A 1665 -32.71 -38.75 -3.10
N GLU A 1666 -31.82 -38.07 -3.83
CA GLU A 1666 -31.56 -38.41 -5.22
C GLU A 1666 -30.54 -39.54 -5.37
N SER A 1667 -29.70 -39.74 -4.35
CA SER A 1667 -28.75 -40.85 -4.39
C SER A 1667 -29.47 -42.20 -4.41
N ARG A 1668 -30.58 -42.29 -3.68
CA ARG A 1668 -31.37 -43.52 -3.70
C ARG A 1668 -31.93 -43.79 -5.10
N VAL A 1669 -32.45 -42.75 -5.77
CA VAL A 1669 -32.98 -42.93 -7.11
C VAL A 1669 -31.87 -43.32 -8.08
N LEU A 1670 -30.70 -42.68 -7.95
CA LEU A 1670 -29.58 -43.02 -8.81
C LEU A 1670 -29.13 -44.47 -8.60
N GLY A 1671 -29.08 -44.90 -7.33
CA GLY A 1671 -28.72 -46.29 -7.06
C GLY A 1671 -29.75 -47.28 -7.59
N ALA A 1672 -31.03 -46.90 -7.53
CA ALA A 1672 -32.07 -47.74 -8.10
C ALA A 1672 -31.94 -47.84 -9.62
N LEU A 1673 -31.63 -46.72 -10.29
CA LEU A 1673 -31.52 -46.72 -11.74
C LEU A 1673 -30.22 -47.34 -12.24
N LEU A 1674 -29.19 -47.40 -11.40
CA LEU A 1674 -27.89 -47.91 -11.84
C LEU A 1674 -27.93 -49.33 -12.40
N PRO A 1675 -28.66 -50.29 -11.82
CA PRO A 1675 -28.71 -51.62 -12.44
C PRO A 1675 -29.28 -51.62 -13.84
N PHE A 1676 -30.04 -50.59 -14.22
CA PHE A 1676 -30.56 -50.46 -15.58
C PHE A 1676 -29.65 -49.63 -16.47
N LEU A 1677 -28.38 -49.48 -16.11
CA LEU A 1677 -27.45 -48.66 -16.86
C LEU A 1677 -26.59 -49.46 -17.83
N ASP A 1678 -26.51 -50.78 -17.68
CA ASP A 1678 -25.68 -51.59 -18.55
C ASP A 1678 -26.20 -51.52 -19.99
N ALA A 1679 -25.34 -51.94 -20.92
CA ALA A 1679 -25.63 -51.75 -22.35
C ALA A 1679 -26.90 -52.48 -22.77
N GLN A 1680 -27.23 -53.61 -22.12
CA GLN A 1680 -28.39 -54.39 -22.52
C GLN A 1680 -29.65 -53.54 -22.53
N TYR A 1681 -29.81 -52.67 -21.54
CA TYR A 1681 -31.00 -51.83 -21.43
C TYR A 1681 -30.84 -50.47 -22.13
N GLN A 1682 -29.70 -50.23 -22.79
CA GLN A 1682 -29.47 -48.92 -23.38
C GLN A 1682 -30.20 -48.70 -24.70
N LYS A 1683 -30.79 -49.76 -25.28
CA LYS A 1683 -31.50 -49.61 -26.54
C LYS A 1683 -32.86 -50.32 -26.56
N VAL A 1684 -33.32 -50.84 -25.44
CA VAL A 1684 -34.61 -51.51 -25.38
C VAL A 1684 -35.59 -50.63 -24.62
N PRO A 1685 -36.89 -50.69 -24.91
CA PRO A 1685 -37.85 -49.83 -24.21
C PRO A 1685 -37.96 -50.20 -22.74
N VAL A 1686 -37.91 -49.19 -21.87
CA VAL A 1686 -37.99 -49.46 -20.43
C VAL A 1686 -38.95 -48.48 -19.78
N LEU A 1687 -40.13 -48.95 -19.40
CA LEU A 1687 -41.02 -48.06 -18.70
C LEU A 1687 -40.41 -47.85 -17.32
N PHE A 1688 -40.25 -46.60 -16.92
CA PHE A 1688 -39.75 -46.32 -15.58
C PHE A 1688 -40.89 -45.64 -14.88
N HIS A 1689 -41.30 -46.18 -13.75
CA HIS A 1689 -42.35 -45.54 -12.99
C HIS A 1689 -41.74 -44.99 -11.72
N LEU A 1690 -41.91 -43.69 -11.51
CA LEU A 1690 -41.41 -43.10 -10.29
C LEU A 1690 -42.60 -42.65 -9.48
N ASP A 1691 -42.70 -43.12 -8.25
CA ASP A 1691 -43.83 -42.74 -7.40
C ASP A 1691 -43.35 -41.87 -6.25
N VAL A 1692 -43.86 -40.65 -6.19
CA VAL A 1692 -43.52 -39.79 -5.06
C VAL A 1692 -44.67 -39.85 -4.08
N THR A 1693 -44.39 -40.30 -2.87
CA THR A 1693 -45.45 -40.45 -1.87
C THR A 1693 -45.86 -39.15 -1.21
N SER A 1694 -46.98 -39.17 -0.49
CA SER A 1694 -47.46 -37.98 0.20
C SER A 1694 -46.46 -37.49 1.22
N SER A 1695 -45.72 -38.41 1.82
CA SER A 1695 -44.77 -38.04 2.87
C SER A 1695 -43.71 -37.06 2.42
N VAL A 1696 -43.23 -37.18 1.19
CA VAL A 1696 -42.23 -36.25 0.67
C VAL A 1696 -42.73 -34.80 0.58
N GLN A 1697 -41.93 -33.84 1.05
CA GLN A 1697 -42.32 -32.43 1.08
C GLN A 1697 -41.29 -31.50 0.46
N THR A 1698 -40.00 -31.71 0.71
CA THR A 1698 -38.94 -30.81 0.27
C THR A 1698 -38.10 -31.51 -0.77
N GLY A 1699 -37.89 -30.86 -1.91
CA GLY A 1699 -37.00 -31.36 -2.95
C GLY A 1699 -37.69 -32.00 -4.14
N ILE A 1700 -39.01 -32.01 -4.20
CA ILE A 1700 -39.71 -32.64 -5.33
C ILE A 1700 -39.45 -31.87 -6.61
N TRP A 1701 -39.64 -30.55 -6.58
CA TRP A 1701 -39.54 -29.75 -7.80
C TRP A 1701 -38.11 -29.69 -8.32
N VAL A 1702 -37.14 -29.53 -7.42
CA VAL A 1702 -35.74 -29.54 -7.83
C VAL A 1702 -35.35 -30.87 -8.44
N PHE A 1703 -35.79 -31.99 -7.85
CA PHE A 1703 -35.48 -33.30 -8.41
C PHE A 1703 -36.13 -33.51 -9.77
N LEU A 1704 -37.38 -33.07 -9.93
CA LEU A 1704 -38.04 -33.20 -11.23
C LEU A 1704 -37.34 -32.35 -12.28
N PHE A 1705 -36.95 -31.12 -11.93
CA PHE A 1705 -36.23 -30.28 -12.86
C PHE A 1705 -34.86 -30.84 -13.20
N LYS A 1706 -34.24 -31.55 -12.25
CA LYS A 1706 -32.94 -32.15 -12.48
C LYS A 1706 -33.03 -33.39 -13.37
N LEU A 1707 -34.09 -34.19 -13.21
CA LEU A 1707 -34.20 -35.45 -13.94
C LEU A 1707 -34.92 -35.29 -15.27
N LEU A 1708 -36.17 -34.80 -15.25
CA LEU A 1708 -36.97 -34.76 -16.46
C LEU A 1708 -36.47 -33.71 -17.45
N ILE A 1709 -36.01 -32.56 -16.96
CA ILE A 1709 -35.64 -31.45 -17.84
C ILE A 1709 -34.13 -31.46 -18.09
N LEU A 1710 -33.33 -31.49 -17.03
CA LEU A 1710 -31.89 -31.50 -17.19
C LEU A 1710 -31.35 -32.84 -17.64
N GLN A 1711 -32.18 -33.89 -17.67
CA GLN A 1711 -31.89 -35.18 -18.27
C GLN A 1711 -30.74 -35.93 -17.59
N TYR A 1712 -30.34 -35.53 -16.38
CA TYR A 1712 -29.19 -36.15 -15.74
C TYR A 1712 -29.43 -36.32 -14.25
N LEU A 1713 -28.60 -37.19 -13.66
CA LEU A 1713 -28.54 -37.36 -12.21
C LEU A 1713 -27.13 -37.75 -11.84
N MET A 1714 -26.52 -37.00 -10.91
CA MET A 1714 -25.11 -37.19 -10.57
C MET A 1714 -24.94 -37.06 -9.07
N ASP A 1715 -24.01 -37.85 -8.52
CA ASP A 1715 -23.69 -37.84 -7.11
C ASP A 1715 -22.22 -37.44 -6.91
N ILE A 1716 -21.78 -37.52 -5.66
CA ILE A 1716 -20.40 -37.12 -5.33
C ILE A 1716 -19.40 -38.11 -5.92
N ASN A 1717 -19.74 -39.40 -5.92
CA ASN A 1717 -18.80 -40.42 -6.40
C ASN A 1717 -18.46 -40.20 -7.87
N GLY A 1718 -19.46 -39.90 -8.69
CA GLY A 1718 -19.21 -39.61 -10.08
C GLY A 1718 -20.09 -40.40 -11.05
N LYS A 1719 -20.81 -41.40 -10.54
CA LYS A 1719 -21.66 -42.20 -11.40
C LYS A 1719 -22.82 -41.38 -11.94
N MET A 1720 -22.74 -40.99 -13.20
CA MET A 1720 -23.78 -40.19 -13.83
C MET A 1720 -24.82 -41.09 -14.49
N TRP A 1721 -26.05 -40.60 -14.51
CA TRP A 1721 -27.15 -41.27 -15.19
C TRP A 1721 -27.79 -40.27 -16.15
N LEU A 1722 -27.79 -40.60 -17.44
CA LEU A 1722 -28.32 -39.74 -18.49
C LEU A 1722 -29.61 -40.34 -19.03
N ARG A 1723 -30.66 -39.52 -19.10
CA ARG A 1723 -31.92 -39.96 -19.69
C ARG A 1723 -31.74 -40.24 -21.17
N ASN A 1724 -32.45 -41.26 -21.65
CA ASN A 1724 -32.47 -41.59 -23.07
C ASN A 1724 -33.88 -41.49 -23.61
N PRO A 1725 -34.07 -40.96 -24.83
CA PRO A 1725 -35.42 -40.86 -25.37
C PRO A 1725 -35.96 -42.19 -25.89
N CYS A 1726 -35.77 -43.24 -25.09
CA CYS A 1726 -36.36 -44.54 -25.38
C CYS A 1726 -36.93 -45.21 -24.13
N HIS A 1727 -36.80 -44.60 -22.95
CA HIS A 1727 -37.39 -45.10 -21.73
C HIS A 1727 -38.47 -44.12 -21.28
N LEU A 1728 -39.68 -44.61 -21.07
CA LEU A 1728 -40.74 -43.77 -20.53
C LEU A 1728 -40.44 -43.45 -19.07
N TYR A 1729 -40.76 -42.22 -18.67
CA TYR A 1729 -40.42 -41.71 -17.34
C TYR A 1729 -41.66 -41.20 -16.63
N ILE A 1730 -42.71 -42.01 -16.62
CA ILE A 1730 -43.96 -41.62 -15.97
C ILE A 1730 -43.72 -41.41 -14.48
N VAL A 1731 -44.07 -40.23 -13.99
CA VAL A 1731 -43.94 -39.89 -12.58
C VAL A 1731 -45.35 -39.71 -12.02
N GLU A 1732 -45.71 -40.55 -11.07
CA GLU A 1732 -47.03 -40.52 -10.45
C GLU A 1732 -46.92 -39.73 -9.15
N ILE A 1733 -47.72 -38.66 -9.04
CA ILE A 1733 -47.56 -37.68 -7.96
C ILE A 1733 -48.93 -37.28 -7.45
N LEU A 1734 -49.05 -37.12 -6.13
CA LEU A 1734 -50.24 -36.55 -5.53
C LEU A 1734 -50.20 -35.04 -5.64
N GLU A 1735 -51.35 -34.43 -5.90
CA GLU A 1735 -51.43 -32.99 -6.05
C GLU A 1735 -51.00 -32.27 -4.78
N ARG A 1736 -49.91 -31.51 -4.85
CA ARG A 1736 -49.43 -30.73 -3.71
C ARG A 1736 -50.14 -29.38 -3.71
N ARG A 1737 -51.46 -29.45 -3.50
CA ARG A 1737 -52.28 -28.24 -3.47
C ARG A 1737 -51.92 -27.41 -2.25
N THR A 1738 -51.79 -26.10 -2.46
CA THR A 1738 -51.39 -25.19 -1.39
C THR A 1738 -52.52 -24.23 -1.05
N GLN A 1754 -47.94 -18.13 -10.03
CA GLN A 1754 -49.32 -18.28 -10.50
C GLN A 1754 -49.62 -19.75 -10.81
N PHE A 1755 -48.58 -20.50 -11.17
CA PHE A 1755 -48.72 -21.90 -11.51
C PHE A 1755 -47.69 -22.72 -10.75
N SER A 1756 -48.06 -23.96 -10.41
CA SER A 1756 -47.14 -24.87 -9.77
C SER A 1756 -46.15 -25.43 -10.79
N PHE A 1757 -45.02 -25.93 -10.29
CA PHE A 1757 -44.01 -26.51 -11.16
C PHE A 1757 -44.38 -27.95 -11.50
N LEU A 1758 -45.62 -28.15 -11.94
CA LEU A 1758 -46.07 -29.47 -12.34
C LEU A 1758 -46.94 -29.46 -13.60
N ASP A 1759 -47.49 -28.31 -13.99
CA ASP A 1759 -48.33 -28.24 -15.18
C ASP A 1759 -47.51 -28.12 -16.46
N ILE A 1760 -46.21 -27.83 -16.35
CA ILE A 1760 -45.36 -27.69 -17.53
C ILE A 1760 -45.07 -29.01 -18.21
N PHE A 1761 -45.37 -30.12 -17.56
CA PHE A 1761 -45.19 -31.45 -18.11
C PHE A 1761 -46.52 -32.00 -18.61
N PRO A 1762 -46.49 -32.95 -19.56
CA PRO A 1762 -47.74 -33.61 -19.96
C PRO A 1762 -48.39 -34.29 -18.76
N LYS A 1763 -49.71 -34.18 -18.68
CA LYS A 1763 -50.44 -34.63 -17.49
C LYS A 1763 -51.64 -35.47 -17.89
N VAL A 1764 -51.96 -36.45 -17.05
CA VAL A 1764 -53.15 -37.27 -17.19
C VAL A 1764 -53.83 -37.26 -15.82
N THR A 1765 -54.80 -36.37 -15.64
CA THR A 1765 -55.45 -36.16 -14.35
C THR A 1765 -56.52 -37.21 -14.15
N CYS A 1766 -56.30 -38.14 -13.22
CA CYS A 1766 -57.32 -39.11 -12.88
C CYS A 1766 -58.43 -38.46 -12.08
N ARG A 1767 -59.63 -39.03 -12.17
CA ARG A 1767 -60.79 -38.44 -11.54
C ARG A 1767 -61.51 -39.46 -10.67
N PRO A 1768 -62.08 -38.96 -9.53
CA PRO A 1768 -62.80 -39.91 -8.74
C PRO A 1768 -63.92 -40.41 -9.41
N PRO A 1769 -64.67 -41.33 -8.76
CA PRO A 1769 -65.78 -41.78 -9.58
C PRO A 1769 -67.02 -41.03 -9.48
N LYS A 1770 -66.97 -39.73 -9.48
CA LYS A 1770 -68.18 -38.98 -9.53
C LYS A 1770 -67.82 -38.04 -10.61
N GLU A 1771 -66.70 -37.34 -10.52
CA GLU A 1771 -66.42 -36.45 -11.63
C GLU A 1771 -66.38 -37.18 -12.96
N VAL A 1772 -66.15 -38.49 -12.96
CA VAL A 1772 -66.27 -39.28 -14.18
C VAL A 1772 -67.71 -39.29 -14.68
N ILE A 1773 -68.68 -39.47 -13.78
CA ILE A 1773 -70.06 -39.47 -14.20
C ILE A 1773 -70.62 -38.06 -14.37
N ASP A 1774 -69.94 -37.05 -13.81
CA ASP A 1774 -70.39 -35.66 -13.95
C ASP A 1774 -69.85 -35.01 -15.22
N MET A 1775 -68.53 -34.91 -15.37
CA MET A 1775 -67.96 -34.27 -16.54
C MET A 1775 -68.11 -35.14 -17.78
N GLU A 1776 -67.80 -36.43 -17.65
CA GLU A 1776 -67.88 -37.36 -18.78
C GLU A 1776 -69.27 -38.00 -18.80
N LEU A 1777 -70.26 -37.15 -19.11
CA LEU A 1777 -71.62 -37.65 -19.27
C LEU A 1777 -71.72 -38.61 -20.44
N SER A 1778 -71.05 -38.29 -21.55
CA SER A 1778 -70.91 -39.19 -22.69
C SER A 1778 -69.51 -39.79 -22.68
N ALA A 1779 -69.44 -41.10 -22.90
CA ALA A 1779 -68.16 -41.81 -22.79
C ALA A 1779 -67.25 -41.48 -23.97
N LEU A 1780 -66.66 -40.28 -23.94
CA LEU A 1780 -65.72 -39.90 -24.99
C LEU A 1780 -64.47 -40.78 -24.97
N ARG A 1781 -64.04 -41.19 -23.78
CA ARG A 1781 -62.95 -42.16 -23.60
C ARG A 1781 -61.66 -41.68 -24.28
N SER A 1782 -61.13 -40.56 -23.78
CA SER A 1782 -59.86 -40.06 -24.24
C SER A 1782 -58.73 -40.69 -23.43
N ASP A 1783 -57.50 -40.23 -23.68
CA ASP A 1783 -56.33 -40.71 -22.96
C ASP A 1783 -55.94 -39.78 -21.81
N THR A 1784 -56.77 -38.79 -21.50
CA THR A 1784 -56.50 -37.84 -20.44
C THR A 1784 -57.42 -37.99 -19.24
N GLU A 1785 -58.67 -38.41 -19.46
CA GLU A 1785 -59.65 -38.58 -18.38
C GLU A 1785 -60.17 -40.01 -18.43
N PRO A 1786 -59.46 -40.95 -17.81
CA PRO A 1786 -59.93 -42.33 -17.78
C PRO A 1786 -61.25 -42.45 -17.03
N GLY A 1787 -62.11 -43.35 -17.53
CA GLY A 1787 -63.37 -43.64 -16.87
C GLY A 1787 -63.39 -45.03 -16.30
N MET A 1788 -64.56 -45.68 -16.33
CA MET A 1788 -64.63 -47.07 -15.90
C MET A 1788 -63.83 -47.94 -16.85
N ASP A 1789 -62.82 -48.61 -16.32
CA ASP A 1789 -61.97 -49.45 -17.15
C ASP A 1789 -62.77 -50.60 -17.74
N LEU A 1790 -62.67 -50.75 -19.07
CA LEU A 1790 -63.39 -51.82 -19.75
C LEU A 1790 -62.91 -53.21 -19.33
N TRP A 1791 -61.66 -53.34 -18.90
CA TRP A 1791 -61.20 -54.57 -18.26
C TRP A 1791 -61.90 -54.82 -16.93
N GLU A 1792 -62.17 -53.76 -16.16
CA GLU A 1792 -62.71 -53.91 -14.80
C GLU A 1792 -64.19 -54.27 -14.89
N PHE A 1793 -64.47 -55.42 -15.51
CA PHE A 1793 -65.72 -56.11 -15.30
C PHE A 1793 -65.36 -57.56 -14.99
N CYS A 1794 -64.91 -57.78 -13.75
CA CYS A 1794 -64.69 -59.12 -13.22
C CYS A 1794 -65.45 -59.31 -11.92
N SER A 1795 -65.26 -58.36 -10.99
CA SER A 1795 -65.91 -58.38 -9.69
C SER A 1795 -66.92 -57.26 -9.52
N GLU A 1796 -66.92 -56.27 -10.42
CA GLU A 1796 -67.92 -55.22 -10.44
C GLU A 1796 -69.13 -55.61 -11.27
N THR A 1797 -69.16 -56.84 -11.80
CA THR A 1797 -70.22 -57.30 -12.67
C THR A 1797 -71.46 -57.76 -11.92
N PHE A 1798 -71.40 -57.83 -10.59
CA PHE A 1798 -72.55 -58.28 -9.80
C PHE A 1798 -73.58 -57.14 -9.76
N GLN A 1799 -74.15 -56.88 -10.95
CA GLN A 1799 -75.15 -55.83 -11.12
C GLN A 1799 -76.54 -56.39 -10.85
N ARG A 1800 -76.66 -57.06 -9.71
CA ARG A 1800 -77.92 -57.46 -9.12
C ARG A 1800 -78.66 -56.22 -8.60
N PRO A 1801 -77.94 -55.15 -8.20
CA PRO A 1801 -78.61 -53.86 -8.06
C PRO A 1801 -79.57 -53.53 -9.19
N TYR A 1802 -79.15 -53.72 -10.43
CA TYR A 1802 -80.05 -53.55 -11.58
C TYR A 1802 -81.38 -54.23 -11.32
N GLN A 1803 -81.32 -55.52 -10.95
CA GLN A 1803 -82.55 -56.30 -10.84
C GLN A 1803 -83.41 -55.85 -9.67
N TYR A 1804 -82.83 -55.66 -8.48
CA TYR A 1804 -83.74 -55.42 -7.37
C TYR A 1804 -84.19 -53.96 -7.37
N LEU A 1805 -83.53 -53.12 -8.16
CA LEU A 1805 -83.91 -51.71 -8.21
C LEU A 1805 -84.91 -51.45 -9.32
N ARG A 1806 -84.56 -51.80 -10.56
CA ARG A 1806 -85.45 -51.53 -11.67
C ARG A 1806 -86.73 -52.37 -11.54
N ARG A 1807 -86.59 -53.62 -11.08
CA ARG A 1807 -87.75 -54.43 -10.69
C ARG A 1807 -88.01 -54.22 -9.20
N PHE A 1808 -88.79 -53.17 -8.90
CA PHE A 1808 -89.06 -52.83 -7.51
C PHE A 1808 -90.07 -53.79 -6.88
N ASN A 1809 -91.09 -54.17 -7.63
CA ASN A 1809 -92.14 -55.03 -7.10
C ASN A 1809 -91.66 -56.48 -6.96
N GLN A 1810 -92.12 -57.13 -5.89
CA GLN A 1810 -91.64 -58.46 -5.57
C GLN A 1810 -92.18 -59.53 -6.51
N ASN A 1811 -93.48 -59.47 -6.82
CA ASN A 1811 -94.15 -60.55 -7.53
C ASN A 1811 -93.68 -60.72 -8.97
N GLN A 1812 -92.96 -59.75 -9.53
CA GLN A 1812 -92.51 -59.82 -10.91
C GLN A 1812 -91.21 -60.59 -11.09
N ASP A 1813 -90.86 -61.45 -10.15
CA ASP A 1813 -89.55 -62.12 -10.12
C ASP A 1813 -88.42 -61.07 -10.21
N LEU A 1814 -88.47 -60.15 -9.24
CA LEU A 1814 -87.56 -59.00 -9.27
C LEU A 1814 -86.10 -59.44 -9.17
N ASP A 1815 -85.82 -60.42 -8.30
CA ASP A 1815 -84.50 -61.03 -8.26
C ASP A 1815 -84.54 -62.48 -8.74
N THR A 1816 -85.70 -62.94 -9.20
CA THR A 1816 -85.90 -64.27 -9.77
C THR A 1816 -85.50 -65.39 -8.81
N PHE A 1817 -85.60 -66.63 -9.28
CA PHE A 1817 -85.12 -67.79 -8.54
C PHE A 1817 -83.73 -68.23 -8.97
N GLN A 1818 -83.08 -67.51 -9.88
CA GLN A 1818 -81.74 -67.86 -10.35
C GLN A 1818 -81.09 -66.66 -11.02
N TYR A 1819 -79.96 -66.24 -10.47
CA TYR A 1819 -79.06 -65.26 -11.10
C TYR A 1819 -77.64 -65.65 -10.75
N GLN A 1820 -76.71 -65.34 -11.65
CA GLN A 1820 -75.31 -65.69 -11.47
C GLN A 1820 -74.39 -64.68 -12.14
N GLU A 1821 -73.13 -65.05 -12.32
CA GLU A 1821 -72.15 -64.17 -12.95
C GLU A 1821 -71.35 -64.96 -13.98
N GLY A 1822 -70.55 -64.28 -14.80
CA GLY A 1822 -69.76 -64.90 -15.85
C GLY A 1822 -69.65 -64.05 -17.10
N SER A 1823 -70.60 -63.14 -17.32
CA SER A 1823 -70.55 -62.25 -18.47
C SER A 1823 -71.21 -60.93 -18.08
N VAL A 1824 -70.84 -59.88 -18.81
CA VAL A 1824 -71.36 -58.55 -18.51
C VAL A 1824 -72.78 -58.41 -19.04
N GLU A 1825 -73.54 -57.49 -18.43
CA GLU A 1825 -74.91 -57.24 -18.90
C GLU A 1825 -75.27 -55.76 -18.87
N GLY A 1826 -74.29 -54.85 -18.84
CA GLY A 1826 -74.58 -53.44 -18.81
C GLY A 1826 -73.52 -52.58 -19.49
N THR A 1827 -73.58 -51.27 -19.26
CA THR A 1827 -72.64 -50.33 -19.84
C THR A 1827 -71.74 -49.74 -18.76
N PRO A 1828 -70.51 -49.38 -19.09
CA PRO A 1828 -69.60 -48.85 -18.05
C PRO A 1828 -69.82 -47.36 -17.79
N GLU A 1829 -71.09 -46.94 -17.75
CA GLU A 1829 -71.45 -45.63 -17.22
C GLU A 1829 -72.68 -45.69 -16.33
N GLU A 1830 -73.38 -46.82 -16.27
CA GLU A 1830 -74.47 -47.02 -15.33
C GLU A 1830 -74.08 -47.86 -14.14
N CYS A 1831 -73.03 -48.68 -14.27
CA CYS A 1831 -72.47 -49.36 -13.09
C CYS A 1831 -71.95 -48.34 -12.09
N LEU A 1832 -71.23 -47.33 -12.58
CA LEU A 1832 -70.70 -46.28 -11.72
C LEU A 1832 -71.78 -45.40 -11.13
N GLN A 1833 -72.99 -45.43 -11.67
CA GLN A 1833 -74.12 -44.69 -11.10
C GLN A 1833 -74.92 -45.53 -10.11
N HIS A 1834 -75.07 -46.83 -10.38
CA HIS A 1834 -75.73 -47.72 -9.43
C HIS A 1834 -74.84 -48.02 -8.24
N PHE A 1835 -73.53 -47.89 -8.37
CA PHE A 1835 -72.63 -48.05 -7.25
C PHE A 1835 -72.47 -46.76 -6.44
N LEU A 1836 -73.05 -45.65 -6.90
CA LEU A 1836 -73.01 -44.40 -6.16
C LEU A 1836 -74.26 -44.15 -5.33
N PHE A 1837 -75.37 -44.80 -5.64
CA PHE A 1837 -76.60 -44.60 -4.90
C PHE A 1837 -76.63 -45.41 -3.61
N HIS A 1838 -76.05 -46.61 -3.62
CA HIS A 1838 -76.00 -47.46 -2.44
C HIS A 1838 -74.61 -47.51 -1.81
N CYS A 1839 -73.69 -46.66 -2.27
CA CYS A 1839 -72.34 -46.66 -1.70
C CYS A 1839 -72.35 -46.22 -0.24
N GLY A 1840 -73.12 -45.19 0.08
CA GLY A 1840 -73.12 -44.64 1.42
C GLY A 1840 -72.25 -43.39 1.52
N VAL A 1841 -71.11 -43.42 0.85
CA VAL A 1841 -70.21 -42.27 0.82
C VAL A 1841 -70.70 -41.25 -0.19
N ILE A 1842 -70.48 -39.97 0.11
CA ILE A 1842 -70.97 -38.91 -0.76
C ILE A 1842 -70.10 -38.75 -1.99
N ASN A 1843 -68.80 -38.60 -1.79
CA ASN A 1843 -67.83 -38.41 -2.89
C ASN A 1843 -66.72 -39.45 -2.75
N PRO A 1844 -67.00 -40.70 -3.10
CA PRO A 1844 -66.02 -41.76 -2.92
C PRO A 1844 -64.87 -41.62 -3.90
N SER A 1845 -63.72 -42.19 -3.52
CA SER A 1845 -62.62 -42.38 -4.45
C SER A 1845 -62.77 -43.74 -5.12
N TRP A 1846 -61.83 -44.08 -6.00
CA TRP A 1846 -61.88 -45.40 -6.63
C TRP A 1846 -61.60 -46.50 -5.61
N SER A 1847 -60.66 -46.26 -4.69
CA SER A 1847 -60.45 -47.20 -3.59
C SER A 1847 -61.35 -46.86 -2.40
N GLU A 1848 -62.61 -46.58 -2.71
CA GLU A 1848 -63.74 -46.68 -1.78
C GLU A 1848 -64.94 -47.33 -2.41
N LEU A 1849 -65.05 -47.28 -3.74
CA LEU A 1849 -66.02 -48.07 -4.49
C LEU A 1849 -65.50 -49.47 -4.78
N ARG A 1850 -64.19 -49.63 -4.92
CA ARG A 1850 -63.63 -50.96 -5.14
C ARG A 1850 -63.91 -51.87 -3.95
N ASN A 1851 -63.70 -51.37 -2.73
CA ASN A 1851 -63.95 -52.20 -1.55
C ASN A 1851 -65.43 -52.49 -1.37
N PHE A 1852 -66.28 -51.49 -1.61
CA PHE A 1852 -67.72 -51.71 -1.51
C PHE A 1852 -68.22 -52.71 -2.53
N ALA A 1853 -67.71 -52.68 -3.76
CA ALA A 1853 -68.06 -53.67 -4.76
C ALA A 1853 -67.50 -55.04 -4.43
N ARG A 1854 -66.28 -55.11 -3.89
CA ARG A 1854 -65.67 -56.39 -3.56
C ARG A 1854 -66.42 -57.10 -2.43
N PHE A 1855 -66.79 -56.36 -1.39
CA PHE A 1855 -67.55 -56.95 -0.29
C PHE A 1855 -68.89 -57.48 -0.78
N LEU A 1856 -69.59 -56.68 -1.57
CA LEU A 1856 -70.88 -57.10 -2.11
C LEU A 1856 -70.72 -58.31 -3.02
N ASN A 1857 -69.66 -58.34 -3.83
CA ASN A 1857 -69.41 -59.48 -4.71
C ASN A 1857 -69.19 -60.75 -3.90
N TYR A 1858 -68.34 -60.68 -2.87
CA TYR A 1858 -68.09 -61.86 -2.04
C TYR A 1858 -69.36 -62.34 -1.37
N GLN A 1859 -70.16 -61.40 -0.83
CA GLN A 1859 -71.33 -61.81 -0.07
C GLN A 1859 -72.44 -62.34 -0.97
N LEU A 1860 -72.58 -61.79 -2.18
CA LEU A 1860 -73.56 -62.33 -3.11
C LEU A 1860 -73.08 -63.66 -3.70
N ARG A 1861 -71.77 -63.83 -3.83
CA ARG A 1861 -71.22 -65.12 -4.26
C ARG A 1861 -71.52 -66.19 -3.23
N ASP A 1862 -71.35 -65.87 -1.95
CA ASP A 1862 -71.73 -66.80 -0.90
C ASP A 1862 -73.24 -66.93 -0.76
N CYS A 1863 -74.01 -65.94 -1.26
CA CYS A 1863 -75.46 -66.06 -1.25
C CYS A 1863 -75.94 -67.06 -2.29
N GLU A 1864 -75.35 -67.02 -3.50
CA GLU A 1864 -75.71 -67.97 -4.56
C GLU A 1864 -75.10 -69.35 -4.35
N ALA A 1865 -74.51 -69.54 -3.17
CA ALA A 1865 -74.03 -70.83 -2.71
C ALA A 1865 -75.19 -71.63 -2.11
N SER A 1866 -74.87 -72.67 -1.34
CA SER A 1866 -75.87 -73.56 -0.74
C SER A 1866 -77.02 -72.78 -0.08
N LEU A 1867 -78.18 -73.44 0.02
CA LEU A 1867 -79.46 -72.87 0.45
C LEU A 1867 -80.03 -71.99 -0.65
N PHE A 1868 -79.26 -71.78 -1.71
CA PHE A 1868 -79.75 -71.21 -2.97
C PHE A 1868 -79.63 -72.36 -3.97
N CYS A 1869 -80.70 -73.16 -4.06
CA CYS A 1869 -80.72 -74.35 -4.89
C CYS A 1869 -82.16 -74.63 -5.27
N ASN A 1870 -82.44 -75.85 -5.71
CA ASN A 1870 -83.81 -76.19 -6.07
C ASN A 1870 -84.32 -77.36 -5.23
N PRO A 1871 -84.65 -77.13 -3.96
CA PRO A 1871 -85.25 -78.19 -3.15
C PRO A 1871 -86.74 -78.30 -3.44
N SER A 1872 -87.40 -79.20 -2.71
CA SER A 1872 -88.84 -79.41 -2.90
C SER A 1872 -89.66 -78.45 -2.05
N PHE A 1873 -89.45 -78.47 -0.74
CA PHE A 1873 -90.28 -77.71 0.19
C PHE A 1873 -89.40 -76.98 1.20
N ILE A 1874 -88.36 -76.30 0.70
CA ILE A 1874 -87.46 -75.56 1.58
C ILE A 1874 -88.21 -74.44 2.29
N GLY A 1875 -88.95 -73.63 1.54
CA GLY A 1875 -89.93 -72.71 2.08
C GLY A 1875 -91.12 -72.70 1.15
N ASP A 1876 -90.97 -73.46 0.05
CA ASP A 1876 -91.95 -73.67 -1.00
C ASP A 1876 -92.10 -72.43 -1.88
N THR A 1877 -91.59 -71.29 -1.41
CA THR A 1877 -91.46 -70.13 -2.27
C THR A 1877 -90.12 -69.43 -2.09
N LEU A 1878 -89.67 -69.33 -0.83
CA LEU A 1878 -88.56 -68.47 -0.46
C LEU A 1878 -88.69 -67.08 -1.09
N ARG A 1879 -89.89 -66.50 -1.06
CA ARG A 1879 -90.07 -65.14 -1.54
C ARG A 1879 -89.23 -64.16 -0.72
N GLY A 1880 -88.56 -63.27 -1.43
CA GLY A 1880 -87.86 -62.17 -0.80
C GLY A 1880 -86.53 -62.51 -0.17
N PHE A 1881 -86.08 -63.75 -0.26
CA PHE A 1881 -84.78 -64.10 0.32
C PHE A 1881 -83.65 -63.37 -0.40
N LYS A 1882 -83.71 -63.30 -1.72
CA LYS A 1882 -82.71 -62.54 -2.46
C LYS A 1882 -82.83 -61.05 -2.16
N LYS A 1883 -84.07 -60.55 -2.06
CA LYS A 1883 -84.28 -59.16 -1.67
C LYS A 1883 -83.70 -58.89 -0.28
N PHE A 1884 -83.96 -59.81 0.66
CA PHE A 1884 -83.37 -59.67 1.98
C PHE A 1884 -81.85 -59.61 1.90
N VAL A 1885 -81.24 -60.53 1.17
CA VAL A 1885 -79.79 -60.56 1.10
C VAL A 1885 -79.26 -59.25 0.54
N VAL A 1886 -79.80 -58.82 -0.61
CA VAL A 1886 -79.30 -57.62 -1.25
C VAL A 1886 -79.44 -56.41 -0.35
N THR A 1887 -80.66 -56.19 0.16
CA THR A 1887 -80.93 -55.00 0.95
C THR A 1887 -80.11 -54.99 2.24
N PHE A 1888 -80.15 -56.10 2.99
CA PHE A 1888 -79.51 -56.11 4.30
C PHE A 1888 -77.99 -56.06 4.18
N MET A 1889 -77.42 -56.71 3.16
CA MET A 1889 -75.97 -56.65 3.08
C MET A 1889 -75.48 -55.35 2.45
N ILE A 1890 -76.29 -54.69 1.62
CA ILE A 1890 -75.98 -53.30 1.26
C ILE A 1890 -76.02 -52.42 2.51
N PHE A 1891 -76.96 -52.69 3.42
CA PHE A 1891 -77.00 -51.96 4.69
C PHE A 1891 -75.74 -52.22 5.52
N MET A 1892 -75.31 -53.47 5.60
CA MET A 1892 -74.18 -53.80 6.47
C MET A 1892 -72.84 -53.45 5.83
N ALA A 1893 -72.83 -53.18 4.52
CA ALA A 1893 -71.64 -52.66 3.85
C ALA A 1893 -71.23 -51.29 4.38
N ARG A 1894 -72.12 -50.60 5.11
CA ARG A 1894 -71.75 -49.32 5.71
C ARG A 1894 -70.58 -49.46 6.67
N ASP A 1895 -70.47 -50.60 7.34
CA ASP A 1895 -69.37 -50.81 8.28
C ASP A 1895 -68.05 -51.10 7.58
N PHE A 1896 -68.09 -51.66 6.37
CA PHE A 1896 -66.89 -52.09 5.68
C PHE A 1896 -66.41 -51.11 4.61
N ALA A 1897 -67.29 -50.24 4.12
CA ALA A 1897 -66.94 -49.34 3.02
C ALA A 1897 -66.83 -47.88 3.44
N THR A 1898 -67.78 -47.39 4.24
CA THR A 1898 -67.78 -45.99 4.62
C THR A 1898 -66.58 -45.69 5.52
N PRO A 1899 -65.92 -44.56 5.32
CA PRO A 1899 -64.78 -44.21 6.18
C PRO A 1899 -65.22 -43.93 7.60
N SER A 1900 -64.30 -44.16 8.54
CA SER A 1900 -64.55 -43.89 9.95
C SER A 1900 -63.97 -42.57 10.41
N LEU A 1901 -62.83 -42.16 9.88
CA LEU A 1901 -62.23 -40.89 10.25
C LEU A 1901 -63.05 -39.73 9.66
N HIS A 1902 -62.85 -38.54 10.23
CA HIS A 1902 -63.53 -37.36 9.74
C HIS A 1902 -63.04 -37.01 8.34
N THR A 1903 -63.95 -36.49 7.51
CA THR A 1903 -63.62 -36.10 6.15
C THR A 1903 -62.72 -34.87 6.13
N GLU A 1920 -54.93 -27.76 17.00
CA GLU A 1920 -55.75 -28.93 16.67
C GLU A 1920 -56.28 -28.83 15.25
N GLU A 1921 -55.53 -28.16 14.37
CA GLU A 1921 -55.94 -28.01 12.98
C GLU A 1921 -55.62 -29.25 12.17
N ASP A 1922 -54.41 -29.78 12.32
CA ASP A 1922 -53.96 -30.92 11.51
C ASP A 1922 -54.57 -32.25 11.96
N LEU A 1923 -55.10 -32.32 13.18
CA LEU A 1923 -55.70 -33.55 13.67
C LEU A 1923 -57.16 -33.70 13.25
N ALA A 1924 -57.73 -32.73 12.54
CA ALA A 1924 -59.12 -32.84 12.12
C ALA A 1924 -59.37 -34.04 11.22
N PRO A 1925 -58.59 -34.30 10.16
CA PRO A 1925 -58.80 -35.55 9.41
C PRO A 1925 -58.54 -36.79 10.24
N PHE A 1926 -57.57 -36.74 11.16
CA PHE A 1926 -57.25 -37.89 12.00
C PHE A 1926 -58.04 -37.87 13.32
N SER A 1927 -59.35 -37.70 13.22
CA SER A 1927 -60.24 -37.73 14.37
C SER A 1927 -61.33 -38.74 14.09
N LEU A 1928 -61.50 -39.71 14.99
CA LEU A 1928 -62.46 -40.78 14.78
C LEU A 1928 -63.89 -40.27 14.94
N ARG A 1929 -64.75 -40.68 14.02
CA ARG A 1929 -66.17 -40.40 14.09
C ARG A 1929 -67.02 -41.65 14.29
N LYS A 1930 -66.68 -42.73 13.60
CA LYS A 1930 -67.38 -44.01 13.77
C LYS A 1930 -66.63 -44.87 14.77
N ARG A 1931 -66.79 -44.50 16.05
CA ARG A 1931 -66.20 -45.30 17.12
C ARG A 1931 -66.92 -46.64 17.23
N TRP A 1932 -66.22 -47.63 17.82
CA TRP A 1932 -66.78 -48.96 17.89
C TRP A 1932 -68.05 -49.00 18.74
N GLU A 1933 -68.19 -48.08 19.68
CA GLU A 1933 -69.39 -48.02 20.51
C GLU A 1933 -70.55 -47.30 19.83
N SER A 1934 -70.34 -46.80 18.62
CA SER A 1934 -71.39 -46.11 17.86
C SER A 1934 -72.29 -47.14 17.18
N GLU A 1935 -73.06 -46.71 16.16
CA GLU A 1935 -74.11 -47.49 15.50
C GLU A 1935 -73.72 -48.96 15.31
N PRO A 1936 -74.65 -49.88 15.55
CA PRO A 1936 -74.30 -51.30 15.64
C PRO A 1936 -73.86 -51.89 14.31
N HIS A 1937 -73.52 -53.17 14.36
CA HIS A 1937 -72.96 -53.89 13.20
C HIS A 1937 -73.80 -55.13 12.92
N PRO A 1938 -74.51 -55.19 11.79
CA PRO A 1938 -75.34 -56.38 11.49
C PRO A 1938 -74.53 -57.68 11.39
N TYR A 1939 -73.59 -57.73 10.46
CA TYR A 1939 -72.62 -58.82 10.34
C TYR A 1939 -73.30 -60.18 10.12
N VAL A 1940 -73.93 -60.30 8.97
CA VAL A 1940 -74.41 -61.59 8.48
C VAL A 1940 -73.26 -62.30 7.77
N PHE A 1941 -73.08 -63.58 8.08
CA PHE A 1941 -72.10 -64.42 7.41
C PHE A 1941 -72.84 -65.60 6.77
N PHE A 1942 -72.09 -66.47 6.08
CA PHE A 1942 -72.72 -67.56 5.36
C PHE A 1942 -72.12 -68.93 5.65
N ASN A 1943 -71.24 -69.04 6.65
CA ASN A 1943 -70.79 -70.34 7.13
C ASN A 1943 -70.18 -71.17 6.01
N ASP A 1944 -68.98 -70.80 5.57
CA ASP A 1944 -68.39 -71.27 4.33
C ASP A 1944 -68.41 -72.79 4.14
N ASP A 1945 -68.71 -73.55 5.21
CA ASP A 1945 -68.98 -74.96 5.03
C ASP A 1945 -70.29 -75.22 4.29
N HIS A 1946 -71.02 -74.16 3.92
CA HIS A 1946 -72.19 -74.25 3.06
C HIS A 1946 -73.34 -74.98 3.74
N THR A 1947 -73.62 -74.64 5.00
CA THR A 1947 -74.70 -75.30 5.72
C THR A 1947 -75.75 -74.31 6.23
N THR A 1948 -75.32 -73.21 6.84
CA THR A 1948 -76.22 -72.29 7.51
C THR A 1948 -75.74 -70.86 7.34
N MET A 1949 -76.43 -69.94 8.00
CA MET A 1949 -76.05 -68.54 8.08
C MET A 1949 -75.46 -68.26 9.46
N THR A 1950 -75.22 -66.98 9.74
CA THR A 1950 -74.77 -66.56 11.07
C THR A 1950 -75.36 -65.18 11.34
N PHE A 1951 -76.41 -65.15 12.16
CA PHE A 1951 -77.03 -63.91 12.61
C PHE A 1951 -76.45 -63.59 13.97
N ILE A 1952 -75.63 -62.53 14.05
CA ILE A 1952 -74.76 -62.30 15.19
C ILE A 1952 -75.02 -60.97 15.86
N GLY A 1953 -75.65 -60.02 15.17
CA GLY A 1953 -75.69 -58.68 15.75
C GLY A 1953 -76.93 -57.84 15.58
N PHE A 1954 -78.07 -58.43 15.25
CA PHE A 1954 -79.24 -57.57 15.09
C PHE A 1954 -80.46 -58.03 15.88
N HIS A 1955 -80.71 -59.33 15.99
CA HIS A 1955 -81.90 -59.82 16.68
C HIS A 1955 -83.17 -59.22 16.10
N LEU A 1956 -83.49 -59.54 14.85
CA LEU A 1956 -84.66 -58.95 14.20
C LEU A 1956 -85.94 -59.24 14.97
N GLN A 1957 -86.83 -58.25 14.97
CA GLN A 1957 -88.10 -58.30 15.68
C GLN A 1957 -89.23 -58.03 14.69
N PRO A 1958 -90.29 -58.84 14.69
CA PRO A 1958 -91.39 -58.64 13.73
C PRO A 1958 -92.15 -57.36 14.01
N ASN A 1959 -92.27 -56.52 12.99
CA ASN A 1959 -93.03 -55.28 13.11
C ASN A 1959 -94.52 -55.58 13.19
N ILE A 1960 -95.29 -54.57 13.61
CA ILE A 1960 -96.72 -54.76 13.83
C ILE A 1960 -97.45 -54.99 12.52
N ASN A 1961 -97.11 -54.23 11.48
CA ASN A 1961 -97.86 -54.28 10.22
C ASN A 1961 -97.27 -55.31 9.25
N GLY A 1962 -97.14 -56.55 9.71
CA GLY A 1962 -96.69 -57.62 8.85
C GLY A 1962 -95.27 -57.50 8.36
N SER A 1963 -94.44 -56.69 9.01
CA SER A 1963 -93.05 -56.49 8.64
C SER A 1963 -92.13 -56.99 9.75
N VAL A 1964 -90.83 -56.96 9.47
CA VAL A 1964 -89.80 -57.28 10.45
C VAL A 1964 -88.70 -56.24 10.34
N ASP A 1965 -88.23 -55.77 11.49
CA ASP A 1965 -87.19 -54.75 11.57
C ASP A 1965 -85.98 -55.32 12.30
N ALA A 1966 -84.88 -54.56 12.28
CA ALA A 1966 -83.65 -54.93 12.95
C ALA A 1966 -83.41 -54.01 14.12
N ILE A 1967 -83.08 -54.59 15.27
CA ILE A 1967 -82.85 -53.80 16.49
C ILE A 1967 -81.40 -53.93 16.91
N SER A 1968 -81.03 -53.26 18.01
CA SER A 1968 -79.69 -53.36 18.54
C SER A 1968 -79.50 -54.69 19.27
N HIS A 1969 -78.25 -54.97 19.64
CA HIS A 1969 -77.94 -56.20 20.35
C HIS A 1969 -78.64 -56.24 21.70
N LEU A 1970 -78.64 -55.14 22.43
CA LEU A 1970 -79.24 -55.06 23.75
C LEU A 1970 -80.22 -53.92 23.90
N THR A 1971 -79.98 -52.79 23.22
CA THR A 1971 -80.85 -51.64 23.37
C THR A 1971 -82.26 -51.92 22.86
N GLY A 1972 -82.37 -52.60 21.72
CA GLY A 1972 -83.65 -52.84 21.09
C GLY A 1972 -84.10 -51.75 20.14
N LYS A 1973 -83.34 -50.67 20.02
CA LYS A 1973 -83.70 -49.60 19.10
C LYS A 1973 -83.58 -50.08 17.66
N VAL A 1974 -84.56 -49.71 16.83
CA VAL A 1974 -84.59 -50.15 15.45
C VAL A 1974 -83.53 -49.39 14.65
N ILE A 1975 -82.71 -50.13 13.91
CA ILE A 1975 -81.67 -49.52 13.07
C ILE A 1975 -82.08 -49.46 11.59
N LYS A 1976 -82.89 -50.40 11.12
CA LYS A 1976 -83.41 -50.32 9.76
C LYS A 1976 -84.80 -50.94 9.74
N ARG A 1977 -85.60 -50.53 8.76
CA ARG A 1977 -87.02 -50.87 8.70
C ARG A 1977 -87.31 -51.76 7.50
N ASP A 1978 -88.25 -52.68 7.70
CA ASP A 1978 -88.77 -53.53 6.62
C ASP A 1978 -87.67 -54.29 5.89
N VAL A 1979 -86.74 -54.85 6.66
CA VAL A 1979 -85.66 -55.64 6.08
C VAL A 1979 -86.15 -56.97 5.51
N MET A 1980 -87.21 -57.54 6.09
CA MET A 1980 -87.58 -58.91 5.81
C MET A 1980 -89.02 -59.09 6.30
N THR A 1981 -89.73 -60.09 5.75
CA THR A 1981 -91.20 -60.13 5.83
C THR A 1981 -91.67 -61.29 6.70
N ARG A 1982 -92.95 -61.18 7.13
CA ARG A 1982 -93.52 -62.18 8.02
C ARG A 1982 -93.54 -63.56 7.40
N ASP A 1983 -93.90 -63.66 6.11
CA ASP A 1983 -93.95 -64.96 5.45
C ASP A 1983 -92.58 -65.64 5.47
N LEU A 1984 -91.55 -64.92 5.02
CA LEU A 1984 -90.22 -65.51 5.03
C LEU A 1984 -89.65 -65.60 6.44
N TYR A 1985 -90.18 -64.80 7.38
CA TYR A 1985 -89.86 -65.01 8.79
C TYR A 1985 -90.29 -66.41 9.24
N GLN A 1986 -91.55 -66.77 8.96
CA GLN A 1986 -92.02 -68.11 9.29
C GLN A 1986 -91.25 -69.17 8.52
N GLY A 1987 -90.91 -68.88 7.26
CA GLY A 1987 -90.13 -69.83 6.49
C GLY A 1987 -88.75 -70.09 7.08
N LEU A 1988 -88.07 -69.04 7.53
CA LEU A 1988 -86.74 -69.18 8.11
C LEU A 1988 -86.80 -69.89 9.46
N LEU A 1989 -87.76 -69.49 10.30
CA LEU A 1989 -87.90 -70.16 11.60
C LEU A 1989 -88.29 -71.62 11.45
N LEU A 1990 -89.09 -71.95 10.43
CA LEU A 1990 -89.38 -73.34 10.12
C LEU A 1990 -88.14 -74.07 9.60
N GLN A 1991 -87.15 -73.34 9.10
CA GLN A 1991 -85.91 -73.92 8.59
C GLN A 1991 -84.83 -74.03 9.66
N ARG A 1992 -85.09 -73.57 10.88
CA ARG A 1992 -84.17 -73.68 12.01
C ARG A 1992 -82.84 -72.99 11.69
N VAL A 1993 -82.95 -71.67 11.49
CA VAL A 1993 -81.80 -70.82 11.24
C VAL A 1993 -81.25 -70.33 12.58
N PRO A 1994 -79.94 -70.10 12.71
CA PRO A 1994 -79.41 -69.55 13.97
C PRO A 1994 -79.84 -68.10 14.16
N PHE A 1995 -81.10 -67.92 14.53
CA PHE A 1995 -81.74 -66.61 14.56
C PHE A 1995 -82.09 -66.23 15.99
N ASN A 1996 -81.87 -64.96 16.33
CA ASN A 1996 -82.17 -64.39 17.63
C ASN A 1996 -81.35 -65.03 18.75
N VAL A 1997 -80.25 -65.69 18.42
CA VAL A 1997 -79.38 -66.26 19.44
C VAL A 1997 -78.53 -65.13 20.04
N ASP A 1998 -78.41 -65.13 21.36
CA ASP A 1998 -77.70 -64.07 22.08
C ASP A 1998 -76.44 -64.67 22.68
N PHE A 1999 -75.28 -64.22 22.20
CA PHE A 1999 -74.00 -64.72 22.69
C PHE A 1999 -73.60 -64.11 24.01
N ASP A 2000 -74.33 -63.12 24.52
CA ASP A 2000 -74.00 -62.54 25.82
C ASP A 2000 -74.18 -63.56 26.93
N LYS A 2001 -75.25 -64.35 26.88
CA LYS A 2001 -75.55 -65.38 27.87
C LYS A 2001 -75.59 -66.73 27.15
N LEU A 2002 -74.42 -67.36 27.02
CA LEU A 2002 -74.29 -68.66 26.41
C LEU A 2002 -73.06 -69.34 26.98
N PRO A 2003 -73.02 -70.68 26.98
CA PRO A 2003 -71.81 -71.37 27.45
C PRO A 2003 -70.62 -71.07 26.55
N ARG A 2004 -69.44 -71.12 27.15
CA ARG A 2004 -68.22 -70.87 26.38
C ARG A 2004 -68.04 -71.92 25.28
N HIS A 2005 -68.41 -73.17 25.57
CA HIS A 2005 -68.30 -74.21 24.55
C HIS A 2005 -69.17 -73.89 23.34
N LYS A 2006 -70.44 -73.56 23.58
CA LYS A 2006 -71.35 -73.25 22.47
C LYS A 2006 -70.89 -72.01 21.73
N LYS A 2007 -70.43 -70.98 22.46
CA LYS A 2007 -69.97 -69.75 21.81
C LYS A 2007 -68.78 -70.04 20.91
N LEU A 2008 -67.80 -70.79 21.42
CA LEU A 2008 -66.62 -71.09 20.63
C LEU A 2008 -66.97 -71.94 19.42
N GLU A 2009 -67.87 -72.93 19.59
CA GLU A 2009 -68.28 -73.74 18.46
C GLU A 2009 -68.98 -72.90 17.40
N ARG A 2010 -69.85 -71.97 17.82
CA ARG A 2010 -70.56 -71.14 16.86
C ARG A 2010 -69.60 -70.25 16.08
N LEU A 2011 -68.68 -69.58 16.79
CA LEU A 2011 -67.77 -68.68 16.08
C LEU A 2011 -66.75 -69.43 15.26
N CYS A 2012 -66.40 -70.66 15.66
CA CYS A 2012 -65.50 -71.48 14.87
C CYS A 2012 -66.18 -71.97 13.60
N LEU A 2013 -67.46 -72.35 13.70
CA LEU A 2013 -68.22 -72.74 12.52
C LEU A 2013 -68.37 -71.56 11.56
N THR A 2014 -68.67 -70.38 12.09
CA THR A 2014 -68.79 -69.21 11.23
C THR A 2014 -67.46 -68.85 10.59
N LEU A 2015 -66.37 -68.97 11.35
CA LEU A 2015 -65.05 -68.60 10.85
C LEU A 2015 -64.56 -69.58 9.79
N GLY A 2016 -64.97 -70.84 9.86
CA GLY A 2016 -64.63 -71.79 8.82
C GLY A 2016 -63.95 -73.06 9.27
N ILE A 2017 -63.04 -72.98 10.22
CA ILE A 2017 -62.37 -74.19 10.71
C ILE A 2017 -63.35 -75.01 11.53
N PRO A 2018 -63.37 -76.34 11.39
CA PRO A 2018 -64.43 -77.13 12.02
C PRO A 2018 -64.06 -77.67 13.40
N GLN A 2019 -62.85 -77.41 13.86
CA GLN A 2019 -62.40 -77.95 15.14
C GLN A 2019 -63.11 -77.22 16.29
N ALA A 2020 -62.79 -77.64 17.52
CA ALA A 2020 -63.41 -77.04 18.70
C ALA A 2020 -62.43 -76.83 19.84
N THR A 2021 -61.14 -77.10 19.64
CA THR A 2021 -60.16 -76.97 20.72
C THR A 2021 -59.98 -75.51 21.10
N ASP A 2022 -60.21 -75.20 22.35
CA ASP A 2022 -60.05 -73.83 22.82
C ASP A 2022 -58.57 -73.49 22.93
N PRO A 2023 -58.09 -72.44 22.26
CA PRO A 2023 -56.67 -72.07 22.39
C PRO A 2023 -56.37 -71.34 23.67
N ASP A 2024 -57.38 -70.81 24.36
CA ASP A 2024 -57.17 -70.10 25.62
C ASP A 2024 -58.48 -70.10 26.39
N LYS A 2025 -58.37 -69.91 27.71
CA LYS A 2025 -59.51 -69.79 28.58
C LYS A 2025 -59.60 -68.43 29.28
N THR A 2026 -58.47 -67.77 29.50
CA THR A 2026 -58.48 -66.46 30.13
C THR A 2026 -59.19 -65.42 29.27
N TYR A 2027 -58.97 -65.48 27.96
CA TYR A 2027 -59.56 -64.49 27.05
C TYR A 2027 -61.06 -64.70 26.98
N GLU A 2028 -61.81 -63.74 27.52
CA GLU A 2028 -63.26 -63.80 27.48
C GLU A 2028 -63.78 -63.58 26.06
N LEU A 2029 -65.04 -63.96 25.85
CA LEU A 2029 -65.69 -63.85 24.55
C LEU A 2029 -67.03 -63.16 24.74
N THR A 2030 -67.03 -61.84 24.68
CA THR A 2030 -68.28 -61.08 24.67
C THR A 2030 -68.77 -60.91 23.24
N THR A 2031 -70.01 -60.44 23.11
CA THR A 2031 -70.56 -60.20 21.77
C THR A 2031 -69.75 -59.14 21.03
N ASP A 2032 -69.38 -58.06 21.73
CA ASP A 2032 -68.57 -57.02 21.11
C ASP A 2032 -67.16 -57.51 20.79
N ASN A 2033 -66.62 -58.44 21.58
CA ASN A 2033 -65.32 -59.03 21.29
C ASN A 2033 -65.37 -60.10 20.23
N MET A 2034 -66.55 -60.63 19.91
CA MET A 2034 -66.74 -61.59 18.83
C MET A 2034 -67.00 -60.91 17.50
N LEU A 2035 -67.83 -59.86 17.48
CA LEU A 2035 -68.04 -59.09 16.27
C LEU A 2035 -66.79 -58.35 15.82
N LYS A 2036 -65.76 -58.30 16.66
CA LYS A 2036 -64.49 -57.71 16.31
C LYS A 2036 -63.55 -58.69 15.63
N ILE A 2037 -63.55 -59.96 16.07
CA ILE A 2037 -62.84 -61.00 15.33
C ILE A 2037 -63.52 -61.26 14.00
N LEU A 2038 -64.86 -61.25 14.00
CA LEU A 2038 -65.59 -61.49 12.75
C LEU A 2038 -65.31 -60.41 11.73
N ALA A 2039 -65.13 -59.16 12.17
CA ALA A 2039 -64.80 -58.08 11.25
C ALA A 2039 -63.47 -58.33 10.55
N ILE A 2040 -62.45 -58.71 11.32
CA ILE A 2040 -61.14 -58.96 10.75
C ILE A 2040 -61.17 -60.14 9.81
N GLU A 2041 -61.86 -61.22 10.20
CA GLU A 2041 -61.97 -62.39 9.32
C GLU A 2041 -62.70 -62.04 8.04
N MET A 2042 -63.78 -61.25 8.14
CA MET A 2042 -64.54 -60.86 6.97
C MET A 2042 -63.71 -60.01 6.02
N ARG A 2043 -62.95 -59.06 6.56
CA ARG A 2043 -62.07 -58.26 5.72
C ARG A 2043 -60.93 -59.10 5.14
N PHE A 2044 -60.54 -60.18 5.81
CA PHE A 2044 -59.54 -61.07 5.24
C PHE A 2044 -60.09 -61.84 4.05
N ARG A 2045 -61.29 -62.42 4.19
CA ARG A 2045 -61.84 -63.24 3.11
C ARG A 2045 -62.35 -62.40 1.94
N CYS A 2046 -62.59 -61.10 2.15
CA CYS A 2046 -62.97 -60.23 1.04
C CYS A 2046 -61.74 -59.75 0.27
N GLY A 2047 -60.83 -59.06 0.96
CA GLY A 2047 -59.65 -58.51 0.33
C GLY A 2047 -59.37 -57.11 0.81
N ILE A 2048 -60.28 -56.57 1.61
CA ILE A 2048 -60.11 -55.21 2.15
C ILE A 2048 -58.93 -55.21 3.11
N PRO A 2049 -57.96 -54.26 2.94
CA PRO A 2049 -56.88 -54.32 3.94
C PRO A 2049 -57.37 -53.93 5.33
N VAL A 2050 -56.88 -54.62 6.36
CA VAL A 2050 -57.34 -54.34 7.71
C VAL A 2050 -56.35 -53.46 8.44
N ILE A 2051 -56.77 -52.24 8.77
CA ILE A 2051 -55.90 -51.36 9.56
C ILE A 2051 -56.73 -50.80 10.72
N ILE A 2052 -56.25 -51.00 11.95
CA ILE A 2052 -57.05 -50.60 13.11
C ILE A 2052 -56.45 -49.47 13.93
N MET A 2053 -57.29 -48.56 14.40
CA MET A 2053 -56.82 -47.47 15.24
C MET A 2053 -57.18 -47.75 16.68
N GLY A 2054 -56.20 -47.72 17.57
CA GLY A 2054 -56.46 -47.97 18.98
C GLY A 2054 -55.29 -47.62 19.87
N GLU A 2055 -55.57 -47.32 21.14
CA GLU A 2055 -54.51 -46.94 22.07
C GLU A 2055 -53.69 -48.17 22.47
N THR A 2056 -52.57 -47.93 23.14
CA THR A 2056 -51.75 -49.02 23.62
C THR A 2056 -52.49 -49.82 24.67
N GLY A 2057 -52.40 -51.14 24.58
CA GLY A 2057 -53.12 -52.00 25.50
C GLY A 2057 -54.63 -51.91 25.37
N CYS A 2058 -55.12 -51.75 24.14
CA CYS A 2058 -56.55 -51.69 23.88
C CYS A 2058 -57.16 -53.07 23.65
N GLY A 2059 -56.35 -54.13 23.63
CA GLY A 2059 -56.84 -55.46 23.38
C GLY A 2059 -56.72 -55.93 21.94
N LYS A 2060 -56.23 -55.09 21.03
CA LYS A 2060 -56.07 -55.50 19.65
C LYS A 2060 -55.04 -56.62 19.52
N THR A 2061 -53.90 -56.49 20.20
CA THR A 2061 -52.87 -57.51 20.12
C THR A 2061 -53.35 -58.83 20.72
N ARG A 2062 -54.06 -58.77 21.84
CA ARG A 2062 -54.59 -59.98 22.45
C ARG A 2062 -55.61 -60.66 21.54
N LEU A 2063 -56.48 -59.86 20.92
CA LEU A 2063 -57.47 -60.42 19.99
C LEU A 2063 -56.80 -61.07 18.80
N ILE A 2064 -55.78 -60.42 18.23
CA ILE A 2064 -55.07 -60.98 17.08
C ILE A 2064 -54.36 -62.27 17.46
N LYS A 2065 -53.71 -62.30 18.62
CA LYS A 2065 -53.03 -63.51 19.06
C LYS A 2065 -54.02 -64.64 19.32
N PHE A 2066 -55.17 -64.32 19.92
CA PHE A 2066 -56.19 -65.33 20.15
C PHE A 2066 -56.72 -65.89 18.84
N LEU A 2067 -56.97 -65.02 17.86
CA LEU A 2067 -57.43 -65.49 16.56
C LEU A 2067 -56.39 -66.36 15.87
N SER A 2068 -55.12 -65.96 15.96
CA SER A 2068 -54.05 -66.76 15.35
C SER A 2068 -53.95 -68.13 16.00
N ASP A 2069 -54.03 -68.18 17.33
CA ASP A 2069 -53.96 -69.47 18.02
C ASP A 2069 -55.19 -70.32 17.71
N LEU A 2070 -56.36 -69.70 17.57
CA LEU A 2070 -57.54 -70.45 17.16
C LEU A 2070 -57.37 -71.03 15.77
N ARG A 2071 -56.79 -70.26 14.85
CA ARG A 2071 -56.46 -70.79 13.53
C ARG A 2071 -55.48 -71.96 13.63
N ARG A 2072 -54.49 -71.84 14.53
CA ARG A 2072 -53.48 -72.88 14.68
C ARG A 2072 -54.11 -74.20 15.09
N GLY A 2073 -54.96 -74.18 16.12
CA GLY A 2073 -55.61 -75.37 16.61
C GLY A 2073 -54.73 -76.19 17.54
N GLY A 2074 -53.83 -76.98 16.96
CA GLY A 2074 -52.89 -77.75 17.74
C GLY A 2074 -51.47 -77.73 17.22
N THR A 2075 -51.29 -77.21 16.01
CA THR A 2075 -50.00 -77.26 15.34
C THR A 2075 -49.02 -76.29 15.99
N ASN A 2076 -47.74 -76.65 15.97
CA ASN A 2076 -46.67 -75.81 16.48
C ASN A 2076 -46.06 -74.93 15.37
N ALA A 2077 -46.92 -74.21 14.67
CA ALA A 2077 -46.51 -73.35 13.57
C ALA A 2077 -46.61 -71.88 13.98
N ASP A 2078 -45.70 -71.07 13.44
CA ASP A 2078 -45.67 -69.64 13.75
C ASP A 2078 -46.52 -68.90 12.72
N THR A 2079 -47.82 -68.84 12.99
CA THR A 2079 -48.78 -68.16 12.13
C THR A 2079 -49.01 -66.72 12.57
N ILE A 2080 -48.17 -66.21 13.46
CA ILE A 2080 -48.24 -64.81 13.89
C ILE A 2080 -46.83 -64.25 13.92
N LYS A 2081 -46.65 -63.08 13.32
CA LYS A 2081 -45.35 -62.44 13.19
C LYS A 2081 -45.45 -60.98 13.57
N LEU A 2082 -46.04 -60.71 14.73
CA LEU A 2082 -46.20 -59.34 15.21
C LEU A 2082 -44.86 -58.61 15.22
N VAL A 2083 -44.82 -57.47 14.54
CA VAL A 2083 -43.62 -56.65 14.43
C VAL A 2083 -43.89 -55.32 15.10
N LYS A 2084 -43.19 -55.07 16.20
CA LYS A 2084 -43.25 -53.77 16.87
C LYS A 2084 -42.42 -52.79 16.04
N VAL A 2085 -43.09 -51.83 15.41
CA VAL A 2085 -42.42 -50.94 14.48
C VAL A 2085 -41.97 -49.69 15.24
N HIS A 2086 -40.66 -49.48 15.28
CA HIS A 2086 -40.06 -48.41 16.08
C HIS A 2086 -40.28 -47.06 15.39
N GLY A 2087 -39.71 -46.00 15.96
CA GLY A 2087 -39.69 -44.72 15.30
C GLY A 2087 -38.51 -44.60 14.35
N GLY A 2088 -37.62 -45.59 14.40
CA GLY A 2088 -36.45 -45.60 13.54
C GLY A 2088 -36.44 -46.79 12.60
N THR A 2089 -37.62 -47.23 12.17
CA THR A 2089 -37.75 -48.34 11.24
C THR A 2089 -37.75 -47.79 9.83
N THR A 2090 -36.72 -48.12 9.06
CA THR A 2090 -36.58 -47.61 7.70
C THR A 2090 -37.40 -48.47 6.74
N ALA A 2091 -37.27 -48.21 5.44
CA ALA A 2091 -37.97 -49.01 4.44
C ALA A 2091 -37.34 -50.39 4.31
N ASP A 2092 -36.01 -50.48 4.46
CA ASP A 2092 -35.32 -51.75 4.28
C ASP A 2092 -35.81 -52.78 5.28
N MET A 2093 -35.96 -52.38 6.54
CA MET A 2093 -36.43 -53.30 7.57
C MET A 2093 -37.84 -53.78 7.26
N ILE A 2094 -38.73 -52.88 6.86
CA ILE A 2094 -40.11 -53.25 6.56
C ILE A 2094 -40.15 -54.23 5.39
N TYR A 2095 -39.38 -53.95 4.35
CA TYR A 2095 -39.38 -54.84 3.18
C TYR A 2095 -38.79 -56.20 3.52
N SER A 2096 -37.71 -56.23 4.31
CA SER A 2096 -37.15 -57.51 4.72
C SER A 2096 -38.14 -58.30 5.54
N ARG A 2097 -38.84 -57.65 6.48
CA ARG A 2097 -39.81 -58.35 7.30
C ARG A 2097 -40.96 -58.89 6.47
N VAL A 2098 -41.44 -58.12 5.49
CA VAL A 2098 -42.59 -58.58 4.73
C VAL A 2098 -42.20 -59.74 3.81
N ARG A 2099 -41.00 -59.70 3.21
CA ARG A 2099 -40.62 -60.83 2.37
C ARG A 2099 -40.30 -62.07 3.21
N GLU A 2100 -39.72 -61.88 4.40
CA GLU A 2100 -39.54 -63.02 5.31
C GLU A 2100 -40.88 -63.62 5.70
N ALA A 2101 -41.87 -62.76 5.97
CA ALA A 2101 -43.21 -63.25 6.31
C ALA A 2101 -43.83 -63.97 5.12
N GLU A 2102 -43.56 -63.51 3.90
CA GLU A 2102 -44.06 -64.21 2.72
C GLU A 2102 -43.45 -65.60 2.61
N ASN A 2103 -42.13 -65.71 2.84
CA ASN A 2103 -41.50 -67.03 2.79
C ASN A 2103 -42.05 -67.95 3.87
N VAL A 2104 -42.23 -67.43 5.09
CA VAL A 2104 -42.79 -68.25 6.17
C VAL A 2104 -44.23 -68.63 5.85
N ALA A 2105 -44.99 -67.74 5.21
CA ALA A 2105 -46.35 -68.07 4.82
C ALA A 2105 -46.38 -69.17 3.77
N PHE A 2106 -45.45 -69.12 2.81
CA PHE A 2106 -45.34 -70.21 1.84
C PHE A 2106 -45.03 -71.52 2.55
N ALA A 2107 -44.09 -71.50 3.50
CA ALA A 2107 -43.75 -72.71 4.23
C ALA A 2107 -44.95 -73.27 4.99
N ASN A 2108 -45.65 -72.40 5.72
CA ASN A 2108 -46.80 -72.85 6.51
C ASN A 2108 -47.97 -73.30 5.63
N LYS A 2109 -48.12 -72.71 4.44
CA LYS A 2109 -49.13 -73.17 3.50
C LYS A 2109 -48.76 -74.53 2.90
N ASP A 2110 -47.46 -74.80 2.78
CA ASP A 2110 -47.02 -76.08 2.23
C ASP A 2110 -47.10 -77.19 3.29
N GLN A 2111 -46.51 -76.97 4.46
CA GLN A 2111 -46.42 -78.03 5.46
C GLN A 2111 -47.76 -78.29 6.13
N HIS A 2112 -48.29 -77.29 6.84
CA HIS A 2112 -49.47 -77.49 7.66
C HIS A 2112 -50.73 -76.84 7.09
N GLN A 2113 -50.61 -76.13 5.97
CA GLN A 2113 -51.75 -75.50 5.30
C GLN A 2113 -52.49 -74.55 6.24
N LEU A 2114 -51.77 -73.52 6.69
CA LEU A 2114 -52.30 -72.53 7.61
C LEU A 2114 -52.09 -71.13 7.03
N ASP A 2115 -52.98 -70.22 7.42
CA ASP A 2115 -52.90 -68.84 6.98
C ASP A 2115 -52.08 -68.03 7.97
N THR A 2116 -50.91 -67.59 7.54
CA THR A 2116 -50.05 -66.78 8.39
C THR A 2116 -50.58 -65.36 8.50
N ILE A 2117 -50.25 -64.69 9.61
CA ILE A 2117 -50.66 -63.32 9.86
C ILE A 2117 -49.43 -62.51 10.21
N LEU A 2118 -49.16 -61.48 9.42
CA LEU A 2118 -48.16 -60.48 9.74
C LEU A 2118 -48.86 -59.29 10.38
N PHE A 2119 -48.27 -58.79 11.47
CA PHE A 2119 -48.91 -57.74 12.27
C PHE A 2119 -47.91 -56.60 12.47
N PHE A 2120 -48.30 -55.40 12.05
CA PHE A 2120 -47.48 -54.21 12.20
C PHE A 2120 -48.08 -53.36 13.33
N ASP A 2121 -47.61 -53.60 14.55
CA ASP A 2121 -48.03 -52.79 15.69
C ASP A 2121 -47.34 -51.44 15.64
N GLU A 2122 -48.07 -50.40 16.06
CA GLU A 2122 -47.58 -49.02 15.99
C GLU A 2122 -47.19 -48.65 14.57
N ALA A 2123 -48.14 -48.82 13.65
CA ALA A 2123 -47.83 -48.66 12.23
C ALA A 2123 -47.45 -47.22 11.89
N ASN A 2124 -48.18 -46.24 12.43
CA ASN A 2124 -48.03 -44.84 12.02
C ASN A 2124 -47.05 -44.07 12.88
N THR A 2125 -46.05 -44.73 13.45
CA THR A 2125 -45.05 -44.07 14.29
C THR A 2125 -43.69 -44.02 13.62
N THR A 2126 -43.65 -44.04 12.29
CA THR A 2126 -42.41 -44.08 11.53
C THR A 2126 -42.39 -42.97 10.49
N GLU A 2127 -41.19 -42.55 10.11
CA GLU A 2127 -41.03 -41.61 9.01
C GLU A 2127 -41.31 -42.25 7.66
N ALA A 2128 -41.30 -43.58 7.57
CA ALA A 2128 -41.63 -44.31 6.36
C ALA A 2128 -42.87 -45.15 6.65
N ILE A 2129 -44.04 -44.51 6.50
CA ILE A 2129 -45.31 -45.20 6.67
C ILE A 2129 -45.89 -45.62 5.32
N SER A 2130 -45.50 -44.96 4.23
CA SER A 2130 -46.01 -45.30 2.91
C SER A 2130 -45.64 -46.73 2.52
N CYS A 2131 -44.61 -47.30 3.15
CA CYS A 2131 -44.27 -48.70 2.89
C CYS A 2131 -45.39 -49.63 3.36
N ILE A 2132 -45.96 -49.34 4.52
CA ILE A 2132 -47.08 -50.15 5.00
C ILE A 2132 -48.28 -49.99 4.08
N LYS A 2133 -48.50 -48.79 3.54
CA LYS A 2133 -49.56 -48.60 2.56
C LYS A 2133 -49.29 -49.43 1.30
N GLU A 2134 -48.04 -49.44 0.85
CA GLU A 2134 -47.65 -50.31 -0.26
C GLU A 2134 -48.02 -51.76 0.01
N VAL A 2135 -47.62 -52.25 1.19
CA VAL A 2135 -47.82 -53.67 1.50
C VAL A 2135 -49.29 -54.00 1.65
N LEU A 2136 -50.08 -53.08 2.21
CA LEU A 2136 -51.49 -53.37 2.48
C LEU A 2136 -52.35 -53.19 1.23
N CYS A 2137 -52.35 -51.99 0.65
CA CYS A 2137 -53.29 -51.68 -0.43
C CYS A 2137 -52.82 -52.22 -1.78
N ASP A 2138 -51.56 -51.95 -2.14
CA ASP A 2138 -51.09 -52.31 -3.47
C ASP A 2138 -50.67 -53.77 -3.60
N HIS A 2139 -50.46 -54.47 -2.48
CA HIS A 2139 -49.92 -55.82 -2.48
C HIS A 2139 -48.63 -55.88 -3.29
N MET A 2140 -47.73 -54.95 -2.97
CA MET A 2140 -46.50 -54.80 -3.74
C MET A 2140 -45.38 -54.40 -2.79
N VAL A 2141 -44.25 -55.11 -2.87
CA VAL A 2141 -43.11 -54.88 -1.99
C VAL A 2141 -41.99 -54.29 -2.83
N ASP A 2142 -41.65 -53.03 -2.57
CA ASP A 2142 -40.55 -52.31 -3.22
C ASP A 2142 -40.67 -52.29 -4.74
N GLY A 2143 -41.85 -52.56 -5.27
CA GLY A 2143 -42.02 -52.63 -6.71
C GLY A 2143 -42.38 -54.03 -7.17
N GLN A 2144 -41.75 -55.03 -6.58
CA GLN A 2144 -42.05 -56.42 -6.92
C GLN A 2144 -43.41 -56.80 -6.35
N PRO A 2145 -44.35 -57.25 -7.17
CA PRO A 2145 -45.68 -57.59 -6.65
C PRO A 2145 -45.63 -58.74 -5.66
N LEU A 2146 -46.50 -58.67 -4.65
CA LEU A 2146 -46.61 -59.76 -3.69
C LEU A 2146 -47.16 -61.00 -4.36
N ALA A 2147 -46.64 -62.16 -3.99
CA ALA A 2147 -47.07 -63.42 -4.57
C ALA A 2147 -48.52 -63.69 -4.19
N GLU A 2148 -49.42 -63.57 -5.16
CA GLU A 2148 -50.83 -63.83 -4.92
C GLU A 2148 -51.06 -65.29 -4.58
N ASP A 2149 -52.07 -65.54 -3.74
CA ASP A 2149 -52.42 -66.88 -3.27
C ASP A 2149 -51.20 -67.48 -2.56
N SER A 2150 -50.87 -66.86 -1.42
CA SER A 2150 -49.78 -67.32 -0.57
C SER A 2150 -50.19 -67.53 0.88
N GLY A 2151 -51.42 -67.16 1.26
CA GLY A 2151 -51.88 -67.34 2.62
C GLY A 2151 -51.46 -66.27 3.60
N LEU A 2152 -50.71 -65.26 3.15
CA LEU A 2152 -50.25 -64.20 4.04
C LEU A 2152 -51.31 -63.12 4.16
N HIS A 2153 -51.75 -62.86 5.38
CA HIS A 2153 -52.68 -61.78 5.69
C HIS A 2153 -51.98 -60.76 6.57
N ILE A 2154 -52.07 -59.49 6.21
CA ILE A 2154 -51.29 -58.43 6.83
C ILE A 2154 -52.23 -57.45 7.52
N ILE A 2155 -51.94 -57.15 8.79
CA ILE A 2155 -52.73 -56.22 9.58
C ILE A 2155 -51.82 -55.10 10.06
N ALA A 2156 -52.38 -53.90 10.14
CA ALA A 2156 -51.69 -52.75 10.71
C ALA A 2156 -52.45 -52.24 11.91
N ALA A 2157 -51.73 -51.69 12.89
CA ALA A 2157 -52.33 -51.10 14.06
C ALA A 2157 -51.71 -49.73 14.29
N CYS A 2158 -52.54 -48.71 14.45
CA CYS A 2158 -52.09 -47.34 14.54
C CYS A 2158 -52.41 -46.75 15.91
N ASN A 2159 -51.57 -45.84 16.36
CA ASN A 2159 -51.75 -45.09 17.58
C ASN A 2159 -52.62 -43.86 17.33
N PRO A 2160 -53.56 -43.57 18.22
CA PRO A 2160 -54.50 -42.46 17.96
C PRO A 2160 -53.81 -41.11 17.93
N TYR A 2161 -54.40 -40.20 17.14
CA TYR A 2161 -53.91 -38.84 17.01
C TYR A 2161 -54.59 -37.99 18.07
N ARG A 2162 -53.88 -37.71 19.15
CA ARG A 2162 -54.45 -36.98 20.28
C ARG A 2162 -53.43 -36.00 20.82
N LYS A 2163 -53.89 -34.81 21.16
CA LYS A 2163 -53.03 -33.76 21.70
C LYS A 2163 -53.09 -33.75 23.22
N HIS A 2164 -52.01 -33.28 23.83
CA HIS A 2164 -51.97 -33.13 25.28
C HIS A 2164 -52.97 -32.07 25.72
N SER A 2165 -53.38 -32.16 26.99
CA SER A 2165 -54.12 -31.06 27.59
C SER A 2165 -53.20 -29.85 27.75
N GLU A 2166 -53.80 -28.66 27.61
CA GLU A 2166 -53.00 -27.43 27.61
C GLU A 2166 -52.25 -27.25 28.91
N GLU A 2167 -52.89 -27.57 30.04
CA GLU A 2167 -52.21 -27.49 31.33
C GLU A 2167 -51.03 -28.45 31.39
N MET A 2168 -51.19 -29.65 30.82
CA MET A 2168 -50.07 -30.60 30.81
C MET A 2168 -48.93 -30.10 29.95
N ILE A 2169 -49.24 -29.46 28.81
CA ILE A 2169 -48.18 -28.87 27.99
C ILE A 2169 -47.45 -27.78 28.76
N CYS A 2170 -48.20 -26.92 29.44
CA CYS A 2170 -47.58 -25.86 30.24
C CYS A 2170 -46.73 -26.44 31.36
N ARG A 2171 -47.14 -27.57 31.93
CA ARG A 2171 -46.35 -28.21 32.98
C ARG A 2171 -45.07 -28.81 32.40
N LEU A 2172 -45.16 -29.47 31.24
CA LEU A 2172 -43.97 -30.05 30.62
C LEU A 2172 -42.97 -28.97 30.23
N GLU A 2173 -43.46 -27.84 29.69
CA GLU A 2173 -42.56 -26.76 29.34
C GLU A 2173 -41.90 -26.18 30.59
N SER A 2174 -42.61 -26.18 31.71
CA SER A 2174 -42.08 -25.69 32.99
C SER A 2174 -41.54 -26.85 33.81
N ALA A 2175 -40.52 -27.51 33.27
CA ALA A 2175 -39.85 -28.63 33.94
C ALA A 2175 -38.35 -28.48 33.70
N GLY A 2176 -37.66 -27.88 34.66
CA GLY A 2176 -36.25 -27.60 34.48
C GLY A 2176 -36.07 -26.31 33.71
N LEU A 2177 -35.27 -26.36 32.65
CA LEU A 2177 -35.03 -25.20 31.81
C LEU A 2177 -35.80 -25.25 30.49
N GLY A 2178 -36.74 -26.17 30.34
CA GLY A 2178 -37.50 -26.27 29.11
C GLY A 2178 -36.64 -26.75 27.96
N TYR A 2179 -37.16 -26.55 26.75
CA TYR A 2179 -36.39 -26.83 25.55
C TYR A 2179 -35.33 -25.76 25.37
N ARG A 2180 -34.18 -26.15 24.81
CA ARG A 2180 -33.04 -25.26 24.69
C ARG A 2180 -33.38 -23.97 23.95
N VAL A 2181 -34.34 -24.03 23.02
CA VAL A 2181 -34.69 -22.87 22.20
C VAL A 2181 -36.20 -22.69 22.36
N SER A 2182 -36.80 -21.76 21.62
CA SER A 2182 -38.24 -21.56 21.70
C SER A 2182 -38.99 -22.79 21.20
N MET A 2183 -40.21 -22.96 21.72
CA MET A 2183 -41.05 -24.10 21.37
C MET A 2183 -41.56 -24.03 19.94
N GLU A 2184 -41.84 -22.84 19.42
CA GLU A 2184 -42.45 -22.69 18.11
C GLU A 2184 -41.56 -23.21 16.98
N GLU A 2185 -40.25 -22.97 17.05
CA GLU A 2185 -39.36 -23.20 15.93
C GLU A 2185 -38.89 -24.65 15.78
N THR A 2186 -39.39 -25.57 16.60
CA THR A 2186 -38.96 -26.96 16.51
C THR A 2186 -39.29 -27.54 15.15
N ALA A 2187 -38.39 -28.38 14.63
CA ALA A 2187 -38.58 -28.95 13.30
C ALA A 2187 -39.61 -30.07 13.29
N ASP A 2188 -39.70 -30.83 14.38
CA ASP A 2188 -40.60 -31.98 14.45
C ASP A 2188 -42.04 -31.48 14.48
N ARG A 2189 -42.70 -31.49 13.33
CA ARG A 2189 -44.08 -31.00 13.20
C ARG A 2189 -44.92 -32.02 12.46
N LEU A 2190 -46.13 -32.27 12.98
CA LEU A 2190 -47.17 -32.94 12.20
C LEU A 2190 -48.09 -31.83 11.72
N GLY A 2191 -47.69 -31.20 10.61
CA GLY A 2191 -48.41 -30.03 10.15
C GLY A 2191 -47.97 -28.79 10.91
N SER A 2192 -48.76 -28.38 11.90
CA SER A 2192 -48.40 -27.28 12.78
C SER A 2192 -48.08 -27.71 14.20
N ILE A 2193 -48.70 -28.77 14.69
CA ILE A 2193 -48.48 -29.21 16.08
C ILE A 2193 -47.09 -29.85 16.18
N PRO A 2194 -46.25 -29.41 17.11
CA PRO A 2194 -44.99 -30.13 17.34
C PRO A 2194 -45.26 -31.53 17.87
N LEU A 2195 -44.35 -32.45 17.54
CA LEU A 2195 -44.51 -33.83 17.97
C LEU A 2195 -44.34 -34.00 19.47
N ARG A 2196 -43.87 -32.97 20.17
CA ARG A 2196 -43.72 -33.02 21.62
C ARG A 2196 -45.03 -32.75 22.36
N GLN A 2197 -46.12 -32.49 21.63
CA GLN A 2197 -47.41 -32.20 22.25
C GLN A 2197 -48.43 -33.30 22.02
N LEU A 2198 -48.11 -34.32 21.25
CA LEU A 2198 -49.01 -35.45 21.03
C LEU A 2198 -48.68 -36.57 22.01
N VAL A 2199 -49.72 -37.29 22.45
CA VAL A 2199 -49.54 -38.38 23.39
C VAL A 2199 -48.68 -39.47 22.77
N TYR A 2200 -48.96 -39.83 21.51
CA TYR A 2200 -48.15 -40.76 20.74
C TYR A 2200 -47.51 -40.00 19.59
N ARG A 2201 -46.18 -40.07 19.50
CA ARG A 2201 -45.44 -39.31 18.50
C ARG A 2201 -45.58 -39.96 17.11
N VAL A 2202 -46.80 -39.91 16.60
CA VAL A 2202 -47.16 -40.53 15.34
C VAL A 2202 -46.88 -39.58 14.18
N HIS A 2203 -46.84 -40.12 12.97
CA HIS A 2203 -46.66 -39.35 11.75
C HIS A 2203 -47.98 -39.32 10.96
N ALA A 2204 -47.98 -38.56 9.87
CA ALA A 2204 -49.19 -38.41 9.08
C ALA A 2204 -49.52 -39.70 8.34
N LEU A 2205 -50.78 -40.11 8.41
CA LEU A 2205 -51.23 -41.29 7.70
C LEU A 2205 -51.29 -41.03 6.20
N PRO A 2206 -50.99 -42.03 5.37
CA PRO A 2206 -51.17 -41.88 3.93
C PRO A 2206 -52.63 -41.62 3.60
N PRO A 2207 -52.91 -40.77 2.61
CA PRO A 2207 -54.31 -40.44 2.30
C PRO A 2207 -55.10 -41.62 1.77
N SER A 2208 -54.44 -42.68 1.29
CA SER A 2208 -55.14 -43.84 0.75
C SER A 2208 -55.28 -44.92 1.82
N LEU A 2209 -55.11 -44.50 3.07
CA LEU A 2209 -55.23 -45.40 4.21
C LEU A 2209 -56.30 -44.88 5.16
N ILE A 2210 -56.64 -43.60 5.03
CA ILE A 2210 -57.67 -43.01 5.89
C ILE A 2210 -59.02 -43.71 5.73
N PRO A 2211 -59.51 -43.97 4.47
CA PRO A 2211 -60.82 -44.63 4.46
C PRO A 2211 -60.82 -45.95 5.18
N LEU A 2212 -59.75 -46.71 5.05
CA LEU A 2212 -59.65 -48.04 5.67
C LEU A 2212 -59.67 -48.06 7.19
N VAL A 2213 -59.05 -47.08 7.83
CA VAL A 2213 -58.94 -47.09 9.29
C VAL A 2213 -60.27 -47.13 10.04
N TRP A 2214 -60.35 -47.99 11.06
CA TRP A 2214 -61.57 -48.08 11.88
C TRP A 2214 -61.18 -48.17 13.36
N ASP A 2215 -62.03 -47.66 14.24
CA ASP A 2215 -61.71 -47.69 15.67
C ASP A 2215 -61.83 -49.10 16.22
N PHE A 2216 -60.80 -49.56 16.92
CA PHE A 2216 -60.89 -50.88 17.55
C PHE A 2216 -61.98 -50.88 18.61
N GLY A 2217 -62.05 -49.82 19.39
CA GLY A 2217 -63.03 -49.76 20.46
C GLY A 2217 -62.53 -49.06 21.69
N GLN A 2218 -63.26 -49.17 22.79
CA GLN A 2218 -62.84 -48.54 24.04
C GLN A 2218 -62.85 -49.56 25.16
N LEU A 2219 -61.76 -49.66 25.91
CA LEU A 2219 -61.72 -50.59 27.03
C LEU A 2219 -62.78 -50.22 28.05
N SER A 2220 -63.60 -51.20 28.45
CA SER A 2220 -64.67 -50.94 29.40
C SER A 2220 -64.18 -51.23 30.81
N ASP A 2221 -64.82 -50.57 31.79
CA ASP A 2221 -64.40 -50.71 33.18
C ASP A 2221 -64.54 -52.15 33.65
N VAL A 2222 -65.59 -52.85 33.20
CA VAL A 2222 -65.75 -54.26 33.56
C VAL A 2222 -64.60 -55.09 32.97
N ALA A 2223 -64.27 -54.84 31.70
CA ALA A 2223 -63.16 -55.55 31.08
C ALA A 2223 -61.84 -55.21 31.78
N GLU A 2224 -61.63 -53.94 32.13
CA GLU A 2224 -60.42 -53.57 32.84
C GLU A 2224 -60.32 -54.28 34.18
N LYS A 2225 -61.43 -54.36 34.91
CA LYS A 2225 -61.44 -55.07 36.18
C LYS A 2225 -61.13 -56.56 35.98
N LEU A 2226 -61.67 -57.15 34.92
CA LEU A 2226 -61.38 -58.56 34.63
C LEU A 2226 -59.89 -58.77 34.36
N TYR A 2227 -59.28 -57.88 33.56
CA TYR A 2227 -57.85 -58.00 33.30
C TYR A 2227 -57.03 -57.82 34.58
N ILE A 2228 -57.41 -56.88 35.43
CA ILE A 2228 -56.68 -56.68 36.68
C ILE A 2228 -56.79 -57.91 37.57
N GLN A 2229 -58.00 -58.50 37.64
CA GLN A 2229 -58.19 -59.70 38.43
C GLN A 2229 -57.36 -60.86 37.89
N GLN A 2230 -57.30 -61.00 36.56
CA GLN A 2230 -56.45 -62.02 35.97
C GLN A 2230 -54.98 -61.80 36.32
N ILE A 2231 -54.53 -60.55 36.26
CA ILE A 2231 -53.14 -60.25 36.57
C ILE A 2231 -52.82 -60.59 38.02
N VAL A 2232 -53.71 -60.20 38.94
CA VAL A 2232 -53.42 -60.47 40.35
C VAL A 2232 -53.52 -61.95 40.66
N GLN A 2233 -54.43 -62.68 39.99
CA GLN A 2233 -54.49 -64.13 40.17
C GLN A 2233 -53.27 -64.82 39.56
N ARG A 2234 -52.61 -64.20 38.58
CA ARG A 2234 -51.35 -64.70 38.06
C ARG A 2234 -50.18 -64.43 38.99
N LEU A 2235 -50.44 -64.04 40.24
CA LEU A 2235 -49.41 -63.74 41.22
C LEU A 2235 -49.44 -64.69 42.41
N VAL A 2236 -50.57 -65.36 42.66
CA VAL A 2236 -50.70 -66.23 43.83
C VAL A 2236 -49.76 -67.42 43.73
N GLU A 2237 -49.57 -67.96 42.53
CA GLU A 2237 -48.75 -69.15 42.37
C GLU A 2237 -47.31 -68.92 42.79
N SER A 2238 -46.85 -67.67 42.86
CA SER A 2238 -45.51 -67.34 43.29
C SER A 2238 -45.47 -66.69 44.67
N ILE A 2239 -46.48 -65.91 45.02
CA ILE A 2239 -46.48 -65.21 46.31
C ILE A 2239 -47.34 -65.92 47.36
N SER A 2240 -48.33 -66.71 46.94
CA SER A 2240 -49.30 -67.33 47.84
C SER A 2240 -50.09 -66.26 48.60
N LEU A 2241 -50.71 -65.38 47.83
CA LEU A 2241 -51.47 -64.27 48.37
C LEU A 2241 -52.78 -64.75 48.98
N ASP A 2242 -53.34 -63.92 49.85
CA ASP A 2242 -54.61 -64.22 50.50
C ASP A 2242 -55.76 -63.67 49.67
N GLU A 2243 -56.99 -64.01 50.07
CA GLU A 2243 -58.16 -63.38 49.45
C GLU A 2243 -58.22 -61.90 49.78
N ASN A 2244 -57.94 -61.53 51.03
CA ASN A 2244 -57.88 -60.13 51.41
C ASN A 2244 -56.80 -59.40 50.62
N GLY A 2245 -55.62 -60.03 50.48
CA GLY A 2245 -54.57 -59.42 49.70
C GLY A 2245 -54.95 -59.23 48.24
N THR A 2246 -55.59 -60.24 47.64
CA THR A 2246 -56.04 -60.11 46.26
C THR A 2246 -57.04 -58.97 46.11
N ARG A 2247 -58.02 -58.91 47.01
CA ARG A 2247 -59.02 -57.86 46.93
C ARG A 2247 -58.40 -56.48 47.08
N VAL A 2248 -57.51 -56.31 48.06
CA VAL A 2248 -56.93 -54.99 48.31
C VAL A 2248 -56.03 -54.58 47.15
N ILE A 2249 -55.25 -55.52 46.59
CA ILE A 2249 -54.40 -55.19 45.46
C ILE A 2249 -55.24 -54.78 44.26
N THR A 2250 -56.29 -55.56 43.96
CA THR A 2250 -57.13 -55.24 42.82
C THR A 2250 -57.79 -53.87 42.98
N GLU A 2251 -58.38 -53.62 44.15
CA GLU A 2251 -59.05 -52.35 44.37
C GLU A 2251 -58.07 -51.17 44.30
N VAL A 2252 -56.89 -51.32 44.92
CA VAL A 2252 -55.91 -50.25 44.94
C VAL A 2252 -55.45 -49.93 43.52
N LEU A 2253 -55.15 -50.97 42.73
CA LEU A 2253 -54.67 -50.74 41.37
C LEU A 2253 -55.75 -50.13 40.48
N CYS A 2254 -56.99 -50.62 40.61
CA CYS A 2254 -58.07 -50.07 39.80
C CYS A 2254 -58.31 -48.60 40.14
N ALA A 2255 -58.36 -48.28 41.43
CA ALA A 2255 -58.55 -46.88 41.83
C ALA A 2255 -57.35 -46.02 41.46
N SER A 2256 -56.15 -46.60 41.45
CA SER A 2256 -54.97 -45.84 41.05
C SER A 2256 -55.04 -45.43 39.59
N GLN A 2257 -55.40 -46.37 38.70
CA GLN A 2257 -55.60 -45.98 37.32
C GLN A 2257 -56.79 -45.04 37.16
N GLY A 2258 -57.83 -45.21 37.98
CA GLY A 2258 -58.94 -44.26 37.92
C GLY A 2258 -58.50 -42.85 38.23
N PHE A 2259 -57.67 -42.68 39.26
CA PHE A 2259 -57.15 -41.36 39.60
C PHE A 2259 -56.24 -40.83 38.50
N MET A 2260 -55.33 -41.67 37.99
CA MET A 2260 -54.39 -41.20 36.98
C MET A 2260 -55.09 -40.84 35.68
N ARG A 2261 -56.16 -41.55 35.33
CA ARG A 2261 -56.98 -41.22 34.17
C ARG A 2261 -57.89 -40.03 34.42
N LYS A 2262 -58.19 -39.73 35.68
CA LYS A 2262 -58.97 -38.54 36.02
C LYS A 2262 -58.11 -37.28 36.07
N THR A 2263 -56.82 -37.41 36.39
CA THR A 2263 -55.92 -36.26 36.47
C THR A 2263 -55.34 -36.01 35.09
N GLU A 2264 -55.91 -35.06 34.36
CA GLU A 2264 -55.46 -34.74 33.01
C GLU A 2264 -54.31 -33.75 33.01
N ASP A 2265 -53.87 -33.26 34.16
CA ASP A 2265 -52.76 -32.33 34.23
C ASP A 2265 -51.41 -33.00 34.37
N GLU A 2266 -51.37 -34.22 34.92
CA GLU A 2266 -50.11 -34.91 35.17
C GLU A 2266 -50.03 -36.29 34.52
N CYS A 2267 -51.09 -36.75 33.86
CA CYS A 2267 -51.08 -38.05 33.20
C CYS A 2267 -52.00 -37.98 32.00
N SER A 2268 -51.42 -37.94 30.80
CA SER A 2268 -52.24 -37.85 29.59
C SER A 2268 -53.05 -39.11 29.36
N PHE A 2269 -52.40 -40.28 29.43
CA PHE A 2269 -53.08 -41.53 29.17
C PHE A 2269 -52.61 -42.59 30.16
N VAL A 2270 -53.50 -43.54 30.42
CA VAL A 2270 -53.18 -44.71 31.24
C VAL A 2270 -53.32 -45.95 30.36
N SER A 2271 -52.62 -47.01 30.76
CA SER A 2271 -52.62 -48.25 29.99
C SER A 2271 -52.68 -49.42 30.96
N LEU A 2272 -53.17 -50.55 30.46
CA LEU A 2272 -53.17 -51.79 31.23
C LEU A 2272 -51.76 -52.31 31.52
N ARG A 2273 -50.75 -51.80 30.82
CA ARG A 2273 -49.38 -52.24 31.00
C ARG A 2273 -48.70 -51.57 32.19
N ASP A 2274 -49.41 -50.71 32.91
CA ASP A 2274 -48.88 -50.15 34.15
C ASP A 2274 -49.16 -51.03 35.36
N VAL A 2275 -50.27 -51.77 35.35
CA VAL A 2275 -50.53 -52.73 36.41
C VAL A 2275 -49.54 -53.88 36.35
N GLU A 2276 -49.18 -54.35 35.16
CA GLU A 2276 -48.22 -55.44 35.08
C GLU A 2276 -46.80 -54.99 35.43
N ARG A 2277 -46.57 -53.70 35.61
CA ARG A 2277 -45.33 -53.16 36.15
C ARG A 2277 -45.41 -52.88 37.65
N CYS A 2278 -46.55 -52.34 38.11
CA CYS A 2278 -46.75 -52.12 39.53
C CYS A 2278 -46.77 -53.43 40.30
N VAL A 2279 -47.42 -54.45 39.73
CA VAL A 2279 -47.43 -55.77 40.36
C VAL A 2279 -46.03 -56.38 40.33
N LYS A 2280 -45.22 -56.06 39.32
CA LYS A 2280 -43.85 -56.55 39.29
C LYS A 2280 -43.02 -55.93 40.41
N VAL A 2281 -43.17 -54.62 40.60
CA VAL A 2281 -42.48 -53.94 41.70
C VAL A 2281 -42.97 -54.48 43.04
N PHE A 2282 -44.28 -54.71 43.16
CA PHE A 2282 -44.84 -55.27 44.38
C PHE A 2282 -44.31 -56.67 44.64
N ARG A 2283 -44.15 -57.48 43.59
CA ARG A 2283 -43.57 -58.81 43.74
C ARG A 2283 -42.14 -58.73 44.22
N TRP A 2284 -41.35 -57.81 43.65
CA TRP A 2284 -39.97 -57.64 44.10
C TRP A 2284 -39.92 -57.24 45.57
N PHE A 2285 -40.76 -56.28 45.96
CA PHE A 2285 -40.78 -55.85 47.35
C PHE A 2285 -41.24 -56.96 48.27
N HIS A 2286 -42.24 -57.75 47.86
CA HIS A 2286 -42.70 -58.85 48.70
C HIS A 2286 -41.61 -59.91 48.85
N GLU A 2287 -40.89 -60.22 47.78
CA GLU A 2287 -39.84 -61.22 47.85
C GLU A 2287 -38.63 -60.74 48.64
N HIS A 2288 -38.42 -59.42 48.76
CA HIS A 2288 -37.38 -58.90 49.62
C HIS A 2288 -37.89 -58.47 51.00
N SER A 2289 -39.19 -58.63 51.25
CA SER A 2289 -39.83 -58.03 52.43
C SER A 2289 -39.20 -58.45 53.74
N ALA A 2290 -38.75 -59.71 53.85
CA ALA A 2290 -38.19 -60.17 55.11
C ALA A 2290 -36.98 -59.33 55.51
N MET A 2291 -35.97 -59.28 54.64
CA MET A 2291 -34.76 -58.53 54.94
C MET A 2291 -35.04 -57.03 54.95
N LEU A 2292 -35.94 -56.55 54.08
CA LEU A 2292 -36.31 -55.13 54.09
C LEU A 2292 -36.88 -54.72 55.44
N LEU A 2293 -37.81 -55.51 55.97
CA LEU A 2293 -38.45 -55.17 57.24
C LEU A 2293 -37.49 -55.33 58.39
N ALA A 2294 -36.61 -56.33 58.33
CA ALA A 2294 -35.59 -56.47 59.38
C ALA A 2294 -34.70 -55.23 59.44
N GLN A 2295 -34.23 -54.77 58.27
CA GLN A 2295 -33.38 -53.59 58.23
C GLN A 2295 -34.14 -52.34 58.64
N LEU A 2296 -35.41 -52.24 58.25
CA LEU A 2296 -36.21 -51.07 58.64
C LEU A 2296 -36.41 -51.03 60.15
N ASN A 2297 -36.68 -52.19 60.77
CA ASN A 2297 -36.82 -52.25 62.21
C ASN A 2297 -35.51 -51.88 62.91
N ALA A 2298 -34.38 -52.38 62.39
CA ALA A 2298 -33.09 -52.02 62.97
C ALA A 2298 -32.84 -50.51 62.86
N PHE A 2299 -33.14 -49.93 61.70
CA PHE A 2299 -32.94 -48.51 61.50
C PHE A 2299 -33.82 -47.68 62.42
N LEU A 2300 -35.08 -48.09 62.59
CA LEU A 2300 -35.96 -47.38 63.51
C LEU A 2300 -35.51 -47.53 64.95
N SER A 2301 -34.95 -48.68 65.30
CA SER A 2301 -34.37 -48.86 66.63
C SER A 2301 -33.19 -47.93 66.83
N LYS A 2302 -32.39 -47.71 65.79
CA LYS A 2302 -31.27 -46.76 65.88
C LYS A 2302 -31.76 -45.34 66.16
N SER A 2303 -33.01 -45.03 65.80
CA SER A 2303 -33.55 -43.70 66.03
C SER A 2303 -33.96 -43.53 67.50
N SER A 2304 -34.14 -42.27 67.89
CA SER A 2304 -34.55 -41.96 69.26
C SER A 2304 -35.99 -42.33 69.55
N VAL A 2305 -36.77 -42.67 68.52
CA VAL A 2305 -38.16 -43.08 68.73
C VAL A 2305 -38.19 -44.36 69.57
N SER A 2306 -39.11 -44.42 70.51
CA SER A 2306 -39.22 -45.55 71.42
C SER A 2306 -39.75 -46.77 70.68
N LYS A 2307 -40.01 -47.86 71.40
CA LYS A 2307 -40.46 -49.09 70.78
C LYS A 2307 -41.91 -48.96 70.33
N ASN A 2308 -42.16 -48.10 69.36
CA ASN A 2308 -43.50 -47.87 68.83
C ASN A 2308 -43.78 -48.66 67.57
N HIS A 2309 -42.83 -49.48 67.11
CA HIS A 2309 -43.04 -50.27 65.90
C HIS A 2309 -44.11 -51.33 66.14
N THR A 2310 -44.99 -51.48 65.17
CA THR A 2310 -46.09 -52.44 65.23
C THR A 2310 -45.87 -53.53 64.18
N GLU A 2311 -46.84 -54.43 64.07
CA GLU A 2311 -46.78 -55.48 63.07
C GLU A 2311 -46.93 -54.88 61.68
N ARG A 2312 -46.01 -55.23 60.79
CA ARG A 2312 -45.99 -54.72 59.42
C ARG A 2312 -46.30 -55.89 58.49
N ASP A 2313 -47.51 -55.90 57.95
CA ASP A 2313 -47.94 -56.97 57.06
C ASP A 2313 -47.13 -56.91 55.76
N PRO A 2314 -46.44 -57.98 55.38
CA PRO A 2314 -45.62 -57.93 54.17
C PRO A 2314 -46.41 -57.58 52.91
N VAL A 2315 -47.63 -58.11 52.78
CA VAL A 2315 -48.44 -57.78 51.60
C VAL A 2315 -48.78 -56.30 51.58
N LEU A 2316 -49.28 -55.78 52.71
CA LEU A 2316 -49.60 -54.36 52.80
C LEU A 2316 -48.36 -53.48 52.75
N TRP A 2317 -47.28 -53.84 53.45
CA TRP A 2317 -46.07 -53.04 53.39
C TRP A 2317 -45.41 -53.06 52.02
N SER A 2318 -45.72 -54.06 51.19
CA SER A 2318 -45.20 -54.10 49.83
C SER A 2318 -46.08 -53.33 48.85
N LEU A 2319 -47.40 -53.46 48.95
CA LEU A 2319 -48.29 -52.67 48.09
C LEU A 2319 -48.18 -51.18 48.42
N MET A 2320 -48.13 -50.86 49.71
CA MET A 2320 -47.98 -49.49 50.19
C MET A 2320 -46.76 -48.81 49.57
N LEU A 2321 -45.69 -49.58 49.35
CA LEU A 2321 -44.46 -49.04 48.81
C LEU A 2321 -44.39 -49.10 47.30
N ALA A 2322 -45.03 -50.12 46.69
CA ALA A 2322 -45.03 -50.23 45.24
C ALA A 2322 -45.87 -49.14 44.60
N ILE A 2323 -47.04 -48.83 45.18
CA ILE A 2323 -47.82 -47.71 44.70
C ILE A 2323 -47.15 -46.38 45.00
N GLY A 2324 -46.19 -46.36 45.91
CA GLY A 2324 -45.38 -45.19 46.18
C GLY A 2324 -44.22 -45.02 45.22
N VAL A 2325 -44.10 -45.89 44.23
CA VAL A 2325 -43.10 -45.77 43.18
C VAL A 2325 -43.75 -45.70 41.81
N CYS A 2326 -44.68 -46.62 41.53
CA CYS A 2326 -45.26 -46.70 40.19
C CYS A 2326 -46.34 -45.65 39.95
N TYR A 2327 -46.94 -45.12 41.01
CA TYR A 2327 -48.04 -44.19 40.83
C TYR A 2327 -47.87 -42.89 41.59
N HIS A 2328 -47.30 -42.93 42.80
CA HIS A 2328 -47.38 -41.79 43.70
C HIS A 2328 -46.19 -40.83 43.59
N ALA A 2329 -44.97 -41.36 43.48
CA ALA A 2329 -43.77 -40.54 43.54
C ALA A 2329 -43.43 -39.89 42.21
N SER A 2330 -44.30 -40.00 41.21
CA SER A 2330 -44.13 -39.30 39.95
C SER A 2330 -45.19 -38.22 39.74
N LEU A 2331 -46.02 -37.97 40.73
CA LEU A 2331 -47.09 -36.99 40.64
C LEU A 2331 -46.68 -35.66 41.27
N GLU A 2332 -47.52 -34.65 41.05
CA GLU A 2332 -47.41 -33.38 41.75
C GLU A 2332 -48.50 -33.20 42.80
N LYS A 2333 -49.68 -33.76 42.57
CA LYS A 2333 -50.77 -33.75 43.55
C LYS A 2333 -50.78 -35.06 44.33
N LYS A 2334 -49.70 -35.28 45.08
CA LYS A 2334 -49.55 -36.53 45.83
C LYS A 2334 -50.62 -36.65 46.92
N ASP A 2335 -50.96 -35.55 47.57
CA ASP A 2335 -51.92 -35.60 48.66
C ASP A 2335 -53.29 -36.06 48.19
N SER A 2336 -53.74 -35.55 47.03
CA SER A 2336 -55.02 -35.98 46.49
C SER A 2336 -55.02 -37.47 46.16
N TYR A 2337 -53.92 -37.95 45.57
CA TYR A 2337 -53.81 -39.36 45.25
C TYR A 2337 -53.88 -40.21 46.52
N ARG A 2338 -53.15 -39.80 47.56
CA ARG A 2338 -53.16 -40.55 48.80
C ARG A 2338 -54.54 -40.56 49.44
N LYS A 2339 -55.22 -39.41 49.45
CA LYS A 2339 -56.54 -39.33 50.08
C LYS A 2339 -57.61 -40.05 49.28
N ALA A 2340 -57.41 -40.21 47.96
CA ALA A 2340 -58.35 -40.97 47.16
C ALA A 2340 -58.04 -42.46 47.12
N ILE A 2341 -56.82 -42.86 47.52
CA ILE A 2341 -56.43 -44.26 47.48
C ILE A 2341 -56.52 -44.94 48.85
N ALA A 2342 -56.35 -44.19 49.96
CA ALA A 2342 -56.28 -44.83 51.26
C ALA A 2342 -57.57 -45.52 51.64
N ARG A 2343 -58.71 -45.07 51.11
CA ARG A 2343 -59.99 -45.63 51.52
C ARG A 2343 -60.16 -47.08 51.09
N PHE A 2344 -59.36 -47.55 50.14
CA PHE A 2344 -59.43 -48.95 49.70
C PHE A 2344 -58.55 -49.87 50.52
N PHE A 2345 -57.74 -49.34 51.44
CA PHE A 2345 -56.90 -50.13 52.30
C PHE A 2345 -57.72 -50.76 53.43
N PRO A 2346 -57.17 -51.79 54.09
CA PRO A 2346 -57.85 -52.35 55.26
C PRO A 2346 -58.07 -51.30 56.34
N LYS A 2347 -58.88 -51.69 57.33
CA LYS A 2347 -59.33 -50.73 58.33
C LYS A 2347 -58.20 -50.08 59.13
N PRO A 2348 -57.21 -50.81 59.67
CA PRO A 2348 -56.18 -50.17 60.48
C PRO A 2348 -55.09 -49.46 59.69
N TYR A 2349 -55.27 -49.24 58.38
CA TYR A 2349 -54.22 -48.65 57.56
C TYR A 2349 -54.69 -47.53 56.64
N ASP A 2350 -55.98 -47.18 56.66
CA ASP A 2350 -56.53 -46.20 55.72
C ASP A 2350 -56.27 -44.78 56.23
N ASP A 2351 -55.03 -44.33 56.04
CA ASP A 2351 -54.65 -42.97 56.41
C ASP A 2351 -53.62 -42.45 55.41
N SER A 2352 -53.89 -41.29 54.83
CA SER A 2352 -52.94 -40.65 53.93
C SER A 2352 -51.64 -40.31 54.65
N ARG A 2353 -51.76 -39.81 55.88
CA ARG A 2353 -50.57 -39.57 56.70
C ARG A 2353 -49.76 -40.85 56.87
N LEU A 2354 -50.44 -41.98 57.05
CA LEU A 2354 -49.74 -43.25 57.16
C LEU A 2354 -49.05 -43.62 55.85
N LEU A 2355 -49.70 -43.33 54.72
CA LEU A 2355 -49.07 -43.59 53.42
C LEU A 2355 -47.76 -42.81 53.30
N LEU A 2356 -47.82 -41.50 53.56
CA LEU A 2356 -46.62 -40.68 53.46
C LEU A 2356 -45.57 -41.12 54.48
N ASP A 2357 -46.00 -41.48 55.69
CA ASP A 2357 -45.05 -41.92 56.70
C ASP A 2357 -44.33 -43.19 56.27
N GLU A 2358 -45.07 -44.18 55.75
CA GLU A 2358 -44.45 -45.42 55.33
C GLU A 2358 -43.48 -45.19 54.18
N ILE A 2359 -43.86 -44.37 53.20
CA ILE A 2359 -42.97 -44.11 52.09
C ILE A 2359 -41.71 -43.38 52.56
N THR A 2360 -41.88 -42.42 53.48
CA THR A 2360 -40.73 -41.68 54.00
C THR A 2360 -39.81 -42.57 54.81
N ARG A 2361 -40.36 -43.49 55.61
CA ARG A 2361 -39.53 -44.43 56.34
C ARG A 2361 -38.76 -45.33 55.40
N ALA A 2362 -39.41 -45.80 54.33
CA ALA A 2362 -38.72 -46.62 53.36
C ALA A 2362 -37.58 -45.86 52.68
N GLN A 2363 -37.82 -44.60 52.32
CA GLN A 2363 -36.77 -43.81 51.70
C GLN A 2363 -35.63 -43.54 52.68
N ASP A 2364 -35.95 -43.30 53.95
CA ASP A 2364 -34.91 -43.12 54.96
C ASP A 2364 -34.07 -44.38 55.11
N LEU A 2365 -34.72 -45.54 55.14
CA LEU A 2365 -33.98 -46.80 55.23
C LEU A 2365 -33.08 -46.99 54.02
N PHE A 2366 -33.60 -46.72 52.83
CA PHE A 2366 -32.80 -46.91 51.62
C PHE A 2366 -31.61 -45.96 51.58
N LEU A 2367 -31.82 -44.71 51.97
CA LEU A 2367 -30.71 -43.76 52.00
C LEU A 2367 -29.65 -44.16 53.02
N ASP A 2368 -30.07 -44.61 54.20
CA ASP A 2368 -29.11 -45.05 55.21
C ASP A 2368 -28.50 -46.37 54.77
N GLY A 2369 -27.17 -46.39 54.63
CA GLY A 2369 -26.48 -47.53 54.07
C GLY A 2369 -25.42 -47.10 53.08
N VAL A 2370 -25.22 -45.79 53.00
CA VAL A 2370 -24.19 -45.21 52.13
C VAL A 2370 -23.26 -44.40 53.03
N PRO A 2371 -22.00 -44.20 52.64
CA PRO A 2371 -21.13 -43.32 53.43
C PRO A 2371 -21.25 -41.87 52.99
N LEU A 2372 -22.44 -41.29 53.20
CA LEU A 2372 -22.67 -39.90 52.82
C LEU A 2372 -21.80 -38.97 53.66
N ARG A 2373 -21.28 -37.93 53.03
CA ARG A 2373 -20.38 -37.01 53.70
C ARG A 2373 -21.15 -36.17 54.73
N LYS A 2374 -20.40 -35.58 55.65
CA LYS A 2374 -20.98 -34.82 56.75
C LYS A 2374 -21.87 -33.69 56.25
N THR A 2375 -21.34 -32.86 55.35
CA THR A 2375 -22.09 -31.71 54.83
C THR A 2375 -22.82 -32.04 53.53
N ILE A 2376 -23.63 -33.09 53.54
CA ILE A 2376 -24.49 -33.45 52.43
C ILE A 2376 -25.93 -33.41 52.90
N ALA A 2377 -26.74 -32.60 52.23
CA ALA A 2377 -28.13 -32.42 52.64
C ALA A 2377 -28.93 -33.70 52.39
N LYS A 2378 -29.84 -33.99 53.32
CA LYS A 2378 -30.78 -35.10 53.18
C LYS A 2378 -32.16 -34.49 52.98
N ASN A 2379 -32.47 -34.15 51.74
CA ASN A 2379 -33.74 -33.52 51.40
C ASN A 2379 -34.78 -34.59 51.09
N LEU A 2380 -35.99 -34.14 50.76
CA LEU A 2380 -36.97 -35.05 50.18
C LEU A 2380 -36.71 -35.31 48.71
N ALA A 2381 -35.85 -34.50 48.09
CA ALA A 2381 -35.50 -34.72 46.69
C ALA A 2381 -34.41 -35.77 46.55
N LEU A 2382 -33.34 -35.67 47.36
CA LEU A 2382 -32.26 -36.64 47.29
C LEU A 2382 -32.74 -38.03 47.69
N LYS A 2383 -33.53 -38.14 48.76
CA LYS A 2383 -34.05 -39.44 49.18
C LYS A 2383 -34.94 -40.04 48.11
N GLU A 2384 -35.84 -39.22 47.55
CA GLU A 2384 -36.71 -39.71 46.48
C GLU A 2384 -35.90 -40.19 45.29
N ASN A 2385 -34.90 -39.42 44.89
CA ASN A 2385 -34.08 -39.80 43.75
C ASN A 2385 -33.36 -41.12 44.01
N VAL A 2386 -32.71 -41.25 45.17
CA VAL A 2386 -31.94 -42.45 45.45
C VAL A 2386 -32.85 -43.67 45.49
N PHE A 2387 -33.97 -43.55 46.21
CA PHE A 2387 -34.90 -44.67 46.33
C PHE A 2387 -35.47 -45.07 44.96
N MET A 2388 -35.83 -44.08 44.15
CA MET A 2388 -36.43 -44.36 42.86
C MET A 2388 -35.42 -45.00 41.90
N MET A 2389 -34.19 -44.49 41.87
CA MET A 2389 -33.19 -45.11 41.01
C MET A 2389 -32.86 -46.53 41.47
N VAL A 2390 -32.80 -46.77 42.78
CA VAL A 2390 -32.54 -48.11 43.27
C VAL A 2390 -33.64 -49.06 42.80
N VAL A 2391 -34.90 -48.66 43.01
CA VAL A 2391 -36.01 -49.53 42.65
C VAL A 2391 -36.06 -49.76 41.13
N CYS A 2392 -35.86 -48.71 40.34
CA CYS A 2392 -35.98 -48.81 38.90
C CYS A 2392 -34.75 -49.45 38.25
N ILE A 2393 -33.62 -49.54 38.96
CA ILE A 2393 -32.45 -50.23 38.45
C ILE A 2393 -32.48 -51.71 38.81
N GLU A 2394 -32.94 -52.04 40.02
CA GLU A 2394 -33.09 -53.45 40.38
C GLU A 2394 -34.08 -54.14 39.45
N LEU A 2395 -35.19 -53.48 39.13
CA LEU A 2395 -36.23 -54.07 38.30
C LEU A 2395 -36.09 -53.72 36.83
N LYS A 2396 -35.05 -52.97 36.45
CA LYS A 2396 -34.79 -52.59 35.06
C LYS A 2396 -35.99 -51.86 34.46
N ILE A 2397 -36.31 -50.72 35.05
CA ILE A 2397 -37.40 -49.85 34.62
C ILE A 2397 -36.77 -48.53 34.20
N PRO A 2398 -37.06 -48.03 32.99
CA PRO A 2398 -36.51 -46.72 32.60
C PRO A 2398 -36.97 -45.62 33.56
N LEU A 2399 -36.05 -44.72 33.88
CA LEU A 2399 -36.33 -43.63 34.82
C LEU A 2399 -35.77 -42.34 34.24
N PHE A 2400 -36.63 -41.34 34.11
CA PHE A 2400 -36.26 -40.05 33.54
C PHE A 2400 -36.41 -38.99 34.62
N LEU A 2401 -35.28 -38.55 35.16
CA LEU A 2401 -35.23 -37.54 36.21
C LEU A 2401 -35.01 -36.17 35.58
N VAL A 2402 -35.94 -35.24 35.81
CA VAL A 2402 -35.86 -33.90 35.26
C VAL A 2402 -35.96 -32.91 36.41
N GLY A 2403 -35.09 -31.90 36.41
CA GLY A 2403 -35.14 -30.88 37.44
C GLY A 2403 -34.19 -29.75 37.13
N LYS A 2404 -34.27 -28.72 37.97
CA LYS A 2404 -33.38 -27.58 37.83
C LYS A 2404 -31.95 -28.01 38.18
N PRO A 2405 -30.95 -27.28 37.68
CA PRO A 2405 -29.57 -27.61 38.03
C PRO A 2405 -29.35 -27.53 39.54
N GLY A 2406 -28.58 -28.47 40.06
CA GLY A 2406 -28.33 -28.53 41.48
C GLY A 2406 -29.42 -29.18 42.30
N SER A 2407 -30.38 -29.82 41.65
CA SER A 2407 -31.41 -30.57 42.38
C SER A 2407 -30.80 -31.85 42.92
N SER A 2408 -29.47 -31.99 42.80
CA SER A 2408 -28.75 -33.16 43.32
C SER A 2408 -29.11 -34.50 42.68
N LYS A 2409 -29.57 -34.49 41.44
CA LYS A 2409 -29.84 -35.75 40.74
C LYS A 2409 -28.54 -36.51 40.56
N SER A 2410 -27.48 -35.79 40.20
CA SER A 2410 -26.16 -36.41 40.03
C SER A 2410 -25.60 -36.97 41.33
N LEU A 2411 -25.83 -36.29 42.44
CA LEU A 2411 -25.34 -36.75 43.73
C LEU A 2411 -25.97 -38.08 44.05
N ALA A 2412 -27.26 -38.22 43.74
CA ALA A 2412 -27.94 -39.47 43.97
C ALA A 2412 -27.27 -40.55 43.14
N LYS A 2413 -26.94 -40.21 41.89
CA LYS A 2413 -26.32 -41.19 41.01
C LYS A 2413 -24.96 -41.68 41.54
N THR A 2414 -24.13 -40.75 42.00
CA THR A 2414 -22.80 -41.14 42.46
C THR A 2414 -22.84 -42.05 43.68
N ILE A 2415 -23.66 -41.69 44.66
CA ILE A 2415 -23.76 -42.50 45.86
C ILE A 2415 -24.34 -43.88 45.59
N VAL A 2416 -25.35 -43.95 44.72
CA VAL A 2416 -25.97 -45.22 44.40
C VAL A 2416 -24.95 -46.15 43.75
N ALA A 2417 -24.14 -45.61 42.85
CA ALA A 2417 -23.19 -46.46 42.15
C ALA A 2417 -22.18 -47.08 43.10
N ASP A 2418 -21.64 -46.28 44.00
CA ASP A 2418 -20.68 -46.81 44.98
C ASP A 2418 -21.32 -47.77 45.96
N ALA A 2419 -22.48 -47.42 46.49
CA ALA A 2419 -23.13 -48.24 47.50
C ALA A 2419 -23.69 -49.60 47.12
N MET A 2420 -24.37 -49.70 45.99
CA MET A 2420 -25.04 -50.96 45.68
C MET A 2420 -24.07 -52.10 45.52
N GLN A 2421 -22.98 -51.89 44.77
CA GLN A 2421 -21.97 -52.93 44.49
C GLN A 2421 -22.14 -54.36 45.01
N GLY A 2422 -23.32 -54.96 44.83
CA GLY A 2422 -23.55 -56.34 45.26
C GLY A 2422 -22.91 -56.70 46.57
N PRO A 2423 -22.15 -57.82 46.58
CA PRO A 2423 -21.44 -58.20 47.80
C PRO A 2423 -20.14 -57.43 47.90
N ALA A 2424 -20.23 -56.12 48.02
CA ALA A 2424 -19.06 -55.26 48.13
C ALA A 2424 -19.72 -53.96 48.52
N ALA A 2425 -20.89 -54.08 49.15
CA ALA A 2425 -21.62 -52.90 49.57
C ALA A 2425 -21.13 -52.41 50.92
N TYR A 2426 -21.59 -51.22 51.31
CA TYR A 2426 -21.21 -50.61 52.57
C TYR A 2426 -22.13 -50.99 53.72
N SER A 2427 -23.19 -51.74 53.45
CA SER A 2427 -24.12 -52.17 54.49
C SER A 2427 -24.80 -53.45 54.03
N ASP A 2428 -25.37 -54.18 55.00
CA ASP A 2428 -26.06 -55.42 54.69
C ASP A 2428 -27.34 -55.20 53.89
N LEU A 2429 -27.88 -53.99 53.90
CA LEU A 2429 -29.06 -53.70 53.08
C LEU A 2429 -28.73 -53.78 51.60
N PHE A 2430 -27.66 -53.11 51.18
CA PHE A 2430 -27.27 -53.12 49.79
C PHE A 2430 -26.52 -54.38 49.37
N ARG A 2431 -26.02 -55.17 50.33
CA ARG A 2431 -25.32 -56.40 49.99
C ARG A 2431 -26.23 -57.44 49.39
N SER A 2432 -27.53 -57.38 49.72
CA SER A 2432 -28.51 -58.31 49.17
C SER A 2432 -29.07 -57.84 47.83
N LEU A 2433 -28.64 -56.69 47.34
CA LEU A 2433 -29.10 -56.15 46.07
C LEU A 2433 -28.04 -56.39 45.00
N LYS A 2434 -28.46 -56.22 43.74
CA LYS A 2434 -27.59 -56.51 42.61
C LYS A 2434 -26.42 -55.52 42.55
N GLN A 2435 -25.28 -56.01 42.09
CA GLN A 2435 -24.19 -55.14 41.71
C GLN A 2435 -24.56 -54.37 40.45
N VAL A 2436 -24.11 -53.12 40.36
CA VAL A 2436 -24.49 -52.23 39.28
C VAL A 2436 -23.24 -51.62 38.66
N HIS A 2437 -23.15 -51.68 37.34
CA HIS A 2437 -22.08 -51.03 36.59
C HIS A 2437 -22.71 -49.92 35.76
N LEU A 2438 -22.23 -48.69 35.94
CA LEU A 2438 -22.77 -47.57 35.20
C LEU A 2438 -21.98 -47.32 33.93
N VAL A 2439 -22.70 -47.16 32.82
CA VAL A 2439 -22.12 -46.68 31.57
C VAL A 2439 -22.76 -45.32 31.30
N SER A 2440 -21.99 -44.25 31.45
CA SER A 2440 -22.50 -42.90 31.41
C SER A 2440 -22.16 -42.27 30.06
N PHE A 2441 -23.19 -41.85 29.33
CA PHE A 2441 -23.04 -41.14 28.07
C PHE A 2441 -23.63 -39.75 28.23
N GLN A 2442 -22.83 -38.73 27.90
CA GLN A 2442 -23.27 -37.34 28.04
C GLN A 2442 -23.82 -36.87 26.70
N CYS A 2443 -25.12 -36.59 26.67
CA CYS A 2443 -25.77 -36.19 25.43
C CYS A 2443 -25.38 -34.76 25.05
N SER A 2444 -25.65 -34.42 23.79
CA SER A 2444 -25.26 -33.14 23.22
C SER A 2444 -26.16 -32.88 22.02
N PRO A 2445 -26.30 -31.62 21.60
CA PRO A 2445 -27.07 -31.35 20.37
C PRO A 2445 -26.50 -32.01 19.14
N HIS A 2446 -25.23 -32.41 19.16
CA HIS A 2446 -24.60 -33.11 18.04
C HIS A 2446 -24.54 -34.62 18.26
N SER A 2447 -25.40 -35.15 19.14
CA SER A 2447 -25.37 -36.57 19.46
C SER A 2447 -25.88 -37.39 18.29
N THR A 2448 -25.00 -38.18 17.68
CA THR A 2448 -25.40 -39.07 16.62
C THR A 2448 -26.20 -40.24 17.18
N PRO A 2449 -27.18 -40.75 16.44
CA PRO A 2449 -27.91 -41.94 16.91
C PRO A 2449 -27.03 -43.16 17.08
N GLN A 2450 -25.91 -43.23 16.36
CA GLN A 2450 -24.99 -44.36 16.52
C GLN A 2450 -24.33 -44.35 17.90
N GLY A 2451 -24.13 -43.17 18.49
CA GLY A 2451 -23.48 -43.10 19.79
C GLY A 2451 -24.29 -43.76 20.89
N ILE A 2452 -25.60 -43.52 20.90
CA ILE A 2452 -26.45 -44.12 21.93
C ILE A 2452 -26.51 -45.63 21.75
N ILE A 2453 -26.59 -46.10 20.50
CA ILE A 2453 -26.60 -47.54 20.25
C ILE A 2453 -25.27 -48.17 20.70
N SER A 2454 -24.16 -47.49 20.43
CA SER A 2454 -22.86 -47.98 20.88
C SER A 2454 -22.79 -48.03 22.39
N THR A 2455 -23.33 -47.01 23.07
CA THR A 2455 -23.36 -47.02 24.53
C THR A 2455 -24.19 -48.17 25.06
N PHE A 2456 -25.35 -48.42 24.45
CA PHE A 2456 -26.20 -49.52 24.90
C PHE A 2456 -25.51 -50.87 24.69
N ARG A 2457 -24.83 -51.04 23.55
CA ARG A 2457 -24.18 -52.32 23.28
C ARG A 2457 -22.95 -52.51 24.16
N GLN A 2458 -22.22 -51.42 24.46
CA GLN A 2458 -21.12 -51.52 25.41
C GLN A 2458 -21.63 -51.85 26.81
N CYS A 2459 -22.79 -51.32 27.19
CA CYS A 2459 -23.39 -51.67 28.47
C CYS A 2459 -23.81 -53.13 28.49
N ALA A 2460 -24.38 -53.63 27.39
CA ALA A 2460 -24.83 -55.02 27.32
C ALA A 2460 -23.67 -56.00 27.25
N ARG A 2461 -22.52 -55.58 26.70
CA ARG A 2461 -21.37 -56.48 26.64
C ARG A 2461 -20.88 -56.85 28.03
N PHE A 2462 -20.88 -55.90 28.96
CA PHE A 2462 -20.48 -56.22 30.33
C PHE A 2462 -21.43 -57.21 30.97
N GLN A 2463 -22.74 -57.04 30.73
CA GLN A 2463 -23.73 -57.92 31.35
C GLN A 2463 -23.67 -59.34 30.81
N GLN A 2464 -23.07 -59.54 29.65
CA GLN A 2464 -22.95 -60.88 29.09
C GLN A 2464 -21.94 -61.71 29.87
N GLY A 2465 -22.31 -62.95 30.17
CA GLY A 2465 -21.44 -63.82 30.95
C GLY A 2465 -21.54 -63.66 32.45
N LYS A 2466 -22.48 -62.85 32.94
CA LYS A 2466 -22.69 -62.64 34.36
C LYS A 2466 -24.12 -63.00 34.73
N ASP A 2467 -24.33 -63.27 36.02
CA ASP A 2467 -25.67 -63.56 36.50
C ASP A 2467 -26.56 -62.33 36.36
N LEU A 2468 -27.78 -62.54 35.86
CA LEU A 2468 -28.72 -61.45 35.68
C LEU A 2468 -29.54 -61.17 36.93
N GLN A 2469 -29.25 -61.85 38.04
CA GLN A 2469 -29.89 -61.58 39.32
C GLN A 2469 -28.91 -61.07 40.36
N GLN A 2470 -27.61 -60.99 40.03
CA GLN A 2470 -26.60 -60.45 40.94
C GLN A 2470 -25.69 -59.44 40.25
N TYR A 2471 -26.00 -59.06 39.01
CA TYR A 2471 -25.18 -58.10 38.28
C TYR A 2471 -26.05 -57.47 37.19
N VAL A 2472 -25.96 -56.14 37.06
CA VAL A 2472 -26.69 -55.42 36.03
C VAL A 2472 -25.87 -54.20 35.64
N SER A 2473 -26.01 -53.80 34.39
CA SER A 2473 -25.34 -52.60 33.86
C SER A 2473 -26.41 -51.62 33.40
N VAL A 2474 -26.27 -50.37 33.80
CA VAL A 2474 -27.28 -49.34 33.54
C VAL A 2474 -26.67 -48.24 32.70
N VAL A 2475 -27.42 -47.78 31.70
CA VAL A 2475 -27.02 -46.68 30.84
C VAL A 2475 -27.54 -45.40 31.46
N VAL A 2476 -26.62 -44.48 31.78
CA VAL A 2476 -26.97 -43.20 32.37
C VAL A 2476 -26.72 -42.12 31.32
N LEU A 2477 -27.79 -41.53 30.80
CA LEU A 2477 -27.70 -40.49 29.79
C LEU A 2477 -27.76 -39.13 30.47
N ASP A 2478 -26.61 -38.48 30.58
CA ASP A 2478 -26.56 -37.13 31.14
C ASP A 2478 -27.07 -36.12 30.12
N GLU A 2479 -27.88 -35.18 30.59
CA GLU A 2479 -28.48 -34.15 29.75
C GLU A 2479 -29.21 -34.76 28.57
N VAL A 2480 -30.04 -35.77 28.85
CA VAL A 2480 -30.78 -36.44 27.79
C VAL A 2480 -31.78 -35.52 27.11
N GLY A 2481 -32.11 -34.39 27.73
CA GLY A 2481 -32.93 -33.38 27.09
C GLY A 2481 -32.17 -32.42 26.21
N LEU A 2482 -30.84 -32.48 26.22
CA LEU A 2482 -30.01 -31.63 25.38
C LEU A 2482 -29.99 -32.08 23.93
N ALA A 2483 -30.46 -33.29 23.64
CA ALA A 2483 -30.52 -33.83 22.29
C ALA A 2483 -31.96 -34.17 21.92
N GLU A 2484 -32.89 -33.25 22.24
CA GLU A 2484 -34.30 -33.52 22.02
C GLU A 2484 -34.70 -33.23 20.58
N ASP A 2485 -34.52 -31.98 20.13
CA ASP A 2485 -34.99 -31.56 18.81
C ASP A 2485 -33.84 -31.36 17.84
N SER A 2486 -32.71 -32.02 18.05
CA SER A 2486 -31.61 -31.94 17.12
C SER A 2486 -31.99 -32.60 15.80
N PRO A 2487 -31.50 -32.06 14.67
CA PRO A 2487 -31.83 -32.67 13.37
C PRO A 2487 -31.40 -34.12 13.25
N LYS A 2488 -30.25 -34.47 13.82
CA LYS A 2488 -29.81 -35.87 13.87
C LYS A 2488 -30.37 -36.52 15.14
N MET A 2489 -31.67 -36.77 15.10
CA MET A 2489 -32.45 -37.19 16.26
C MET A 2489 -31.92 -38.47 16.87
N PRO A 2490 -31.27 -38.41 18.03
CA PRO A 2490 -30.80 -39.64 18.68
C PRO A 2490 -31.94 -40.40 19.35
N LEU A 2491 -32.83 -39.66 20.01
CA LEU A 2491 -33.87 -40.32 20.80
C LEU A 2491 -34.99 -40.79 19.91
N LYS A 2492 -34.62 -41.47 18.82
CA LYS A 2492 -35.47 -42.41 18.14
C LYS A 2492 -34.99 -43.84 18.34
N THR A 2493 -33.74 -44.02 18.75
CA THR A 2493 -33.24 -45.35 19.06
C THR A 2493 -33.59 -45.80 20.47
N LEU A 2494 -34.06 -44.89 21.32
CA LEU A 2494 -34.36 -45.25 22.71
C LEU A 2494 -35.58 -46.17 22.78
N HIS A 2495 -36.62 -45.86 22.01
CA HIS A 2495 -37.85 -46.66 22.09
C HIS A 2495 -37.63 -48.14 21.81
N PRO A 2496 -36.87 -48.57 20.79
CA PRO A 2496 -36.58 -50.01 20.67
C PRO A 2496 -35.61 -50.50 21.72
N LEU A 2497 -34.57 -49.70 21.99
CA LEU A 2497 -33.52 -50.15 22.92
C LEU A 2497 -34.07 -50.35 24.32
N LEU A 2498 -34.98 -49.48 24.77
CA LEU A 2498 -35.59 -49.66 26.07
C LEU A 2498 -36.46 -50.91 26.13
N GLU A 2499 -36.90 -51.43 24.99
CA GLU A 2499 -37.78 -52.59 24.96
C GLU A 2499 -37.01 -53.90 25.00
N ASP A 2500 -36.15 -54.12 24.01
CA ASP A 2500 -35.42 -55.37 23.87
C ASP A 2500 -33.91 -55.24 24.04
N GLY A 2501 -33.37 -54.02 24.02
CA GLY A 2501 -31.94 -53.82 24.04
C GLY A 2501 -31.28 -53.92 22.68
N CYS A 2502 -32.03 -54.20 21.63
CA CYS A 2502 -31.51 -54.31 20.28
C CYS A 2502 -32.43 -53.57 19.33
N ILE A 2503 -31.84 -52.95 18.30
CA ILE A 2503 -32.63 -52.19 17.33
C ILE A 2503 -33.41 -53.15 16.43
N GLU A 2504 -32.69 -54.04 15.74
CA GLU A 2504 -33.33 -55.02 14.87
C GLU A 2504 -32.74 -56.41 14.98
N ASP A 2505 -31.70 -56.61 15.78
CA ASP A 2505 -31.03 -57.89 15.87
C ASP A 2505 -31.86 -58.87 16.70
N ASP A 2506 -31.31 -60.07 16.91
CA ASP A 2506 -32.00 -61.10 17.68
C ASP A 2506 -31.91 -60.78 19.17
N PRO A 2507 -33.02 -60.64 19.88
CA PRO A 2507 -32.96 -60.32 21.30
C PRO A 2507 -32.32 -61.43 22.12
N ALA A 2508 -31.65 -61.03 23.19
CA ALA A 2508 -31.03 -61.94 24.14
C ALA A 2508 -31.40 -61.53 25.55
N PRO A 2509 -31.46 -62.48 26.49
CA PRO A 2509 -31.80 -62.13 27.88
C PRO A 2509 -30.80 -61.18 28.53
N HIS A 2510 -29.56 -61.15 28.06
CA HIS A 2510 -28.55 -60.25 28.58
C HIS A 2510 -28.51 -58.91 27.87
N LYS A 2511 -29.35 -58.71 26.85
CA LYS A 2511 -29.36 -57.46 26.11
C LYS A 2511 -30.29 -56.42 26.72
N LYS A 2512 -31.28 -56.85 27.48
CA LYS A 2512 -32.16 -55.91 28.17
C LYS A 2512 -31.43 -55.34 29.38
N VAL A 2513 -31.17 -54.03 29.35
CA VAL A 2513 -30.37 -53.38 30.37
C VAL A 2513 -31.19 -52.29 31.05
N GLY A 2514 -30.80 -51.97 32.27
CA GLY A 2514 -31.45 -50.88 32.99
C GLY A 2514 -31.10 -49.54 32.40
N PHE A 2515 -31.96 -48.56 32.65
CA PHE A 2515 -31.79 -47.24 32.05
C PHE A 2515 -32.25 -46.17 33.03
N VAL A 2516 -31.44 -45.13 33.19
CA VAL A 2516 -31.82 -43.94 33.93
C VAL A 2516 -31.33 -42.73 33.13
N GLY A 2517 -32.18 -41.69 33.06
CA GLY A 2517 -31.86 -40.49 32.32
C GLY A 2517 -32.02 -39.26 33.20
N ILE A 2518 -30.91 -38.58 33.45
CA ILE A 2518 -30.87 -37.40 34.30
C ILE A 2518 -30.60 -36.21 33.39
N SER A 2519 -31.63 -35.38 33.15
CA SER A 2519 -31.52 -34.24 32.27
C SER A 2519 -31.99 -32.98 32.98
N ASN A 2520 -31.29 -31.88 32.72
CA ASN A 2520 -31.66 -30.57 33.22
C ASN A 2520 -32.75 -29.90 32.39
N TRP A 2521 -32.85 -30.24 31.12
CA TRP A 2521 -33.85 -29.68 30.23
C TRP A 2521 -35.08 -30.58 30.17
N ALA A 2522 -36.17 -30.05 29.63
CA ALA A 2522 -37.44 -30.76 29.62
C ALA A 2522 -37.39 -31.94 28.66
N LEU A 2523 -38.37 -32.83 28.79
CA LEU A 2523 -38.44 -34.06 28.02
C LEU A 2523 -39.84 -34.28 27.47
N ASP A 2524 -39.90 -34.92 26.31
CA ASP A 2524 -41.16 -35.34 25.73
C ASP A 2524 -41.59 -36.65 26.38
N PRO A 2525 -42.80 -36.73 26.96
CA PRO A 2525 -43.25 -38.00 27.53
C PRO A 2525 -43.80 -38.94 26.48
N ALA A 2526 -43.12 -39.03 25.33
CA ALA A 2526 -43.44 -40.02 24.31
C ALA A 2526 -42.22 -40.72 23.73
N LYS A 2527 -41.03 -40.12 23.79
CA LYS A 2527 -39.81 -40.79 23.35
C LYS A 2527 -39.24 -41.71 24.41
N MET A 2528 -39.68 -41.57 25.65
CA MET A 2528 -39.53 -42.65 26.62
C MET A 2528 -40.45 -43.80 26.22
N ASN A 2529 -40.06 -45.02 26.59
CA ASN A 2529 -40.90 -46.14 26.18
C ASN A 2529 -42.19 -46.14 26.99
N ARG A 2530 -42.08 -46.44 28.29
CA ARG A 2530 -43.14 -46.14 29.24
C ARG A 2530 -42.59 -45.78 30.62
N GLY A 2531 -41.31 -45.47 30.73
CA GLY A 2531 -40.66 -45.42 32.02
C GLY A 2531 -41.19 -44.32 32.91
N ILE A 2532 -40.89 -44.46 34.20
CA ILE A 2532 -41.33 -43.50 35.20
C ILE A 2532 -40.61 -42.18 34.95
N PHE A 2533 -41.37 -41.15 34.56
CA PHE A 2533 -40.84 -39.83 34.26
C PHE A 2533 -41.18 -38.91 35.42
N VAL A 2534 -40.17 -38.51 36.18
CA VAL A 2534 -40.36 -37.70 37.37
C VAL A 2534 -39.66 -36.35 37.18
N SER A 2535 -40.37 -35.28 37.53
CA SER A 2535 -39.84 -33.92 37.46
C SER A 2535 -40.22 -33.20 38.74
N ARG A 2536 -39.26 -32.51 39.35
CA ARG A 2536 -39.46 -31.84 40.62
C ARG A 2536 -39.63 -30.33 40.47
N GLY A 2537 -38.77 -29.68 39.71
CA GLY A 2537 -38.84 -28.25 39.56
C GLY A 2537 -37.96 -27.51 40.56
N SER A 2538 -38.54 -26.52 41.25
CA SER A 2538 -37.79 -25.73 42.20
C SER A 2538 -38.42 -25.81 43.59
N PRO A 2539 -37.62 -25.75 44.65
CA PRO A 2539 -38.17 -25.77 46.01
C PRO A 2539 -38.84 -24.45 46.34
N ASN A 2540 -40.14 -24.51 46.64
CA ASN A 2540 -40.91 -23.27 46.78
C ASN A 2540 -40.43 -22.42 47.96
N GLU A 2541 -40.74 -22.84 49.19
CA GLU A 2541 -40.12 -22.23 50.36
C GLU A 2541 -39.74 -23.25 51.42
N THR A 2542 -40.65 -24.19 51.67
CA THR A 2542 -40.48 -25.12 52.78
C THR A 2542 -39.36 -26.11 52.49
N GLU A 2543 -39.25 -26.55 51.23
CA GLU A 2543 -38.15 -27.44 50.87
C GLU A 2543 -36.81 -26.73 50.99
N LEU A 2544 -36.77 -25.43 50.68
CA LEU A 2544 -35.54 -24.66 50.86
C LEU A 2544 -35.16 -24.59 52.33
N ILE A 2545 -36.12 -24.31 53.21
CA ILE A 2545 -35.82 -24.27 54.65
C ILE A 2545 -35.39 -25.64 55.15
N GLU A 2546 -36.05 -26.70 54.68
CA GLU A 2546 -35.72 -28.04 55.11
C GLU A 2546 -34.33 -28.45 54.67
N SER A 2547 -33.95 -28.09 53.43
CA SER A 2547 -32.59 -28.37 52.97
C SER A 2547 -31.57 -27.55 53.75
N ALA A 2548 -31.92 -26.31 54.11
CA ALA A 2548 -31.05 -25.52 54.98
C ALA A 2548 -30.79 -26.24 56.30
N LYS A 2549 -31.87 -26.73 56.92
CA LYS A 2549 -31.72 -27.43 58.20
C LYS A 2549 -30.94 -28.74 58.02
N GLY A 2550 -31.16 -29.43 56.91
CA GLY A 2550 -30.41 -30.66 56.65
C GLY A 2550 -28.92 -30.40 56.52
N ILE A 2551 -28.55 -29.33 55.82
CA ILE A 2551 -27.14 -28.96 55.73
C ILE A 2551 -26.61 -28.58 57.10
N CYS A 2552 -27.39 -27.84 57.88
CA CYS A 2552 -26.98 -27.36 59.19
C CYS A 2552 -27.32 -28.34 60.32
N SER A 2553 -27.52 -29.61 60.00
CA SER A 2553 -27.93 -30.61 60.97
C SER A 2553 -26.79 -31.58 61.32
N SER A 2554 -25.57 -31.05 61.45
CA SER A 2554 -24.42 -31.88 61.75
C SER A 2554 -23.81 -31.63 63.12
N ASP A 2555 -24.28 -30.62 63.85
CA ASP A 2555 -23.76 -30.35 65.19
C ASP A 2555 -24.88 -30.21 66.21
N ILE A 2556 -26.05 -29.75 65.77
CA ILE A 2556 -27.28 -29.60 66.54
C ILE A 2556 -27.20 -28.50 67.59
N LEU A 2557 -26.05 -27.85 67.77
CA LEU A 2557 -25.94 -26.69 68.63
C LEU A 2557 -25.40 -25.47 67.88
N VAL A 2558 -24.41 -25.67 67.02
CA VAL A 2558 -24.00 -24.60 66.12
C VAL A 2558 -25.11 -24.25 65.14
N GLN A 2559 -26.03 -25.19 64.89
CA GLN A 2559 -27.19 -24.89 64.09
C GLN A 2559 -27.99 -23.74 64.69
N ASP A 2560 -28.37 -23.87 65.96
CA ASP A 2560 -29.15 -22.82 66.62
C ASP A 2560 -28.40 -21.49 66.62
N VAL A 2561 -27.07 -21.54 66.63
CA VAL A 2561 -26.28 -20.33 66.45
C VAL A 2561 -26.49 -19.76 65.04
N ALA A 2562 -26.54 -20.62 64.04
CA ALA A 2562 -26.59 -20.20 62.64
C ALA A 2562 -27.88 -20.64 61.95
N GLN A 2563 -28.97 -20.75 62.70
CA GLN A 2563 -30.29 -20.98 62.10
C GLN A 2563 -31.27 -19.98 62.67
N GLY A 2564 -32.54 -20.14 62.31
CA GLY A 2564 -33.57 -19.22 62.77
C GLY A 2564 -33.63 -17.98 61.91
N TYR A 2565 -32.48 -17.36 61.67
CA TYR A 2565 -32.42 -16.20 60.78
C TYR A 2565 -32.00 -16.61 59.37
N PHE A 2566 -30.85 -17.26 59.22
CA PHE A 2566 -30.38 -17.63 57.88
C PHE A 2566 -30.80 -19.06 57.53
N ALA A 2567 -32.09 -19.34 57.72
CA ALA A 2567 -32.71 -20.55 57.22
C ALA A 2567 -34.02 -20.30 56.50
N SER A 2568 -34.70 -19.19 56.81
CA SER A 2568 -35.80 -18.69 56.00
C SER A 2568 -35.47 -17.38 55.30
N PHE A 2569 -34.55 -16.59 55.83
CA PHE A 2569 -34.18 -15.33 55.19
C PHE A 2569 -33.29 -15.60 53.98
N ALA A 2570 -32.37 -16.55 54.10
CA ALA A 2570 -31.61 -16.99 52.94
C ALA A 2570 -32.54 -17.49 51.84
N LYS A 2571 -33.55 -18.27 52.22
CA LYS A 2571 -34.64 -18.61 51.31
C LYS A 2571 -35.26 -17.36 50.69
N ALA A 2572 -35.65 -16.40 51.52
CA ALA A 2572 -36.46 -15.29 51.05
C ALA A 2572 -35.71 -14.43 50.05
N TYR A 2573 -34.39 -14.27 50.23
CA TYR A 2573 -33.67 -13.47 49.25
C TYR A 2573 -33.08 -14.30 48.11
N GLU A 2574 -32.92 -15.62 48.30
CA GLU A 2574 -32.57 -16.48 47.17
C GLU A 2574 -33.70 -16.52 46.16
N THR A 2575 -34.95 -16.59 46.64
CA THR A 2575 -36.08 -16.54 45.72
C THR A 2575 -36.11 -15.21 44.97
N VAL A 2576 -35.79 -14.11 45.67
CA VAL A 2576 -35.75 -12.81 45.01
C VAL A 2576 -34.65 -12.77 43.96
N CYS A 2577 -33.48 -13.31 44.29
CA CYS A 2577 -32.38 -13.36 43.32
C CYS A 2577 -32.76 -14.16 42.09
N LYS A 2578 -33.45 -15.30 42.28
CA LYS A 2578 -33.92 -16.09 41.16
C LYS A 2578 -34.99 -15.34 40.36
N ARG A 2579 -35.81 -14.53 41.04
CA ARG A 2579 -36.90 -13.82 40.38
C ARG A 2579 -36.37 -12.69 39.50
N GLN A 2580 -35.43 -11.90 40.03
CA GLN A 2580 -35.02 -10.66 39.38
C GLN A 2580 -34.01 -10.87 38.27
N ASP A 2581 -33.52 -12.08 38.04
CA ASP A 2581 -32.51 -12.33 37.02
C ASP A 2581 -33.05 -13.25 35.93
N LYS A 2582 -32.58 -13.01 34.71
CA LYS A 2582 -32.74 -13.92 33.59
C LYS A 2582 -31.41 -14.63 33.35
N GLU A 2583 -31.46 -15.70 32.54
CA GLU A 2583 -30.31 -16.57 32.33
C GLU A 2583 -29.83 -17.15 33.67
N PHE A 2584 -30.69 -18.02 34.22
CA PHE A 2584 -30.65 -18.46 35.61
C PHE A 2584 -29.23 -18.65 36.13
N PHE A 2585 -29.01 -18.17 37.35
CA PHE A 2585 -27.73 -18.26 38.06
C PHE A 2585 -27.96 -18.92 39.41
N GLY A 2586 -27.55 -20.18 39.54
CA GLY A 2586 -27.34 -20.77 40.84
C GLY A 2586 -28.53 -21.38 41.55
N LEU A 2587 -28.41 -22.66 41.87
CA LEU A 2587 -29.23 -23.30 42.90
C LEU A 2587 -28.26 -23.97 43.86
N ARG A 2588 -27.13 -24.44 43.32
CA ARG A 2588 -25.99 -24.83 44.13
C ARG A 2588 -25.31 -23.64 44.79
N ASP A 2589 -25.66 -22.42 44.38
CA ASP A 2589 -25.11 -21.20 44.94
C ASP A 2589 -25.78 -20.79 46.24
N TYR A 2590 -26.82 -21.52 46.66
CA TYR A 2590 -27.51 -21.29 47.92
C TYR A 2590 -27.17 -22.32 48.97
N TYR A 2591 -27.11 -23.61 48.59
CA TYR A 2591 -26.58 -24.63 49.48
C TYR A 2591 -25.14 -24.34 49.85
N SER A 2592 -24.34 -23.91 48.87
CA SER A 2592 -22.96 -23.54 49.17
C SER A 2592 -22.90 -22.34 50.11
N LEU A 2593 -23.79 -21.37 49.93
CA LEU A 2593 -23.87 -20.24 50.83
C LEU A 2593 -24.14 -20.69 52.26
N ILE A 2594 -25.10 -21.60 52.42
CA ILE A 2594 -25.44 -22.09 53.75
C ILE A 2594 -24.26 -22.87 54.33
N LYS A 2595 -23.55 -23.64 53.50
CA LYS A 2595 -22.38 -24.37 53.99
C LYS A 2595 -21.30 -23.41 54.48
N MET A 2596 -21.05 -22.32 53.74
CA MET A 2596 -20.06 -21.35 54.19
C MET A 2596 -20.50 -20.69 55.49
N VAL A 2597 -21.79 -20.37 55.62
CA VAL A 2597 -22.27 -19.77 56.86
C VAL A 2597 -22.10 -20.74 58.03
N PHE A 2598 -22.46 -22.01 57.82
CA PHE A 2598 -22.39 -23.01 58.88
C PHE A 2598 -20.94 -23.26 59.30
N ALA A 2599 -20.02 -23.32 58.33
CA ALA A 2599 -18.61 -23.49 58.66
C ALA A 2599 -18.05 -22.25 59.35
N ALA A 2600 -18.51 -21.06 58.96
CA ALA A 2600 -18.10 -19.85 59.66
C ALA A 2600 -18.61 -19.83 61.09
N ALA A 2601 -19.84 -20.31 61.31
CA ALA A 2601 -20.37 -20.46 62.66
C ALA A 2601 -19.63 -21.51 63.47
N LYS A 2602 -18.88 -22.40 62.82
CA LYS A 2602 -18.05 -23.37 63.51
C LYS A 2602 -16.69 -22.80 63.89
N ALA A 2603 -16.61 -21.48 64.05
CA ALA A 2603 -15.41 -20.81 64.51
C ALA A 2603 -15.27 -21.00 66.02
N SER A 2604 -14.42 -20.19 66.66
CA SER A 2604 -14.08 -20.35 68.07
C SER A 2604 -15.31 -20.67 68.93
N ASN A 2605 -16.28 -19.76 68.99
CA ASN A 2605 -17.53 -20.13 69.64
C ASN A 2605 -18.76 -19.87 68.79
N ARG A 2606 -18.83 -18.71 68.13
CA ARG A 2606 -20.00 -18.32 67.35
C ARG A 2606 -19.70 -17.03 66.61
N LYS A 2607 -20.21 -16.90 65.39
CA LYS A 2607 -20.12 -15.66 64.62
C LYS A 2607 -21.15 -15.66 63.51
N PRO A 2608 -22.44 -15.54 63.86
CA PRO A 2608 -23.48 -15.23 62.87
C PRO A 2608 -23.63 -13.72 62.69
N SER A 2609 -22.51 -13.05 62.53
CA SER A 2609 -22.40 -11.59 62.58
C SER A 2609 -22.02 -11.03 61.21
N PRO A 2610 -22.19 -9.73 61.00
CA PRO A 2610 -21.67 -9.12 59.77
C PRO A 2610 -20.16 -9.24 59.68
N GLN A 2611 -19.66 -9.02 58.45
CA GLN A 2611 -18.26 -9.18 58.08
C GLN A 2611 -17.89 -10.66 57.99
N ASP A 2612 -18.82 -11.53 58.38
CA ASP A 2612 -18.72 -12.97 58.14
C ASP A 2612 -19.91 -13.53 57.39
N ILE A 2613 -21.12 -13.07 57.69
CA ILE A 2613 -22.25 -13.29 56.79
C ILE A 2613 -22.05 -12.55 55.48
N ALA A 2614 -21.35 -11.41 55.51
CA ALA A 2614 -21.14 -10.62 54.30
C ALA A 2614 -20.34 -11.39 53.26
N GLN A 2615 -19.27 -12.08 53.69
CA GLN A 2615 -18.47 -12.85 52.75
C GLN A 2615 -19.27 -13.99 52.13
N ALA A 2616 -20.04 -14.70 52.95
CA ALA A 2616 -20.85 -15.80 52.44
C ALA A 2616 -21.89 -15.32 51.43
N VAL A 2617 -22.55 -14.19 51.73
CA VAL A 2617 -23.52 -13.66 50.77
C VAL A 2617 -22.81 -13.14 49.53
N LEU A 2618 -21.62 -12.56 49.68
CA LEU A 2618 -20.87 -12.04 48.55
C LEU A 2618 -20.38 -13.13 47.62
N ARG A 2619 -20.07 -14.32 48.13
CA ARG A 2619 -19.70 -15.43 47.27
C ARG A 2619 -20.90 -16.09 46.59
N ASN A 2620 -22.12 -15.74 46.97
CA ASN A 2620 -23.23 -15.89 46.05
C ASN A 2620 -22.96 -15.00 44.86
N PHE A 2621 -23.34 -15.47 43.67
CA PHE A 2621 -22.73 -15.08 42.40
C PHE A 2621 -22.31 -13.61 42.36
N SER A 2622 -21.02 -13.38 42.13
CA SER A 2622 -20.42 -12.06 42.18
C SER A 2622 -19.98 -11.57 40.80
N GLY A 2623 -20.60 -12.08 39.75
CA GLY A 2623 -20.25 -11.68 38.40
C GLY A 2623 -21.47 -11.47 37.52
N LYS A 2624 -22.59 -11.06 38.11
CA LYS A 2624 -23.80 -10.83 37.34
C LYS A 2624 -23.90 -9.39 36.85
N ASP A 2625 -23.48 -8.42 37.68
CA ASP A 2625 -23.43 -7.00 37.39
C ASP A 2625 -24.81 -6.37 37.21
N ASP A 2626 -25.89 -7.14 37.33
CA ASP A 2626 -27.23 -6.59 37.33
C ASP A 2626 -28.10 -7.14 38.46
N ILE A 2627 -27.58 -8.07 39.25
CA ILE A 2627 -28.21 -8.53 40.48
C ILE A 2627 -27.22 -8.21 41.60
N GLN A 2628 -27.51 -7.15 42.35
CA GLN A 2628 -26.65 -6.79 43.48
C GLN A 2628 -26.87 -7.77 44.61
N ALA A 2629 -26.03 -8.81 44.66
CA ALA A 2629 -26.25 -9.89 45.62
C ALA A 2629 -26.15 -9.39 47.06
N LEU A 2630 -25.15 -8.55 47.35
CA LEU A 2630 -24.99 -8.04 48.70
C LEU A 2630 -26.18 -7.17 49.11
N ASP A 2631 -26.62 -6.28 48.21
CA ASP A 2631 -27.71 -5.38 48.54
C ASP A 2631 -29.01 -6.13 48.79
N ILE A 2632 -29.31 -7.15 47.96
CA ILE A 2632 -30.58 -7.85 48.08
C ILE A 2632 -30.72 -8.48 49.45
N PHE A 2633 -29.64 -9.07 49.97
CA PHE A 2633 -29.66 -9.57 51.34
C PHE A 2633 -29.68 -8.41 52.34
N LEU A 2634 -28.94 -7.34 52.04
CA LEU A 2634 -28.86 -6.21 52.97
C LEU A 2634 -30.12 -5.36 52.95
N ALA A 2635 -30.72 -5.17 51.77
CA ALA A 2635 -31.91 -4.32 51.67
C ALA A 2635 -33.09 -4.87 52.47
N ASN A 2636 -33.08 -6.16 52.81
CA ASN A 2636 -34.11 -6.73 53.65
C ASN A 2636 -33.63 -7.00 55.07
N LEU A 2637 -32.32 -7.13 55.29
CA LEU A 2637 -31.76 -7.31 56.62
C LEU A 2637 -30.90 -6.11 56.99
N PRO A 2638 -31.42 -5.18 57.79
CA PRO A 2638 -30.61 -4.04 58.25
C PRO A 2638 -29.75 -4.34 59.47
N GLU A 2639 -29.91 -5.50 60.09
CA GLU A 2639 -29.14 -5.82 61.29
C GLU A 2639 -27.65 -5.94 60.98
N ALA A 2640 -27.31 -6.57 59.86
CA ALA A 2640 -25.92 -6.85 59.50
C ALA A 2640 -25.40 -5.89 58.44
N LYS A 2641 -25.80 -4.62 58.49
CA LYS A 2641 -25.31 -3.64 57.52
C LYS A 2641 -23.99 -3.04 57.97
N CYS A 2642 -23.02 -3.89 58.28
CA CYS A 2642 -21.67 -3.47 58.64
C CYS A 2642 -20.68 -4.34 57.89
N SER A 2643 -20.13 -3.81 56.81
CA SER A 2643 -19.28 -4.59 55.91
C SER A 2643 -18.04 -3.80 55.56
N GLU A 2644 -16.88 -4.46 55.57
CA GLU A 2644 -15.66 -3.87 55.06
C GLU A 2644 -15.63 -3.83 53.54
N GLU A 2645 -16.61 -4.44 52.87
CA GLU A 2645 -16.70 -4.50 51.42
C GLU A 2645 -15.43 -5.11 50.84
N VAL A 2646 -15.22 -6.39 51.17
CA VAL A 2646 -14.06 -7.12 50.64
C VAL A 2646 -14.13 -7.14 49.12
N SER A 2647 -13.05 -6.72 48.48
CA SER A 2647 -13.00 -6.66 47.04
C SER A 2647 -13.02 -8.07 46.45
N PRO A 2648 -13.39 -8.19 45.17
CA PRO A 2648 -13.29 -9.51 44.53
C PRO A 2648 -11.85 -9.87 44.22
N MET A 2649 -10.98 -9.65 45.20
CA MET A 2649 -9.55 -9.91 45.06
C MET A 2649 -9.09 -10.71 46.27
N GLN A 2650 -9.79 -10.53 47.39
CA GLN A 2650 -9.58 -11.31 48.60
C GLN A 2650 -10.50 -12.52 48.68
N LEU A 2651 -11.67 -12.46 48.05
CA LEU A 2651 -12.55 -13.62 47.94
C LEU A 2651 -11.96 -14.71 47.06
N ILE A 2652 -10.91 -14.41 46.30
CA ILE A 2652 -10.17 -15.40 45.55
C ILE A 2652 -9.11 -16.07 46.43
N LYS A 2653 -8.41 -15.30 47.27
CA LYS A 2653 -7.53 -15.89 48.27
C LYS A 2653 -8.32 -16.81 49.20
N GLN A 2654 -9.46 -16.33 49.70
CA GLN A 2654 -10.25 -17.11 50.63
C GLN A 2654 -10.93 -18.30 49.97
N ASN A 2655 -10.99 -18.34 48.64
CA ASN A 2655 -11.52 -19.48 47.93
C ASN A 2655 -10.44 -20.49 47.55
N ILE A 2656 -9.22 -20.02 47.29
CA ILE A 2656 -8.13 -20.88 46.87
C ILE A 2656 -7.23 -21.26 48.04
N PHE A 2657 -6.79 -20.27 48.81
CA PHE A 2657 -5.88 -20.54 49.92
C PHE A 2657 -6.66 -20.92 51.18
N GLY A 2658 -7.56 -21.89 51.05
CA GLY A 2658 -8.31 -22.38 52.18
C GLY A 2658 -9.33 -21.39 52.69
N PRO A 2659 -10.35 -21.90 53.40
CA PRO A 2659 -11.34 -20.99 53.99
C PRO A 2659 -10.75 -20.14 55.10
N SER A 2660 -10.06 -20.77 56.04
CA SER A 2660 -9.41 -20.05 57.13
C SER A 2660 -8.12 -19.42 56.66
N GLN A 2661 -7.76 -18.30 57.28
CA GLN A 2661 -6.54 -17.59 56.89
C GLN A 2661 -5.29 -18.37 57.28
N LYS A 2662 -5.32 -19.06 58.43
CA LYS A 2662 -4.17 -19.82 58.90
C LYS A 2662 -4.45 -21.32 58.94
N VAL A 2663 -5.44 -21.75 59.70
CA VAL A 2663 -5.76 -23.18 59.89
C VAL A 2663 -7.24 -23.30 60.23
N PRO A 2664 -7.99 -24.14 59.52
CA PRO A 2664 -9.39 -24.35 59.89
C PRO A 2664 -9.51 -25.18 61.16
N GLY A 2665 -10.66 -25.04 61.83
CA GLY A 2665 -10.91 -25.80 63.05
C GLY A 2665 -10.77 -27.29 62.85
N GLY A 2666 -9.74 -27.88 63.44
CA GLY A 2666 -9.43 -29.28 63.21
C GLY A 2666 -8.59 -29.43 61.95
N GLU A 2667 -9.03 -30.29 61.04
CA GLU A 2667 -8.38 -30.48 59.76
C GLU A 2667 -9.24 -29.92 58.64
N GLN A 2668 -8.63 -29.79 57.46
CA GLN A 2668 -9.32 -29.33 56.26
C GLN A 2668 -9.71 -30.56 55.45
N GLU A 2669 -10.89 -31.10 55.75
CA GLU A 2669 -11.34 -32.32 55.09
C GLU A 2669 -12.71 -32.12 54.45
N ASP A 2670 -13.49 -31.17 54.98
CA ASP A 2670 -14.83 -30.90 54.47
C ASP A 2670 -14.98 -29.45 54.07
N ALA A 2671 -13.87 -28.79 53.73
CA ALA A 2671 -13.86 -27.42 53.26
C ALA A 2671 -13.87 -27.33 51.74
N GLU A 2672 -14.49 -28.30 51.07
CA GLU A 2672 -14.51 -28.36 49.61
C GLU A 2672 -15.29 -27.18 49.08
N SER A 2673 -14.58 -26.18 48.56
CA SER A 2673 -15.20 -25.01 47.95
C SER A 2673 -15.32 -25.21 46.44
N ARG A 2674 -16.37 -24.63 45.88
CA ARG A 2674 -16.61 -24.77 44.44
C ARG A 2674 -15.46 -24.18 43.65
N TYR A 2675 -15.14 -24.81 42.52
CA TYR A 2675 -14.00 -24.40 41.71
C TYR A 2675 -14.25 -23.01 41.11
N LEU A 2676 -13.18 -22.22 41.01
CA LEU A 2676 -13.32 -20.81 40.68
C LEU A 2676 -13.53 -20.60 39.19
N LEU A 2677 -14.42 -19.67 38.85
CA LEU A 2677 -14.62 -19.21 37.48
C LEU A 2677 -14.52 -17.69 37.47
N VAL A 2678 -13.49 -17.17 36.82
CA VAL A 2678 -13.16 -15.75 36.84
C VAL A 2678 -13.54 -15.15 35.49
N LEU A 2679 -14.49 -14.22 35.53
CA LEU A 2679 -14.93 -13.48 34.36
C LEU A 2679 -14.04 -12.26 34.20
N THR A 2680 -13.46 -12.10 33.02
CA THR A 2680 -12.54 -10.99 32.77
C THR A 2680 -12.78 -10.40 31.40
N LYS A 2681 -12.23 -9.22 31.18
CA LYS A 2681 -12.32 -8.53 29.90
C LYS A 2681 -10.94 -8.46 29.27
N ASN A 2682 -10.84 -8.90 28.01
CA ASN A 2682 -9.60 -8.86 27.24
C ASN A 2682 -8.49 -9.68 27.89
N TYR A 2683 -8.86 -10.71 28.65
CA TYR A 2683 -7.92 -11.66 29.23
C TYR A 2683 -6.86 -10.96 30.07
N VAL A 2684 -7.31 -10.31 31.14
CA VAL A 2684 -6.41 -9.63 32.07
C VAL A 2684 -6.37 -10.29 33.43
N ALA A 2685 -7.32 -11.17 33.76
CA ALA A 2685 -7.33 -11.82 35.06
C ALA A 2685 -6.09 -12.68 35.26
N LEU A 2686 -5.59 -13.32 34.21
CA LEU A 2686 -4.38 -14.12 34.34
C LEU A 2686 -3.20 -13.26 34.78
N GLN A 2687 -3.00 -12.11 34.14
CA GLN A 2687 -1.95 -11.19 34.54
C GLN A 2687 -2.14 -10.71 35.97
N ILE A 2688 -3.39 -10.37 36.32
CA ILE A 2688 -3.67 -9.89 37.67
C ILE A 2688 -3.26 -10.93 38.70
N LEU A 2689 -3.70 -12.18 38.51
CA LEU A 2689 -3.37 -13.24 39.47
C LEU A 2689 -1.88 -13.47 39.54
N GLN A 2690 -1.19 -13.46 38.40
CA GLN A 2690 0.21 -13.84 38.33
C GLN A 2690 1.11 -12.81 39.01
N GLN A 2691 0.91 -11.52 38.74
CA GLN A 2691 1.55 -10.51 39.59
C GLN A 2691 1.09 -10.63 41.03
N THR A 2692 -0.17 -11.01 41.24
CA THR A 2692 -0.70 -11.35 42.55
C THR A 2692 -0.30 -12.79 42.85
N PHE A 2693 -1.11 -13.45 43.68
CA PHE A 2693 -0.72 -14.48 44.63
C PHE A 2693 0.40 -15.41 44.20
N PHE A 2694 0.31 -15.98 43.00
CA PHE A 2694 1.13 -17.12 42.62
C PHE A 2694 2.57 -16.66 42.44
N GLU A 2695 3.30 -16.59 43.56
CA GLU A 2695 4.64 -16.02 43.60
C GLU A 2695 5.66 -17.15 43.55
N GLY A 2696 5.92 -17.61 42.33
CA GLY A 2696 7.02 -18.53 42.09
C GLY A 2696 6.68 -20.01 42.17
N ASP A 2697 7.11 -20.65 43.27
CA ASP A 2697 7.00 -22.10 43.38
C ASP A 2697 5.54 -22.56 43.37
N GLN A 2698 4.68 -21.86 44.10
CA GLN A 2698 3.28 -22.24 44.21
C GLN A 2698 2.45 -21.87 42.98
N GLN A 2699 3.10 -21.50 41.87
CA GLN A 2699 2.37 -21.10 40.69
C GLN A 2699 1.66 -22.30 40.07
N PRO A 2700 0.41 -22.14 39.65
CA PRO A 2700 -0.29 -23.22 38.94
C PRO A 2700 0.27 -23.42 37.55
N GLU A 2701 -0.06 -24.55 36.93
CA GLU A 2701 0.37 -24.84 35.57
C GLU A 2701 -0.76 -24.51 34.62
N ILE A 2702 -0.46 -23.73 33.59
CA ILE A 2702 -1.49 -23.22 32.68
C ILE A 2702 -1.89 -24.29 31.69
N ILE A 2703 -3.19 -24.53 31.56
CA ILE A 2703 -3.75 -25.45 30.58
C ILE A 2703 -4.43 -24.63 29.50
N PHE A 2704 -3.90 -24.70 28.28
CA PHE A 2704 -4.34 -23.87 27.17
C PHE A 2704 -4.78 -24.76 26.02
N GLY A 2705 -5.01 -24.13 24.87
CA GLY A 2705 -5.37 -24.86 23.67
C GLY A 2705 -4.15 -25.24 22.86
N SER A 2706 -4.07 -24.74 21.62
CA SER A 2706 -2.91 -25.00 20.78
C SER A 2706 -2.75 -23.84 19.81
N GLY A 2707 -1.51 -23.34 19.72
CA GLY A 2707 -1.21 -22.25 18.81
C GLY A 2707 -0.44 -22.70 17.60
N PHE A 2708 0.29 -23.79 17.74
CA PHE A 2708 1.04 -24.34 16.62
C PHE A 2708 0.08 -24.90 15.58
N PRO A 2709 0.43 -24.83 14.27
CA PRO A 2709 -0.51 -25.19 13.20
C PRO A 2709 -0.66 -26.70 13.00
N LYS A 2710 -0.83 -27.42 14.10
CA LYS A 2710 -0.96 -28.87 14.13
C LYS A 2710 -1.66 -29.23 15.44
N ASP A 2711 -1.52 -30.49 15.87
CA ASP A 2711 -2.08 -30.96 17.15
C ASP A 2711 -3.61 -30.86 17.14
N GLN A 2712 -4.20 -31.72 16.31
CA GLN A 2712 -5.64 -31.75 16.14
C GLN A 2712 -6.36 -31.94 17.47
N GLU A 2713 -7.68 -31.76 17.44
CA GLU A 2713 -8.46 -31.63 18.67
C GLU A 2713 -8.37 -32.89 19.53
N TYR A 2714 -8.45 -34.07 18.92
CA TYR A 2714 -8.47 -35.30 19.70
C TYR A 2714 -7.18 -35.49 20.49
N THR A 2715 -6.04 -35.31 19.84
CA THR A 2715 -4.76 -35.57 20.49
C THR A 2715 -4.32 -34.45 21.41
N GLN A 2716 -4.94 -33.28 21.34
CA GLN A 2716 -4.64 -32.20 22.26
C GLN A 2716 -5.57 -32.16 23.45
N LEU A 2717 -6.83 -32.58 23.28
CA LEU A 2717 -7.73 -32.70 24.42
C LEU A 2717 -7.34 -33.88 25.32
N CYS A 2718 -6.87 -34.97 24.72
CA CYS A 2718 -6.36 -36.09 25.51
C CYS A 2718 -5.11 -35.68 26.29
N ARG A 2719 -4.27 -34.84 25.72
CA ARG A 2719 -3.09 -34.35 26.41
C ARG A 2719 -3.43 -33.29 27.45
N ASN A 2720 -4.59 -32.65 27.34
CA ASN A 2720 -5.02 -31.64 28.30
C ASN A 2720 -5.89 -32.22 29.41
N ILE A 2721 -6.26 -33.50 29.33
CA ILE A 2721 -6.98 -34.16 30.40
C ILE A 2721 -5.99 -34.98 31.21
N ASN A 2722 -4.99 -35.54 30.53
CA ASN A 2722 -3.91 -36.24 31.20
C ASN A 2722 -3.16 -35.36 32.19
N ARG A 2723 -2.95 -34.09 31.86
CA ARG A 2723 -2.25 -33.16 32.75
C ARG A 2723 -3.12 -32.71 33.92
N VAL A 2724 -4.41 -32.50 33.67
CA VAL A 2724 -5.34 -32.23 34.76
C VAL A 2724 -5.36 -33.41 35.73
N LYS A 2725 -5.30 -34.63 35.19
CA LYS A 2725 -5.25 -35.82 36.04
C LYS A 2725 -3.98 -35.86 36.87
N ILE A 2726 -2.84 -35.49 36.27
CA ILE A 2726 -1.59 -35.46 37.02
C ILE A 2726 -1.66 -34.43 38.14
N CYS A 2727 -2.21 -33.25 37.84
CA CYS A 2727 -2.34 -32.23 38.87
C CYS A 2727 -3.26 -32.67 39.99
N MET A 2728 -4.34 -33.37 39.65
CA MET A 2728 -5.23 -33.92 40.67
C MET A 2728 -4.51 -34.92 41.55
N GLU A 2729 -3.70 -35.78 40.94
CA GLU A 2729 -2.96 -36.78 41.72
C GLU A 2729 -1.95 -36.13 42.64
N THR A 2730 -1.20 -35.15 42.14
CA THR A 2730 -0.12 -34.54 42.90
C THR A 2730 -0.56 -33.28 43.65
N GLY A 2731 -1.82 -32.88 43.53
CA GLY A 2731 -2.31 -31.70 44.23
C GLY A 2731 -1.68 -30.39 43.80
N LYS A 2732 -1.55 -30.17 42.50
CA LYS A 2732 -1.05 -28.91 41.98
C LYS A 2732 -2.20 -28.14 41.33
N MET A 2733 -2.15 -26.82 41.48
CA MET A 2733 -3.23 -25.96 41.01
C MET A 2733 -3.24 -25.89 39.49
N VAL A 2734 -4.44 -25.78 38.93
CA VAL A 2734 -4.66 -25.78 37.49
C VAL A 2734 -5.27 -24.44 37.09
N LEU A 2735 -4.69 -23.80 36.08
CA LEU A 2735 -5.21 -22.56 35.52
C LEU A 2735 -5.81 -22.88 34.15
N LEU A 2736 -7.10 -23.22 34.14
CA LEU A 2736 -7.77 -23.66 32.92
C LEU A 2736 -8.10 -22.45 32.06
N LEU A 2737 -7.23 -22.17 31.09
CA LEU A 2737 -7.45 -21.10 30.12
C LEU A 2737 -8.20 -21.57 28.89
N ASN A 2738 -8.66 -22.82 28.89
CA ASN A 2738 -9.32 -23.40 27.73
C ASN A 2738 -10.77 -22.93 27.66
N LEU A 2739 -11.55 -23.56 26.80
CA LEU A 2739 -12.95 -23.22 26.60
C LEU A 2739 -13.73 -24.53 26.57
N GLN A 2740 -14.98 -24.48 26.12
CA GLN A 2740 -15.96 -25.54 26.34
C GLN A 2740 -15.52 -26.89 25.76
N ASN A 2741 -14.34 -26.94 25.15
CA ASN A 2741 -13.80 -28.22 24.70
C ASN A 2741 -13.57 -29.17 25.87
N LEU A 2742 -13.02 -28.67 26.98
CA LEU A 2742 -12.65 -29.51 28.11
C LEU A 2742 -13.74 -29.64 29.16
N TYR A 2743 -14.73 -28.75 29.19
CA TYR A 2743 -15.82 -28.84 30.14
C TYR A 2743 -16.95 -29.74 29.65
N GLU A 2744 -16.65 -30.63 28.71
CA GLU A 2744 -17.49 -31.79 28.43
C GLU A 2744 -16.93 -33.07 29.04
N SER A 2745 -15.63 -33.11 29.28
CA SER A 2745 -14.99 -34.23 29.98
C SER A 2745 -14.90 -34.00 31.48
N LEU A 2746 -14.55 -32.78 31.89
CA LEU A 2746 -14.50 -32.40 33.30
C LEU A 2746 -15.87 -31.96 33.80
N TYR A 2747 -16.90 -32.77 33.56
CA TYR A 2747 -18.25 -32.42 33.96
C TYR A 2747 -18.68 -33.04 35.28
N ASP A 2748 -17.96 -34.06 35.76
CA ASP A 2748 -18.18 -34.60 37.09
C ASP A 2748 -17.12 -34.18 38.09
N ALA A 2749 -15.89 -33.89 37.63
CA ALA A 2749 -14.89 -33.34 38.52
C ALA A 2749 -15.30 -31.96 39.03
N LEU A 2750 -15.87 -31.13 38.15
CA LEU A 2750 -16.40 -29.84 38.57
C LEU A 2750 -17.62 -29.98 39.47
N ASN A 2751 -18.38 -31.06 39.32
CA ASN A 2751 -19.56 -31.28 40.14
C ASN A 2751 -19.21 -31.54 41.59
N GLN A 2752 -18.05 -32.16 41.84
CA GLN A 2752 -17.55 -32.39 43.20
C GLN A 2752 -18.50 -33.26 44.02
N TYR A 2753 -18.85 -34.41 43.47
CA TYR A 2753 -19.52 -35.48 44.21
C TYR A 2753 -18.56 -36.66 44.22
N TYR A 2754 -17.77 -36.76 45.29
CA TYR A 2754 -16.65 -37.68 45.36
C TYR A 2754 -17.11 -39.06 45.82
N VAL A 2755 -16.32 -40.07 45.45
CA VAL A 2755 -16.43 -41.43 45.96
C VAL A 2755 -15.23 -41.68 46.87
N HIS A 2756 -15.49 -42.08 48.10
CA HIS A 2756 -14.45 -42.18 49.11
C HIS A 2756 -13.94 -43.61 49.22
N LEU A 2757 -12.62 -43.76 49.29
CA LEU A 2757 -12.00 -45.05 49.52
C LEU A 2757 -10.64 -44.83 50.17
N GLY A 2758 -10.37 -45.59 51.23
CA GLY A 2758 -9.09 -45.46 51.93
C GLY A 2758 -8.83 -44.08 52.48
N GLY A 2759 -9.88 -43.32 52.77
CA GLY A 2759 -9.72 -41.95 53.21
C GLY A 2759 -9.31 -40.98 52.13
N GLN A 2760 -9.55 -41.32 50.86
CA GLN A 2760 -9.20 -40.46 49.75
C GLN A 2760 -10.36 -40.36 48.77
N LYS A 2761 -10.39 -39.27 48.02
CA LYS A 2761 -11.50 -38.93 47.14
C LYS A 2761 -11.18 -39.29 45.70
N TYR A 2762 -12.14 -39.90 45.03
CA TYR A 2762 -12.01 -40.29 43.63
C TYR A 2762 -13.21 -39.75 42.87
N VAL A 2763 -12.95 -39.08 41.75
CA VAL A 2763 -14.01 -38.55 40.89
C VAL A 2763 -13.68 -38.93 39.46
N ASP A 2764 -14.70 -39.25 38.67
CA ASP A 2764 -14.49 -39.83 37.36
C ASP A 2764 -14.32 -38.75 36.28
N LEU A 2765 -13.43 -39.04 35.34
CA LEU A 2765 -13.20 -38.25 34.14
C LEU A 2765 -13.45 -39.14 32.93
N GLY A 2766 -13.81 -38.51 31.82
CA GLY A 2766 -14.15 -39.25 30.63
C GLY A 2766 -13.52 -38.75 29.34
N LEU A 2767 -12.78 -39.62 28.68
CA LEU A 2767 -12.23 -39.34 27.36
C LEU A 2767 -12.98 -40.19 26.34
N GLY A 2768 -13.64 -39.53 25.39
CA GLY A 2768 -14.49 -40.24 24.45
C GLY A 2768 -15.61 -40.98 25.17
N THR A 2769 -15.51 -42.31 25.19
CA THR A 2769 -16.44 -43.13 25.96
C THR A 2769 -15.82 -43.71 27.22
N HIS A 2770 -14.49 -43.71 27.33
CA HIS A 2770 -13.81 -44.22 28.51
C HIS A 2770 -14.04 -43.31 29.71
N ARG A 2771 -14.82 -43.80 30.68
CA ARG A 2771 -15.16 -43.05 31.89
C ARG A 2771 -14.56 -43.80 33.08
N VAL A 2772 -13.58 -43.19 33.75
CA VAL A 2772 -12.90 -43.86 34.85
C VAL A 2772 -12.60 -42.87 35.96
N LYS A 2773 -12.53 -43.38 37.18
CA LYS A 2773 -12.32 -42.55 38.37
C LYS A 2773 -10.84 -42.26 38.56
N CYS A 2774 -10.54 -41.05 39.02
CA CYS A 2774 -9.19 -40.60 39.27
C CYS A 2774 -9.11 -39.96 40.65
N ARG A 2775 -7.94 -40.08 41.27
CA ARG A 2775 -7.72 -39.59 42.62
C ARG A 2775 -7.59 -38.08 42.64
N VAL A 2776 -8.11 -37.46 43.69
CA VAL A 2776 -8.01 -36.02 43.89
C VAL A 2776 -7.26 -35.77 45.19
N HIS A 2777 -6.12 -35.10 45.09
CA HIS A 2777 -5.37 -34.69 46.27
C HIS A 2777 -6.10 -33.54 46.97
N PRO A 2778 -6.05 -33.48 48.31
CA PRO A 2778 -6.75 -32.40 49.01
C PRO A 2778 -6.34 -31.00 48.58
N ASN A 2779 -5.07 -30.80 48.26
CA ASN A 2779 -4.59 -29.48 47.84
C ASN A 2779 -4.77 -29.29 46.33
N PHE A 2780 -5.98 -29.52 45.83
CA PHE A 2780 -6.30 -29.32 44.42
C PHE A 2780 -7.30 -28.19 44.31
N ARG A 2781 -6.91 -27.12 43.62
CA ARG A 2781 -7.77 -25.97 43.36
C ARG A 2781 -7.79 -25.74 41.86
N LEU A 2782 -8.97 -25.45 41.31
CA LEU A 2782 -9.14 -25.25 39.88
C LEU A 2782 -9.62 -23.84 39.61
N ILE A 2783 -8.95 -23.16 38.68
CA ILE A 2783 -9.29 -21.81 38.27
C ILE A 2783 -9.56 -21.82 36.78
N VAL A 2784 -10.75 -21.34 36.39
CA VAL A 2784 -11.09 -21.11 35.00
C VAL A 2784 -11.05 -19.61 34.78
N ILE A 2785 -10.41 -19.17 33.70
CA ILE A 2785 -10.37 -17.76 33.32
C ILE A 2785 -11.09 -17.65 31.99
N GLU A 2786 -12.15 -16.83 31.95
CA GLU A 2786 -12.93 -16.74 30.73
C GLU A 2786 -13.42 -15.31 30.53
N GLU A 2787 -13.62 -14.95 29.26
CA GLU A 2787 -14.20 -13.65 28.93
C GLU A 2787 -15.64 -13.59 29.38
N LYS A 2788 -16.07 -12.42 29.87
CA LYS A 2788 -17.39 -12.31 30.48
C LYS A 2788 -18.49 -12.55 29.45
N ASP A 2789 -18.33 -12.03 28.24
CA ASP A 2789 -19.37 -12.20 27.22
C ASP A 2789 -19.56 -13.67 26.86
N VAL A 2790 -18.46 -14.41 26.74
CA VAL A 2790 -18.55 -15.83 26.39
C VAL A 2790 -19.29 -16.60 27.48
N VAL A 2791 -18.99 -16.31 28.74
CA VAL A 2791 -19.70 -16.96 29.84
C VAL A 2791 -21.17 -16.59 29.82
N TYR A 2792 -21.48 -15.32 29.57
CA TYR A 2792 -22.87 -14.86 29.60
C TYR A 2792 -23.69 -15.47 28.46
N LYS A 2793 -23.07 -15.71 27.30
CA LYS A 2793 -23.81 -16.16 26.14
C LYS A 2793 -23.47 -17.56 25.65
N HIS A 2794 -22.25 -18.05 25.87
CA HIS A 2794 -21.83 -19.33 25.31
C HIS A 2794 -21.31 -20.28 26.38
N PHE A 2795 -21.90 -20.23 27.57
CA PHE A 2795 -21.62 -21.20 28.62
C PHE A 2795 -22.92 -21.89 29.01
N PRO A 2796 -22.97 -23.21 29.04
CA PRO A 2796 -24.20 -23.89 29.46
C PRO A 2796 -24.57 -23.53 30.88
N ILE A 2797 -25.87 -23.38 31.13
CA ILE A 2797 -26.34 -22.95 32.45
C ILE A 2797 -25.93 -23.91 33.55
N PRO A 2798 -26.06 -25.23 33.41
CA PRO A 2798 -25.56 -26.11 34.49
C PRO A 2798 -24.09 -25.91 34.80
N LEU A 2799 -23.24 -25.73 33.79
CA LEU A 2799 -21.82 -25.50 34.03
C LEU A 2799 -21.61 -24.19 34.77
N ILE A 2800 -22.38 -23.16 34.41
CA ILE A 2800 -22.32 -21.89 35.14
C ILE A 2800 -22.71 -22.08 36.59
N ASN A 2801 -23.70 -22.93 36.88
CA ASN A 2801 -24.09 -23.18 38.26
C ASN A 2801 -22.99 -23.92 39.02
N ARG A 2802 -22.35 -24.89 38.38
CA ARG A 2802 -21.36 -25.73 39.06
C ARG A 2802 -20.09 -24.99 39.45
N LEU A 2803 -19.88 -23.78 38.94
CA LEU A 2803 -18.66 -23.03 39.20
C LEU A 2803 -18.98 -21.79 40.02
N GLU A 2804 -18.11 -21.48 40.99
CA GLU A 2804 -18.26 -20.29 41.79
C GLU A 2804 -17.77 -19.09 40.98
N LYS A 2805 -18.68 -18.19 40.66
CA LYS A 2805 -18.38 -17.07 39.77
C LYS A 2805 -17.73 -15.93 40.53
N HIS A 2806 -16.78 -15.25 39.89
CA HIS A 2806 -16.20 -14.02 40.41
C HIS A 2806 -15.71 -13.19 39.23
N TYR A 2807 -15.96 -11.89 39.30
CA TYR A 2807 -15.54 -10.96 38.26
C TYR A 2807 -14.28 -10.25 38.70
N LEU A 2808 -13.21 -10.40 37.93
CA LEU A 2808 -11.94 -9.73 38.18
C LEU A 2808 -11.54 -8.95 36.94
N ASP A 2809 -11.32 -7.65 37.12
CA ASP A 2809 -10.88 -6.79 36.04
C ASP A 2809 -9.83 -5.84 36.58
N ILE A 2810 -8.98 -5.33 35.67
CA ILE A 2810 -7.89 -4.46 36.09
C ILE A 2810 -8.40 -3.18 36.72
N ASN A 2811 -9.65 -2.78 36.43
CA ASN A 2811 -10.25 -1.62 37.06
C ASN A 2811 -10.92 -1.95 38.39
N THR A 2812 -11.06 -3.23 38.73
CA THR A 2812 -11.61 -3.66 40.01
C THR A 2812 -10.51 -4.05 40.99
N VAL A 2813 -9.25 -3.89 40.62
CA VAL A 2813 -8.12 -4.18 41.50
C VAL A 2813 -7.33 -2.94 41.87
N LEU A 2814 -7.64 -1.79 41.27
CA LEU A 2814 -6.89 -0.56 41.50
C LEU A 2814 -7.66 0.34 42.45
N GLU A 2815 -6.95 0.87 43.45
CA GLU A 2815 -7.56 1.85 44.34
C GLU A 2815 -7.80 3.16 43.59
N LYS A 2816 -8.63 4.02 44.19
CA LYS A 2816 -9.00 5.27 43.53
C LYS A 2816 -7.79 6.17 43.32
N TRP A 2817 -6.91 6.25 44.32
CA TRP A 2817 -5.74 7.13 44.21
C TRP A 2817 -4.79 6.65 43.12
N GLN A 2818 -4.56 5.35 43.02
CA GLN A 2818 -3.68 4.80 41.99
C GLN A 2818 -4.37 4.66 40.64
N LYS A 2819 -5.69 4.83 40.58
CA LYS A 2819 -6.39 4.84 39.30
C LYS A 2819 -6.32 6.21 38.63
N SER A 2820 -5.97 7.26 39.36
CA SER A 2820 -5.84 8.58 38.77
C SER A 2820 -4.56 8.72 37.97
N ILE A 2821 -3.49 8.05 38.39
CA ILE A 2821 -2.21 8.11 37.68
C ILE A 2821 -2.26 7.18 36.48
N VAL A 2822 -3.41 6.55 36.24
CA VAL A 2822 -3.66 5.87 34.98
C VAL A 2822 -4.19 6.84 33.93
N GLU A 2823 -5.17 7.66 34.32
CA GLU A 2823 -5.64 8.72 33.43
C GLU A 2823 -4.54 9.76 33.20
N GLU A 2824 -3.75 10.06 34.23
CA GLU A 2824 -2.61 10.95 34.04
C GLU A 2824 -1.62 10.37 33.03
N LEU A 2825 -1.38 9.06 33.09
CA LEU A 2825 -0.51 8.43 32.10
C LEU A 2825 -1.11 8.47 30.70
N CYS A 2826 -2.43 8.22 30.59
CA CYS A 2826 -3.05 8.25 29.28
C CYS A 2826 -3.09 9.64 28.67
N ALA A 2827 -3.06 10.69 29.48
CA ALA A 2827 -2.88 12.05 28.97
C ALA A 2827 -1.44 12.40 28.69
N TRP A 2828 -0.50 11.94 29.52
CA TRP A 2828 0.91 12.17 29.26
C TRP A 2828 1.38 11.46 28.00
N VAL A 2829 0.77 10.32 27.68
CA VAL A 2829 1.07 9.66 26.41
C VAL A 2829 0.65 10.55 25.25
N GLU A 2830 -0.55 11.14 25.33
CA GLU A 2830 -1.00 12.04 24.28
C GLU A 2830 -0.07 13.24 24.15
N LYS A 2831 0.40 13.78 25.26
CA LYS A 2831 1.36 14.88 25.22
C LYS A 2831 2.75 14.42 24.76
N PHE A 2832 3.04 13.13 24.82
CA PHE A 2832 4.34 12.59 24.44
C PHE A 2832 4.44 12.27 22.95
N ILE A 2833 3.43 11.60 22.39
CA ILE A 2833 3.55 11.08 21.03
C ILE A 2833 3.55 12.21 20.00
N ASN A 2834 2.75 13.25 20.22
CA ASN A 2834 2.70 14.40 19.32
C ASN A 2834 2.72 15.67 20.15
N VAL A 2835 3.85 16.38 20.11
CA VAL A 2835 4.04 17.55 20.96
C VAL A 2835 3.25 18.73 20.41
N LYS A 2836 2.82 19.61 21.30
CA LYS A 2836 2.15 20.84 20.89
C LYS A 2836 3.20 21.85 20.42
N ALA A 2837 3.04 22.34 19.19
CA ALA A 2837 3.98 23.29 18.62
C ALA A 2837 3.21 24.33 17.81
N HIS A 2838 3.47 25.60 18.10
CA HIS A 2838 2.81 26.70 17.41
C HIS A 2838 3.68 27.33 16.33
N HIS A 2839 4.87 26.80 16.10
CA HIS A 2839 5.81 27.36 15.13
C HIS A 2839 6.08 26.45 13.94
N PHE A 2840 6.03 25.14 14.11
CA PHE A 2840 6.21 24.21 13.01
C PHE A 2840 4.85 23.77 12.49
N GLN A 2841 4.68 23.82 11.16
CA GLN A 2841 3.40 23.53 10.54
C GLN A 2841 3.38 22.23 9.75
N LYS A 2842 4.54 21.65 9.43
CA LYS A 2842 4.62 20.39 8.70
C LYS A 2842 4.69 19.27 9.73
N ARG A 2843 3.53 18.85 10.21
CA ARG A 2843 3.42 17.86 11.28
C ARG A 2843 2.65 16.64 10.80
N HIS A 2844 2.99 15.50 11.39
CA HIS A 2844 2.29 14.24 11.17
C HIS A 2844 1.65 13.81 12.47
N LYS A 2845 0.33 13.58 12.42
CA LYS A 2845 -0.39 13.14 13.61
C LYS A 2845 -0.13 11.65 13.84
N TYR A 2846 0.23 11.31 15.08
CA TYR A 2846 0.62 9.95 15.44
C TYR A 2846 -0.50 9.26 16.20
N SER A 2847 -0.55 7.94 16.08
CA SER A 2847 -1.33 7.12 16.99
C SER A 2847 -0.44 6.64 18.14
N PRO A 2848 -1.02 6.31 19.30
CA PRO A 2848 -0.19 5.80 20.39
C PRO A 2848 0.56 4.53 20.04
N SER A 2849 0.01 3.70 19.16
CA SER A 2849 0.69 2.46 18.77
C SER A 2849 1.96 2.75 17.97
N ASP A 2850 1.91 3.75 17.09
CA ASP A 2850 3.07 4.07 16.26
C ASP A 2850 4.26 4.55 17.08
N VAL A 2851 4.03 4.98 18.31
CA VAL A 2851 5.08 5.47 19.21
C VAL A 2851 5.39 4.46 20.30
N PHE A 2852 4.39 4.06 21.07
CA PHE A 2852 4.53 3.00 22.06
C PHE A 2852 3.97 1.73 21.42
N ILE A 2853 4.85 1.02 20.70
CA ILE A 2853 4.41 -0.13 19.92
C ILE A 2853 3.88 -1.20 20.86
N GLY A 2854 2.65 -1.65 20.62
CA GLY A 2854 2.00 -2.57 21.51
C GLY A 2854 1.18 -1.84 22.57
N TYR A 2855 0.44 -0.83 22.15
CA TYR A 2855 -0.36 -0.01 23.05
C TYR A 2855 -1.83 -0.32 22.80
N HIS A 2856 -2.41 -1.10 23.71
CA HIS A 2856 -3.84 -1.40 23.68
C HIS A 2856 -4.56 -0.44 24.63
N SER A 2857 -5.86 -0.69 24.84
CA SER A 2857 -6.66 0.21 25.65
C SER A 2857 -6.15 0.25 27.10
N ASP A 2858 -6.02 -0.92 27.72
CA ASP A 2858 -5.58 -1.00 29.11
C ASP A 2858 -4.08 -1.26 29.22
N ALA A 2859 -3.28 -0.42 28.57
CA ALA A 2859 -1.83 -0.53 28.71
C ALA A 2859 -1.33 0.26 29.91
N CYS A 2860 -1.87 1.47 30.11
CA CYS A 2860 -1.51 2.25 31.29
C CYS A 2860 -1.91 1.54 32.57
N ALA A 2861 -3.08 0.90 32.58
CA ALA A 2861 -3.51 0.14 33.74
C ALA A 2861 -2.55 -1.01 34.02
N SER A 2862 -2.11 -1.72 32.96
CA SER A 2862 -1.17 -2.81 33.16
C SER A 2862 0.16 -2.31 33.73
N VAL A 2863 0.67 -1.21 33.20
CA VAL A 2863 1.94 -0.67 33.69
C VAL A 2863 1.80 -0.23 35.14
N VAL A 2864 0.68 0.43 35.48
CA VAL A 2864 0.48 0.89 36.84
C VAL A 2864 0.34 -0.28 37.79
N LEU A 2865 -0.36 -1.34 37.37
CA LEU A 2865 -0.46 -2.53 38.21
C LEU A 2865 0.90 -3.18 38.43
N GLN A 2866 1.72 -3.24 37.37
CA GLN A 2866 3.08 -3.77 37.52
C GLN A 2866 3.87 -2.96 38.54
N VAL A 2867 3.80 -1.64 38.44
CA VAL A 2867 4.55 -0.77 39.37
C VAL A 2867 4.04 -0.97 40.79
N ILE A 2868 2.72 -1.03 40.96
CA ILE A 2868 2.13 -1.19 42.30
C ILE A 2868 2.57 -2.52 42.91
N GLU A 2869 2.51 -3.59 42.13
CA GLU A 2869 2.93 -4.90 42.63
C GLU A 2869 4.42 -4.92 42.98
N ARG A 2870 5.24 -4.22 42.20
CA ARG A 2870 6.66 -4.15 42.52
C ARG A 2870 6.92 -3.31 43.76
N GLN A 2871 6.07 -2.32 44.03
CA GLN A 2871 6.26 -1.46 45.20
C GLN A 2871 5.99 -2.22 46.49
N GLY A 2872 4.76 -2.68 46.67
CA GLY A 2872 4.36 -3.37 47.88
C GLY A 2872 3.24 -2.64 48.60
N PRO A 2873 2.68 -3.27 49.63
CA PRO A 2873 1.56 -2.68 50.39
C PRO A 2873 2.00 -1.57 51.33
N ARG A 2874 2.15 -0.37 50.78
CA ARG A 2874 2.60 0.79 51.54
C ARG A 2874 1.48 1.83 51.63
N ALA A 2875 1.43 2.51 52.76
CA ALA A 2875 0.43 3.55 52.97
C ALA A 2875 0.67 4.72 52.02
N LEU A 2876 -0.42 5.42 51.70
CA LEU A 2876 -0.36 6.46 50.68
C LEU A 2876 0.38 7.70 51.18
N THR A 2877 1.68 7.75 50.94
CA THR A 2877 2.44 8.98 51.15
C THR A 2877 2.34 9.85 49.91
N GLU A 2878 2.51 11.16 50.09
CA GLU A 2878 2.48 12.07 48.95
C GLU A 2878 3.56 11.72 47.92
N GLU A 2879 4.66 11.11 48.37
CA GLU A 2879 5.69 10.67 47.43
C GLU A 2879 5.19 9.54 46.55
N LEU A 2880 4.40 8.61 47.12
CA LEU A 2880 3.98 7.44 46.35
C LEU A 2880 3.11 7.83 45.15
N HIS A 2881 2.21 8.79 45.31
CA HIS A 2881 1.42 9.26 44.17
C HIS A 2881 2.31 9.81 43.07
N GLN A 2882 3.53 10.24 43.40
CA GLN A 2882 4.50 10.69 42.43
C GLN A 2882 5.51 9.63 42.04
N LYS A 2883 6.01 8.86 43.01
CA LYS A 2883 7.01 7.83 42.70
C LYS A 2883 6.41 6.74 41.81
N VAL A 2884 5.18 6.29 42.11
CA VAL A 2884 4.56 5.27 41.29
C VAL A 2884 4.30 5.79 39.88
N SER A 2885 3.82 7.02 39.76
CA SER A 2885 3.61 7.62 38.45
C SER A 2885 4.91 7.76 37.67
N GLU A 2886 6.00 8.20 38.32
CA GLU A 2886 7.29 8.32 37.65
C GLU A 2886 7.84 6.98 37.20
N GLU A 2887 7.74 5.95 38.06
CA GLU A 2887 8.19 4.62 37.67
C GLU A 2887 7.36 4.07 36.51
N ALA A 2888 6.04 4.31 36.53
CA ALA A 2888 5.20 3.89 35.43
C ALA A 2888 5.50 4.65 34.14
N LYS A 2889 5.92 5.91 34.25
CA LYS A 2889 6.40 6.67 33.10
C LYS A 2889 7.68 6.07 32.54
N SER A 2890 8.64 5.77 33.41
CA SER A 2890 9.90 5.19 32.97
C SER A 2890 9.73 3.81 32.36
N ILE A 2891 8.85 2.97 32.93
CA ILE A 2891 8.57 1.65 32.36
C ILE A 2891 7.86 1.76 31.03
N LEU A 2892 6.86 2.65 30.94
CA LEU A 2892 6.14 2.85 29.69
C LEU A 2892 7.05 3.44 28.61
N LEU A 2893 8.13 4.13 29.01
CA LEU A 2893 9.09 4.64 28.04
C LEU A 2893 9.92 3.52 27.41
N ASN A 2894 9.99 2.35 28.03
CA ASN A 2894 10.79 1.24 27.52
C ASN A 2894 10.37 0.85 26.09
N CYS A 2895 9.08 0.91 25.78
CA CYS A 2895 8.57 0.43 24.51
C CYS A 2895 8.31 1.56 23.52
N ALA A 2896 9.10 2.63 23.59
CA ALA A 2896 8.99 3.74 22.66
C ALA A 2896 10.10 3.68 21.63
N THR A 2897 9.76 3.99 20.38
CA THR A 2897 10.76 3.97 19.33
C THR A 2897 11.81 5.05 19.58
N PRO A 2898 13.09 4.75 19.36
CA PRO A 2898 14.14 5.75 19.65
C PRO A 2898 14.03 7.01 18.82
N ASP A 2899 13.40 6.96 17.65
CA ASP A 2899 13.22 8.17 16.87
C ASP A 2899 12.24 9.12 17.55
N ALA A 2900 11.24 8.57 18.24
CA ALA A 2900 10.22 9.41 18.87
C ALA A 2900 10.79 10.22 20.04
N VAL A 2901 11.76 9.66 20.75
CA VAL A 2901 12.35 10.38 21.88
C VAL A 2901 13.03 11.66 21.40
N VAL A 2902 13.84 11.56 20.35
CA VAL A 2902 14.47 12.75 19.80
C VAL A 2902 13.48 13.63 19.03
N ARG A 2903 12.39 13.06 18.51
CA ARG A 2903 11.34 13.90 17.94
C ARG A 2903 10.71 14.78 19.03
N LEU A 2904 10.49 14.22 20.22
CA LEU A 2904 10.06 15.03 21.35
C LEU A 2904 11.11 16.06 21.73
N SER A 2905 12.38 15.64 21.78
CA SER A 2905 13.46 16.57 22.11
C SER A 2905 13.60 17.71 21.10
N ALA A 2906 13.11 17.52 19.87
CA ALA A 2906 13.18 18.54 18.83
C ALA A 2906 11.95 19.41 18.77
N TYR A 2907 10.76 18.82 18.64
CA TYR A 2907 9.54 19.61 18.51
C TYR A 2907 9.29 20.46 19.75
N SER A 2908 9.55 19.91 20.93
CA SER A 2908 9.62 20.70 22.17
C SER A 2908 11.08 21.13 22.27
N LEU A 2909 11.38 22.31 21.74
CA LEU A 2909 12.75 22.73 21.53
C LEU A 2909 13.55 22.73 22.83
N GLY A 2910 14.47 21.79 22.96
CA GLY A 2910 15.33 21.74 24.14
C GLY A 2910 14.59 21.70 25.45
N GLY A 2911 13.39 21.12 25.45
CA GLY A 2911 12.57 21.15 26.65
C GLY A 2911 13.17 20.36 27.79
N PHE A 2912 12.82 20.76 29.01
CA PHE A 2912 13.35 20.09 30.20
C PHE A 2912 12.83 18.65 30.28
N ALA A 2913 11.51 18.47 30.14
CA ALA A 2913 10.96 17.12 30.12
C ALA A 2913 11.45 16.36 28.90
N ALA A 2914 11.50 17.02 27.74
CA ALA A 2914 11.99 16.36 26.53
C ALA A 2914 13.45 15.96 26.64
N GLU A 2915 14.24 16.68 27.42
CA GLU A 2915 15.64 16.30 27.61
C GLU A 2915 15.81 15.24 28.69
N TRP A 2916 14.97 15.26 29.74
CA TRP A 2916 15.03 14.21 30.74
C TRP A 2916 14.63 12.87 30.15
N LEU A 2917 13.53 12.85 29.37
CA LEU A 2917 13.10 11.62 28.73
C LEU A 2917 14.08 11.17 27.65
N SER A 2918 14.93 12.05 27.16
CA SER A 2918 15.97 11.67 26.20
C SER A 2918 17.22 11.14 26.88
N GLN A 2919 17.62 11.73 28.02
CA GLN A 2919 18.71 11.17 28.80
C GLN A 2919 18.34 9.80 29.34
N GLU A 2920 17.11 9.64 29.83
CA GLU A 2920 16.69 8.35 30.38
C GLU A 2920 16.70 7.26 29.32
N TYR A 2921 16.20 7.56 28.11
CA TYR A 2921 16.06 6.52 27.09
C TYR A 2921 17.40 6.08 26.54
N PHE A 2922 18.39 6.97 26.49
CA PHE A 2922 19.62 6.70 25.76
C PHE A 2922 20.85 6.48 26.64
N HIS A 2923 20.89 7.02 27.86
CA HIS A 2923 22.10 6.96 28.66
C HIS A 2923 21.91 6.27 30.01
N ARG A 2924 20.67 5.98 30.40
CA ARG A 2924 20.41 5.24 31.63
C ARG A 2924 19.61 3.96 31.41
N GLN A 2925 18.85 3.86 30.32
CA GLN A 2925 18.02 2.70 30.01
C GLN A 2925 18.54 2.13 28.70
N ARG A 2926 19.25 1.01 28.78
CA ARG A 2926 19.99 0.50 27.64
C ARG A 2926 19.07 0.12 26.49
N HIS A 2927 19.34 0.68 25.32
CA HIS A 2927 18.52 0.43 24.14
C HIS A 2927 19.32 0.27 22.86
N ASN A 2928 20.65 0.34 22.90
CA ASN A 2928 21.44 0.31 21.67
C ASN A 2928 21.27 -1.02 20.94
N SER A 2929 21.69 -2.11 21.56
CA SER A 2929 21.66 -3.44 20.94
C SER A 2929 21.16 -4.45 21.96
N PHE A 2930 20.79 -5.63 21.47
CA PHE A 2930 20.34 -6.69 22.38
C PHE A 2930 21.47 -7.21 23.25
N ALA A 2931 22.70 -7.20 22.74
CA ALA A 2931 23.84 -7.62 23.56
C ALA A 2931 24.01 -6.70 24.76
N ASP A 2932 23.93 -5.39 24.55
CA ASP A 2932 24.03 -4.44 25.66
C ASP A 2932 22.90 -4.63 26.66
N PHE A 2933 21.67 -4.81 26.16
CA PHE A 2933 20.53 -5.00 27.04
C PHE A 2933 20.68 -6.27 27.87
N LEU A 2934 21.12 -7.37 27.24
CA LEU A 2934 21.31 -8.61 27.97
C LEU A 2934 22.42 -8.49 29.01
N GLN A 2935 23.53 -7.84 28.64
CA GLN A 2935 24.64 -7.68 29.58
C GLN A 2935 24.24 -6.81 30.76
N ALA A 2936 23.43 -5.78 30.53
CA ALA A 2936 22.95 -4.94 31.62
C ALA A 2936 21.81 -5.57 32.42
N HIS A 2937 21.09 -6.53 31.84
CA HIS A 2937 20.00 -7.19 32.52
C HIS A 2937 20.46 -8.35 33.38
N LEU A 2938 21.49 -9.07 32.95
CA LEU A 2938 22.07 -10.10 33.81
C LEU A 2938 22.77 -9.50 35.02
N HIS A 2939 23.27 -8.27 34.89
CA HIS A 2939 24.08 -7.64 35.91
C HIS A 2939 23.29 -6.75 36.86
N THR A 2940 21.97 -6.62 36.67
CA THR A 2940 21.15 -5.78 37.53
C THR A 2940 19.90 -6.46 38.06
N ALA A 2941 19.55 -7.65 37.57
CA ALA A 2941 18.36 -8.33 38.03
C ALA A 2941 18.51 -8.76 39.49
N ASP A 2942 17.40 -8.71 40.22
CA ASP A 2942 17.42 -9.08 41.63
C ASP A 2942 17.79 -10.54 41.80
N LEU A 2943 18.63 -10.82 42.79
CA LEU A 2943 19.16 -12.16 43.01
C LEU A 2943 18.16 -13.11 43.65
N GLU A 2944 17.00 -12.61 44.09
CA GLU A 2944 16.02 -13.42 44.81
C GLU A 2944 14.88 -13.88 43.91
N ARG A 2945 15.11 -13.97 42.60
CA ARG A 2945 14.10 -14.45 41.66
C ARG A 2945 14.67 -15.60 40.86
N HIS A 2946 13.87 -16.66 40.68
CA HIS A 2946 14.35 -17.84 39.97
C HIS A 2946 14.29 -17.66 38.47
N ALA A 2947 13.08 -17.44 37.95
CA ALA A 2947 12.93 -17.29 36.51
C ALA A 2947 12.51 -15.89 36.16
N ILE A 2948 13.20 -15.29 35.20
CA ILE A 2948 12.89 -13.92 34.81
C ILE A 2948 12.42 -13.91 33.37
N PHE A 2949 11.29 -13.26 33.11
CA PHE A 2949 10.73 -13.26 31.77
C PHE A 2949 10.77 -11.86 31.16
N THR A 2950 11.27 -11.76 29.93
CA THR A 2950 11.37 -10.46 29.28
C THR A 2950 10.80 -10.50 27.87
N GLU A 2951 10.17 -9.42 27.44
CA GLU A 2951 9.60 -9.37 26.10
C GLU A 2951 10.33 -8.32 25.27
N ILE A 2952 10.80 -8.70 24.09
CA ILE A 2952 11.56 -7.77 23.24
C ILE A 2952 10.86 -7.54 21.91
N THR A 2953 10.71 -6.28 21.50
CA THR A 2953 10.07 -5.97 20.23
C THR A 2953 11.07 -5.24 19.33
N THR A 2954 11.11 -5.59 18.04
CA THR A 2954 12.10 -4.99 17.14
C THR A 2954 11.59 -4.68 15.74
N PHE A 2955 12.23 -3.75 15.04
CA PHE A 2955 11.87 -3.46 13.65
C PHE A 2955 12.96 -4.02 12.76
N SER A 2956 14.05 -4.48 13.37
CA SER A 2956 15.18 -5.02 12.62
C SER A 2956 14.95 -6.50 12.33
N ARG A 2957 15.98 -7.19 11.86
CA ARG A 2957 15.92 -8.62 11.63
C ARG A 2957 16.28 -9.36 12.92
N LEU A 2958 15.70 -10.54 13.08
CA LEU A 2958 15.90 -11.32 14.29
C LEU A 2958 17.35 -11.81 14.37
N LEU A 2959 17.77 -12.13 15.59
CA LEU A 2959 19.12 -12.59 15.83
C LEU A 2959 19.38 -13.91 15.11
N THR A 2960 20.61 -14.07 14.63
CA THR A 2960 21.05 -15.28 13.97
C THR A 2960 22.05 -16.00 14.84
N SER A 2961 22.59 -17.12 14.33
CA SER A 2961 23.57 -17.89 15.07
C SER A 2961 24.84 -17.09 15.30
N HIS A 2962 25.28 -16.33 14.30
CA HIS A 2962 26.52 -15.56 14.42
C HIS A 2962 26.38 -14.45 15.46
N ASP A 2963 25.22 -13.80 15.49
CA ASP A 2963 24.99 -12.75 16.48
C ASP A 2963 25.05 -13.31 17.90
N CYS A 2964 24.44 -14.48 18.12
CA CYS A 2964 24.50 -15.10 19.43
C CYS A 2964 25.89 -15.64 19.75
N GLU A 2965 26.68 -16.01 18.74
CA GLU A 2965 28.07 -16.36 18.98
C GLU A 2965 28.85 -15.14 19.47
N ILE A 2966 28.61 -13.98 18.85
CA ILE A 2966 29.22 -12.75 19.34
C ILE A 2966 28.79 -12.48 20.77
N LEU A 2967 27.50 -12.68 21.06
CA LEU A 2967 26.99 -12.46 22.41
C LEU A 2967 27.67 -13.39 23.42
N GLU A 2968 27.82 -14.67 23.05
CA GLU A 2968 28.48 -15.63 23.92
C GLU A 2968 29.95 -15.30 24.11
N SER A 2969 30.59 -14.69 23.11
CA SER A 2969 31.98 -14.28 23.25
C SER A 2969 32.18 -13.27 24.36
N GLU A 2970 31.11 -12.57 24.78
CA GLU A 2970 31.19 -11.62 25.87
C GLU A 2970 30.50 -12.09 27.14
N VAL A 2971 29.50 -12.97 27.04
CA VAL A 2971 28.77 -13.43 28.22
C VAL A 2971 29.38 -14.69 28.83
N THR A 2972 30.46 -15.20 28.24
CA THR A 2972 31.12 -16.38 28.80
C THR A 2972 31.65 -16.09 30.19
N GLY A 2973 31.40 -17.02 31.12
CA GLY A 2973 31.79 -16.88 32.50
C GLY A 2973 30.63 -16.91 33.48
N ARG A 2974 29.43 -16.57 33.05
CA ARG A 2974 28.25 -16.63 33.89
C ARG A 2974 27.05 -17.32 33.25
N ALA A 2975 27.00 -17.41 31.92
CA ALA A 2975 25.88 -18.05 31.23
C ALA A 2975 26.40 -18.88 30.06
N PRO A 2976 25.76 -20.02 29.78
CA PRO A 2976 26.14 -20.80 28.58
C PRO A 2976 25.63 -20.14 27.31
N LYS A 2977 25.79 -20.83 26.19
CA LYS A 2977 25.34 -20.28 24.92
C LYS A 2977 23.83 -20.09 24.93
N PRO A 2978 23.34 -18.86 24.65
CA PRO A 2978 21.87 -18.77 24.64
C PRO A 2978 21.31 -19.51 23.43
N THR A 2979 20.58 -20.59 23.67
CA THR A 2979 20.01 -21.35 22.57
C THR A 2979 19.04 -20.49 21.80
N LEU A 2980 19.09 -20.57 20.47
CA LEU A 2980 18.19 -19.78 19.66
C LEU A 2980 17.11 -20.67 19.10
N LEU A 2981 15.87 -20.40 19.45
CA LEU A 2981 14.77 -21.21 18.99
C LEU A 2981 13.81 -20.33 18.23
N TRP A 2982 13.42 -20.76 17.03
CA TRP A 2982 12.43 -19.99 16.29
C TRP A 2982 11.10 -20.67 16.45
N LEU A 2983 10.12 -19.95 16.94
CA LEU A 2983 8.82 -20.56 17.22
C LEU A 2983 8.09 -21.01 15.97
N GLN A 2984 8.31 -20.33 14.84
CA GLN A 2984 7.58 -20.67 13.63
C GLN A 2984 8.11 -21.92 12.95
N GLN A 2985 9.31 -22.39 13.32
CA GLN A 2985 9.81 -23.64 12.75
C GLN A 2985 9.10 -24.85 13.34
N PHE A 2986 8.86 -24.83 14.65
CA PHE A 2986 8.23 -25.96 15.31
C PHE A 2986 6.80 -26.16 14.80
N ASP A 2987 6.44 -27.41 14.54
CA ASP A 2987 5.15 -27.75 13.96
C ASP A 2987 4.34 -28.66 14.87
N THR A 2988 4.63 -28.68 16.17
CA THR A 2988 3.92 -29.50 17.12
C THR A 2988 4.28 -29.05 18.53
N GLU A 2989 3.27 -28.95 19.40
CA GLU A 2989 3.51 -28.50 20.76
C GLU A 2989 4.49 -29.43 21.48
N TYR A 2990 4.38 -30.73 21.25
CA TYR A 2990 5.27 -31.67 21.91
C TYR A 2990 6.71 -31.47 21.47
N SER A 2991 6.94 -31.16 20.20
CA SER A 2991 8.29 -30.90 19.74
C SER A 2991 8.90 -29.68 20.42
N PHE A 2992 8.12 -28.60 20.55
CA PHE A 2992 8.58 -27.42 21.26
C PHE A 2992 8.86 -27.73 22.73
N LEU A 2993 7.99 -28.52 23.35
CA LEU A 2993 8.20 -28.91 24.74
C LEU A 2993 9.48 -29.74 24.89
N LYS A 2994 9.71 -30.67 23.97
CA LYS A 2994 10.94 -31.46 24.02
C LYS A 2994 12.17 -30.58 23.88
N GLU A 2995 12.13 -29.63 22.95
CA GLU A 2995 13.28 -28.76 22.73
C GLU A 2995 13.56 -27.92 23.96
N VAL A 2996 12.51 -27.32 24.54
CA VAL A 2996 12.72 -26.47 25.72
C VAL A 2996 13.12 -27.31 26.93
N ARG A 2997 12.66 -28.56 27.01
CA ARG A 2997 13.08 -29.43 28.10
C ARG A 2997 14.56 -29.78 27.99
N ASN A 2998 15.01 -30.18 26.80
CA ASN A 2998 16.43 -30.43 26.58
C ASN A 2998 17.27 -29.18 26.81
N CYS A 2999 16.69 -28.00 26.57
CA CYS A 2999 17.38 -26.76 26.90
C CYS A 2999 17.46 -26.55 28.41
N LEU A 3000 16.40 -26.92 29.15
CA LEU A 3000 16.34 -26.66 30.58
C LEU A 3000 17.00 -27.74 31.41
N THR A 3001 16.85 -29.02 31.03
CA THR A 3001 17.44 -30.12 31.77
C THR A 3001 18.95 -30.19 31.50
N ASN A 3002 19.65 -29.15 31.97
CA ASN A 3002 21.07 -29.00 31.78
C ASN A 3002 21.71 -28.63 33.11
N THR A 3003 23.04 -28.58 33.11
CA THR A 3003 23.82 -28.18 34.28
C THR A 3003 24.31 -26.76 34.03
N ALA A 3004 23.62 -25.79 34.63
CA ALA A 3004 23.97 -24.39 34.47
C ALA A 3004 23.34 -23.58 35.60
N LYS A 3005 24.00 -22.52 36.01
CA LYS A 3005 23.46 -21.65 37.07
C LYS A 3005 22.60 -20.57 36.45
N CYS A 3006 23.19 -19.70 35.64
CA CYS A 3006 22.38 -18.71 34.95
C CYS A 3006 22.27 -19.14 33.50
N LYS A 3007 21.05 -19.37 33.03
CA LYS A 3007 20.85 -19.85 31.67
C LYS A 3007 19.95 -18.92 30.86
N ILE A 3008 20.35 -18.63 29.63
CA ILE A 3008 19.57 -17.72 28.79
C ILE A 3008 18.83 -18.47 27.71
N LEU A 3009 17.52 -18.27 27.64
CA LEU A 3009 16.71 -18.93 26.62
C LEU A 3009 16.14 -17.85 25.72
N ILE A 3010 16.33 -18.00 24.41
CA ILE A 3010 15.81 -17.02 23.48
C ILE A 3010 14.77 -17.66 22.57
N PHE A 3011 13.60 -17.04 22.49
CA PHE A 3011 12.56 -17.55 21.61
C PHE A 3011 12.26 -16.46 20.61
N GLN A 3012 12.34 -16.78 19.34
CA GLN A 3012 12.15 -15.74 18.32
C GLN A 3012 10.97 -16.03 17.40
N THR A 3013 10.06 -15.08 17.30
CA THR A 3013 8.95 -15.24 16.37
C THR A 3013 8.84 -14.04 15.44
N ASP A 3014 8.78 -14.30 14.15
CA ASP A 3014 8.57 -13.20 13.22
C ASP A 3014 7.09 -12.91 13.32
N PHE A 3015 6.72 -11.65 13.53
CA PHE A 3015 5.29 -11.32 13.56
C PHE A 3015 4.79 -11.11 12.14
N GLU A 3016 4.61 -12.23 11.44
CA GLU A 3016 3.91 -12.23 10.16
C GLU A 3016 2.45 -11.92 10.48
N ASP A 3017 2.07 -10.67 10.24
CA ASP A 3017 0.88 -10.10 10.88
C ASP A 3017 -0.38 -10.90 10.55
N GLY A 3018 -1.15 -11.21 11.59
CA GLY A 3018 -2.36 -11.98 11.44
C GLY A 3018 -2.85 -12.46 12.79
N ILE A 3019 -3.95 -13.20 12.74
CA ILE A 3019 -4.54 -13.77 13.94
C ILE A 3019 -4.00 -15.19 14.14
N ARG A 3020 -2.98 -15.55 13.36
CA ARG A 3020 -2.35 -16.85 13.45
C ARG A 3020 -1.04 -16.85 14.22
N SER A 3021 -0.32 -15.73 14.24
CA SER A 3021 0.94 -15.64 14.97
C SER A 3021 0.76 -15.22 16.42
N ALA A 3022 -0.26 -14.39 16.70
CA ALA A 3022 -0.53 -14.01 18.09
C ALA A 3022 -0.90 -15.22 18.93
N GLN A 3023 -1.74 -16.11 18.38
CA GLN A 3023 -2.10 -17.33 19.09
C GLN A 3023 -0.88 -18.21 19.32
N LEU A 3024 0.00 -18.30 18.32
CA LEU A 3024 1.22 -19.10 18.48
C LEU A 3024 2.11 -18.52 19.57
N ILE A 3025 2.27 -17.20 19.61
CA ILE A 3025 3.07 -16.57 20.65
C ILE A 3025 2.46 -16.82 22.02
N ALA A 3026 1.14 -16.66 22.14
CA ALA A 3026 0.49 -16.87 23.43
C ALA A 3026 0.60 -18.33 23.88
N SER A 3027 0.45 -19.28 22.96
CA SER A 3027 0.55 -20.70 23.32
C SER A 3027 1.96 -21.08 23.71
N ALA A 3028 2.97 -20.58 23.00
CA ALA A 3028 4.35 -20.85 23.39
C ALA A 3028 4.75 -20.10 24.65
N LYS A 3029 4.03 -19.04 25.00
CA LYS A 3029 4.37 -18.27 26.20
C LYS A 3029 4.11 -19.08 27.46
N TYR A 3030 2.96 -19.77 27.53
CA TYR A 3030 2.64 -20.57 28.71
C TYR A 3030 3.39 -21.89 28.74
N SER A 3031 3.76 -22.42 27.57
CA SER A 3031 4.51 -23.66 27.53
C SER A 3031 5.89 -23.53 28.14
N VAL A 3032 6.47 -22.33 28.15
CA VAL A 3032 7.73 -22.11 28.82
C VAL A 3032 7.53 -21.93 30.32
N ILE A 3033 6.47 -21.23 30.72
CA ILE A 3033 6.20 -21.03 32.15
C ILE A 3033 5.94 -22.36 32.84
N ASN A 3034 5.17 -23.23 32.19
CA ASN A 3034 4.87 -24.53 32.79
C ASN A 3034 6.14 -25.35 33.00
N GLU A 3035 7.02 -25.38 31.99
CA GLU A 3035 8.26 -26.14 32.13
C GLU A 3035 9.22 -25.48 33.12
N ILE A 3036 9.16 -24.16 33.25
CA ILE A 3036 9.93 -23.49 34.29
C ILE A 3036 9.45 -23.94 35.67
N ASN A 3037 8.13 -24.01 35.85
CA ASN A 3037 7.59 -24.45 37.13
C ASN A 3037 7.90 -25.92 37.40
N LYS A 3038 7.97 -26.73 36.35
CA LYS A 3038 8.24 -28.16 36.52
C LYS A 3038 9.69 -28.39 36.95
N ILE A 3039 10.64 -27.98 36.12
CA ILE A 3039 12.07 -28.07 36.44
C ILE A 3039 12.38 -26.89 37.36
N ARG A 3040 12.29 -27.12 38.66
CA ARG A 3040 12.35 -26.05 39.65
C ARG A 3040 13.23 -26.38 40.84
N GLU A 3041 13.70 -27.62 40.96
CA GLU A 3041 14.38 -28.08 42.18
C GLU A 3041 15.55 -27.19 42.56
N ASN A 3042 16.24 -26.62 41.56
CA ASN A 3042 17.41 -25.81 41.83
C ASN A 3042 17.02 -24.34 42.00
N GLU A 3043 17.97 -23.54 42.48
CA GLU A 3043 17.82 -22.09 42.54
C GLU A 3043 18.46 -21.40 41.34
N ASP A 3044 18.80 -22.17 40.32
CA ASP A 3044 19.43 -21.61 39.12
C ASP A 3044 18.64 -20.47 38.49
N ARG A 3045 19.29 -19.33 38.28
CA ARG A 3045 18.62 -18.23 37.60
C ARG A 3045 18.32 -18.63 36.17
N ILE A 3046 17.12 -18.35 35.71
CA ILE A 3046 16.76 -18.67 34.32
C ILE A 3046 16.24 -17.41 33.65
N PHE A 3047 16.73 -17.12 32.45
CA PHE A 3047 16.26 -15.95 31.72
C PHE A 3047 15.51 -16.36 30.47
N VAL A 3048 14.29 -15.87 30.31
CA VAL A 3048 13.49 -16.23 29.15
C VAL A 3048 13.23 -14.97 28.32
N TYR A 3049 13.53 -15.03 27.03
CA TYR A 3049 13.36 -13.87 26.17
C TYR A 3049 12.44 -14.17 25.01
N PHE A 3050 11.45 -13.31 24.78
CA PHE A 3050 10.60 -13.49 23.62
C PHE A 3050 10.84 -12.33 22.69
N ILE A 3051 11.22 -12.62 21.44
CA ILE A 3051 11.54 -11.55 20.50
C ILE A 3051 10.49 -11.49 19.41
N THR A 3052 9.92 -10.32 19.19
CA THR A 3052 8.87 -10.16 18.20
C THR A 3052 9.38 -9.32 17.06
N LYS A 3053 9.27 -9.83 15.83
CA LYS A 3053 9.74 -9.07 14.68
C LYS A 3053 8.58 -8.40 13.95
N LEU A 3054 8.31 -7.16 14.29
CA LEU A 3054 7.24 -6.42 13.64
C LEU A 3054 7.84 -5.31 12.79
N SER A 3055 7.02 -4.76 11.90
CA SER A 3055 7.45 -3.72 10.98
C SER A 3055 6.88 -2.38 11.39
N ARG A 3056 7.58 -1.31 11.02
CA ARG A 3056 7.10 0.04 11.31
C ARG A 3056 5.78 0.30 10.60
N VAL A 3057 5.66 -0.15 9.36
CA VAL A 3057 4.40 -0.09 8.61
C VAL A 3057 4.08 -1.51 8.15
N GLY A 3058 2.93 -2.02 8.59
CA GLY A 3058 2.56 -3.39 8.28
C GLY A 3058 1.23 -3.52 7.57
N ARG A 3059 0.54 -4.63 7.81
CA ARG A 3059 -0.75 -4.88 7.17
C ARG A 3059 -1.54 -5.89 8.00
N GLY A 3060 -2.83 -5.63 8.15
CA GLY A 3060 -3.72 -6.55 8.84
C GLY A 3060 -3.99 -6.11 10.27
N THR A 3061 -3.67 -6.98 11.22
CA THR A 3061 -3.97 -6.73 12.63
C THR A 3061 -2.92 -5.79 13.21
N ALA A 3062 -2.92 -5.66 14.54
CA ALA A 3062 -1.98 -4.80 15.24
C ALA A 3062 -1.38 -5.55 16.41
N TYR A 3063 -0.07 -5.38 16.61
CA TYR A 3063 0.60 -5.98 17.75
C TYR A 3063 0.08 -5.36 19.04
N VAL A 3064 -0.22 -6.21 20.02
CA VAL A 3064 -0.73 -5.79 21.32
C VAL A 3064 0.28 -6.26 22.37
N GLY A 3065 1.22 -5.40 22.71
CA GLY A 3065 2.20 -5.66 23.74
C GLY A 3065 1.69 -5.21 25.09
N PHE A 3066 2.63 -4.87 25.97
CA PHE A 3066 2.32 -4.42 27.33
C PHE A 3066 1.40 -5.42 28.02
N HIS A 3067 1.72 -6.71 27.83
CA HIS A 3067 0.85 -7.79 28.28
C HIS A 3067 0.67 -7.78 29.78
N GLY A 3068 1.68 -7.36 30.52
CA GLY A 3068 1.61 -7.38 31.96
C GLY A 3068 1.89 -8.76 32.53
N GLY A 3069 2.19 -8.80 33.81
CA GLY A 3069 2.56 -10.06 34.44
C GLY A 3069 4.05 -10.13 34.65
N LEU A 3070 4.61 -11.33 34.50
CA LEU A 3070 6.04 -11.48 34.66
C LEU A 3070 6.70 -10.95 33.41
N TRP A 3071 5.91 -10.35 32.52
CA TRP A 3071 6.46 -9.87 31.25
C TRP A 3071 6.53 -8.36 31.13
N GLN A 3072 7.70 -7.85 30.77
CA GLN A 3072 7.86 -6.41 30.57
C GLN A 3072 8.25 -6.17 29.13
N SER A 3073 7.60 -5.22 28.48
CA SER A 3073 7.87 -4.99 27.07
C SER A 3073 8.94 -3.92 26.87
N VAL A 3074 10.06 -4.32 26.28
CA VAL A 3074 11.16 -3.38 26.01
C VAL A 3074 11.45 -3.40 24.53
N HIS A 3075 11.58 -2.24 23.91
CA HIS A 3075 11.79 -2.20 22.47
C HIS A 3075 13.23 -1.87 22.11
N ILE A 3076 13.91 -2.79 21.43
CA ILE A 3076 15.27 -2.53 20.98
C ILE A 3076 15.15 -2.42 19.47
N ASP A 3077 15.40 -1.23 18.92
CA ASP A 3077 15.19 -1.03 17.50
C ASP A 3077 16.09 -1.93 16.66
N ASP A 3078 17.37 -2.00 17.01
CA ASP A 3078 18.34 -2.85 16.31
C ASP A 3078 18.97 -3.78 17.32
N LEU A 3079 18.77 -5.08 17.13
CA LEU A 3079 19.21 -6.08 18.10
C LEU A 3079 20.69 -6.42 17.99
N ARG A 3080 21.38 -5.92 16.95
CA ARG A 3080 22.77 -6.28 16.71
C ARG A 3080 23.67 -5.08 16.96
N ARG A 3081 24.84 -5.34 17.54
CA ARG A 3081 25.83 -4.30 17.75
C ARG A 3081 26.50 -3.95 16.43
N SER A 3082 25.90 -3.04 15.67
CA SER A 3082 26.36 -2.74 14.33
C SER A 3082 27.75 -2.13 14.34
N THR A 3083 28.58 -2.57 13.41
CA THR A 3083 29.91 -2.00 13.23
C THR A 3083 29.94 -0.87 12.21
N LEU A 3084 28.81 -0.60 11.54
CA LEU A 3084 28.77 0.49 10.57
C LEU A 3084 28.85 1.84 11.28
N MET A 3085 27.89 2.13 12.15
CA MET A 3085 27.86 3.37 12.90
C MET A 3085 28.19 3.10 14.36
N VAL A 3086 28.15 4.15 15.18
CA VAL A 3086 28.34 4.00 16.61
C VAL A 3086 27.09 3.39 17.22
N SER A 3087 27.29 2.58 18.28
CA SER A 3087 26.16 1.92 18.92
C SER A 3087 25.19 2.92 19.54
N ASP A 3088 25.73 3.94 20.20
CA ASP A 3088 24.90 4.94 20.87
C ASP A 3088 24.63 6.09 19.89
N VAL A 3089 23.40 6.15 19.38
CA VAL A 3089 23.05 7.11 18.34
C VAL A 3089 22.93 8.53 18.86
N THR A 3090 23.03 8.73 20.18
CA THR A 3090 22.99 10.07 20.75
C THR A 3090 24.30 10.81 20.55
N ARG A 3091 25.38 10.11 20.20
CA ARG A 3091 26.63 10.75 19.84
C ARG A 3091 26.52 11.51 18.51
N LEU A 3092 25.46 11.28 17.75
CA LEU A 3092 25.25 11.95 16.47
C LEU A 3092 24.47 13.25 16.61
N GLN A 3093 24.08 13.63 17.83
CA GLN A 3093 23.42 14.92 18.05
C GLN A 3093 24.41 16.08 18.10
N HIS A 3094 25.70 15.80 18.21
CA HIS A 3094 26.72 16.84 18.33
C HIS A 3094 27.64 16.90 17.12
N VAL A 3095 27.39 16.11 16.08
CA VAL A 3095 28.28 16.00 14.93
C VAL A 3095 27.45 16.06 13.65
N THR A 3096 27.88 16.90 12.71
CA THR A 3096 27.20 17.03 11.43
C THR A 3096 27.61 15.88 10.50
N ILE A 3097 27.25 15.98 9.23
CA ILE A 3097 27.71 14.98 8.26
C ILE A 3097 29.14 15.26 7.83
N SER A 3098 29.62 16.49 7.99
CA SER A 3098 30.98 16.82 7.56
C SER A 3098 32.03 16.23 8.49
N GLN A 3099 31.82 16.33 9.80
CA GLN A 3099 32.83 15.88 10.75
C GLN A 3099 33.04 14.37 10.68
N LEU A 3100 32.07 13.62 10.16
CA LEU A 3100 32.22 12.18 10.04
C LEU A 3100 33.36 11.80 9.10
N PHE A 3101 33.52 12.53 7.99
CA PHE A 3101 34.53 12.24 6.99
C PHE A 3101 35.88 12.86 7.30
N ALA A 3102 35.98 13.67 8.36
CA ALA A 3102 37.20 14.38 8.66
C ALA A 3102 38.06 13.57 9.64
N PRO A 3103 39.24 13.13 9.23
CA PRO A 3103 40.13 12.42 10.16
C PRO A 3103 40.84 13.39 11.10
N GLY A 3104 41.24 12.86 12.24
CA GLY A 3104 41.94 13.66 13.24
C GLY A 3104 41.02 14.27 14.27
N VAL A 3161 37.11 4.93 17.20
CA VAL A 3161 37.39 6.35 17.34
C VAL A 3161 36.58 7.15 16.32
N SER A 3162 35.78 6.44 15.52
CA SER A 3162 34.98 7.05 14.48
C SER A 3162 33.51 6.74 14.72
N ILE A 3163 32.67 7.78 14.59
CA ILE A 3163 31.24 7.60 14.74
C ILE A 3163 30.68 6.77 13.60
N LEU A 3164 31.22 6.96 12.39
CA LEU A 3164 30.73 6.27 11.21
C LEU A 3164 31.89 5.58 10.50
N ASP A 3165 31.56 4.49 9.80
CA ASP A 3165 32.55 3.79 8.98
C ASP A 3165 32.54 4.43 7.60
N THR A 3166 33.41 5.43 7.43
CA THR A 3166 33.40 6.22 6.20
C THR A 3166 33.74 5.37 4.99
N THR A 3167 34.71 4.45 5.13
CA THR A 3167 35.12 3.62 4.01
C THR A 3167 33.95 2.79 3.49
N ARG A 3168 33.29 2.05 4.38
CA ARG A 3168 32.13 1.27 3.96
C ARG A 3168 30.99 2.16 3.48
N LEU A 3169 30.88 3.37 4.04
CA LEU A 3169 29.85 4.30 3.59
C LEU A 3169 30.04 4.67 2.12
N LEU A 3170 31.17 5.28 1.80
CA LEU A 3170 31.43 5.69 0.41
C LEU A 3170 31.70 4.51 -0.51
N ARG A 3171 31.89 3.31 0.04
CA ARG A 3171 32.01 2.11 -0.79
C ARG A 3171 30.67 1.44 -1.04
N SER A 3172 29.64 1.75 -0.26
CA SER A 3172 28.33 1.17 -0.44
C SER A 3172 27.41 2.02 -1.30
N CYS A 3173 27.90 3.16 -1.81
CA CYS A 3173 27.10 4.01 -2.68
C CYS A 3173 27.68 4.15 -4.08
N VAL A 3174 28.87 3.59 -4.34
CA VAL A 3174 29.48 3.70 -5.65
C VAL A 3174 28.59 3.09 -6.72
N GLN A 3175 27.94 1.97 -6.40
CA GLN A 3175 27.00 1.36 -7.34
C GLN A 3175 25.86 2.32 -7.67
N SER A 3176 25.51 3.21 -6.74
CA SER A 3176 24.54 4.26 -7.01
C SER A 3176 25.19 5.60 -7.31
N ALA A 3177 26.44 5.81 -6.87
CA ALA A 3177 27.16 7.02 -7.24
C ALA A 3177 27.45 7.08 -8.73
N VAL A 3178 27.65 5.93 -9.38
CA VAL A 3178 27.66 5.91 -10.83
C VAL A 3178 26.38 5.24 -11.29
N GLY A 3179 25.30 6.02 -11.32
CA GLY A 3179 24.08 5.70 -12.03
C GLY A 3179 23.55 7.03 -12.51
N MET A 3180 24.29 8.07 -12.13
CA MET A 3180 24.02 9.44 -12.53
C MET A 3180 25.13 9.99 -13.42
N LEU A 3181 26.11 9.17 -13.77
CA LEU A 3181 27.09 9.58 -14.76
C LEU A 3181 26.57 9.28 -16.16
N ARG A 3182 26.81 10.21 -17.08
CA ARG A 3182 26.37 10.05 -18.46
C ARG A 3182 27.48 10.60 -19.35
N ASP A 3183 28.14 9.72 -20.09
CA ASP A 3183 29.18 10.15 -21.00
C ASP A 3183 28.60 11.07 -22.07
N GLN A 3184 29.40 12.05 -22.49
CA GLN A 3184 28.92 13.03 -23.46
C GLN A 3184 28.49 12.37 -24.75
N ASN A 3185 29.26 11.41 -25.23
CA ASN A 3185 28.89 10.62 -26.39
C ASN A 3185 28.14 9.37 -25.96
N GLU A 3186 27.09 9.04 -26.69
CA GLU A 3186 26.32 7.82 -26.43
C GLU A 3186 26.95 6.62 -27.13
N SER A 3187 28.25 6.40 -26.90
CA SER A 3187 28.97 5.31 -27.52
C SER A 3187 29.94 4.66 -26.53
N CYS A 3188 29.65 4.73 -25.24
CA CYS A 3188 30.51 4.18 -24.21
C CYS A 3188 29.69 3.41 -23.19
N THR A 3189 30.26 2.29 -22.74
CA THR A 3189 29.68 1.47 -21.68
C THR A 3189 30.61 1.44 -20.47
N ARG A 3190 31.29 2.56 -20.21
CA ARG A 3190 32.29 2.63 -19.15
C ARG A 3190 31.68 2.64 -17.76
N ASN A 3191 30.35 2.75 -17.65
CA ASN A 3191 29.72 2.78 -16.32
C ASN A 3191 29.94 1.48 -15.57
N MET A 3192 29.79 0.34 -16.25
CA MET A 3192 30.04 -0.94 -15.60
C MET A 3192 31.49 -1.12 -15.20
N ARG A 3193 32.43 -0.54 -15.97
CA ARG A 3193 33.84 -0.59 -15.63
C ARG A 3193 34.19 0.33 -14.47
N ARG A 3194 33.45 1.43 -14.32
CA ARG A 3194 33.76 2.40 -13.27
C ARG A 3194 33.61 1.79 -11.88
N VAL A 3195 32.58 0.98 -11.68
CA VAL A 3195 32.39 0.36 -10.37
C VAL A 3195 33.51 -0.63 -10.07
N VAL A 3196 33.90 -1.43 -11.07
CA VAL A 3196 34.98 -2.38 -10.87
C VAL A 3196 36.29 -1.64 -10.56
N LEU A 3197 36.50 -0.50 -11.22
CA LEU A 3197 37.67 0.31 -10.93
C LEU A 3197 37.64 0.83 -9.49
N LEU A 3198 36.51 1.44 -9.10
CA LEU A 3198 36.46 2.16 -7.83
C LEU A 3198 36.47 1.20 -6.65
N LEU A 3199 35.67 0.13 -6.71
CA LEU A 3199 35.65 -0.84 -5.61
C LEU A 3199 37.02 -1.46 -5.41
N GLY A 3200 37.79 -1.62 -6.48
CA GLY A 3200 39.18 -2.05 -6.35
C GLY A 3200 40.11 -0.96 -5.88
N LEU A 3201 39.74 0.31 -6.07
CA LEU A 3201 40.56 1.42 -5.59
C LEU A 3201 40.20 1.87 -4.18
N LEU A 3202 38.96 1.63 -3.74
CA LEU A 3202 38.51 2.10 -2.42
C LEU A 3202 38.83 1.06 -1.36
N ASN A 3203 40.13 0.83 -1.17
CA ASN A 3203 40.62 -0.11 -0.18
C ASN A 3203 41.87 0.47 0.46
N GLU A 3204 42.42 -0.25 1.44
CA GLU A 3204 43.62 0.18 2.15
C GLU A 3204 44.76 -0.83 2.05
N ASP A 3205 44.65 -1.83 1.18
CA ASP A 3205 45.68 -2.85 1.07
C ASP A 3205 46.99 -2.28 0.58
N ASP A 3206 46.93 -1.35 -0.37
CA ASP A 3206 48.12 -0.75 -0.97
C ASP A 3206 48.17 0.74 -0.63
N ALA A 3207 49.39 1.28 -0.58
CA ALA A 3207 49.58 2.66 -0.13
C ALA A 3207 48.86 3.65 -1.04
N CYS A 3208 48.91 3.44 -2.35
CA CYS A 3208 48.21 4.33 -3.26
C CYS A 3208 46.70 4.31 -3.04
N HIS A 3209 46.12 3.14 -2.80
CA HIS A 3209 44.70 3.05 -2.48
C HIS A 3209 44.35 3.76 -1.18
N ALA A 3210 45.21 3.63 -0.16
CA ALA A 3210 44.97 4.36 1.09
C ALA A 3210 45.02 5.87 0.87
N SER A 3211 45.99 6.33 0.08
CA SER A 3211 46.06 7.76 -0.22
C SER A 3211 44.83 8.22 -1.00
N PHE A 3212 44.36 7.39 -1.93
CA PHE A 3212 43.15 7.72 -2.68
C PHE A 3212 41.95 7.83 -1.75
N LEU A 3213 41.80 6.89 -0.82
CA LEU A 3213 40.71 6.97 0.15
C LEU A 3213 40.82 8.23 0.99
N ARG A 3214 42.04 8.57 1.44
CA ARG A 3214 42.21 9.74 2.29
C ARG A 3214 41.83 11.01 1.55
N VAL A 3215 42.32 11.17 0.31
CA VAL A 3215 42.04 12.40 -0.44
C VAL A 3215 40.56 12.47 -0.82
N SER A 3216 39.95 11.32 -1.16
CA SER A 3216 38.53 11.32 -1.46
C SER A 3216 37.70 11.72 -0.26
N LYS A 3217 38.06 11.20 0.92
CA LYS A 3217 37.35 11.58 2.14
C LYS A 3217 37.52 13.06 2.44
N MET A 3218 38.73 13.60 2.25
CA MET A 3218 38.95 15.02 2.52
C MET A 3218 38.15 15.89 1.55
N ARG A 3219 38.11 15.50 0.26
CA ARG A 3219 37.31 16.25 -0.71
C ARG A 3219 35.83 16.20 -0.36
N LEU A 3220 35.33 15.03 0.03
CA LEU A 3220 33.92 14.91 0.40
C LEU A 3220 33.62 15.74 1.65
N SER A 3221 34.53 15.76 2.62
CA SER A 3221 34.35 16.56 3.81
C SER A 3221 34.29 18.05 3.46
N VAL A 3222 35.19 18.50 2.58
CA VAL A 3222 35.18 19.90 2.17
C VAL A 3222 33.88 20.24 1.47
N PHE A 3223 33.41 19.35 0.58
CA PHE A 3223 32.17 19.59 -0.13
C PHE A 3223 30.98 19.68 0.81
N LEU A 3224 30.90 18.76 1.77
CA LEU A 3224 29.80 18.78 2.72
C LEU A 3224 29.87 20.00 3.63
N LYS A 3225 31.08 20.43 3.99
CA LYS A 3225 31.23 21.65 4.77
C LYS A 3225 30.74 22.86 3.99
N LYS A 3226 31.06 22.92 2.69
CA LYS A 3226 30.58 24.02 1.86
C LYS A 3226 29.08 23.94 1.62
N GLN A 3227 28.49 22.75 1.69
CA GLN A 3227 27.06 22.58 1.50
C GLN A 3227 26.25 22.78 2.77
N GLU A 3228 26.91 22.99 3.91
CA GLU A 3228 26.21 23.17 5.17
C GLU A 3228 25.95 24.63 5.52
N GLU A 3229 26.63 25.57 4.87
CA GLU A 3229 26.39 26.98 5.14
C GLU A 3229 25.00 27.44 4.70
N SER A 3230 24.38 26.73 3.76
CA SER A 3230 23.06 27.07 3.27
C SER A 3230 21.96 26.25 3.93
N GLN A 3231 22.22 25.70 5.11
CA GLN A 3231 21.24 24.90 5.85
C GLN A 3231 21.00 25.52 7.22
N PHE A 3232 19.76 25.38 7.70
CA PHE A 3232 19.40 25.87 9.01
C PHE A 3232 19.63 24.78 10.05
N HIS A 3233 20.33 25.13 11.13
CA HIS A 3233 20.74 24.20 12.17
C HIS A 3233 21.48 23.01 11.58
N PRO A 3234 22.70 23.19 11.09
CA PRO A 3234 23.44 22.07 10.49
C PRO A 3234 23.72 20.94 11.47
N LEU A 3235 23.91 21.27 12.76
CA LEU A 3235 24.30 20.25 13.73
C LEU A 3235 23.20 19.20 13.91
N GLU A 3236 21.95 19.63 14.01
CA GLU A 3236 20.86 18.72 14.36
C GLU A 3236 20.17 18.17 13.11
N TRP A 3237 20.96 17.53 12.25
CA TRP A 3237 20.38 16.75 11.17
C TRP A 3237 19.72 15.49 11.69
N LEU A 3238 20.11 15.03 12.88
CA LEU A 3238 19.52 13.84 13.46
C LEU A 3238 18.04 14.06 13.75
N ALA A 3239 17.71 15.17 14.41
CA ALA A 3239 16.31 15.48 14.71
C ALA A 3239 15.51 15.71 13.44
N ARG A 3240 16.10 16.39 12.45
CA ARG A 3240 15.42 16.63 11.20
C ARG A 3240 15.08 15.33 10.49
N GLU A 3241 16.03 14.39 10.48
CA GLU A 3241 15.77 13.08 9.89
C GLU A 3241 14.72 12.32 10.68
N ALA A 3242 14.75 12.42 12.01
CA ALA A 3242 13.78 11.70 12.82
C ALA A 3242 12.37 12.23 12.60
N CYS A 3243 12.21 13.54 12.42
CA CYS A 3243 10.90 14.10 12.17
C CYS A 3243 10.32 13.66 10.83
N ASN A 3244 11.15 13.13 9.93
CA ASN A 3244 10.70 12.69 8.61
C ASN A 3244 10.08 11.30 8.75
N GLN A 3245 8.77 11.27 8.98
CA GLN A 3245 8.07 9.99 9.10
C GLN A 3245 8.14 9.20 7.80
N ASP A 3246 7.99 9.89 6.67
CA ASP A 3246 8.07 9.22 5.37
C ASP A 3246 9.44 8.58 5.17
N ALA A 3247 10.51 9.24 5.62
CA ALA A 3247 11.84 8.68 5.53
C ALA A 3247 12.12 7.63 6.60
N LEU A 3248 11.36 7.61 7.69
CA LEU A 3248 11.47 6.53 8.65
C LEU A 3248 10.81 5.26 8.14
N GLN A 3249 9.66 5.40 7.46
CA GLN A 3249 8.96 4.23 6.96
C GLN A 3249 9.76 3.48 5.90
N GLU A 3250 10.67 4.16 5.22
CA GLU A 3250 11.39 3.57 4.10
C GLU A 3250 12.68 2.85 4.52
N ALA A 3251 12.96 2.76 5.82
CA ALA A 3251 14.17 2.09 6.25
C ALA A 3251 13.87 1.08 7.35
N GLY A 3252 12.76 1.26 8.06
CA GLY A 3252 12.45 0.39 9.17
C GLY A 3252 13.02 0.91 10.47
N THR A 3253 14.19 0.40 10.85
CA THR A 3253 14.85 0.88 12.05
C THR A 3253 15.34 2.31 11.87
N PHE A 3254 15.50 3.00 12.99
CA PHE A 3254 16.05 4.35 12.97
C PHE A 3254 17.52 4.35 12.53
N ARG A 3255 18.27 3.31 12.88
CA ARG A 3255 19.66 3.20 12.45
C ARG A 3255 19.76 3.13 10.93
N HIS A 3256 18.90 2.34 10.29
CA HIS A 3256 18.89 2.29 8.84
C HIS A 3256 18.42 3.60 8.23
N THR A 3257 17.50 4.30 8.89
CA THR A 3257 17.11 5.63 8.42
C THR A 3257 18.30 6.57 8.42
N LEU A 3258 19.11 6.53 9.48
CA LEU A 3258 20.33 7.34 9.51
C LEU A 3258 21.29 6.91 8.41
N TRP A 3259 21.44 5.60 8.21
CA TRP A 3259 22.35 5.10 7.17
C TRP A 3259 21.94 5.61 5.80
N LYS A 3260 20.65 5.57 5.49
CA LYS A 3260 20.16 6.08 4.22
C LYS A 3260 20.32 7.60 4.12
N ARG A 3261 20.05 8.32 5.21
CA ARG A 3261 20.20 9.78 5.17
C ARG A 3261 21.63 10.17 4.86
N VAL A 3262 22.60 9.48 5.46
CA VAL A 3262 23.99 9.75 5.09
C VAL A 3262 24.30 9.20 3.70
N GLN A 3263 23.58 8.16 3.25
CA GLN A 3263 23.60 7.80 1.83
C GLN A 3263 22.50 8.54 1.08
N GLY A 3264 22.39 9.83 1.36
CA GLY A 3264 21.57 10.74 0.60
C GLY A 3264 22.25 12.09 0.49
N ALA A 3265 23.48 12.15 0.98
CA ALA A 3265 24.27 13.36 0.93
C ALA A 3265 25.69 13.14 0.42
N VAL A 3266 26.06 11.89 0.12
CA VAL A 3266 27.39 11.59 -0.40
C VAL A 3266 27.26 11.07 -1.82
N THR A 3267 26.14 10.42 -2.12
CA THR A 3267 25.94 9.87 -3.47
C THR A 3267 25.97 10.94 -4.55
N PRO A 3268 25.19 12.03 -4.48
CA PRO A 3268 25.36 13.08 -5.49
C PRO A 3268 26.74 13.71 -5.45
N LEU A 3269 27.30 13.90 -4.26
CA LEU A 3269 28.62 14.49 -4.14
C LEU A 3269 29.71 13.58 -4.70
N LEU A 3270 29.65 12.28 -4.43
CA LEU A 3270 30.58 11.35 -5.05
C LEU A 3270 30.40 11.28 -6.56
N ALA A 3271 29.16 11.31 -7.05
CA ALA A 3271 28.92 11.34 -8.49
C ALA A 3271 29.55 12.56 -9.13
N SER A 3272 29.42 13.73 -8.50
CA SER A 3272 30.05 14.94 -9.01
C SER A 3272 31.57 14.84 -8.95
N MET A 3273 32.11 14.31 -7.86
CA MET A 3273 33.56 14.22 -7.69
C MET A 3273 34.19 13.23 -8.66
N ILE A 3274 33.45 12.19 -9.05
CA ILE A 3274 33.96 11.23 -10.02
C ILE A 3274 34.12 11.89 -11.39
N SER A 3275 33.23 12.82 -11.73
CA SER A 3275 33.26 13.46 -13.05
C SER A 3275 34.57 14.19 -13.31
N PHE A 3276 35.32 14.55 -12.27
CA PHE A 3276 36.61 15.19 -12.43
C PHE A 3276 37.78 14.23 -12.30
N ILE A 3277 37.52 12.93 -12.12
CA ILE A 3277 38.60 11.97 -11.97
C ILE A 3277 38.47 10.88 -13.02
N ASP A 3278 37.32 10.82 -13.70
CA ASP A 3278 37.10 9.85 -14.77
C ASP A 3278 36.89 10.54 -16.10
N ARG A 3279 37.40 11.75 -16.26
CA ARG A 3279 37.31 12.48 -17.50
C ARG A 3279 38.41 12.00 -18.45
N ASP A 3280 38.00 11.58 -19.65
CA ASP A 3280 38.91 11.01 -20.65
C ASP A 3280 39.61 9.75 -20.13
N GLY A 3281 38.92 8.99 -19.28
CA GLY A 3281 39.46 7.75 -18.76
C GLY A 3281 40.69 7.90 -17.88
N ASN A 3282 40.68 8.89 -16.98
CA ASN A 3282 41.82 9.08 -16.09
C ASN A 3282 41.96 7.96 -15.06
N LEU A 3283 40.84 7.32 -14.70
CA LEU A 3283 40.88 6.33 -13.64
C LEU A 3283 41.74 5.13 -14.00
N GLU A 3284 41.67 4.67 -15.24
CA GLU A 3284 42.40 3.48 -15.65
C GLU A 3284 43.92 3.66 -15.64
N LEU A 3285 44.41 4.85 -15.30
CA LEU A 3285 45.83 5.06 -15.09
C LEU A 3285 46.28 4.64 -13.70
N LEU A 3286 45.35 4.30 -12.81
CA LEU A 3286 45.67 3.85 -11.47
C LEU A 3286 45.67 2.33 -11.36
N THR A 3287 44.67 1.66 -11.94
CA THR A 3287 44.56 0.21 -11.85
C THR A 3287 45.19 -0.45 -13.08
N ARG A 3288 46.47 -0.15 -13.28
CA ARG A 3288 47.21 -0.77 -14.37
C ARG A 3288 48.69 -0.85 -14.01
N PRO A 3289 49.22 -2.06 -13.84
CA PRO A 3289 50.62 -2.19 -13.41
C PRO A 3289 51.62 -1.59 -14.39
N ASP A 3290 51.29 -1.52 -15.68
CA ASP A 3290 52.22 -0.99 -16.67
C ASP A 3290 52.47 0.50 -16.48
N THR A 3291 51.64 1.19 -15.72
CA THR A 3291 51.82 2.62 -15.51
C THR A 3291 53.12 2.88 -14.73
N PRO A 3292 53.93 3.84 -15.15
CA PRO A 3292 55.18 4.11 -14.44
C PRO A 3292 54.91 4.73 -13.08
N PRO A 3293 55.89 4.66 -12.16
CA PRO A 3293 55.68 5.27 -10.84
C PRO A 3293 55.36 6.76 -10.89
N TRP A 3294 55.96 7.49 -11.83
CA TRP A 3294 55.69 8.92 -11.92
C TRP A 3294 54.23 9.17 -12.32
N ALA A 3295 53.62 8.23 -13.04
CA ALA A 3295 52.20 8.39 -13.39
C ALA A 3295 51.33 8.43 -12.14
N ARG A 3296 51.49 7.43 -11.27
CA ARG A 3296 50.72 7.42 -10.03
C ARG A 3296 51.09 8.58 -9.13
N ASP A 3297 52.37 8.93 -9.08
CA ASP A 3297 52.80 10.05 -8.23
C ASP A 3297 52.13 11.34 -8.67
N LEU A 3298 52.15 11.63 -9.98
CA LEU A 3298 51.52 12.85 -10.49
C LEU A 3298 50.01 12.79 -10.33
N TRP A 3299 49.41 11.61 -10.52
CA TRP A 3299 47.97 11.46 -10.31
C TRP A 3299 47.60 11.85 -8.88
N MET A 3300 48.31 11.30 -7.90
CA MET A 3300 48.02 11.61 -6.51
C MET A 3300 48.28 13.07 -6.19
N PHE A 3301 49.38 13.63 -6.71
CA PHE A 3301 49.69 15.03 -6.44
C PHE A 3301 48.62 15.96 -7.02
N ILE A 3302 48.17 15.68 -8.23
CA ILE A 3302 47.14 16.51 -8.85
C ILE A 3302 45.82 16.37 -8.11
N PHE A 3303 45.46 15.14 -7.73
CA PHE A 3303 44.18 14.91 -7.06
C PHE A 3303 44.15 15.51 -5.65
N SER A 3304 45.30 15.51 -4.97
CA SER A 3304 45.33 15.97 -3.58
C SER A 3304 45.09 17.46 -3.43
N ASP A 3305 45.51 18.27 -4.40
CA ASP A 3305 45.34 19.71 -4.32
C ASP A 3305 43.91 20.08 -4.68
N THR A 3306 43.34 21.02 -3.92
CA THR A 3306 41.95 21.40 -4.10
C THR A 3306 41.79 22.71 -4.88
N MET A 3307 42.84 23.54 -4.92
CA MET A 3307 42.75 24.79 -5.67
C MET A 3307 43.08 24.55 -7.14
N LEU A 3308 44.05 23.68 -7.43
CA LEU A 3308 44.42 23.41 -8.81
C LEU A 3308 43.32 22.67 -9.55
N LEU A 3309 42.64 21.74 -8.88
CA LEU A 3309 41.61 20.93 -9.52
C LEU A 3309 40.28 21.24 -8.86
N ASN A 3310 40.00 22.54 -8.67
CA ASN A 3310 38.79 22.98 -8.00
C ASN A 3310 37.53 22.41 -8.63
N ILE A 3311 36.85 21.54 -7.90
CA ILE A 3311 35.58 20.95 -8.32
C ILE A 3311 34.46 21.81 -7.74
N PRO A 3312 33.60 22.41 -8.57
CA PRO A 3312 32.56 23.30 -8.05
C PRO A 3312 31.45 22.51 -7.37
N LEU A 3313 31.05 22.97 -6.19
CA LEU A 3313 30.00 22.30 -5.45
C LEU A 3313 28.67 22.39 -6.22
N VAL A 3314 28.17 21.25 -6.64
CA VAL A 3314 26.89 21.19 -7.34
C VAL A 3314 25.80 20.86 -6.33
N MET A 3315 24.69 21.59 -6.42
CA MET A 3315 23.59 21.48 -5.45
C MET A 3315 22.42 20.81 -6.16
N ASN A 3316 22.39 19.48 -6.09
CA ASN A 3316 21.36 18.69 -6.77
C ASN A 3316 20.11 18.52 -5.92
N ASN A 3317 19.56 19.64 -5.43
CA ASN A 3317 18.39 19.56 -4.57
C ASN A 3317 17.35 20.66 -4.79
N GLU A 3318 17.64 21.70 -5.56
CA GLU A 3318 16.73 22.84 -5.70
C GLU A 3318 16.13 22.95 -7.09
N ARG A 3319 16.12 21.86 -7.86
CA ARG A 3319 15.70 21.90 -9.26
C ARG A 3319 14.38 21.16 -9.44
N HIS A 3320 13.57 21.66 -10.37
CA HIS A 3320 12.28 21.06 -10.68
C HIS A 3320 12.46 19.78 -11.49
N LYS A 3321 11.47 18.89 -11.38
CA LYS A 3321 11.53 17.59 -12.04
C LYS A 3321 11.69 17.78 -13.55
N GLY A 3322 12.77 17.24 -14.10
CA GLY A 3322 13.11 17.51 -15.49
C GLY A 3322 13.04 16.33 -16.44
N GLU A 3323 14.18 15.75 -16.76
CA GLU A 3323 14.26 14.64 -17.71
C GLU A 3323 15.40 13.73 -17.28
N MET A 3324 15.81 12.82 -18.15
CA MET A 3324 17.02 12.02 -17.93
C MET A 3324 18.19 12.90 -18.32
N ALA A 3325 18.66 13.70 -17.35
CA ALA A 3325 19.75 14.65 -17.56
C ALA A 3325 20.73 14.58 -16.40
N TYR A 3326 21.16 13.37 -16.07
CA TYR A 3326 22.04 13.14 -14.94
C TYR A 3326 23.40 13.80 -15.16
N ILE A 3327 24.28 13.73 -14.16
CA ILE A 3327 25.58 14.38 -14.25
C ILE A 3327 26.31 13.88 -15.49
N VAL A 3328 26.63 14.80 -16.39
CA VAL A 3328 27.22 14.47 -17.68
C VAL A 3328 28.74 14.58 -17.56
N VAL A 3329 29.43 13.45 -17.66
CA VAL A 3329 30.88 13.42 -17.70
C VAL A 3329 31.31 13.58 -19.15
N GLN A 3330 31.91 14.73 -19.46
CA GLN A 3330 32.33 15.04 -20.82
C GLN A 3330 33.71 14.48 -21.10
N ASN A 3331 33.93 14.11 -22.36
CA ASN A 3331 35.21 13.57 -22.81
C ASN A 3331 35.69 14.42 -23.97
N HIS A 3332 36.62 15.33 -23.69
CA HIS A 3332 37.15 16.20 -24.74
C HIS A 3332 37.87 15.40 -25.82
N MET A 3333 38.65 14.41 -25.41
CA MET A 3333 39.47 13.61 -26.32
C MET A 3333 38.70 12.33 -26.65
N ASN A 3334 38.45 12.12 -27.94
CA ASN A 3334 37.72 10.94 -28.40
C ASN A 3334 38.67 9.75 -28.40
N LEU A 3335 38.60 8.93 -27.35
CA LEU A 3335 39.48 7.80 -27.17
C LEU A 3335 38.81 6.50 -27.60
N SER A 3336 39.62 5.44 -27.70
CA SER A 3336 39.12 4.11 -27.93
C SER A 3336 38.55 3.54 -26.63
N GLU A 3337 37.99 2.34 -26.71
CA GLU A 3337 37.40 1.72 -25.52
C GLU A 3337 38.50 1.29 -24.55
N ASN A 3338 38.30 1.59 -23.27
CA ASN A 3338 39.25 1.26 -22.21
C ASN A 3338 40.62 1.88 -22.47
N ALA A 3339 40.62 3.06 -23.10
CA ALA A 3339 41.84 3.81 -23.31
C ALA A 3339 42.02 4.86 -22.22
N SER A 3340 43.21 5.45 -22.17
CA SER A 3340 43.53 6.43 -21.14
C SER A 3340 44.49 7.47 -21.70
N ASN A 3341 44.31 8.71 -21.26
CA ASN A 3341 45.27 9.75 -21.59
C ASN A 3341 46.63 9.42 -20.99
N ASN A 3342 47.69 9.70 -21.77
CA ASN A 3342 49.03 9.28 -21.37
C ASN A 3342 49.47 9.93 -20.07
N VAL A 3343 49.37 11.26 -20.00
CA VAL A 3343 49.72 11.98 -18.78
C VAL A 3343 48.46 12.08 -17.92
N PRO A 3344 48.54 11.80 -16.62
CA PRO A 3344 47.35 11.91 -15.77
C PRO A 3344 46.80 13.32 -15.75
N PHE A 3345 45.47 13.41 -15.81
CA PHE A 3345 44.76 14.69 -15.74
C PHE A 3345 45.27 15.65 -16.80
N SER A 3346 45.30 15.18 -18.06
CA SER A 3346 45.87 15.96 -19.15
C SER A 3346 45.11 17.24 -19.40
N TRP A 3347 43.78 17.18 -19.41
CA TRP A 3347 42.98 18.35 -19.74
C TRP A 3347 43.19 19.47 -18.72
N LYS A 3348 43.20 19.12 -17.42
CA LYS A 3348 43.37 20.14 -16.40
C LYS A 3348 44.76 20.73 -16.42
N ILE A 3349 45.78 19.90 -16.66
CA ILE A 3349 47.15 20.41 -16.77
C ILE A 3349 47.25 21.37 -17.95
N LYS A 3350 46.65 21.01 -19.08
CA LYS A 3350 46.68 21.88 -20.25
C LYS A 3350 45.97 23.20 -19.96
N ASP A 3351 44.81 23.14 -19.31
CA ASP A 3351 44.08 24.37 -19.00
C ASP A 3351 44.87 25.27 -18.04
N TYR A 3352 45.50 24.67 -17.02
CA TYR A 3352 46.28 25.45 -16.08
C TYR A 3352 47.48 26.10 -16.77
N LEU A 3353 48.16 25.36 -17.63
CA LEU A 3353 49.29 25.93 -18.37
C LEU A 3353 48.83 27.03 -19.29
N GLU A 3354 47.68 26.85 -19.95
CA GLU A 3354 47.15 27.88 -20.84
C GLU A 3354 46.81 29.15 -20.08
N GLU A 3355 46.18 29.03 -18.91
CA GLU A 3355 45.82 30.23 -18.16
C GLU A 3355 47.07 30.92 -17.61
N LEU A 3356 48.07 30.16 -17.17
CA LEU A 3356 49.33 30.78 -16.76
C LEU A 3356 49.99 31.51 -17.93
N TRP A 3357 49.94 30.92 -19.12
CA TRP A 3357 50.50 31.58 -20.29
C TRP A 3357 49.74 32.86 -20.60
N VAL A 3358 48.42 32.85 -20.43
CA VAL A 3358 47.62 34.04 -20.67
C VAL A 3358 47.99 35.15 -19.68
N GLN A 3359 48.16 34.79 -18.41
CA GLN A 3359 48.59 35.77 -17.41
C GLN A 3359 49.93 36.37 -17.79
N ALA A 3360 50.91 35.52 -18.12
CA ALA A 3360 52.24 36.01 -18.48
C ALA A 3360 52.19 36.84 -19.75
N GLN A 3361 51.28 36.52 -20.68
CA GLN A 3361 51.19 37.25 -21.93
C GLN A 3361 50.61 38.64 -21.72
N TYR A 3362 49.56 38.74 -20.90
CA TYR A 3362 48.95 40.05 -20.69
C TYR A 3362 49.71 40.88 -19.66
N ILE A 3363 50.62 40.27 -18.91
CA ILE A 3363 51.40 41.00 -17.91
C ILE A 3363 52.80 41.36 -18.42
N THR A 3364 53.24 40.81 -19.53
CA THR A 3364 54.55 41.11 -20.11
C THR A 3364 54.38 41.49 -21.58
N ASP A 3365 55.49 41.82 -22.21
CA ASP A 3365 55.52 42.16 -23.63
C ASP A 3365 55.82 40.90 -24.46
N ALA A 3366 56.09 41.08 -25.76
CA ALA A 3366 56.36 39.95 -26.63
C ALA A 3366 57.72 39.32 -26.37
N GLU A 3367 58.63 40.02 -25.68
CA GLU A 3367 59.97 39.52 -25.45
C GLU A 3367 60.14 38.82 -24.11
N GLY A 3368 59.44 39.28 -23.06
CA GLY A 3368 59.61 38.69 -21.75
C GLY A 3368 58.86 37.40 -21.54
N LEU A 3369 58.01 37.00 -22.50
CA LEU A 3369 57.19 35.80 -22.33
C LEU A 3369 57.99 34.53 -22.12
N PRO A 3370 58.96 34.17 -22.97
CA PRO A 3370 59.55 32.82 -22.88
C PRO A 3370 60.19 32.51 -21.53
N LYS A 3371 60.74 33.50 -20.86
CA LYS A 3371 61.39 33.25 -19.57
C LYS A 3371 60.46 33.52 -18.40
N LYS A 3372 59.69 34.62 -18.44
CA LYS A 3372 58.79 34.95 -17.35
C LYS A 3372 57.73 33.87 -17.17
N PHE A 3373 57.17 33.37 -18.27
CA PHE A 3373 56.14 32.34 -18.18
C PHE A 3373 56.69 31.03 -17.63
N VAL A 3374 57.89 30.64 -18.06
CA VAL A 3374 58.51 29.43 -17.53
C VAL A 3374 58.79 29.59 -16.03
N ASP A 3375 59.30 30.74 -15.61
CA ASP A 3375 59.55 30.96 -14.20
C ASP A 3375 58.25 30.97 -13.39
N ILE A 3376 57.19 31.55 -13.94
CA ILE A 3376 55.90 31.57 -13.25
C ILE A 3376 55.38 30.16 -13.07
N PHE A 3377 55.51 29.32 -14.10
CA PHE A 3377 55.16 27.91 -13.93
C PHE A 3377 56.03 27.25 -12.87
N GLN A 3378 57.32 27.58 -12.85
CA GLN A 3378 58.24 26.99 -11.87
C GLN A 3378 57.84 27.36 -10.45
N GLN A 3379 57.25 28.55 -10.26
CA GLN A 3379 56.80 28.95 -8.93
C GLN A 3379 55.52 28.23 -8.50
N THR A 3380 54.82 27.60 -9.43
CA THR A 3380 53.62 26.85 -9.07
C THR A 3380 54.00 25.58 -8.31
N PRO A 3381 53.19 25.15 -7.34
CA PRO A 3381 53.45 23.86 -6.69
C PRO A 3381 53.60 22.71 -7.69
N LEU A 3382 52.81 22.71 -8.76
CA LEU A 3382 53.02 21.75 -9.83
C LEU A 3382 54.40 21.92 -10.45
N GLY A 3383 54.82 23.17 -10.66
CA GLY A 3383 56.13 23.40 -11.26
C GLY A 3383 57.25 22.83 -10.42
N ARG A 3384 57.22 23.06 -9.11
CA ARG A 3384 58.27 22.50 -8.25
C ARG A 3384 58.12 21.00 -8.11
N PHE A 3385 56.90 20.46 -8.25
CA PHE A 3385 56.73 19.01 -8.22
C PHE A 3385 57.41 18.35 -9.42
N LEU A 3386 57.21 18.90 -10.61
CA LEU A 3386 57.98 18.42 -11.76
C LEU A 3386 59.47 18.73 -11.65
N ALA A 3387 59.83 19.81 -10.95
CA ALA A 3387 61.24 20.05 -10.68
C ALA A 3387 61.83 18.94 -9.81
N GLN A 3388 61.02 18.37 -8.92
CA GLN A 3388 61.48 17.23 -8.13
C GLN A 3388 61.82 16.04 -9.02
N LEU A 3389 60.99 15.76 -10.01
CA LEU A 3389 61.26 14.66 -10.94
C LEU A 3389 62.41 15.02 -11.86
N HIS A 3390 63.22 14.02 -12.21
CA HIS A 3390 64.41 14.26 -13.02
C HIS A 3390 64.72 13.00 -13.81
N GLY A 3391 65.69 13.14 -14.73
CA GLY A 3391 66.20 12.01 -15.47
C GLY A 3391 65.24 11.46 -16.51
N GLU A 3392 65.38 10.16 -16.78
CA GLU A 3392 64.54 9.50 -17.78
C GLU A 3392 63.05 9.65 -17.52
N PRO A 3393 62.54 9.56 -16.28
CA PRO A 3393 61.10 9.82 -16.08
C PRO A 3393 60.65 11.17 -16.60
N GLN A 3394 61.49 12.19 -16.52
CA GLN A 3394 61.12 13.49 -17.06
C GLN A 3394 60.92 13.42 -18.57
N GLN A 3395 61.83 12.74 -19.28
CA GLN A 3395 61.69 12.60 -20.73
C GLN A 3395 60.45 11.78 -21.09
N GLU A 3396 60.20 10.70 -20.35
CA GLU A 3396 59.03 9.88 -20.61
C GLU A 3396 57.74 10.68 -20.39
N LEU A 3397 57.70 11.47 -19.31
CA LEU A 3397 56.54 12.33 -19.06
C LEU A 3397 56.39 13.37 -20.16
N LEU A 3398 57.51 13.94 -20.64
CA LEU A 3398 57.44 14.92 -21.70
C LEU A 3398 56.85 14.31 -22.97
N GLN A 3399 57.33 13.11 -23.35
CA GLN A 3399 56.81 12.46 -24.54
C GLN A 3399 55.32 12.15 -24.39
N CYS A 3400 54.93 11.64 -23.20
CA CYS A 3400 53.53 11.33 -22.97
C CYS A 3400 52.67 12.59 -23.04
N TYR A 3401 53.15 13.70 -22.45
CA TYR A 3401 52.36 14.92 -22.41
C TYR A 3401 52.24 15.55 -23.79
N LEU A 3402 53.32 15.55 -24.57
CA LEU A 3402 53.23 16.13 -25.91
C LEU A 3402 52.51 15.20 -26.89
N LYS A 3403 52.41 13.92 -26.57
CA LYS A 3403 51.50 13.03 -27.30
C LYS A 3403 50.05 13.29 -26.92
N ASP A 3404 49.82 13.67 -25.67
CA ASP A 3404 48.47 13.95 -25.19
C ASP A 3404 47.96 15.30 -25.71
N PHE A 3405 48.86 16.29 -25.79
CA PHE A 3405 48.44 17.64 -26.17
C PHE A 3405 47.96 17.68 -27.62
N ILE A 3406 48.60 16.90 -28.50
CA ILE A 3406 48.15 16.83 -29.89
C ILE A 3406 46.73 16.28 -29.96
N LEU A 3407 46.45 15.22 -29.21
CA LEU A 3407 45.09 14.68 -29.17
C LEU A 3407 44.11 15.70 -28.60
N LEU A 3408 44.55 16.48 -27.61
CA LEU A 3408 43.68 17.51 -27.03
C LEU A 3408 43.33 18.58 -28.07
N THR A 3409 44.33 19.14 -28.73
CA THR A 3409 44.15 20.32 -29.56
C THR A 3409 44.02 20.03 -31.06
N MET A 3410 44.16 18.77 -31.47
CA MET A 3410 43.96 18.42 -32.87
C MET A 3410 42.90 17.33 -33.00
N ARG A 3411 42.75 16.80 -34.22
CA ARG A 3411 41.95 15.62 -34.47
C ARG A 3411 42.79 14.65 -35.28
N VAL A 3412 43.08 13.48 -34.71
CA VAL A 3412 43.92 12.47 -35.34
C VAL A 3412 43.11 11.19 -35.50
N SER A 3413 43.45 10.43 -36.54
CA SER A 3413 42.75 9.18 -36.85
C SER A 3413 43.63 7.95 -36.72
N THR A 3414 44.86 8.00 -37.22
CA THR A 3414 45.76 6.86 -37.18
C THR A 3414 46.91 7.13 -36.21
N GLU A 3415 47.32 6.08 -35.50
CA GLU A 3415 48.39 6.22 -34.52
C GLU A 3415 49.72 6.58 -35.18
N GLU A 3416 49.93 6.18 -36.43
CA GLU A 3416 51.15 6.56 -37.13
C GLU A 3416 51.19 8.07 -37.37
N GLU A 3417 50.06 8.66 -37.76
CA GLU A 3417 49.97 10.12 -37.85
C GLU A 3417 50.23 10.76 -36.49
N LEU A 3418 49.74 10.12 -35.43
CA LEU A 3418 49.95 10.65 -34.08
C LEU A 3418 51.43 10.68 -33.75
N LYS A 3419 52.15 9.60 -34.10
CA LYS A 3419 53.60 9.57 -33.90
C LYS A 3419 54.30 10.61 -34.76
N PHE A 3420 53.83 10.80 -35.99
CA PHE A 3420 54.40 11.84 -36.85
C PHE A 3420 54.32 13.20 -36.17
N LEU A 3421 53.12 13.57 -35.72
CA LEU A 3421 52.94 14.85 -35.04
C LEU A 3421 53.71 14.90 -33.73
N GLN A 3422 53.82 13.76 -33.04
CA GLN A 3422 54.55 13.70 -31.79
C GLN A 3422 56.01 14.05 -31.99
N MET A 3423 56.68 13.40 -32.94
CA MET A 3423 58.09 13.72 -33.15
C MET A 3423 58.26 15.08 -33.82
N ALA A 3424 57.27 15.54 -34.58
CA ALA A 3424 57.34 16.88 -35.14
C ALA A 3424 57.36 17.92 -34.03
N LEU A 3425 56.42 17.83 -33.09
CA LEU A 3425 56.41 18.77 -31.97
C LEU A 3425 57.61 18.58 -31.05
N TRP A 3426 58.09 17.34 -30.93
CA TRP A 3426 59.30 17.08 -30.15
C TRP A 3426 60.49 17.82 -30.74
N SER A 3427 60.68 17.72 -32.05
CA SER A 3427 61.77 18.45 -32.70
C SER A 3427 61.56 19.95 -32.63
N CYS A 3428 60.30 20.41 -32.74
CA CYS A 3428 60.02 21.83 -32.65
C CYS A 3428 60.41 22.38 -31.29
N THR A 3429 60.02 21.69 -30.22
CA THR A 3429 60.37 22.17 -28.88
C THR A 3429 61.85 22.00 -28.60
N ARG A 3430 62.50 20.99 -29.19
CA ARG A 3430 63.95 20.88 -29.05
C ARG A 3430 64.65 22.05 -29.70
N LYS A 3431 64.19 22.45 -30.89
CA LYS A 3431 64.77 23.60 -31.56
C LYS A 3431 64.54 24.88 -30.77
N LEU A 3432 63.32 25.05 -30.22
CA LEU A 3432 63.02 26.25 -29.44
C LEU A 3432 63.84 26.29 -28.16
N LYS A 3433 64.14 25.12 -27.59
CA LYS A 3433 65.00 25.06 -26.42
C LYS A 3433 66.46 25.30 -26.80
N ALA A 3434 66.85 24.97 -28.02
CA ALA A 3434 68.21 25.25 -28.47
C ALA A 3434 68.50 26.74 -28.47
N ALA A 3435 67.56 27.54 -28.93
CA ALA A 3435 67.69 29.00 -28.91
C ALA A 3435 67.07 29.59 -27.65
N SER A 3436 67.50 29.08 -26.49
CA SER A 3436 66.97 29.53 -25.21
C SER A 3436 68.07 29.66 -24.16
N GLU A 3437 69.32 29.79 -24.60
CA GLU A 3437 70.50 29.94 -23.75
C GLU A 3437 70.57 28.86 -22.66
N ALA A 3438 69.90 27.72 -22.87
CA ALA A 3438 69.86 26.65 -21.90
C ALA A 3438 70.34 25.34 -22.53
N PRO A 3439 71.05 24.51 -21.79
CA PRO A 3439 71.54 23.24 -22.33
C PRO A 3439 70.45 22.19 -22.33
N GLU A 3440 70.83 20.97 -22.71
CA GLU A 3440 69.93 19.83 -22.72
C GLU A 3440 69.73 19.21 -21.33
N GLU A 3441 70.19 19.90 -20.28
CA GLU A 3441 70.07 19.35 -18.93
C GLU A 3441 68.62 19.20 -18.51
N GLU A 3442 67.81 20.23 -18.76
CA GLU A 3442 66.44 20.27 -18.27
C GLU A 3442 65.50 20.66 -19.41
N VAL A 3443 64.25 20.24 -19.28
CA VAL A 3443 63.18 20.65 -20.18
C VAL A 3443 61.87 20.53 -19.42
N SER A 3444 60.93 21.42 -19.73
CA SER A 3444 59.68 21.51 -18.98
C SER A 3444 58.50 21.41 -19.92
N LEU A 3445 57.35 21.03 -19.37
CA LEU A 3445 56.11 21.04 -20.14
C LEU A 3445 55.79 22.38 -20.78
N PRO A 3446 55.97 23.54 -20.09
CA PRO A 3446 55.72 24.85 -20.72
C PRO A 3446 56.15 24.97 -22.17
N TRP A 3447 57.34 24.49 -22.50
CA TRP A 3447 57.88 24.69 -23.85
C TRP A 3447 57.01 24.04 -24.90
N VAL A 3448 56.40 22.89 -24.57
CA VAL A 3448 55.49 22.23 -25.52
C VAL A 3448 54.37 23.16 -25.92
N HIS A 3449 53.91 24.02 -25.01
CA HIS A 3449 52.93 25.03 -25.38
C HIS A 3449 53.56 26.12 -26.24
N LEU A 3450 54.75 26.58 -25.84
CA LEU A 3450 55.37 27.70 -26.54
C LEU A 3450 55.61 27.38 -28.01
N ALA A 3451 56.09 26.17 -28.28
CA ALA A 3451 56.25 25.74 -29.66
C ALA A 3451 54.92 25.79 -30.40
N TYR A 3452 53.84 25.32 -29.77
CA TYR A 3452 52.53 25.42 -30.40
C TYR A 3452 52.09 26.86 -30.58
N GLN A 3453 52.61 27.78 -29.76
CA GLN A 3453 52.29 29.19 -29.97
C GLN A 3453 53.21 29.84 -30.99
N ARG A 3454 54.24 29.12 -31.45
CA ARG A 3454 55.17 29.66 -32.44
C ARG A 3454 54.95 29.05 -33.82
N PHE A 3455 54.97 27.72 -33.92
CA PHE A 3455 54.90 27.02 -35.19
C PHE A 3455 53.52 26.45 -35.47
N ARG A 3456 52.46 27.10 -34.98
CA ARG A 3456 51.11 26.54 -35.09
C ARG A 3456 50.73 26.34 -36.56
N SER A 3457 51.05 27.32 -37.42
CA SER A 3457 50.71 27.20 -38.83
C SER A 3457 51.42 26.01 -39.47
N ARG A 3458 52.65 25.71 -39.02
CA ARG A 3458 53.39 24.60 -39.60
C ARG A 3458 52.69 23.27 -39.35
N LEU A 3459 52.37 22.98 -38.09
CA LEU A 3459 51.63 21.75 -37.82
C LEU A 3459 50.22 21.78 -38.43
N GLN A 3460 49.63 22.97 -38.58
CA GLN A 3460 48.31 23.03 -39.22
C GLN A 3460 48.40 22.61 -40.69
N ASN A 3461 49.36 23.14 -41.44
CA ASN A 3461 49.47 22.75 -42.84
C ASN A 3461 49.95 21.31 -42.96
N PHE A 3462 50.73 20.84 -41.98
CA PHE A 3462 51.11 19.43 -41.94
C PHE A 3462 49.87 18.54 -41.81
N SER A 3463 48.97 18.90 -40.89
CA SER A 3463 47.74 18.15 -40.72
C SER A 3463 46.87 18.21 -41.96
N ARG A 3464 46.79 19.37 -42.61
CA ARG A 3464 45.97 19.48 -43.81
C ARG A 3464 46.57 18.65 -44.95
N ILE A 3465 47.90 18.59 -45.04
CA ILE A 3465 48.56 17.74 -46.02
C ILE A 3465 48.21 16.29 -45.77
N LEU A 3466 48.30 15.85 -44.50
CA LEU A 3466 48.05 14.45 -44.19
C LEU A 3466 46.57 14.09 -44.27
N THR A 3467 45.67 15.07 -44.18
CA THR A 3467 44.24 14.79 -44.34
C THR A 3467 43.76 14.93 -45.77
N ILE A 3468 44.52 15.63 -46.63
CA ILE A 3468 44.14 15.73 -48.04
C ILE A 3468 44.78 14.63 -48.88
N TYR A 3469 45.84 13.99 -48.39
CA TYR A 3469 46.50 12.87 -49.06
C TYR A 3469 46.61 11.78 -48.00
N PRO A 3470 45.62 10.88 -47.93
CA PRO A 3470 45.52 9.97 -46.77
C PRO A 3470 46.53 8.84 -46.76
N GLN A 3471 47.30 8.63 -47.82
CA GLN A 3471 48.20 7.49 -47.93
C GLN A 3471 49.63 7.85 -47.57
N VAL A 3472 49.82 8.72 -46.57
CA VAL A 3472 51.14 9.13 -46.14
C VAL A 3472 51.95 7.96 -45.56
N LEU A 3473 51.32 6.81 -45.35
CA LEU A 3473 51.96 5.72 -44.62
C LEU A 3473 53.27 5.29 -45.29
N HIS A 3474 53.18 4.72 -46.49
CA HIS A 3474 54.35 4.14 -47.13
C HIS A 3474 55.37 5.22 -47.50
N SER A 3475 54.89 6.30 -48.13
CA SER A 3475 55.80 7.35 -48.59
C SER A 3475 56.53 8.01 -47.43
N LEU A 3476 55.80 8.34 -46.37
CA LEU A 3476 56.41 9.00 -45.22
C LEU A 3476 57.31 8.05 -44.45
N MET A 3477 56.92 6.77 -44.35
CA MET A 3477 57.80 5.81 -43.69
C MET A 3477 59.11 5.65 -44.45
N GLU A 3478 59.04 5.58 -45.79
CA GLU A 3478 60.26 5.48 -46.58
C GLU A 3478 61.10 6.75 -46.48
N ALA A 3479 60.45 7.92 -46.45
CA ALA A 3479 61.19 9.17 -46.31
C ALA A 3479 61.88 9.24 -44.96
N ARG A 3480 61.22 8.76 -43.89
CA ARG A 3480 61.81 8.75 -42.57
C ARG A 3480 62.94 7.73 -42.45
N TRP A 3481 62.81 6.58 -43.12
CA TRP A 3481 63.82 5.54 -43.00
C TRP A 3481 65.06 5.87 -43.84
N ASN A 3482 64.86 6.15 -45.13
CA ASN A 3482 65.99 6.48 -45.99
C ASN A 3482 66.66 7.77 -45.57
N HIS A 3483 65.87 8.74 -45.11
CA HIS A 3483 66.37 10.04 -44.68
C HIS A 3483 65.95 10.25 -43.23
N GLU A 3484 66.89 10.10 -42.31
CA GLU A 3484 66.59 10.23 -40.89
C GLU A 3484 66.22 11.66 -40.54
N LEU A 3485 65.44 11.81 -39.47
CA LEU A 3485 64.95 13.11 -39.02
C LEU A 3485 65.88 13.76 -38.01
N ALA A 3486 67.17 13.44 -38.04
CA ALA A 3486 68.12 14.08 -37.14
C ALA A 3486 68.22 15.57 -37.45
N GLY A 3487 68.25 16.38 -36.39
CA GLY A 3487 68.31 17.82 -36.55
C GLY A 3487 67.42 18.56 -35.58
N CYS A 3488 67.89 19.70 -35.08
CA CYS A 3488 67.11 20.46 -34.11
C CYS A 3488 65.82 21.00 -34.74
N GLU A 3489 65.95 21.65 -35.90
CA GLU A 3489 64.76 22.15 -36.60
C GLU A 3489 63.94 20.98 -37.12
N MET A 3490 62.62 21.06 -36.94
CA MET A 3490 61.75 19.97 -37.33
C MET A 3490 61.60 20.02 -38.85
N THR A 3491 62.13 18.99 -39.52
CA THR A 3491 62.15 18.93 -40.98
C THR A 3491 61.14 17.94 -41.53
N LEU A 3492 60.33 17.32 -40.67
CA LEU A 3492 59.42 16.28 -41.13
C LEU A 3492 58.33 16.85 -42.04
N ASP A 3493 57.95 18.11 -41.83
CA ASP A 3493 57.01 18.75 -42.75
C ASP A 3493 57.62 18.91 -44.14
N ALA A 3494 58.86 19.39 -44.21
CA ALA A 3494 59.53 19.53 -45.49
C ALA A 3494 59.74 18.16 -46.14
N PHE A 3495 60.06 17.15 -45.33
CA PHE A 3495 60.28 15.81 -45.86
C PHE A 3495 58.99 15.23 -46.42
N ALA A 3496 57.87 15.46 -45.73
CA ALA A 3496 56.57 15.04 -46.25
C ALA A 3496 56.25 15.77 -47.55
N ALA A 3497 56.62 17.06 -47.64
CA ALA A 3497 56.43 17.79 -48.89
C ALA A 3497 57.26 17.18 -50.02
N MET A 3498 58.51 16.81 -49.72
CA MET A 3498 59.34 16.14 -50.72
C MET A 3498 58.69 14.84 -51.19
N ALA A 3499 58.24 14.01 -50.25
CA ALA A 3499 57.63 12.74 -50.62
C ALA A 3499 56.36 12.95 -51.44
N CYS A 3500 55.54 13.94 -51.04
CA CYS A 3500 54.30 14.23 -51.74
C CYS A 3500 54.58 14.65 -53.18
N THR A 3501 55.48 15.62 -53.36
CA THR A 3501 55.80 16.05 -54.72
C THR A 3501 56.44 14.92 -55.52
N GLU A 3502 57.23 14.06 -54.87
CA GLU A 3502 57.87 12.97 -55.60
C GLU A 3502 56.86 11.97 -56.15
N MET A 3503 55.97 11.45 -55.28
CA MET A 3503 55.10 10.42 -55.84
C MET A 3503 53.89 11.01 -56.54
N LEU A 3504 53.69 12.33 -56.47
CA LEU A 3504 52.69 12.95 -57.35
C LEU A 3504 53.29 13.28 -58.71
N THR A 3505 54.59 13.54 -58.78
CA THR A 3505 55.26 13.62 -60.07
C THR A 3505 55.42 12.25 -60.69
N ARG A 3506 55.45 11.20 -59.87
CA ARG A 3506 55.50 9.84 -60.41
C ARG A 3506 54.24 9.52 -61.20
N ASN A 3507 53.08 9.74 -60.59
CA ASN A 3507 51.80 9.37 -61.21
C ASN A 3507 51.16 10.57 -61.90
N THR A 3508 51.88 11.15 -62.85
CA THR A 3508 51.34 12.22 -63.67
C THR A 3508 50.34 11.63 -64.65
N LEU A 3509 49.05 11.91 -64.45
CA LEU A 3509 47.93 11.50 -65.27
C LEU A 3509 47.61 10.01 -65.16
N LYS A 3510 48.28 9.27 -64.27
CA LYS A 3510 47.94 7.86 -64.09
C LYS A 3510 46.52 7.68 -63.57
N PRO A 3511 46.05 8.39 -62.52
CA PRO A 3511 44.64 8.25 -62.13
C PRO A 3511 43.74 9.04 -63.06
N SER A 3512 42.46 9.14 -62.71
CA SER A 3512 41.50 9.85 -63.55
C SER A 3512 41.98 11.29 -63.78
N PRO A 3513 41.91 11.80 -65.00
CA PRO A 3513 42.48 13.14 -65.26
C PRO A 3513 41.84 14.24 -64.44
N GLN A 3514 40.51 14.32 -64.44
CA GLN A 3514 39.83 15.35 -63.64
C GLN A 3514 40.08 15.12 -62.15
N ALA A 3515 40.09 13.87 -61.70
CA ALA A 3515 40.39 13.58 -60.30
C ALA A 3515 41.82 13.97 -59.96
N TRP A 3516 42.78 13.66 -60.85
CA TRP A 3516 44.17 14.02 -60.60
C TRP A 3516 44.30 15.53 -60.47
N LEU A 3517 43.71 16.28 -61.42
CA LEU A 3517 43.72 17.73 -61.33
C LEU A 3517 43.07 18.21 -60.04
N GLN A 3518 41.97 17.57 -59.63
CA GLN A 3518 41.31 17.94 -58.38
C GLN A 3518 42.27 17.83 -57.21
N LEU A 3519 42.93 16.68 -57.06
CA LEU A 3519 43.91 16.51 -55.98
C LEU A 3519 45.01 17.54 -56.07
N VAL A 3520 45.45 17.89 -57.29
CA VAL A 3520 46.48 18.92 -57.42
C VAL A 3520 45.99 20.25 -56.86
N LYS A 3521 44.75 20.64 -57.17
CA LYS A 3521 44.28 21.92 -56.64
C LYS A 3521 44.02 21.85 -55.13
N ASN A 3522 43.61 20.71 -54.60
CA ASN A 3522 43.48 20.64 -53.14
C ASN A 3522 44.83 20.77 -52.45
N LEU A 3523 45.86 20.10 -52.96
CA LEU A 3523 47.15 20.21 -52.27
C LEU A 3523 47.95 21.44 -52.69
N SER A 3524 47.47 22.20 -53.67
CA SER A 3524 48.21 23.39 -54.11
C SER A 3524 48.47 24.35 -52.95
N MET A 3525 47.44 24.62 -52.15
CA MET A 3525 47.55 25.63 -51.10
C MET A 3525 48.62 25.26 -50.06
N PRO A 3526 48.64 24.04 -49.50
CA PRO A 3526 49.64 23.74 -48.46
C PRO A 3526 51.09 23.80 -48.95
N LEU A 3527 51.42 23.15 -50.07
CA LEU A 3527 52.79 23.28 -50.57
C LEU A 3527 53.07 24.70 -51.03
N GLU A 3528 52.05 25.44 -51.45
CA GLU A 3528 52.26 26.86 -51.72
C GLU A 3528 52.74 27.60 -50.49
N LEU A 3529 52.13 27.35 -49.33
CA LEU A 3529 52.66 27.96 -48.10
C LEU A 3529 54.03 27.42 -47.74
N ILE A 3530 54.25 26.11 -47.89
CA ILE A 3530 55.47 25.50 -47.37
C ILE A 3530 56.68 25.92 -48.20
N CYS A 3531 56.48 26.16 -49.50
CA CYS A 3531 57.57 26.71 -50.31
C CYS A 3531 57.66 28.22 -50.22
N SER A 3532 56.67 28.88 -49.63
CA SER A 3532 56.76 30.31 -49.39
C SER A 3532 57.73 30.61 -48.25
N ASP A 3533 58.41 31.74 -48.35
CA ASP A 3533 59.35 32.14 -47.31
C ASP A 3533 58.63 32.49 -46.01
N GLU A 3534 57.38 32.94 -46.10
CA GLU A 3534 56.64 33.44 -44.95
C GLU A 3534 56.41 32.38 -43.88
N HIS A 3535 56.78 31.13 -44.18
CA HIS A 3535 56.70 30.06 -43.21
C HIS A 3535 58.05 29.48 -42.82
N MET A 3536 59.09 29.71 -43.61
CA MET A 3536 60.41 29.12 -43.42
C MET A 3536 61.38 30.13 -42.82
N GLN A 3537 60.90 30.98 -41.90
CA GLN A 3537 61.76 31.99 -41.30
C GLN A 3537 62.90 31.36 -40.51
N GLY A 3538 62.57 30.41 -39.63
CA GLY A 3538 63.56 29.77 -38.79
C GLY A 3538 64.07 28.42 -39.25
N SER A 3539 63.82 28.05 -40.51
CA SER A 3539 64.25 26.75 -41.01
C SER A 3539 65.77 26.66 -41.08
N GLY A 3540 66.28 25.45 -40.91
CA GLY A 3540 67.70 25.20 -40.97
C GLY A 3540 68.24 25.17 -42.38
N SER A 3541 69.55 24.99 -42.49
CA SER A 3541 70.19 24.97 -43.80
C SER A 3541 69.69 23.81 -44.65
N LEU A 3542 69.54 22.63 -44.05
CA LEU A 3542 69.02 21.49 -44.80
C LEU A 3542 67.57 21.73 -45.23
N ALA A 3543 66.76 22.34 -44.36
CA ALA A 3543 65.38 22.64 -44.72
C ALA A 3543 65.33 23.69 -45.83
N GLN A 3544 66.12 24.75 -45.71
CA GLN A 3544 66.17 25.77 -46.75
C GLN A 3544 66.73 25.23 -48.06
N ALA A 3545 67.51 24.14 -48.01
CA ALA A 3545 67.97 23.51 -49.23
C ALA A 3545 66.87 22.65 -49.86
N VAL A 3546 66.23 21.81 -49.05
CA VAL A 3546 65.22 20.89 -49.60
C VAL A 3546 63.99 21.64 -50.09
N ILE A 3547 63.67 22.79 -49.49
CA ILE A 3547 62.50 23.54 -49.96
C ILE A 3547 62.73 24.08 -51.36
N ARG A 3548 63.99 24.36 -51.72
CA ARG A 3548 64.26 24.82 -53.08
C ARG A 3548 63.89 23.77 -54.11
N GLU A 3549 64.34 22.52 -53.91
CA GLU A 3549 63.99 21.48 -54.86
C GLU A 3549 62.52 21.10 -54.80
N VAL A 3550 61.90 21.14 -53.62
CA VAL A 3550 60.48 20.83 -53.57
C VAL A 3550 59.68 21.91 -54.29
N ARG A 3551 60.15 23.17 -54.24
CA ARG A 3551 59.50 24.23 -54.98
C ARG A 3551 59.71 24.07 -56.48
N ALA A 3552 60.89 23.61 -56.88
CA ALA A 3552 61.14 23.36 -58.30
C ALA A 3552 60.22 22.27 -58.83
N GLN A 3553 60.10 21.16 -58.07
CA GLN A 3553 59.19 20.10 -58.49
C GLN A 3553 57.74 20.55 -58.43
N TRP A 3554 57.39 21.41 -57.47
CA TRP A 3554 56.05 21.96 -57.43
C TRP A 3554 55.76 22.82 -58.65
N SER A 3555 56.73 23.62 -59.08
CA SER A 3555 56.54 24.41 -60.30
C SER A 3555 56.38 23.51 -61.52
N ARG A 3556 57.18 22.46 -61.61
CA ARG A 3556 57.07 21.54 -62.74
C ARG A 3556 55.72 20.83 -62.75
N ILE A 3557 55.23 20.40 -61.59
CA ILE A 3557 53.95 19.69 -61.57
C ILE A 3557 52.80 20.67 -61.72
N PHE A 3558 53.01 21.93 -61.36
CA PHE A 3558 52.00 22.96 -61.63
C PHE A 3558 51.90 23.22 -63.12
N SER A 3559 53.04 23.23 -63.82
CA SER A 3559 53.02 23.36 -65.27
C SER A 3559 52.32 22.16 -65.92
N THR A 3560 52.61 20.96 -65.43
CA THR A 3560 51.90 19.78 -65.96
C THR A 3560 50.42 19.84 -65.63
N ALA A 3561 50.07 20.44 -64.49
CA ALA A 3561 48.67 20.62 -64.13
C ALA A 3561 47.98 21.57 -65.12
N LEU A 3562 48.65 22.66 -65.48
CA LEU A 3562 48.09 23.53 -66.52
C LEU A 3562 47.96 22.80 -67.85
N PHE A 3563 48.94 21.93 -68.15
CA PHE A 3563 48.85 21.16 -69.39
C PHE A 3563 47.64 20.23 -69.40
N VAL A 3564 47.37 19.56 -68.28
CA VAL A 3564 46.23 18.64 -68.21
C VAL A 3564 44.94 19.35 -67.85
N GLU A 3565 44.99 20.66 -67.58
CA GLU A 3565 43.82 21.38 -67.10
C GLU A 3565 42.80 21.61 -68.22
N HIS A 3566 43.27 22.03 -69.40
CA HIS A 3566 42.36 22.36 -70.49
C HIS A 3566 42.70 21.69 -71.80
N VAL A 3567 43.97 21.39 -72.06
CA VAL A 3567 44.39 20.97 -73.39
C VAL A 3567 43.70 19.67 -73.79
N LEU A 3568 43.14 18.95 -72.82
CA LEU A 3568 42.27 17.83 -73.14
C LEU A 3568 40.86 17.99 -72.58
N LEU A 3569 40.72 18.31 -71.29
CA LEU A 3569 39.40 18.29 -70.66
C LEU A 3569 38.43 19.28 -71.29
N GLY A 3570 38.69 20.57 -71.13
CA GLY A 3570 37.62 21.56 -71.24
C GLY A 3570 36.88 21.53 -72.56
N THR A 3571 37.61 21.45 -73.66
CA THR A 3571 36.98 21.36 -74.98
C THR A 3571 37.26 20.06 -75.71
N GLU A 3572 38.31 19.32 -75.34
CA GLU A 3572 38.56 18.04 -75.98
C GLU A 3572 37.77 16.90 -75.33
N SER A 3573 36.88 17.21 -74.38
CA SER A 3573 35.90 16.21 -73.96
C SER A 3573 35.03 15.79 -75.13
N ARG A 3574 34.80 16.70 -76.09
CA ARG A 3574 33.99 16.38 -77.25
C ARG A 3574 34.75 15.50 -78.23
N VAL A 3575 35.90 15.95 -78.70
CA VAL A 3575 36.67 15.28 -79.75
C VAL A 3575 37.87 14.59 -79.12
N PRO A 3576 38.08 13.29 -79.36
CA PRO A 3576 39.21 12.57 -78.78
C PRO A 3576 40.44 12.43 -79.69
N GLU A 3577 40.49 13.15 -80.82
CA GLU A 3577 41.55 12.89 -81.80
C GLU A 3577 42.92 13.31 -81.28
N LEU A 3578 42.98 14.39 -80.51
CA LEU A 3578 44.25 14.94 -80.04
C LEU A 3578 44.68 14.37 -78.68
N GLN A 3579 43.90 13.45 -78.11
CA GLN A 3579 44.21 12.93 -76.78
C GLN A 3579 45.57 12.23 -76.76
N GLY A 3580 45.99 11.64 -77.88
CA GLY A 3580 47.31 11.02 -77.91
C GLY A 3580 48.44 12.02 -77.78
N LEU A 3581 48.34 13.13 -78.53
CA LEU A 3581 49.35 14.18 -78.42
C LEU A 3581 49.36 14.79 -77.03
N VAL A 3582 48.18 15.01 -76.44
CA VAL A 3582 48.11 15.55 -75.09
C VAL A 3582 48.74 14.58 -74.09
N THR A 3583 48.44 13.28 -74.24
CA THR A 3583 48.97 12.27 -73.34
C THR A 3583 50.49 12.20 -73.42
N GLU A 3584 51.05 12.24 -74.63
CA GLU A 3584 52.50 12.14 -74.80
C GLU A 3584 53.24 13.46 -74.53
N HIS A 3585 52.55 14.61 -74.63
CA HIS A 3585 53.26 15.88 -74.52
C HIS A 3585 53.63 16.19 -73.08
N VAL A 3586 52.86 15.72 -72.10
CA VAL A 3586 53.27 15.89 -70.72
C VAL A 3586 54.58 15.16 -70.46
N PHE A 3587 54.73 13.96 -71.03
CA PHE A 3587 56.01 13.26 -70.91
C PHE A 3587 57.12 13.97 -71.68
N LEU A 3588 56.81 14.60 -72.81
CA LEU A 3588 57.86 15.36 -73.49
C LEU A 3588 58.30 16.58 -72.69
N LEU A 3589 57.36 17.28 -72.03
CA LEU A 3589 57.76 18.35 -71.12
C LEU A 3589 58.57 17.81 -69.95
N ASP A 3590 58.22 16.62 -69.47
CA ASP A 3590 59.04 15.95 -68.47
C ASP A 3590 60.46 15.75 -68.98
N LYS A 3591 60.60 15.23 -70.20
CA LYS A 3591 61.90 14.94 -70.77
C LYS A 3591 62.66 16.21 -71.15
N CYS A 3592 61.97 17.34 -71.26
CA CYS A 3592 62.63 18.62 -71.49
C CYS A 3592 63.03 19.32 -70.21
N LEU A 3593 62.32 19.08 -69.10
CA LEU A 3593 62.56 19.79 -67.85
C LEU A 3593 62.76 18.84 -66.68
N ARG A 3594 63.46 17.72 -66.89
CA ARG A 3594 63.89 16.86 -65.78
C ARG A 3594 64.40 17.66 -64.58
N GLU A 3595 65.48 18.42 -64.78
CA GLU A 3595 66.21 19.05 -63.69
C GLU A 3595 65.91 20.53 -63.57
N ASN A 3596 66.10 21.28 -64.65
CA ASN A 3596 65.82 22.72 -64.63
C ASN A 3596 64.47 22.98 -65.28
N SER A 3597 63.46 23.23 -64.44
CA SER A 3597 62.15 23.63 -64.94
C SER A 3597 61.79 25.05 -64.54
N ASP A 3598 62.72 25.83 -64.02
CA ASP A 3598 62.45 27.19 -63.56
C ASP A 3598 62.17 28.08 -64.76
N VAL A 3599 60.90 28.46 -64.94
CA VAL A 3599 60.51 29.32 -66.04
C VAL A 3599 61.05 30.73 -65.92
N LYS A 3600 61.69 31.06 -64.79
CA LYS A 3600 62.28 32.37 -64.60
C LYS A 3600 63.57 32.56 -65.40
N THR A 3601 64.10 31.51 -65.99
CA THR A 3601 65.34 31.56 -66.76
C THR A 3601 65.03 31.50 -68.25
N HIS A 3602 65.77 32.28 -69.03
CA HIS A 3602 65.48 32.43 -70.46
C HIS A 3602 65.57 31.09 -71.18
N GLY A 3603 66.51 30.23 -70.79
CA GLY A 3603 66.70 28.95 -71.43
C GLY A 3603 65.46 28.08 -71.38
N PRO A 3604 65.07 27.65 -70.18
CA PRO A 3604 63.82 26.88 -70.05
C PRO A 3604 62.59 27.65 -70.50
N PHE A 3605 62.61 28.98 -70.41
CA PHE A 3605 61.53 29.79 -70.99
C PHE A 3605 61.34 29.43 -72.46
N GLU A 3606 62.39 29.66 -73.25
CA GLU A 3606 62.31 29.41 -74.68
C GLU A 3606 62.08 27.93 -74.96
N ALA A 3607 62.59 27.05 -74.10
CA ALA A 3607 62.34 25.63 -74.26
C ALA A 3607 60.85 25.31 -74.14
N VAL A 3608 60.20 25.86 -73.12
CA VAL A 3608 58.77 25.60 -72.90
C VAL A 3608 57.96 26.18 -74.04
N MET A 3609 58.26 27.41 -74.46
CA MET A 3609 57.50 28.00 -75.56
C MET A 3609 57.73 27.26 -76.88
N ARG A 3610 58.97 26.80 -77.14
CA ARG A 3610 59.22 26.01 -78.34
C ARG A 3610 58.46 24.68 -78.30
N THR A 3611 58.42 24.04 -77.13
CA THR A 3611 57.68 22.78 -77.00
C THR A 3611 56.19 23.01 -77.24
N LEU A 3612 55.64 24.06 -76.65
CA LEU A 3612 54.22 24.36 -76.86
C LEU A 3612 53.95 24.73 -78.31
N CYS A 3613 54.91 25.39 -78.96
CA CYS A 3613 54.75 25.78 -80.36
C CYS A 3613 54.73 24.56 -81.27
N GLU A 3614 55.71 23.66 -81.10
CA GLU A 3614 55.72 22.45 -81.92
C GLU A 3614 54.54 21.55 -81.60
N CYS A 3615 53.99 21.62 -80.37
CA CYS A 3615 52.74 20.94 -80.08
C CYS A 3615 51.65 21.36 -81.06
N LYS A 3616 51.47 22.67 -81.23
CA LYS A 3616 50.49 23.19 -82.16
C LYS A 3616 50.85 22.90 -83.61
N GLU A 3617 52.12 22.98 -83.96
CA GLU A 3617 52.53 22.70 -85.35
C GLU A 3617 52.30 21.24 -85.72
N THR A 3618 52.35 20.33 -84.76
CA THR A 3618 52.10 18.92 -85.03
C THR A 3618 50.67 18.49 -84.74
N ALA A 3619 49.88 19.33 -84.06
CA ALA A 3619 48.49 18.97 -83.80
C ALA A 3619 47.66 18.97 -85.07
N SER A 3620 48.06 19.77 -86.06
CA SER A 3620 47.28 19.89 -87.29
C SER A 3620 47.52 18.73 -88.24
N LYS A 3621 47.29 17.51 -87.75
CA LYS A 3621 47.42 16.30 -88.57
C LYS A 3621 46.12 15.51 -88.64
N THR A 3622 45.47 15.27 -87.49
CA THR A 3622 44.22 14.54 -87.49
C THR A 3622 43.03 15.45 -87.76
N LEU A 3623 43.12 16.73 -87.38
CA LEU A 3623 42.01 17.64 -87.58
C LEU A 3623 41.89 18.08 -89.04
N SER A 3624 42.92 17.86 -89.85
CA SER A 3624 42.89 18.22 -91.26
C SER A 3624 43.74 17.23 -92.04
N ARG A 3625 43.19 16.72 -93.14
CA ARG A 3625 43.90 15.72 -93.94
C ARG A 3625 45.21 16.27 -94.49
N PHE A 3626 45.17 17.50 -95.04
CA PHE A 3626 46.37 18.09 -95.61
C PHE A 3626 47.04 19.06 -94.65
N GLY A 3627 46.39 19.36 -93.53
CA GLY A 3627 46.90 20.36 -92.60
C GLY A 3627 46.31 21.72 -92.90
N ILE A 3628 45.86 22.44 -91.87
CA ILE A 3628 45.21 23.73 -92.02
C ILE A 3628 46.28 24.78 -92.25
N GLN A 3629 46.18 25.49 -93.35
CA GLN A 3629 47.07 26.58 -93.71
C GLN A 3629 46.25 27.80 -94.10
N PRO A 3630 46.78 29.00 -93.92
CA PRO A 3630 46.05 30.21 -94.30
C PRO A 3630 45.95 30.35 -95.81
N CYS A 3631 45.07 31.27 -96.22
CA CYS A 3631 44.83 31.56 -97.63
C CYS A 3631 45.42 32.91 -97.99
N SER A 3632 45.21 33.32 -99.24
CA SER A 3632 45.71 34.59 -99.73
C SER A 3632 44.60 35.63 -99.96
N ILE A 3633 43.38 35.18 -100.27
CA ILE A 3633 42.28 36.11 -100.47
C ILE A 3633 41.95 36.83 -99.16
N CYS A 3634 41.92 36.10 -98.05
CA CYS A 3634 41.66 36.68 -96.73
C CYS A 3634 42.92 36.89 -95.91
N LEU A 3635 44.05 36.34 -96.35
CA LEU A 3635 45.31 36.44 -95.61
C LEU A 3635 45.17 35.89 -94.19
N GLY A 3636 44.44 34.79 -94.06
CA GLY A 3636 44.21 34.17 -92.77
C GLY A 3636 43.29 32.97 -92.84
N ASP A 3637 42.39 32.85 -91.87
CA ASP A 3637 41.46 31.73 -91.84
C ASP A 3637 40.37 31.91 -92.89
N ALA A 3638 39.42 30.99 -92.91
CA ALA A 3638 38.39 30.96 -93.95
C ALA A 3638 37.01 30.77 -93.33
N LYS A 3639 36.01 31.36 -93.98
CA LYS A 3639 34.61 31.18 -93.63
C LYS A 3639 33.90 30.64 -94.87
N ASP A 3640 33.00 29.67 -94.66
CA ASP A 3640 32.45 28.87 -95.75
C ASP A 3640 33.60 28.31 -96.59
N PRO A 3641 34.51 27.55 -95.98
CA PRO A 3641 35.76 27.22 -96.66
C PRO A 3641 35.58 26.12 -97.70
N VAL A 3642 36.06 26.41 -98.91
CA VAL A 3642 36.07 25.46 -100.00
C VAL A 3642 37.51 25.01 -100.24
N CYS A 3643 37.70 23.71 -100.41
CA CYS A 3643 39.01 23.14 -100.72
C CYS A 3643 39.10 22.97 -102.24
N LEU A 3644 39.91 23.81 -102.88
CA LEU A 3644 40.06 23.76 -104.32
C LEU A 3644 40.79 22.49 -104.74
N PRO A 3645 40.66 22.10 -106.01
CA PRO A 3645 41.43 20.94 -106.49
C PRO A 3645 42.93 21.05 -106.26
N CYS A 3646 43.44 22.28 -106.14
CA CYS A 3646 44.84 22.52 -105.80
C CYS A 3646 45.10 22.42 -104.30
N ASP A 3647 44.10 21.99 -103.52
CA ASP A 3647 44.22 21.79 -102.08
C ASP A 3647 44.60 23.10 -101.38
N HIS A 3648 43.71 24.07 -101.48
CA HIS A 3648 43.89 25.36 -100.81
C HIS A 3648 42.56 25.77 -100.21
N VAL A 3649 42.53 25.95 -98.88
CA VAL A 3649 41.30 26.33 -98.20
C VAL A 3649 41.02 27.80 -98.44
N HIS A 3650 39.92 28.11 -99.11
CA HIS A 3650 39.58 29.48 -99.45
C HIS A 3650 38.21 29.84 -98.89
N CYS A 3651 38.12 31.06 -98.37
CA CYS A 3651 36.89 31.57 -97.78
C CYS A 3651 35.94 32.04 -98.88
N LEU A 3652 34.77 31.42 -98.98
CA LEU A 3652 33.80 31.80 -99.99
C LEU A 3652 33.34 33.23 -99.82
N ARG A 3653 33.11 33.64 -98.56
CA ARG A 3653 32.72 35.02 -98.30
C ARG A 3653 33.79 35.99 -98.76
N CYS A 3654 35.06 35.67 -98.50
CA CYS A 3654 36.15 36.48 -99.04
C CYS A 3654 36.47 36.13 -100.49
N LEU A 3655 36.01 34.97 -100.97
CA LEU A 3655 36.15 34.66 -102.40
C LEU A 3655 35.32 35.61 -103.24
N ARG A 3656 34.11 35.94 -102.77
CA ARG A 3656 33.22 36.80 -103.54
C ARG A 3656 33.82 38.19 -103.75
N ALA A 3657 34.47 38.73 -102.71
CA ALA A 3657 35.02 40.08 -102.80
C ALA A 3657 36.04 40.21 -103.92
N TRP A 3658 36.78 39.15 -104.21
CA TRP A 3658 37.77 39.19 -105.28
C TRP A 3658 37.25 38.62 -106.60
N PHE A 3659 36.22 37.77 -106.55
CA PHE A 3659 35.66 37.19 -107.75
C PHE A 3659 34.54 38.02 -108.36
N ALA A 3660 34.12 39.09 -107.68
CA ALA A 3660 33.17 40.02 -108.30
C ALA A 3660 33.79 40.77 -109.47
N SER A 3661 35.10 40.72 -109.62
CA SER A 3661 35.81 41.35 -110.73
C SER A 3661 35.87 40.48 -111.97
N GLU A 3662 35.29 39.28 -111.91
CA GLU A 3662 35.19 38.37 -113.08
C GLU A 3662 36.56 38.02 -113.64
N GLN A 3663 37.54 37.84 -112.75
CA GLN A 3663 38.87 37.35 -113.10
C GLN A 3663 39.25 36.30 -112.06
N MET A 3664 38.92 35.04 -112.35
CA MET A 3664 39.13 33.95 -111.41
C MET A 3664 40.61 33.59 -111.39
N ILE A 3665 41.36 34.23 -110.50
CA ILE A 3665 42.78 33.97 -110.32
C ILE A 3665 43.05 33.71 -108.85
N CYS A 3666 43.74 32.60 -108.56
CA CYS A 3666 44.15 32.28 -107.21
C CYS A 3666 45.59 32.74 -107.02
N PRO A 3667 45.84 33.85 -106.32
CA PRO A 3667 47.20 34.39 -106.27
C PRO A 3667 48.17 33.60 -105.40
N TYR A 3668 47.69 32.66 -104.60
CA TYR A 3668 48.59 31.89 -103.75
C TYR A 3668 49.40 30.90 -104.56
N CYS A 3669 48.73 29.98 -105.26
CA CYS A 3669 49.40 28.99 -106.09
C CYS A 3669 49.50 29.41 -107.55
N LEU A 3670 48.94 30.57 -107.92
CA LEU A 3670 48.96 31.08 -109.28
C LEU A 3670 48.39 30.06 -110.27
N THR A 3671 47.18 29.59 -109.95
CA THR A 3671 46.48 28.59 -110.75
C THR A 3671 45.35 29.27 -111.50
N ALA A 3672 45.40 29.22 -112.83
CA ALA A 3672 44.33 29.76 -113.68
C ALA A 3672 43.25 28.69 -113.78
N LEU A 3673 42.39 28.63 -112.76
CA LEU A 3673 41.35 27.62 -112.72
C LEU A 3673 40.35 27.83 -113.85
N PRO A 3674 39.90 26.75 -114.49
CA PRO A 3674 38.87 26.89 -115.53
C PRO A 3674 37.58 27.44 -114.95
N ASP A 3675 36.87 28.21 -115.79
CA ASP A 3675 35.62 28.84 -115.36
C ASP A 3675 34.51 27.83 -115.08
N GLU A 3676 34.65 26.58 -115.54
CA GLU A 3676 33.62 25.58 -115.27
C GLU A 3676 33.53 25.24 -113.78
N PHE A 3677 34.66 25.18 -113.10
CA PHE A 3677 34.64 24.87 -111.67
C PHE A 3677 34.04 26.02 -110.88
N SER A 3678 33.17 25.68 -109.93
CA SER A 3678 32.49 26.67 -109.09
C SER A 3678 32.72 26.35 -107.62
N PRO A 3679 33.56 27.11 -106.92
CA PRO A 3679 33.68 26.91 -105.47
C PRO A 3679 32.35 27.17 -104.78
N ALA A 3680 32.05 26.36 -103.77
CA ALA A 3680 30.74 26.41 -103.12
C ALA A 3680 30.93 26.15 -101.62
N VAL A 3681 29.82 25.91 -100.95
CA VAL A 3681 29.80 25.72 -99.50
C VAL A 3681 30.05 24.26 -99.18
N SER A 3682 30.87 24.02 -98.16
CA SER A 3682 31.18 22.67 -97.67
C SER A 3682 30.88 22.62 -96.19
N GLN A 3683 30.13 21.60 -95.76
CA GLN A 3683 29.70 21.52 -94.36
C GLN A 3683 30.77 20.86 -93.51
N ALA A 3684 31.21 19.66 -93.90
CA ALA A 3684 32.23 18.96 -93.13
C ALA A 3684 33.54 19.74 -93.08
N HIS A 3685 33.92 20.34 -94.21
CA HIS A 3685 35.12 21.19 -94.22
C HIS A 3685 34.94 22.40 -93.30
N ARG A 3686 33.75 23.02 -93.30
CA ARG A 3686 33.52 24.18 -92.45
C ARG A 3686 33.64 23.81 -90.98
N GLU A 3687 33.02 22.70 -90.57
CA GLU A 3687 33.12 22.32 -89.17
C GLU A 3687 34.54 21.91 -88.80
N ALA A 3688 35.26 21.24 -89.71
CA ALA A 3688 36.65 20.89 -89.43
C ALA A 3688 37.51 22.14 -89.25
N ILE A 3689 37.26 23.18 -90.05
CA ILE A 3689 38.01 24.42 -89.89
C ILE A 3689 37.66 25.10 -88.58
N GLU A 3690 36.36 25.21 -88.27
CA GLU A 3690 35.95 25.98 -87.09
C GLU A 3690 36.34 25.29 -85.79
N LYS A 3691 36.38 23.95 -85.77
CA LYS A 3691 36.85 23.24 -84.59
C LYS A 3691 38.26 23.70 -84.21
N HIS A 3692 39.18 23.71 -85.16
CA HIS A 3692 40.54 24.14 -84.89
C HIS A 3692 40.61 25.66 -84.66
N ALA A 3693 39.73 26.40 -85.33
CA ALA A 3693 39.72 27.86 -85.19
C ALA A 3693 39.28 28.28 -83.80
N ARG A 3694 38.59 27.39 -83.06
CA ARG A 3694 38.38 27.65 -81.64
C ARG A 3694 39.44 26.94 -80.79
N PHE A 3695 39.87 25.76 -81.23
CA PHE A 3695 40.93 24.99 -80.57
C PHE A 3695 42.13 25.86 -80.23
N ARG A 3696 42.82 26.34 -81.27
CA ARG A 3696 44.15 26.88 -81.04
C ARG A 3696 44.07 28.22 -80.33
N GLN A 3697 43.03 29.02 -80.64
CA GLN A 3697 42.85 30.27 -79.91
C GLN A 3697 42.68 30.02 -78.41
N MET A 3698 41.74 29.14 -78.03
CA MET A 3698 41.53 28.94 -76.60
C MET A 3698 42.77 28.35 -75.94
N CYS A 3699 43.43 27.39 -76.61
CA CYS A 3699 44.59 26.74 -76.02
C CYS A 3699 45.71 27.74 -75.77
N ASN A 3700 46.10 28.48 -76.81
CA ASN A 3700 47.23 29.40 -76.66
C ASN A 3700 46.90 30.49 -75.65
N SER A 3701 45.69 31.06 -75.73
CA SER A 3701 45.34 32.16 -74.83
C SER A 3701 45.37 31.70 -73.38
N PHE A 3702 44.72 30.58 -73.08
CA PHE A 3702 44.58 30.18 -71.69
C PHE A 3702 45.93 29.72 -71.14
N PHE A 3703 46.71 29.01 -71.97
CA PHE A 3703 48.07 28.67 -71.55
C PHE A 3703 48.91 29.91 -71.27
N VAL A 3704 48.88 30.92 -72.15
CA VAL A 3704 49.79 32.04 -71.96
C VAL A 3704 49.39 32.83 -70.72
N ASP A 3705 48.09 33.02 -70.49
CA ASP A 3705 47.72 33.75 -69.28
C ASP A 3705 48.08 32.97 -68.03
N LEU A 3706 47.81 31.66 -68.00
CA LEU A 3706 48.07 30.92 -66.77
C LEU A 3706 49.57 30.70 -66.55
N VAL A 3707 50.37 30.69 -67.61
CA VAL A 3707 51.81 30.63 -67.39
C VAL A 3707 52.34 31.98 -66.97
N SER A 3708 51.72 33.08 -67.42
CA SER A 3708 52.04 34.38 -66.86
C SER A 3708 51.71 34.44 -65.38
N THR A 3709 50.69 33.70 -64.94
CA THR A 3709 50.43 33.62 -63.50
C THR A 3709 51.59 32.96 -62.76
N ILE A 3710 52.18 31.91 -63.34
CA ILE A 3710 53.25 31.20 -62.63
C ILE A 3710 54.64 31.75 -62.98
N CYS A 3711 54.79 32.39 -64.14
CA CYS A 3711 56.09 32.96 -64.49
C CYS A 3711 56.42 34.21 -63.68
N PHE A 3712 55.41 34.89 -63.15
CA PHE A 3712 55.58 36.18 -62.47
C PHE A 3712 54.80 36.22 -61.16
N LYS A 3713 54.96 35.19 -60.33
CA LYS A 3713 54.22 35.12 -59.08
C LYS A 3713 54.79 36.08 -58.05
N ASP A 3714 56.06 35.87 -57.66
CA ASP A 3714 56.63 36.60 -56.54
C ASP A 3714 57.04 38.00 -56.95
N ASN A 3715 57.50 38.77 -55.96
CA ASN A 3715 57.92 40.15 -56.16
C ASN A 3715 59.20 40.27 -56.99
N ALA A 3716 60.02 39.21 -57.02
CA ALA A 3716 61.28 39.26 -57.74
C ALA A 3716 61.03 39.09 -59.23
N PRO A 3717 61.44 40.03 -60.08
CA PRO A 3717 61.33 39.82 -61.52
C PRO A 3717 62.15 38.62 -61.95
N PRO A 3718 61.66 37.83 -62.90
CA PRO A 3718 62.38 36.62 -63.30
C PRO A 3718 63.79 36.91 -63.83
N GLU A 3719 63.87 37.76 -64.84
CA GLU A 3719 65.12 38.06 -65.54
C GLU A 3719 64.88 39.21 -66.48
N LYS A 3720 65.98 39.78 -67.00
CA LYS A 3720 65.88 40.73 -68.10
C LYS A 3720 65.45 40.02 -69.38
N GLU A 3721 66.09 38.88 -69.66
CA GLU A 3721 65.89 38.19 -70.93
C GLU A 3721 64.47 37.67 -71.07
N VAL A 3722 63.86 37.18 -69.99
CA VAL A 3722 62.53 36.59 -70.10
C VAL A 3722 61.53 37.64 -70.57
N ILE A 3723 61.52 38.80 -69.91
CA ILE A 3723 60.59 39.84 -70.28
C ILE A 3723 60.93 40.45 -71.64
N GLU A 3724 62.22 40.60 -71.96
CA GLU A 3724 62.56 41.11 -73.30
C GLU A 3724 62.09 40.15 -74.38
N SER A 3725 62.24 38.84 -74.16
CA SER A 3725 61.78 37.85 -75.12
C SER A 3725 60.26 37.85 -75.22
N LEU A 3726 59.56 38.03 -74.09
CA LEU A 3726 58.11 38.13 -74.16
C LEU A 3726 57.67 39.37 -74.93
N LEU A 3727 58.41 40.47 -74.78
CA LEU A 3727 58.03 41.70 -75.49
C LEU A 3727 58.34 41.61 -76.98
N SER A 3728 59.38 40.86 -77.34
CA SER A 3728 59.65 40.62 -78.76
C SER A 3728 58.67 39.61 -79.34
N LEU A 3729 58.19 38.69 -78.50
CA LEU A 3729 57.14 37.76 -78.88
C LEU A 3729 55.80 38.46 -78.97
N LEU A 3730 55.68 39.60 -78.28
CA LEU A 3730 54.47 40.41 -78.30
C LEU A 3730 54.12 40.88 -79.71
N PHE A 3731 55.12 41.14 -80.54
CA PHE A 3731 54.93 41.28 -81.98
C PHE A 3731 55.06 39.92 -82.65
N VAL A 3732 54.40 39.74 -83.79
CA VAL A 3732 54.50 38.53 -84.58
C VAL A 3732 55.81 38.55 -85.35
N GLN A 3733 56.56 37.46 -85.29
CA GLN A 3733 57.86 37.39 -85.93
C GLN A 3733 58.00 36.14 -86.80
N CYS A 3745 52.31 46.53 -88.49
CA CYS A 3745 52.30 45.17 -89.00
C CYS A 3745 53.05 44.23 -88.05
N GLU A 3746 53.57 44.79 -86.94
CA GLU A 3746 54.30 43.98 -85.99
C GLU A 3746 53.36 43.34 -84.97
N HIS A 3747 52.47 44.12 -84.38
CA HIS A 3747 51.42 43.60 -83.50
C HIS A 3747 50.18 43.32 -84.35
N THR A 3748 49.91 42.05 -84.55
CA THR A 3748 48.65 41.63 -85.16
C THR A 3748 48.02 40.46 -84.41
N LYS A 3749 48.81 39.66 -83.71
CA LYS A 3749 48.27 38.49 -83.02
C LYS A 3749 47.97 38.83 -81.56
N SER A 3750 47.36 37.86 -80.87
CA SER A 3750 46.92 38.04 -79.49
C SER A 3750 47.97 37.55 -78.49
N LEU A 3751 49.19 38.05 -78.66
CA LEU A 3751 50.28 37.84 -77.71
C LEU A 3751 50.55 36.35 -77.48
N SER A 3752 50.99 35.69 -78.54
CA SER A 3752 51.24 34.26 -78.55
C SER A 3752 52.65 33.98 -79.07
N PRO A 3753 53.19 32.79 -78.82
CA PRO A 3753 54.46 32.40 -79.44
C PRO A 3753 54.33 31.85 -80.85
N PHE A 3754 53.12 31.75 -81.40
CA PHE A 3754 52.91 31.20 -82.72
C PHE A 3754 52.76 32.33 -83.75
N ASN A 3755 52.35 31.94 -84.96
CA ASN A 3755 52.15 32.84 -86.09
C ASN A 3755 50.68 33.13 -86.34
N ASP A 3756 49.92 33.36 -85.26
CA ASP A 3756 48.47 33.50 -85.36
C ASP A 3756 48.07 34.59 -86.34
N VAL A 3757 46.79 34.55 -86.73
CA VAL A 3757 46.28 35.34 -87.85
C VAL A 3757 46.25 36.84 -87.52
N VAL A 3758 45.99 37.65 -88.55
CA VAL A 3758 45.93 39.10 -88.43
C VAL A 3758 44.60 39.48 -87.80
N ASP A 3759 44.66 40.21 -86.69
CA ASP A 3759 43.47 40.72 -86.02
C ASP A 3759 43.14 42.13 -86.52
N LYS A 3760 42.25 42.81 -85.80
CA LYS A 3760 41.90 44.20 -86.08
C LYS A 3760 43.15 45.09 -86.04
N THR A 3761 43.00 46.35 -86.49
CA THR A 3761 44.07 47.35 -86.44
C THR A 3761 44.79 47.27 -85.09
N PRO A 3762 46.12 47.34 -85.08
CA PRO A 3762 46.88 46.95 -83.89
C PRO A 3762 46.41 47.64 -82.62
N VAL A 3763 45.89 46.85 -81.69
CA VAL A 3763 45.43 47.32 -80.39
C VAL A 3763 46.55 47.14 -79.39
N ILE A 3764 46.80 48.19 -78.59
CA ILE A 3764 47.82 48.13 -77.56
C ILE A 3764 47.26 47.41 -76.34
N ARG A 3765 47.45 46.10 -76.29
CA ARG A 3765 46.95 45.31 -75.17
C ARG A 3765 47.78 45.56 -73.92
N SER A 3766 47.11 45.82 -72.80
CA SER A 3766 47.75 45.95 -71.51
C SER A 3766 47.47 44.74 -70.61
N VAL A 3767 47.09 43.62 -71.20
CA VAL A 3767 46.78 42.43 -70.41
C VAL A 3767 48.02 41.95 -69.65
N ILE A 3768 49.18 42.03 -70.30
CA ILE A 3768 50.41 41.63 -69.63
C ILE A 3768 51.14 42.80 -68.97
N LEU A 3769 50.81 44.03 -69.33
CA LEU A 3769 51.50 45.18 -68.75
C LEU A 3769 51.23 45.29 -67.25
N LYS A 3770 50.00 45.03 -66.83
CA LYS A 3770 49.67 45.12 -65.41
C LYS A 3770 50.46 44.11 -64.58
N LEU A 3771 50.56 42.87 -65.07
CA LEU A 3771 51.38 41.87 -64.39
C LEU A 3771 52.86 42.11 -64.60
N LEU A 3772 53.25 42.97 -65.53
CA LEU A 3772 54.63 43.43 -65.59
C LEU A 3772 54.86 44.70 -64.79
N LEU A 3773 53.85 45.16 -64.04
CA LEU A 3773 53.96 46.38 -63.26
C LEU A 3773 53.75 46.16 -61.76
N LYS A 3774 53.38 44.96 -61.33
CA LYS A 3774 53.16 44.73 -59.90
C LYS A 3774 54.44 44.80 -59.09
N TYR A 3775 55.60 44.74 -59.76
CA TYR A 3775 56.87 44.87 -59.06
C TYR A 3775 57.09 46.32 -58.64
N SER A 3776 58.23 46.58 -57.99
CA SER A 3776 58.57 47.94 -57.61
C SER A 3776 58.82 48.79 -58.86
N PHE A 3777 58.28 50.01 -58.84
CA PHE A 3777 58.32 50.86 -60.03
C PHE A 3777 59.75 51.23 -60.41
N HIS A 3778 60.60 51.52 -59.43
CA HIS A 3778 61.97 51.91 -59.73
C HIS A 3778 62.75 50.79 -60.42
N ASP A 3779 62.57 49.55 -59.98
CA ASP A 3779 63.29 48.43 -60.59
C ASP A 3779 62.80 48.16 -62.00
N VAL A 3780 61.53 48.46 -62.30
CA VAL A 3780 60.97 48.19 -63.62
C VAL A 3780 60.87 49.44 -64.48
N LYS A 3781 61.51 50.54 -64.06
CA LYS A 3781 61.52 51.74 -64.88
C LYS A 3781 62.17 51.48 -66.24
N ASP A 3782 63.28 50.73 -66.23
CA ASP A 3782 63.91 50.35 -67.49
C ASP A 3782 62.96 49.51 -68.33
N TYR A 3783 62.21 48.60 -67.69
CA TYR A 3783 61.26 47.78 -68.41
C TYR A 3783 60.17 48.62 -69.06
N ILE A 3784 59.64 49.60 -68.33
CA ILE A 3784 58.59 50.46 -68.87
C ILE A 3784 59.13 51.31 -70.01
N GLN A 3785 60.35 51.83 -69.86
CA GLN A 3785 60.95 52.62 -70.93
C GLN A 3785 61.15 51.78 -72.19
N GLU A 3786 61.65 50.56 -72.03
CA GLU A 3786 61.83 49.68 -73.18
C GLU A 3786 60.48 49.34 -73.82
N TYR A 3787 59.47 49.10 -73.00
CA TYR A 3787 58.13 48.79 -73.52
C TYR A 3787 57.58 49.95 -74.33
N LEU A 3788 57.70 51.17 -73.81
CA LEU A 3788 57.19 52.33 -74.55
C LEU A 3788 57.99 52.55 -75.84
N THR A 3789 59.30 52.34 -75.79
CA THR A 3789 60.11 52.51 -77.00
C THR A 3789 59.72 51.51 -78.07
N LEU A 3790 59.48 50.25 -77.68
CA LEU A 3790 59.08 49.26 -78.68
C LEU A 3790 57.65 49.50 -79.15
N LEU A 3791 56.80 50.10 -78.32
CA LEU A 3791 55.47 50.48 -78.79
C LEU A 3791 55.52 51.62 -79.80
N LYS A 3792 56.41 52.59 -79.57
CA LYS A 3792 56.50 53.71 -80.49
C LYS A 3792 57.14 53.31 -81.82
N LYS A 3793 57.86 52.19 -81.83
CA LYS A 3793 58.41 51.63 -83.06
C LYS A 3793 57.49 50.57 -83.66
N LYS A 3794 56.20 50.61 -83.34
CA LYS A 3794 55.28 49.56 -83.77
C LYS A 3794 54.95 49.68 -85.25
N ALA A 3795 54.31 50.77 -85.65
CA ALA A 3795 53.80 50.93 -87.01
C ALA A 3795 53.61 52.42 -87.28
N PHE A 3796 52.84 52.72 -88.31
CA PHE A 3796 52.53 54.08 -88.77
C PHE A 3796 51.49 54.78 -87.89
N ILE A 3797 51.21 54.25 -86.70
CA ILE A 3797 50.21 54.85 -85.82
C ILE A 3797 50.63 56.27 -85.46
N THR A 3798 49.64 57.13 -85.28
CA THR A 3798 49.89 58.52 -84.93
C THR A 3798 50.62 58.61 -83.59
N GLU A 3799 51.51 59.59 -83.48
CA GLU A 3799 52.35 59.78 -82.30
C GLU A 3799 51.67 60.63 -81.25
N ASP A 3800 50.34 60.65 -81.24
CA ASP A 3800 49.59 61.36 -80.20
C ASP A 3800 49.67 60.55 -78.92
N LYS A 3801 50.72 60.79 -78.13
CA LYS A 3801 50.98 59.99 -76.94
C LYS A 3801 50.00 60.26 -75.81
N THR A 3802 48.97 61.08 -76.03
CA THR A 3802 47.99 61.34 -74.98
C THR A 3802 47.21 60.08 -74.63
N GLU A 3803 46.66 59.41 -75.64
CA GLU A 3803 45.73 58.30 -75.42
C GLU A 3803 46.41 57.08 -74.82
N LEU A 3804 47.73 56.95 -74.99
CA LEU A 3804 48.48 55.86 -74.35
C LEU A 3804 49.16 56.31 -73.07
N TYR A 3805 49.53 57.57 -72.96
CA TYR A 3805 50.08 58.09 -71.71
C TYR A 3805 49.05 58.05 -70.60
N MET A 3806 47.79 58.40 -70.91
CA MET A 3806 46.75 58.31 -69.88
C MET A 3806 46.55 56.86 -69.45
N LEU A 3807 46.60 55.93 -70.40
CA LEU A 3807 46.46 54.52 -70.06
C LEU A 3807 47.61 54.05 -69.17
N PHE A 3808 48.84 54.45 -69.51
CA PHE A 3808 50.00 54.07 -68.70
C PHE A 3808 49.89 54.64 -67.29
N ILE A 3809 49.48 55.91 -67.19
CA ILE A 3809 49.34 56.55 -65.89
C ILE A 3809 48.27 55.84 -65.06
N ASN A 3810 47.13 55.53 -65.67
CA ASN A 3810 46.07 54.84 -64.95
C ASN A 3810 46.51 53.45 -64.51
N CYS A 3811 47.23 52.73 -65.38
CA CYS A 3811 47.68 51.38 -65.02
C CYS A 3811 48.69 51.42 -63.87
N LEU A 3812 49.64 52.35 -63.91
CA LEU A 3812 50.59 52.43 -62.80
C LEU A 3812 49.90 52.93 -61.53
N GLU A 3813 48.87 53.77 -61.68
CA GLU A 3813 48.06 54.16 -60.53
C GLU A 3813 47.39 52.95 -59.89
N ASP A 3814 46.80 52.08 -60.72
CA ASP A 3814 46.18 50.86 -60.21
C ASP A 3814 47.21 49.99 -59.51
N SER A 3815 48.39 49.84 -60.12
CA SER A 3815 49.44 49.03 -59.52
C SER A 3815 49.87 49.56 -58.17
N ILE A 3816 50.11 50.88 -58.09
CA ILE A 3816 50.60 51.45 -56.84
C ILE A 3816 49.52 51.41 -55.75
N LEU A 3817 48.25 51.63 -56.13
CA LEU A 3817 47.21 51.61 -55.11
C LEU A 3817 46.88 50.18 -54.67
N GLU A 3818 47.10 49.19 -55.53
CA GLU A 3818 46.85 47.81 -55.16
C GLU A 3818 48.03 47.14 -54.47
N LYS A 3819 49.24 47.70 -54.59
CA LYS A 3819 50.41 47.11 -53.96
C LYS A 3819 50.99 47.96 -52.84
N THR A 3820 50.48 49.18 -52.62
CA THR A 3820 51.03 50.07 -51.60
C THR A 3820 49.98 50.76 -50.73
N SER A 3821 48.69 50.44 -50.90
CA SER A 3821 47.64 51.07 -50.09
C SER A 3821 46.70 50.03 -49.48
N ALA A 3822 47.17 48.82 -49.21
CA ALA A 3822 46.32 47.75 -48.71
C ALA A 3822 46.94 46.97 -47.56
N TYR A 3823 47.97 47.51 -46.90
CA TYR A 3823 48.58 46.78 -45.79
C TYR A 3823 47.63 46.71 -44.61
N SER A 3824 47.35 47.87 -44.00
CA SER A 3824 46.51 48.01 -42.81
C SER A 3824 46.37 49.50 -42.55
N ARG A 3825 45.58 49.83 -41.52
CA ARG A 3825 45.34 51.23 -41.19
C ARG A 3825 46.61 51.89 -40.64
N ASN A 3826 47.28 51.20 -39.71
CA ASN A 3826 48.49 51.76 -39.11
C ASN A 3826 49.61 51.88 -40.14
N ASP A 3827 49.82 50.82 -40.94
CA ASP A 3827 50.83 50.88 -41.98
C ASP A 3827 50.50 51.96 -43.01
N GLU A 3828 49.21 52.11 -43.33
CA GLU A 3828 48.80 53.14 -44.28
C GLU A 3828 49.05 54.55 -43.74
N LEU A 3829 48.79 54.78 -42.45
CA LEU A 3829 49.02 56.12 -41.92
C LEU A 3829 50.51 56.41 -41.77
N ASN A 3830 51.30 55.38 -41.47
CA ASN A 3830 52.76 55.55 -41.48
C ASN A 3830 53.25 55.88 -42.89
N HIS A 3831 52.72 55.19 -43.90
CA HIS A 3831 53.09 55.47 -45.28
C HIS A 3831 52.69 56.88 -45.68
N LEU A 3832 51.51 57.32 -45.27
CA LEU A 3832 51.06 58.69 -45.56
C LEU A 3832 51.97 59.72 -44.89
N GLU A 3833 52.36 59.47 -43.63
CA GLU A 3833 53.27 60.38 -42.96
C GLU A 3833 54.61 60.45 -43.67
N GLU A 3834 55.14 59.31 -44.09
CA GLU A 3834 56.42 59.30 -44.80
C GLU A 3834 56.30 60.02 -46.14
N GLU A 3835 55.18 59.83 -46.84
CA GLU A 3835 54.96 60.54 -48.10
C GLU A 3835 54.90 62.04 -47.88
N GLY A 3836 54.20 62.47 -46.83
CA GLY A 3836 54.14 63.89 -46.53
C GLY A 3836 55.51 64.47 -46.20
N ARG A 3837 56.31 63.73 -45.42
CA ARG A 3837 57.65 64.20 -45.11
C ARG A 3837 58.52 64.29 -46.36
N PHE A 3838 58.40 63.31 -47.25
CA PHE A 3838 59.18 63.35 -48.50
C PHE A 3838 58.73 64.49 -49.39
N LEU A 3839 57.43 64.80 -49.39
CA LEU A 3839 56.95 65.94 -50.17
C LEU A 3839 57.41 67.25 -49.55
N LYS A 3840 57.61 67.27 -48.22
CA LYS A 3840 58.31 68.39 -47.61
C LYS A 3840 59.74 68.50 -48.15
N ALA A 3841 60.44 67.37 -48.21
CA ALA A 3841 61.80 67.32 -48.75
C ALA A 3841 61.75 67.11 -50.27
N TYR A 3842 61.10 68.05 -50.94
CA TYR A 3842 60.91 67.97 -52.38
C TYR A 3842 61.44 69.22 -53.08
N ALA A 3855 56.58 63.70 -70.59
CA ALA A 3855 56.83 62.61 -71.53
C ALA A 3855 57.51 61.44 -70.84
N SER A 3856 58.42 61.74 -69.93
CA SER A 3856 59.15 60.70 -69.21
C SER A 3856 58.21 59.94 -68.28
N VAL A 3857 58.49 58.65 -68.10
CA VAL A 3857 57.67 57.84 -67.19
C VAL A 3857 57.83 58.31 -65.75
N GLU A 3858 58.96 58.93 -65.41
CA GLU A 3858 59.10 59.53 -64.09
C GLU A 3858 58.09 60.66 -63.90
N TYR A 3859 57.90 61.49 -64.92
CA TYR A 3859 56.90 62.55 -64.85
C TYR A 3859 55.50 61.97 -64.75
N LEU A 3860 55.23 60.90 -65.49
CA LEU A 3860 53.92 60.24 -65.43
C LEU A 3860 53.66 59.69 -64.02
N GLN A 3861 54.66 59.03 -63.43
CA GLN A 3861 54.50 58.50 -62.08
C GLN A 3861 54.32 59.61 -61.06
N GLU A 3862 55.05 60.72 -61.22
CA GLU A 3862 54.87 61.86 -60.32
C GLU A 3862 53.46 62.43 -60.45
N VAL A 3863 52.96 62.57 -61.68
CA VAL A 3863 51.61 63.06 -61.88
C VAL A 3863 50.60 62.14 -61.22
N ALA A 3864 50.77 60.83 -61.40
CA ALA A 3864 49.83 59.87 -60.81
C ALA A 3864 49.89 59.89 -59.30
N ARG A 3865 51.08 60.01 -58.71
CA ARG A 3865 51.18 59.99 -57.26
C ARG A 3865 50.63 61.26 -56.64
N ILE A 3866 50.86 62.42 -57.26
CA ILE A 3866 50.22 63.64 -56.76
C ILE A 3866 48.72 63.59 -56.97
N ARG A 3867 48.25 62.98 -58.06
CA ARG A 3867 46.82 62.82 -58.28
C ARG A 3867 46.20 61.96 -57.18
N LEU A 3868 46.86 60.85 -56.83
CA LEU A 3868 46.37 60.01 -55.75
C LEU A 3868 46.38 60.76 -54.43
N CYS A 3869 47.44 61.54 -54.17
CA CYS A 3869 47.50 62.31 -52.94
C CYS A 3869 46.37 63.32 -52.84
N LEU A 3870 46.09 64.04 -53.94
CA LEU A 3870 45.03 65.05 -53.88
C LEU A 3870 43.66 64.40 -53.81
N ASP A 3871 43.47 63.25 -54.47
CA ASP A 3871 42.21 62.53 -54.35
C ASP A 3871 42.00 62.03 -52.93
N ARG A 3872 43.06 61.51 -52.31
CA ARG A 3872 42.98 61.08 -50.91
C ARG A 3872 42.64 62.25 -50.00
N ALA A 3873 43.28 63.40 -50.23
CA ALA A 3873 42.96 64.59 -49.44
C ALA A 3873 41.51 65.02 -49.65
N ALA A 3874 41.03 64.93 -50.89
CA ALA A 3874 39.65 65.31 -51.20
C ALA A 3874 38.66 64.44 -50.44
N ASP A 3875 38.70 63.12 -50.67
CA ASP A 3875 37.73 62.27 -50.00
C ASP A 3875 38.01 62.12 -48.51
N PHE A 3876 39.16 62.61 -48.04
CA PHE A 3876 39.46 62.57 -46.60
C PHE A 3876 38.95 63.84 -45.91
N LEU A 3877 38.83 64.93 -46.66
CA LEU A 3877 38.17 66.13 -46.14
C LEU A 3877 36.71 66.18 -46.52
N SER A 3878 36.30 65.45 -47.56
CA SER A 3878 34.90 65.42 -48.01
C SER A 3878 34.09 64.54 -47.07
N GLU A 3879 33.95 65.00 -45.84
CA GLU A 3879 33.20 64.32 -44.80
C GLU A 3879 32.26 65.30 -44.13
N PRO A 3880 31.06 64.86 -43.75
CA PRO A 3880 30.10 65.78 -43.13
C PRO A 3880 30.52 66.19 -41.72
N GLU A 3881 29.79 67.13 -41.14
CA GLU A 3881 30.11 67.60 -39.80
C GLU A 3881 29.93 66.47 -38.79
N GLY A 3882 30.85 66.41 -37.83
CA GLY A 3882 30.82 65.37 -36.82
C GLY A 3882 32.20 64.84 -36.49
N GLY A 3883 33.22 65.39 -37.13
CA GLY A 3883 34.58 64.97 -36.89
C GLY A 3883 35.55 66.08 -36.50
N PRO A 3884 35.17 66.99 -35.59
CA PRO A 3884 36.11 68.05 -35.20
C PRO A 3884 37.38 67.51 -34.58
N GLU A 3885 37.31 66.38 -33.88
CA GLU A 3885 38.48 65.74 -33.30
C GLU A 3885 39.27 65.05 -34.42
N MET A 3886 40.34 64.33 -34.04
CA MET A 3886 41.21 63.58 -34.93
C MET A 3886 42.04 64.51 -35.81
N ALA A 3887 41.80 65.83 -35.76
CA ALA A 3887 42.49 66.83 -36.56
C ALA A 3887 43.96 66.97 -36.23
N LYS A 3888 44.51 66.11 -35.37
CA LYS A 3888 45.95 66.09 -35.14
C LYS A 3888 46.71 65.80 -36.43
N GLU A 3889 46.22 64.83 -37.21
CA GLU A 3889 46.80 64.49 -38.49
C GLU A 3889 45.99 65.07 -39.65
N LYS A 3890 44.70 65.34 -39.44
CA LYS A 3890 43.88 65.96 -40.48
C LYS A 3890 44.37 67.36 -40.82
N GLN A 3891 44.59 68.21 -39.80
CA GLN A 3891 45.03 69.57 -40.08
C GLN A 3891 46.42 69.57 -40.71
N CYS A 3892 47.26 68.60 -40.36
CA CYS A 3892 48.56 68.48 -41.00
C CYS A 3892 48.43 68.08 -42.46
N TYR A 3893 47.59 67.07 -42.76
CA TYR A 3893 47.52 66.54 -44.11
C TYR A 3893 46.85 67.52 -45.06
N LEU A 3894 45.75 68.14 -44.63
CA LEU A 3894 45.11 69.14 -45.48
C LEU A 3894 46.01 70.34 -45.71
N GLN A 3895 46.71 70.79 -44.65
CA GLN A 3895 47.60 71.94 -44.79
C GLN A 3895 48.75 71.63 -45.73
N GLN A 3896 49.34 70.43 -45.62
CA GLN A 3896 50.44 70.08 -46.51
C GLN A 3896 49.96 69.93 -47.96
N VAL A 3897 48.77 69.37 -48.16
CA VAL A 3897 48.23 69.26 -49.51
C VAL A 3897 48.01 70.63 -50.12
N LYS A 3898 47.48 71.57 -49.33
CA LYS A 3898 47.29 72.93 -49.83
C LYS A 3898 48.62 73.62 -50.05
N GLN A 3899 49.64 73.26 -49.27
CA GLN A 3899 50.97 73.83 -49.50
C GLN A 3899 51.53 73.35 -50.83
N PHE A 3900 51.37 72.06 -51.14
CA PHE A 3900 51.79 71.58 -52.45
C PHE A 3900 50.99 72.25 -53.57
N CYS A 3901 49.69 72.42 -53.36
CA CYS A 3901 48.85 73.07 -54.38
C CYS A 3901 49.28 74.51 -54.60
N ILE A 3902 49.68 75.21 -53.54
CA ILE A 3902 50.20 76.57 -53.69
C ILE A 3902 51.53 76.55 -54.43
N ARG A 3903 52.41 75.60 -54.09
CA ARG A 3903 53.76 75.59 -54.63
C ARG A 3903 53.80 75.20 -56.10
N VAL A 3904 52.91 74.30 -56.54
CA VAL A 3904 53.03 73.73 -57.88
C VAL A 3904 52.82 74.79 -58.96
N GLU A 3905 52.04 75.82 -58.64
CA GLU A 3905 51.66 76.89 -59.57
C GLU A 3905 50.82 76.37 -60.74
N ASN A 3906 50.11 75.26 -60.55
CA ASN A 3906 49.30 74.66 -61.61
C ASN A 3906 47.88 74.48 -61.12
N ASP A 3907 46.91 74.92 -61.93
CA ASP A 3907 45.50 74.82 -61.59
C ASP A 3907 44.87 73.50 -62.04
N TRP A 3908 45.60 72.67 -62.77
CA TRP A 3908 45.06 71.39 -63.20
C TRP A 3908 44.74 70.50 -61.99
N HIS A 3909 45.60 70.53 -60.97
CA HIS A 3909 45.35 69.71 -59.79
C HIS A 3909 44.06 70.12 -59.09
N ARG A 3910 43.83 71.43 -58.93
CA ARG A 3910 42.63 71.86 -58.23
C ARG A 3910 41.37 71.70 -59.08
N VAL A 3911 41.46 71.89 -60.40
CA VAL A 3911 40.29 71.62 -61.23
C VAL A 3911 39.97 70.13 -61.23
N TYR A 3912 41.01 69.28 -61.17
CA TYR A 3912 40.78 67.85 -61.01
C TYR A 3912 40.13 67.54 -59.67
N LEU A 3913 40.55 68.21 -58.61
CA LEU A 3913 39.94 68.00 -57.31
C LEU A 3913 38.46 68.40 -57.32
N VAL A 3914 38.14 69.50 -58.01
CA VAL A 3914 36.75 69.92 -58.13
C VAL A 3914 35.94 68.87 -58.90
N ARG A 3915 36.51 68.36 -60.00
CA ARG A 3915 35.83 67.31 -60.76
C ARG A 3915 35.61 66.06 -59.91
N LYS A 3916 36.62 65.67 -59.14
CA LYS A 3916 36.51 64.49 -58.28
C LYS A 3916 35.44 64.69 -57.21
N LEU A 3917 35.39 65.87 -56.61
CA LEU A 3917 34.36 66.15 -55.60
C LEU A 3917 32.97 66.12 -56.22
N SER A 3918 32.83 66.70 -57.42
CA SER A 3918 31.55 66.67 -58.10
C SER A 3918 31.11 65.25 -58.42
N SER A 3919 32.05 64.40 -58.84
CA SER A 3919 31.72 62.99 -59.04
C SER A 3919 31.41 62.31 -57.71
N GLN A 3920 32.03 62.76 -56.63
CA GLN A 3920 31.82 62.13 -55.32
C GLN A 3920 30.41 62.37 -54.81
N ARG A 3921 29.99 63.64 -54.71
CA ARG A 3921 28.66 63.93 -54.20
C ARG A 3921 27.90 65.02 -54.93
N GLY A 3922 28.29 65.35 -56.17
CA GLY A 3922 27.46 66.23 -56.97
C GLY A 3922 28.05 67.60 -57.24
N MET A 3923 27.79 68.14 -58.43
CA MET A 3923 28.23 69.50 -58.74
C MET A 3923 27.44 70.53 -57.97
N GLU A 3924 26.23 70.18 -57.53
CA GLU A 3924 25.44 71.12 -56.72
C GLU A 3924 26.10 71.38 -55.38
N PHE A 3925 26.67 70.35 -54.76
CA PHE A 3925 27.33 70.54 -53.48
C PHE A 3925 28.57 71.43 -53.62
N VAL A 3926 29.31 71.28 -54.72
CA VAL A 3926 30.50 72.10 -54.91
C VAL A 3926 30.13 73.49 -55.40
N GLN A 3927 28.92 73.66 -55.92
CA GLN A 3927 28.47 74.98 -56.33
C GLN A 3927 27.82 75.74 -55.17
N GLY A 3928 27.41 75.01 -54.13
CA GLY A 3928 26.81 75.67 -52.98
C GLY A 3928 27.80 75.86 -51.84
N LEU A 3929 28.65 74.87 -51.59
CA LEU A 3929 29.63 74.97 -50.52
C LEU A 3929 30.70 75.99 -50.84
N SER A 3930 31.18 75.99 -52.08
CA SER A 3930 32.19 76.97 -52.53
C SER A 3930 31.53 78.21 -53.11
N LYS A 3931 30.61 78.79 -52.34
CA LYS A 3931 29.95 80.01 -52.76
C LYS A 3931 30.89 81.20 -52.62
N PRO A 3932 30.69 82.25 -53.41
CA PRO A 3932 31.54 83.45 -53.29
C PRO A 3932 31.57 84.01 -51.88
N GLY A 3933 32.76 84.10 -51.29
CA GLY A 3933 32.92 84.65 -49.96
C GLY A 3933 32.97 83.64 -48.84
N ARG A 3934 32.83 82.36 -49.13
CA ARG A 3934 32.91 81.34 -48.10
C ARG A 3934 34.35 81.22 -47.60
N PRO A 3935 34.57 81.15 -46.28
CA PRO A 3935 35.94 80.95 -45.79
C PRO A 3935 36.57 79.66 -46.30
N HIS A 3936 35.76 78.64 -46.55
CA HIS A 3936 36.19 77.42 -47.24
C HIS A 3936 36.38 77.76 -48.73
N GLN A 3937 37.54 78.31 -49.07
CA GLN A 3937 37.88 78.55 -50.46
C GLN A 3937 39.35 78.31 -50.78
N TRP A 3938 40.14 77.80 -49.82
CA TRP A 3938 41.54 77.51 -50.12
C TRP A 3938 41.67 76.25 -50.96
N VAL A 3939 40.79 75.26 -50.74
CA VAL A 3939 40.85 74.03 -51.52
C VAL A 3939 40.39 74.28 -52.96
N PHE A 3940 39.32 75.06 -53.14
CA PHE A 3940 38.80 75.34 -54.46
C PHE A 3940 39.55 76.49 -55.13
N PRO A 3941 39.52 76.56 -56.46
CA PRO A 3941 40.31 77.57 -57.19
C PRO A 3941 39.92 78.99 -56.83
N LYS A 3942 40.82 79.93 -57.15
CA LYS A 3942 40.64 81.32 -56.72
C LYS A 3942 40.13 82.20 -57.86
N ASP A 3943 40.76 82.10 -59.04
CA ASP A 3943 40.31 82.88 -60.19
C ASP A 3943 38.89 82.48 -60.59
N VAL A 3944 38.59 81.19 -60.50
CA VAL A 3944 37.21 80.73 -60.71
C VAL A 3944 36.28 81.38 -59.70
N VAL A 3945 36.71 81.49 -58.44
CA VAL A 3945 35.89 82.13 -57.42
C VAL A 3945 35.63 83.59 -57.77
N LYS A 3946 36.66 84.30 -58.24
CA LYS A 3946 36.46 85.70 -58.60
C LYS A 3946 35.51 85.86 -59.79
N GLN A 3947 35.75 85.09 -60.86
CA GLN A 3947 34.91 85.22 -62.05
C GLN A 3947 33.51 84.64 -61.82
N GLN A 3948 33.32 83.88 -60.75
CA GLN A 3948 31.98 83.43 -60.39
C GLN A 3948 31.29 84.44 -59.48
N GLY A 3949 32.06 85.15 -58.65
CA GLY A 3949 31.50 86.24 -57.89
C GLY A 3949 31.05 87.38 -58.77
N LEU A 3950 31.77 87.62 -59.88
CA LEU A 3950 31.27 88.54 -60.89
C LEU A 3950 29.99 88.03 -61.55
N ARG A 3951 29.74 86.73 -61.49
CA ARG A 3951 28.54 86.10 -62.05
C ARG A 3951 27.65 85.52 -60.97
N GLN A 3952 27.53 86.23 -59.84
CA GLN A 3952 26.81 85.70 -58.67
C GLN A 3952 25.30 85.68 -58.85
N ASP A 3953 24.78 86.24 -59.94
CA ASP A 3953 23.34 86.21 -60.17
C ASP A 3953 22.83 84.78 -60.31
N HIS A 3954 23.57 83.93 -61.01
CA HIS A 3954 23.21 82.53 -61.22
C HIS A 3954 23.98 81.65 -60.25
N PRO A 3955 23.30 81.00 -59.30
CA PRO A 3955 24.03 80.19 -58.30
C PRO A 3955 24.44 78.82 -58.81
N GLY A 3956 23.66 78.22 -59.72
CA GLY A 3956 23.99 76.91 -60.23
C GLY A 3956 22.89 75.89 -60.05
N GLN A 3957 21.68 76.33 -59.72
CA GLN A 3957 20.53 75.44 -59.60
C GLN A 3957 20.06 75.09 -61.01
N MET A 3958 20.82 74.21 -61.65
CA MET A 3958 20.60 73.87 -63.04
C MET A 3958 19.44 72.89 -63.17
N ASP A 3959 18.63 73.07 -64.21
CA ASP A 3959 17.44 72.25 -64.45
C ASP A 3959 17.80 70.88 -65.00
N ARG A 3960 17.95 69.89 -64.11
CA ARG A 3960 18.36 68.55 -64.50
C ARG A 3960 17.26 67.76 -65.21
N TYR A 3961 16.14 68.38 -65.55
CA TYR A 3961 15.02 67.67 -66.21
C TYR A 3961 15.05 67.86 -67.71
N LEU A 3962 16.26 67.84 -68.30
CA LEU A 3962 16.42 67.92 -69.74
C LEU A 3962 16.34 66.56 -70.42
N VAL A 3963 16.16 65.47 -69.65
CA VAL A 3963 16.11 64.14 -70.23
C VAL A 3963 14.91 63.96 -71.15
N TYR A 3964 13.87 64.78 -71.00
CA TYR A 3964 12.70 64.64 -71.86
C TYR A 3964 12.97 65.21 -73.25
N GLY A 3965 13.58 66.39 -73.31
CA GLY A 3965 13.88 67.01 -74.59
C GLY A 3965 13.88 68.52 -74.46
N ASP A 3966 14.26 69.16 -75.57
CA ASP A 3966 14.31 70.63 -75.60
C ASP A 3966 12.91 71.24 -75.60
N GLU A 3967 11.88 70.46 -75.92
CA GLU A 3967 10.51 70.97 -75.86
C GLU A 3967 10.16 71.42 -74.45
N TYR A 3968 10.49 70.59 -73.45
CA TYR A 3968 10.27 70.99 -72.06
C TYR A 3968 11.00 72.28 -71.73
N LYS A 3969 12.24 72.42 -72.21
CA LYS A 3969 12.98 73.66 -71.99
C LYS A 3969 12.23 74.84 -72.60
N ALA A 3970 11.66 74.65 -73.79
CA ALA A 3970 10.94 75.73 -74.46
C ALA A 3970 9.74 76.18 -73.65
N LEU A 3971 8.86 75.24 -73.27
CA LEU A 3971 7.71 75.65 -72.46
C LEU A 3971 8.14 76.16 -71.09
N ARG A 3972 9.25 75.69 -70.55
CA ARG A 3972 9.69 76.16 -69.25
C ARG A 3972 10.11 77.63 -69.30
N ASP A 3973 10.91 77.99 -70.31
CA ASP A 3973 11.29 79.40 -70.42
C ASP A 3973 10.08 80.25 -70.78
N ALA A 3974 9.15 79.72 -71.59
CA ALA A 3974 7.95 80.49 -71.91
C ALA A 3974 7.13 80.76 -70.65
N VAL A 3975 6.96 79.75 -69.80
CA VAL A 3975 6.21 79.92 -68.56
C VAL A 3975 6.92 80.91 -67.65
N ALA A 3976 8.25 80.80 -67.53
CA ALA A 3976 8.99 81.72 -66.67
C ALA A 3976 8.83 83.16 -67.15
N LYS A 3977 8.96 83.39 -68.46
CA LYS A 3977 8.79 84.73 -69.01
C LYS A 3977 7.38 85.24 -68.78
N ALA A 3978 6.37 84.39 -69.02
CA ALA A 3978 4.99 84.82 -68.86
C ALA A 3978 4.67 85.21 -67.42
N VAL A 3979 5.14 84.40 -66.46
CA VAL A 3979 4.89 84.71 -65.06
C VAL A 3979 5.64 85.97 -64.64
N LEU A 3980 6.90 86.11 -65.09
CA LEU A 3980 7.69 87.27 -64.70
C LEU A 3980 7.10 88.57 -65.24
N GLU A 3981 6.60 88.55 -66.47
CA GLU A 3981 6.05 89.75 -67.10
C GLU A 3981 4.55 89.91 -66.87
N CYS A 3982 3.94 89.04 -66.07
CA CYS A 3982 2.55 89.17 -65.64
C CYS A 3982 1.59 89.16 -66.82
N LYS A 3983 1.60 88.05 -67.56
CA LYS A 3983 0.64 87.84 -68.63
C LYS A 3983 0.52 86.35 -68.88
N PRO A 3984 -0.64 85.86 -69.35
CA PRO A 3984 -0.81 84.43 -69.60
C PRO A 3984 -0.49 83.99 -71.02
N LEU A 3985 -0.30 84.92 -71.96
CA LEU A 3985 -0.09 84.54 -73.35
C LEU A 3985 1.25 83.86 -73.58
N GLY A 3986 2.25 84.12 -72.72
CA GLY A 3986 3.52 83.45 -72.87
C GLY A 3986 3.42 81.95 -72.66
N ILE A 3987 2.67 81.53 -71.64
CA ILE A 3987 2.43 80.11 -71.43
C ILE A 3987 1.58 79.53 -72.57
N LYS A 3988 0.58 80.31 -73.01
CA LYS A 3988 -0.32 79.82 -74.06
C LYS A 3988 0.41 79.60 -75.38
N THR A 3989 1.43 80.41 -75.67
CA THR A 3989 2.18 80.24 -76.92
C THR A 3989 2.83 78.87 -76.99
N ALA A 3990 3.42 78.42 -75.88
CA ALA A 3990 3.95 77.06 -75.81
C ALA A 3990 2.84 76.02 -75.66
N LEU A 3991 1.71 76.40 -75.09
CA LEU A 3991 0.58 75.48 -74.97
C LEU A 3991 0.07 75.04 -76.33
N LYS A 3992 -0.06 75.99 -77.26
CA LYS A 3992 -0.59 75.66 -78.58
C LYS A 3992 0.34 74.72 -79.33
N ALA A 3993 1.65 74.97 -79.26
CA ALA A 3993 2.63 74.17 -80.00
C ALA A 3993 3.10 72.99 -79.14
N CYS A 3994 2.20 72.02 -79.00
CA CYS A 3994 2.51 70.81 -78.24
C CYS A 3994 1.68 69.67 -78.83
N LYS A 3995 2.33 68.83 -79.64
CA LYS A 3995 1.66 67.72 -80.30
C LYS A 3995 1.56 66.48 -79.41
N THR A 3996 2.21 66.48 -78.25
CA THR A 3996 2.22 65.33 -77.38
C THR A 3996 0.88 65.17 -76.66
N PRO A 3997 0.57 63.97 -76.17
CA PRO A 3997 -0.67 63.78 -75.40
C PRO A 3997 -0.70 64.67 -74.16
N GLN A 3998 -1.92 65.06 -73.78
CA GLN A 3998 -2.10 66.08 -72.75
C GLN A 3998 -1.74 65.60 -71.35
N SER A 3999 -1.61 64.28 -71.14
CA SER A 3999 -1.23 63.78 -69.82
C SER A 3999 0.16 64.27 -69.43
N GLN A 4000 1.17 63.88 -70.18
CA GLN A 4000 2.50 64.38 -69.91
C GLN A 4000 2.62 65.88 -70.17
N GLN A 4001 1.68 66.47 -70.92
CA GLN A 4001 1.64 67.91 -71.04
C GLN A 4001 1.30 68.57 -69.70
N SER A 4002 0.29 68.04 -69.01
CA SER A 4002 0.00 68.52 -67.66
C SER A 4002 1.13 68.20 -66.71
N ALA A 4003 1.83 67.09 -66.94
CA ALA A 4003 3.03 66.79 -66.16
C ALA A 4003 4.08 67.88 -66.36
N TYR A 4004 4.30 68.31 -67.61
CA TYR A 4004 5.21 69.41 -67.87
C TYR A 4004 4.74 70.68 -67.19
N PHE A 4005 3.44 70.96 -67.23
CA PHE A 4005 2.92 72.18 -66.64
C PHE A 4005 3.20 72.22 -65.14
N LEU A 4006 2.86 71.12 -64.44
CA LEU A 4006 3.11 71.08 -63.00
C LEU A 4006 4.60 71.11 -62.68
N LEU A 4007 5.42 70.44 -63.48
CA LEU A 4007 6.85 70.38 -63.18
C LEU A 4007 7.53 71.72 -63.45
N THR A 4008 7.06 72.45 -64.48
CA THR A 4008 7.56 73.80 -64.71
C THR A 4008 7.09 74.75 -63.61
N LEU A 4009 5.84 74.58 -63.15
CA LEU A 4009 5.37 75.36 -62.02
C LEU A 4009 6.27 75.14 -60.82
N PHE A 4010 6.64 73.88 -60.57
CA PHE A 4010 7.62 73.61 -59.52
C PHE A 4010 8.94 74.32 -59.79
N ARG A 4011 9.51 74.09 -60.98
CA ARG A 4011 10.84 74.58 -61.31
C ARG A 4011 10.95 76.09 -61.16
N GLU A 4012 9.86 76.81 -61.42
CA GLU A 4012 9.91 78.26 -61.22
C GLU A 4012 9.53 78.65 -59.79
N VAL A 4013 8.30 78.35 -59.38
CA VAL A 4013 7.78 78.89 -58.13
C VAL A 4013 8.53 78.31 -56.94
N ALA A 4014 8.68 76.98 -56.88
CA ALA A 4014 9.25 76.37 -55.69
C ALA A 4014 10.73 76.68 -55.56
N ILE A 4015 11.46 76.75 -56.69
CA ILE A 4015 12.88 77.05 -56.63
C ILE A 4015 13.11 78.52 -56.31
N LEU A 4016 12.26 79.41 -56.83
CA LEU A 4016 12.40 80.82 -56.47
C LEU A 4016 12.00 81.06 -55.01
N TYR A 4017 11.05 80.27 -54.49
CA TYR A 4017 10.63 80.38 -53.11
C TYR A 4017 11.57 79.66 -52.15
N ARG A 4018 12.43 78.78 -52.67
CA ARG A 4018 13.37 78.06 -51.81
C ARG A 4018 14.37 79.01 -51.15
N SER A 4019 14.73 80.09 -51.83
CA SER A 4019 15.62 81.08 -51.23
C SER A 4019 14.94 81.76 -50.05
N HIS A 4020 15.72 82.04 -49.01
CA HIS A 4020 15.18 82.67 -47.81
C HIS A 4020 14.71 84.10 -48.08
N ASN A 4021 15.22 84.76 -49.12
CA ASN A 4021 14.87 86.14 -49.39
C ASN A 4021 13.44 86.23 -49.91
N ALA A 4022 12.58 86.95 -49.17
CA ALA A 4022 11.20 87.11 -49.60
C ALA A 4022 11.10 87.93 -50.89
N SER A 4023 12.06 88.84 -51.12
CA SER A 4023 12.07 89.61 -52.35
C SER A 4023 12.27 88.71 -53.56
N LEU A 4024 13.16 87.72 -53.45
CA LEU A 4024 13.40 86.78 -54.52
C LEU A 4024 12.25 85.79 -54.71
N HIS A 4025 11.35 85.67 -53.73
CA HIS A 4025 10.19 84.82 -53.88
C HIS A 4025 9.26 85.40 -54.96
N PRO A 4026 8.50 84.54 -55.65
CA PRO A 4026 7.48 85.06 -56.57
C PRO A 4026 6.51 85.97 -55.85
N THR A 4027 6.18 87.08 -56.49
CA THR A 4027 5.34 88.09 -55.86
C THR A 4027 3.90 87.57 -55.72
N PRO A 4028 3.17 88.04 -54.70
CA PRO A 4028 1.76 87.65 -54.58
C PRO A 4028 0.93 88.01 -55.80
N GLU A 4029 1.28 89.10 -56.50
CA GLU A 4029 0.60 89.41 -57.76
C GLU A 4029 0.86 88.33 -58.80
N GLN A 4030 2.08 87.77 -58.82
CA GLN A 4030 2.35 86.63 -59.69
C GLN A 4030 1.54 85.42 -59.26
N CYS A 4031 1.33 85.25 -57.96
CA CYS A 4031 0.49 84.16 -57.47
C CYS A 4031 -0.95 84.31 -57.95
N GLU A 4032 -1.48 85.54 -57.90
CA GLU A 4032 -2.83 85.76 -58.42
C GLU A 4032 -2.87 85.59 -59.94
N ALA A 4033 -1.79 85.96 -60.64
CA ALA A 4033 -1.74 85.75 -62.08
C ALA A 4033 -1.79 84.27 -62.43
N VAL A 4034 -0.99 83.46 -61.77
CA VAL A 4034 -1.03 82.03 -62.05
C VAL A 4034 -2.33 81.40 -61.56
N SER A 4035 -2.97 82.00 -60.54
CA SER A 4035 -4.25 81.50 -60.08
C SER A 4035 -5.35 81.74 -61.11
N LYS A 4036 -5.40 82.96 -61.66
CA LYS A 4036 -6.39 83.19 -62.72
C LYS A 4036 -6.00 82.51 -64.02
N PHE A 4037 -4.73 82.13 -64.17
CA PHE A 4037 -4.35 81.28 -65.31
C PHE A 4037 -4.89 79.87 -65.14
N ILE A 4038 -4.71 79.26 -63.97
CA ILE A 4038 -5.22 77.91 -63.76
C ILE A 4038 -6.75 77.92 -63.77
N GLY A 4039 -7.37 79.04 -63.37
CA GLY A 4039 -8.80 79.18 -63.58
C GLY A 4039 -9.14 79.44 -65.03
N GLU A 4040 -8.17 79.93 -65.81
CA GLU A 4040 -8.39 80.17 -67.23
C GLU A 4040 -8.25 78.88 -68.03
N CYS A 4041 -7.12 78.19 -67.87
CA CYS A 4041 -6.87 76.95 -68.60
C CYS A 4041 -7.63 75.80 -67.98
N LYS A 4042 -8.16 74.92 -68.81
CA LYS A 4042 -8.89 73.74 -68.36
C LYS A 4042 -8.14 72.45 -68.66
N ILE A 4043 -6.85 72.53 -68.95
CA ILE A 4043 -6.05 71.33 -69.21
C ILE A 4043 -5.95 70.48 -67.96
N LEU A 4044 -5.85 71.11 -66.80
CA LEU A 4044 -5.74 70.39 -65.52
C LEU A 4044 -7.11 69.94 -65.04
N SER A 4045 -7.70 69.02 -65.81
CA SER A 4045 -9.04 68.52 -65.51
C SER A 4045 -9.13 67.79 -64.16
N PRO A 4046 -8.23 66.89 -63.79
CA PRO A 4046 -8.37 66.19 -62.49
C PRO A 4046 -8.32 67.17 -61.34
N PRO A 4047 -9.18 66.99 -60.33
CA PRO A 4047 -9.14 67.89 -59.16
C PRO A 4047 -7.82 67.86 -58.41
N ASP A 4048 -7.17 66.70 -58.35
CA ASP A 4048 -5.91 66.58 -57.60
C ASP A 4048 -4.82 67.44 -58.24
N ILE A 4049 -4.75 67.45 -59.57
CA ILE A 4049 -3.72 68.22 -60.26
C ILE A 4049 -3.86 69.70 -59.93
N SER A 4050 -5.08 70.23 -60.08
CA SER A 4050 -5.30 71.65 -59.83
C SER A 4050 -5.13 71.98 -58.36
N ARG A 4051 -5.53 71.06 -57.47
CA ARG A 4051 -5.42 71.35 -56.04
C ARG A 4051 -3.96 71.38 -55.60
N PHE A 4052 -3.13 70.46 -56.13
CA PHE A 4052 -1.70 70.53 -55.83
C PHE A 4052 -1.07 71.75 -56.45
N ALA A 4053 -1.48 72.14 -57.65
CA ALA A 4053 -0.95 73.35 -58.27
C ALA A 4053 -1.26 74.58 -57.41
N THR A 4054 -2.50 74.68 -56.94
CA THR A 4054 -2.87 75.80 -56.08
C THR A 4054 -2.10 75.78 -54.76
N SER A 4055 -1.94 74.59 -54.18
CA SER A 4055 -1.15 74.49 -52.94
C SER A 4055 0.30 74.86 -53.18
N LEU A 4056 0.79 74.71 -54.42
CA LEU A 4056 2.19 75.01 -54.69
C LEU A 4056 2.38 76.49 -55.00
N VAL A 4057 1.41 77.13 -55.64
CA VAL A 4057 1.60 78.53 -56.03
C VAL A 4057 1.60 79.43 -54.80
N ASP A 4058 0.79 79.13 -53.79
CA ASP A 4058 0.70 79.94 -52.58
C ASP A 4058 1.43 79.27 -51.40
N ASN A 4059 2.36 78.37 -51.71
CA ASN A 4059 3.24 77.76 -50.72
C ASN A 4059 2.45 77.06 -49.62
N SER A 4060 1.42 76.31 -50.04
CA SER A 4060 0.66 75.45 -49.14
C SER A 4060 0.98 73.98 -49.33
N VAL A 4061 2.20 73.65 -49.76
CA VAL A 4061 2.61 72.29 -50.05
C VAL A 4061 2.63 71.49 -48.76
N PRO A 4062 1.96 70.33 -48.71
CA PRO A 4062 1.96 69.53 -47.47
C PRO A 4062 3.33 69.04 -47.06
N LEU A 4063 4.26 68.88 -48.01
CA LEU A 4063 5.59 68.37 -47.66
C LEU A 4063 6.34 69.36 -46.77
N LEU A 4064 6.34 70.64 -47.15
CA LEU A 4064 7.07 71.66 -46.41
C LEU A 4064 6.17 72.26 -45.35
N ARG A 4065 6.53 72.06 -44.08
CA ARG A 4065 5.80 72.59 -42.93
C ARG A 4065 6.75 73.33 -42.01
N ALA A 4066 7.63 74.15 -42.60
CA ALA A 4066 8.63 74.96 -41.89
C ALA A 4066 9.62 74.11 -41.11
N GLY A 4067 9.61 72.79 -41.32
CA GLY A 4067 10.57 71.91 -40.68
C GLY A 4067 11.17 70.84 -41.57
N PRO A 4068 11.43 71.15 -42.86
CA PRO A 4068 11.88 70.09 -43.77
C PRO A 4068 13.37 69.82 -43.65
N SER A 4069 13.89 68.96 -44.52
CA SER A 4069 15.33 68.72 -44.55
C SER A 4069 16.07 70.01 -44.91
N ASP A 4070 17.20 70.24 -44.24
CA ASP A 4070 17.94 71.49 -44.40
C ASP A 4070 19.27 71.31 -45.13
N SER A 4071 19.54 70.13 -45.67
CA SER A 4071 20.76 69.89 -46.43
C SER A 4071 20.50 70.25 -47.89
N ASN A 4072 21.51 70.02 -48.73
CA ASN A 4072 21.35 70.26 -50.17
C ASN A 4072 20.70 69.07 -50.84
N LEU A 4073 19.67 68.52 -50.20
CA LEU A 4073 18.95 67.35 -50.68
C LEU A 4073 17.44 67.41 -50.48
N ASP A 4074 16.92 68.36 -49.71
CA ASP A 4074 15.48 68.56 -49.70
C ASP A 4074 14.98 68.95 -51.09
N GLY A 4075 15.75 69.78 -51.80
CA GLY A 4075 15.41 70.06 -53.19
C GLY A 4075 15.42 68.83 -54.07
N THR A 4076 16.42 67.96 -53.87
CA THR A 4076 16.50 66.73 -54.65
C THR A 4076 15.29 65.83 -54.40
N VAL A 4077 14.99 65.56 -53.13
CA VAL A 4077 13.84 64.73 -52.83
C VAL A 4077 12.56 65.42 -53.26
N THR A 4078 12.57 66.74 -53.35
CA THR A 4078 11.38 67.46 -53.81
C THR A 4078 11.17 67.29 -55.31
N GLU A 4079 12.25 67.36 -56.10
CA GLU A 4079 12.11 67.08 -57.53
C GLU A 4079 11.70 65.64 -57.79
N MET A 4080 12.31 64.68 -57.09
CA MET A 4080 11.84 63.30 -57.18
C MET A 4080 10.37 63.18 -56.78
N ALA A 4081 9.95 63.90 -55.75
CA ALA A 4081 8.56 63.80 -55.31
C ALA A 4081 7.61 64.37 -56.34
N ILE A 4082 7.94 65.53 -56.90
CA ILE A 4082 7.08 66.15 -57.92
C ILE A 4082 6.99 65.25 -59.14
N HIS A 4083 8.12 64.70 -59.58
CA HIS A 4083 8.12 63.85 -60.77
C HIS A 4083 7.34 62.57 -60.52
N ALA A 4084 7.52 61.96 -59.35
CA ALA A 4084 6.77 60.75 -59.02
C ALA A 4084 5.28 61.03 -58.92
N ALA A 4085 4.90 62.14 -58.30
CA ALA A 4085 3.48 62.49 -58.20
C ALA A 4085 2.88 62.74 -59.58
N ALA A 4086 3.65 63.38 -60.46
CA ALA A 4086 3.19 63.61 -61.83
C ALA A 4086 2.99 62.28 -62.55
N VAL A 4087 3.93 61.34 -62.38
CA VAL A 4087 3.77 60.01 -62.97
C VAL A 4087 2.50 59.35 -62.42
N LEU A 4088 2.23 59.53 -61.13
CA LEU A 4088 1.05 58.93 -60.52
C LEU A 4088 -0.23 59.49 -61.12
N LEU A 4089 -0.36 60.82 -61.14
CA LEU A 4089 -1.63 61.40 -61.54
C LEU A 4089 -1.84 61.36 -63.05
N CYS A 4090 -0.77 61.39 -63.84
CA CYS A 4090 -0.92 61.25 -65.28
C CYS A 4090 -1.22 59.80 -65.67
N GLY A 4091 -0.51 58.85 -65.07
CA GLY A 4091 -0.69 57.46 -65.45
C GLY A 4091 -2.00 56.89 -64.96
N GLN A 4092 -2.56 55.99 -65.78
CA GLN A 4092 -3.81 55.30 -65.43
C GLN A 4092 -3.70 53.79 -65.54
N ASN A 4093 -2.52 53.25 -65.86
CA ASN A 4093 -2.36 51.81 -66.01
C ASN A 4093 -2.46 51.13 -64.64
N GLU A 4094 -2.93 49.88 -64.67
CA GLU A 4094 -3.10 49.12 -63.43
C GLU A 4094 -1.80 48.51 -62.92
N LEU A 4095 -0.76 48.46 -63.75
CA LEU A 4095 0.52 47.90 -63.31
C LEU A 4095 1.11 48.71 -62.17
N LEU A 4096 1.07 50.03 -62.27
CA LEU A 4096 1.53 50.93 -61.22
C LEU A 4096 0.38 51.59 -60.47
N GLU A 4097 -0.86 51.10 -60.66
CA GLU A 4097 -1.97 51.52 -59.80
C GLU A 4097 -1.70 51.30 -58.33
N PRO A 4098 -1.04 50.21 -57.89
CA PRO A 4098 -0.65 50.13 -56.48
C PRO A 4098 0.15 51.32 -56.00
N LEU A 4099 0.91 51.97 -56.87
CA LEU A 4099 1.63 53.18 -56.46
C LEU A 4099 0.68 54.31 -56.13
N LYS A 4100 -0.36 54.52 -56.95
CA LYS A 4100 -1.36 55.52 -56.60
C LYS A 4100 -2.07 55.15 -55.30
N ASN A 4101 -2.39 53.87 -55.12
CA ASN A 4101 -3.05 53.45 -53.90
C ASN A 4101 -2.16 53.69 -52.68
N LEU A 4102 -0.85 53.48 -52.83
CA LEU A 4102 0.08 53.73 -51.74
C LEU A 4102 0.18 55.22 -51.42
N ALA A 4103 0.22 56.06 -52.45
CA ALA A 4103 0.45 57.49 -52.23
C ALA A 4103 -0.83 58.21 -51.81
N PHE A 4104 -1.84 58.21 -52.69
CA PHE A 4104 -3.03 59.03 -52.47
C PHE A 4104 -3.98 58.46 -51.42
N SER A 4105 -4.04 57.14 -51.26
CA SER A 4105 -4.99 56.50 -50.37
C SER A 4105 -4.24 55.57 -49.42
N PRO A 4106 -3.57 56.14 -48.41
CA PRO A 4106 -2.71 55.31 -47.54
C PRO A 4106 -3.45 54.23 -46.78
N ALA A 4107 -4.77 54.35 -46.63
CA ALA A 4107 -5.53 53.30 -45.97
C ALA A 4107 -5.50 52.00 -46.76
N THR A 4108 -5.22 52.07 -48.07
CA THR A 4108 -5.13 50.86 -48.88
C THR A 4108 -3.96 49.99 -48.43
N MET A 4109 -2.80 50.61 -48.17
CA MET A 4109 -1.63 49.90 -47.67
C MET A 4109 -1.48 49.98 -46.16
N ALA A 4110 -2.52 50.46 -45.46
CA ALA A 4110 -2.53 50.35 -44.00
C ALA A 4110 -2.63 48.90 -43.54
N HIS A 4111 -2.97 47.98 -44.44
CA HIS A 4111 -3.03 46.55 -44.12
C HIS A 4111 -2.34 45.67 -45.15
N ALA A 4112 -2.05 46.17 -46.35
CA ALA A 4112 -1.44 45.40 -47.42
C ALA A 4112 0.07 45.32 -47.26
N PHE A 4113 0.65 44.28 -47.85
CA PHE A 4113 2.09 44.03 -47.77
C PHE A 4113 2.83 45.09 -48.57
N LEU A 4114 3.66 45.88 -47.89
CA LEU A 4114 4.49 46.87 -48.57
C LEU A 4114 5.64 46.14 -49.28
N PRO A 4115 5.92 46.46 -50.54
CA PRO A 4115 6.84 45.62 -51.33
C PRO A 4115 8.31 45.85 -51.02
N THR A 4116 9.15 44.92 -51.49
CA THR A 4116 10.60 45.01 -51.36
C THR A 4116 11.01 45.14 -49.88
N MET A 4117 10.70 44.11 -49.12
CA MET A 4117 10.86 44.13 -47.69
C MET A 4117 11.45 42.78 -47.30
N PRO A 4118 12.21 42.70 -46.18
CA PRO A 4118 12.75 41.39 -45.76
C PRO A 4118 11.67 40.32 -45.62
N GLU A 4119 11.74 39.31 -46.47
CA GLU A 4119 10.76 38.25 -46.56
C GLU A 4119 11.42 36.91 -46.24
N ASP A 4120 10.71 36.08 -45.48
CA ASP A 4120 11.23 34.76 -45.15
C ASP A 4120 11.45 33.94 -46.41
N LEU A 4121 12.65 33.35 -46.52
CA LEU A 4121 12.96 32.51 -47.67
C LEU A 4121 12.29 31.15 -47.57
N LEU A 4122 11.68 30.82 -46.43
CA LEU A 4122 11.01 29.53 -46.25
C LEU A 4122 9.60 29.58 -46.83
N ALA A 4123 9.54 30.00 -48.10
CA ALA A 4123 8.30 29.99 -48.86
C ALA A 4123 8.43 29.36 -50.24
N GLN A 4124 9.61 29.39 -50.86
CA GLN A 4124 9.82 28.68 -52.12
C GLN A 4124 9.71 27.18 -51.93
N ALA A 4125 10.27 26.65 -50.84
CA ALA A 4125 10.21 25.23 -50.56
C ALA A 4125 9.21 24.93 -49.44
N ARG A 4133 15.93 21.57 -45.49
CA ARG A 4133 16.83 20.57 -46.08
C ARG A 4133 18.19 20.60 -45.40
N VAL A 4134 18.42 21.62 -44.56
CA VAL A 4134 19.65 21.71 -43.78
C VAL A 4134 19.50 20.94 -42.46
N HIS A 4135 18.35 20.32 -42.22
CA HIS A 4135 18.07 19.51 -41.03
C HIS A 4135 18.09 20.36 -39.75
N TRP A 4136 17.16 21.30 -39.69
CA TRP A 4136 16.86 22.08 -38.48
C TRP A 4136 15.36 21.98 -38.25
N TYR A 4137 14.93 20.94 -37.53
CA TYR A 4137 13.50 20.67 -37.32
C TYR A 4137 13.15 20.91 -35.86
N THR A 4138 12.15 21.75 -35.63
CA THR A 4138 11.75 22.08 -34.26
C THR A 4138 10.91 20.95 -33.67
N CYS A 4139 11.26 20.55 -32.45
CA CYS A 4139 10.49 19.53 -31.76
C CYS A 4139 9.13 20.08 -31.35
N PRO A 4140 8.16 19.20 -31.09
CA PRO A 4140 6.83 19.68 -30.69
C PRO A 4140 6.85 20.57 -29.45
N ASN A 4141 7.83 20.42 -28.57
CA ASN A 4141 7.92 21.25 -27.38
C ASN A 4141 8.61 22.58 -27.64
N GLY A 4142 9.06 22.84 -28.87
CA GLY A 4142 9.67 24.09 -29.22
C GLY A 4142 11.18 24.12 -29.24
N HIS A 4143 11.84 22.97 -29.20
CA HIS A 4143 13.29 22.91 -29.19
C HIS A 4143 13.80 22.38 -30.53
N PRO A 4144 14.66 23.12 -31.22
CA PRO A 4144 15.17 22.64 -32.50
C PRO A 4144 16.07 21.42 -32.33
N CYS A 4145 16.12 20.60 -33.38
CA CYS A 4145 16.96 19.40 -33.41
C CYS A 4145 17.58 19.31 -34.80
N SER A 4146 18.77 18.67 -34.86
CA SER A 4146 19.50 18.56 -36.11
C SER A 4146 20.14 17.19 -36.31
N VAL A 4147 19.91 16.23 -35.42
CA VAL A 4147 20.53 14.91 -35.55
C VAL A 4147 19.73 14.09 -36.55
N GLY A 4148 20.44 13.49 -37.51
CA GLY A 4148 19.79 12.72 -38.56
C GLY A 4148 19.92 11.22 -38.38
N GLN A 4156 13.28 6.67 -34.74
CA GLN A 4156 12.67 7.52 -33.73
C GLN A 4156 13.68 7.93 -32.67
N SER A 4157 14.40 9.02 -32.92
CA SER A 4157 15.37 9.53 -31.97
C SER A 4157 14.67 10.36 -30.90
N ILE A 4158 15.46 11.08 -30.10
CA ILE A 4158 14.94 11.94 -29.05
C ILE A 4158 15.56 13.33 -29.21
N CYS A 4159 14.79 14.34 -28.82
CA CYS A 4159 15.29 15.71 -28.89
C CYS A 4159 16.43 15.92 -27.91
N ILE A 4160 17.37 16.78 -28.31
CA ILE A 4160 18.52 17.05 -27.46
C ILE A 4160 18.10 17.74 -26.15
N ASP A 4161 16.97 18.43 -26.18
CA ASP A 4161 16.39 19.02 -24.98
C ASP A 4161 15.03 18.38 -24.70
N CYS A 4162 14.79 18.04 -23.44
CA CYS A 4162 13.55 17.46 -22.91
C CYS A 4162 13.24 16.11 -23.55
N HIS A 4163 14.12 15.64 -24.43
CA HIS A 4163 14.05 14.30 -25.03
C HIS A 4163 12.65 13.97 -25.56
N ALA A 4164 12.17 14.83 -26.43
CA ALA A 4164 10.89 14.59 -27.07
C ALA A 4164 11.00 13.39 -28.02
N PRO A 4165 10.00 12.51 -28.04
CA PRO A 4165 10.08 11.31 -28.90
C PRO A 4165 9.83 11.63 -30.37
N ILE A 4166 10.72 12.44 -30.96
CA ILE A 4166 10.64 12.81 -32.36
C ILE A 4166 12.02 12.70 -32.98
N GLY A 4167 12.05 12.55 -34.31
CA GLY A 4167 13.30 12.44 -35.03
C GLY A 4167 13.51 11.08 -35.65
N GLY A 4168 14.77 10.65 -35.73
CA GLY A 4168 15.09 9.36 -36.30
C GLY A 4168 16.52 8.94 -36.06
N ILE A 4169 16.72 7.70 -35.65
CA ILE A 4169 18.05 7.17 -35.37
C ILE A 4169 18.68 6.64 -36.66
N ASP A 4182 1.49 23.10 -40.89
CA ASP A 4182 2.91 23.37 -40.73
C ASP A 4182 3.25 24.68 -41.43
N LYS A 4183 2.49 25.73 -41.11
CA LYS A 4183 2.71 27.04 -41.72
C LYS A 4183 3.83 27.78 -40.99
N ALA A 4184 4.94 28.01 -41.69
CA ALA A 4184 6.04 28.80 -41.17
C ALA A 4184 5.95 30.20 -41.76
N ASP A 4185 5.09 31.03 -41.19
CA ASP A 4185 4.89 32.38 -41.68
C ASP A 4185 5.74 33.35 -40.86
N ARG A 4186 6.86 33.79 -41.44
CA ARG A 4186 7.75 34.73 -40.79
C ARG A 4186 7.74 36.10 -41.45
N THR A 4187 7.08 36.24 -42.58
CA THR A 4187 7.01 37.51 -43.29
C THR A 4187 6.06 38.47 -42.57
N GLN A 4188 6.45 39.74 -42.53
CA GLN A 4188 5.67 40.79 -41.88
C GLN A 4188 5.04 41.71 -42.92
N THR A 4189 4.36 42.74 -42.42
CA THR A 4189 3.65 43.70 -43.24
C THR A 4189 4.20 45.10 -42.96
N GLY A 4190 3.98 46.00 -43.91
CA GLY A 4190 4.36 47.39 -43.73
C GLY A 4190 5.86 47.62 -43.88
N HIS A 4191 6.31 48.72 -43.27
CA HIS A 4191 7.71 49.17 -43.38
C HIS A 4191 8.54 48.43 -42.33
N VAL A 4192 8.89 47.19 -42.65
CA VAL A 4192 9.70 46.37 -41.74
C VAL A 4192 11.18 46.68 -41.84
N LEU A 4193 11.60 47.51 -42.79
CA LEU A 4193 13.01 47.86 -42.93
C LEU A 4193 13.54 48.50 -41.65
N GLY A 4194 14.78 48.17 -41.31
CA GLY A 4194 15.40 48.67 -40.10
C GLY A 4194 15.83 50.11 -40.24
N ASN A 4195 16.65 50.55 -39.29
CA ASN A 4195 17.13 51.92 -39.28
C ASN A 4195 17.99 52.15 -40.51
N PRO A 4196 17.67 53.13 -41.36
CA PRO A 4196 18.46 53.36 -42.58
C PRO A 4196 19.90 53.79 -42.32
N GLN A 4197 20.22 54.22 -41.10
CA GLN A 4197 21.57 54.72 -40.83
C GLN A 4197 22.63 53.66 -41.08
N ARG A 4198 22.37 52.42 -40.68
CA ARG A 4198 23.28 51.30 -40.88
C ARG A 4198 22.68 50.37 -41.93
N ARG A 4199 23.01 50.61 -43.20
CA ARG A 4199 22.57 49.74 -44.29
C ARG A 4199 23.57 49.88 -45.44
N ASP A 4200 24.41 48.87 -45.61
CA ASP A 4200 25.41 48.87 -46.67
C ASP A 4200 25.38 47.62 -47.54
N VAL A 4201 24.38 46.77 -47.39
CA VAL A 4201 24.28 45.51 -48.11
C VAL A 4201 23.00 45.52 -48.95
N VAL A 4202 23.12 45.14 -50.22
CA VAL A 4202 21.98 44.98 -51.11
C VAL A 4202 21.48 43.55 -51.00
N THR A 4203 20.17 43.36 -51.11
CA THR A 4203 19.53 42.06 -50.94
C THR A 4203 18.89 41.66 -52.26
N CYS A 4204 19.56 40.77 -52.99
CA CYS A 4204 19.00 40.22 -54.22
C CYS A 4204 18.18 38.98 -53.90
N ASP A 4205 16.88 39.04 -54.17
CA ASP A 4205 15.98 37.96 -53.80
C ASP A 4205 14.99 37.71 -54.93
N ARG A 4206 14.37 36.54 -54.89
CA ARG A 4206 13.36 36.08 -55.85
C ARG A 4206 13.69 36.48 -57.29
N GLY A 4207 14.93 36.21 -57.68
CA GLY A 4207 15.34 36.38 -59.05
C GLY A 4207 15.25 37.81 -59.58
N LEU A 4208 15.50 38.79 -58.73
CA LEU A 4208 15.50 40.18 -59.15
C LEU A 4208 16.91 40.73 -59.10
N PRO A 4209 17.45 41.21 -60.22
CA PRO A 4209 18.79 41.80 -60.18
C PRO A 4209 18.83 42.96 -59.25
N PRO A 4210 19.97 43.21 -58.58
CA PRO A 4210 20.03 44.27 -57.57
C PRO A 4210 19.73 45.65 -58.12
N VAL A 4211 19.96 45.88 -59.41
CA VAL A 4211 19.70 47.20 -60.00
C VAL A 4211 18.22 47.55 -59.88
N VAL A 4212 17.36 46.73 -60.49
CA VAL A 4212 15.93 47.01 -60.49
C VAL A 4212 15.36 46.90 -59.09
N PHE A 4213 15.84 45.93 -58.30
CA PHE A 4213 15.38 45.79 -56.92
C PHE A 4213 15.65 47.07 -56.14
N LEU A 4214 16.87 47.61 -56.25
CA LEU A 4214 17.23 48.78 -55.46
C LEU A 4214 16.49 50.01 -55.96
N LEU A 4215 16.30 50.12 -57.28
CA LEU A 4215 15.54 51.24 -57.80
C LEU A 4215 14.08 51.21 -57.36
N ILE A 4216 13.48 50.01 -57.34
CA ILE A 4216 12.12 49.89 -56.81
C ILE A 4216 12.09 50.23 -55.33
N ARG A 4217 13.13 49.82 -54.60
CA ARG A 4217 13.26 50.21 -53.20
C ARG A 4217 13.24 51.72 -53.04
N LEU A 4218 14.04 52.42 -53.83
CA LEU A 4218 14.13 53.88 -53.73
C LEU A 4218 12.80 54.55 -54.08
N LEU A 4219 12.15 54.09 -55.16
CA LEU A 4219 10.88 54.71 -55.51
C LEU A 4219 9.82 54.42 -54.47
N THR A 4220 9.85 53.24 -53.85
CA THR A 4220 8.94 52.96 -52.74
C THR A 4220 9.19 53.88 -51.57
N HIS A 4221 10.47 54.14 -51.24
CA HIS A 4221 10.76 55.05 -50.14
C HIS A 4221 10.26 56.46 -50.43
N LEU A 4222 10.48 56.96 -51.66
CA LEU A 4222 10.05 58.33 -51.95
C LEU A 4222 8.53 58.42 -52.02
N ALA A 4223 7.86 57.39 -52.53
CA ALA A 4223 6.41 57.38 -52.53
C ALA A 4223 5.86 57.36 -51.12
N LEU A 4224 6.48 56.57 -50.23
CA LEU A 4224 6.06 56.56 -48.83
C LEU A 4224 6.31 57.91 -48.17
N LEU A 4225 7.42 58.57 -48.50
CA LEU A 4225 7.66 59.90 -47.97
C LEU A 4225 6.57 60.88 -48.42
N LEU A 4226 6.20 60.82 -49.69
CA LEU A 4226 5.11 61.67 -50.19
C LEU A 4226 3.80 61.38 -49.46
N GLY A 4227 3.48 60.09 -49.30
CA GLY A 4227 2.24 59.73 -48.63
C GLY A 4227 2.20 60.19 -47.19
N ALA A 4228 3.32 60.01 -46.46
CA ALA A 4228 3.38 60.45 -45.08
C ALA A 4228 3.29 61.97 -44.98
N SER A 4229 3.90 62.67 -45.95
CA SER A 4229 3.81 64.13 -45.95
C SER A 4229 2.37 64.59 -46.17
N GLN A 4230 1.66 63.98 -47.12
CA GLN A 4230 0.28 64.40 -47.39
C GLN A 4230 -0.71 63.74 -46.45
N SER A 4231 -0.39 62.57 -45.91
CA SER A 4231 -1.26 61.87 -44.96
C SER A 4231 -0.38 61.20 -43.92
N SER A 4232 -0.32 61.79 -42.72
CA SER A 4232 0.68 61.39 -41.73
C SER A 4232 0.27 60.11 -40.99
N GLN A 4233 -0.90 60.13 -40.36
CA GLN A 4233 -1.23 59.13 -39.33
C GLN A 4233 -1.22 57.71 -39.88
N ALA A 4234 -1.74 57.52 -41.09
CA ALA A 4234 -1.79 56.16 -41.66
C ALA A 4234 -0.40 55.58 -41.82
N LEU A 4235 0.53 56.37 -42.36
CA LEU A 4235 1.89 55.89 -42.54
C LEU A 4235 2.67 55.83 -41.23
N ILE A 4236 2.30 56.64 -40.24
CA ILE A 4236 2.87 56.50 -38.91
C ILE A 4236 2.45 55.17 -38.30
N ASN A 4237 1.21 54.75 -38.56
CA ASN A 4237 0.68 53.50 -38.04
C ASN A 4237 1.05 52.29 -38.87
N ILE A 4238 1.56 52.47 -40.09
CA ILE A 4238 1.96 51.34 -40.93
C ILE A 4238 3.41 50.92 -40.69
N ILE A 4239 4.23 51.78 -40.09
CA ILE A 4239 5.64 51.47 -39.86
C ILE A 4239 5.79 50.74 -38.54
N LYS A 4240 6.55 49.65 -38.55
CA LYS A 4240 6.77 48.85 -37.36
C LYS A 4240 7.83 49.48 -36.44
N PRO A 4241 8.97 49.94 -36.95
CA PRO A 4241 9.88 50.72 -36.09
C PRO A 4241 9.23 52.00 -35.63
N PRO A 4242 9.04 52.17 -34.32
CA PRO A 4242 8.38 53.37 -33.80
C PRO A 4242 9.37 54.50 -33.63
N VAL A 4243 9.09 55.64 -34.27
CA VAL A 4243 9.93 56.82 -34.19
C VAL A 4243 9.07 58.04 -33.88
N ARG A 4244 9.67 59.01 -33.20
CA ARG A 4244 8.96 60.23 -32.84
C ARG A 4244 8.89 61.24 -33.97
N ASP A 4245 9.69 61.05 -35.03
CA ASP A 4245 9.64 61.89 -36.22
C ASP A 4245 9.50 60.95 -37.41
N PRO A 4246 8.29 60.44 -37.67
CA PRO A 4246 8.13 59.45 -38.75
C PRO A 4246 8.54 59.98 -40.12
N LYS A 4247 8.31 61.26 -40.38
CA LYS A 4247 8.79 61.87 -41.61
C LYS A 4247 10.27 62.25 -41.54
N GLY A 4248 10.84 62.33 -40.35
CA GLY A 4248 12.20 62.80 -40.17
C GLY A 4248 13.29 61.92 -40.72
N PHE A 4249 13.21 60.60 -40.48
CA PHE A 4249 14.32 59.73 -40.84
C PHE A 4249 14.37 59.38 -42.32
N LEU A 4250 13.33 59.69 -43.09
CA LEU A 4250 13.39 59.42 -44.52
C LEU A 4250 14.44 60.25 -45.23
N GLN A 4251 14.82 61.41 -44.69
CA GLN A 4251 15.87 62.20 -45.34
C GLN A 4251 17.19 61.44 -45.35
N GLN A 4252 17.57 60.87 -44.20
CA GLN A 4252 18.78 60.03 -44.19
C GLN A 4252 18.54 58.68 -44.84
N HIS A 4253 17.29 58.22 -44.92
CA HIS A 4253 16.99 57.03 -45.70
C HIS A 4253 17.38 57.21 -47.16
N ILE A 4254 16.91 58.30 -47.77
CA ILE A 4254 17.27 58.61 -49.15
C ILE A 4254 18.75 58.97 -49.25
N LEU A 4255 19.32 59.57 -48.19
CA LEU A 4255 20.77 59.71 -48.10
C LEU A 4255 21.49 58.41 -48.36
N LYS A 4256 21.25 57.39 -47.54
CA LYS A 4256 22.00 56.15 -47.66
C LYS A 4256 21.65 55.43 -48.97
N ASP A 4257 20.40 55.54 -49.42
CA ASP A 4257 20.00 54.91 -50.67
C ASP A 4257 20.78 55.49 -51.85
N LEU A 4258 20.83 56.82 -51.95
CA LEU A 4258 21.62 57.44 -53.01
C LEU A 4258 23.11 57.22 -52.83
N GLU A 4259 23.59 57.08 -51.59
CA GLU A 4259 25.01 56.78 -51.38
C GLU A 4259 25.36 55.42 -51.96
N GLN A 4260 24.53 54.41 -51.70
CA GLN A 4260 24.82 53.09 -52.25
C GLN A 4260 24.53 53.03 -53.74
N LEU A 4261 23.62 53.88 -54.24
CA LEU A 4261 23.51 54.05 -55.70
C LEU A 4261 24.79 54.59 -56.30
N ALA A 4262 25.40 55.60 -55.66
CA ALA A 4262 26.65 56.14 -56.17
C ALA A 4262 27.75 55.10 -56.13
N LYS A 4263 27.79 54.29 -55.07
CA LYS A 4263 28.80 53.24 -54.98
C LYS A 4263 28.60 52.16 -56.03
N MET A 4264 27.37 51.71 -56.25
CA MET A 4264 27.14 50.56 -57.11
C MET A 4264 27.11 50.95 -58.58
N LEU A 4265 26.41 52.04 -58.92
CA LEU A 4265 26.33 52.47 -60.31
C LEU A 4265 27.66 53.03 -60.81
N GLY A 4266 28.37 53.78 -59.96
CA GLY A 4266 29.63 54.38 -60.33
C GLY A 4266 29.53 55.77 -60.93
N HIS A 4267 28.32 56.30 -61.12
CA HIS A 4267 28.14 57.63 -61.67
C HIS A 4267 28.30 58.68 -60.57
N SER A 4268 28.25 59.95 -60.96
CA SER A 4268 28.22 61.03 -59.99
C SER A 4268 26.85 61.09 -59.32
N ALA A 4269 26.79 61.81 -58.20
CA ALA A 4269 25.55 61.91 -57.44
C ALA A 4269 24.43 62.50 -58.30
N ASP A 4270 24.69 63.63 -58.95
CA ASP A 4270 23.70 64.21 -59.85
C ASP A 4270 23.46 63.34 -61.08
N GLU A 4271 24.49 62.63 -61.54
CA GLU A 4271 24.30 61.68 -62.64
C GLU A 4271 23.38 60.54 -62.21
N THR A 4272 23.55 60.05 -60.98
CA THR A 4272 22.63 59.05 -60.46
C THR A 4272 21.22 59.61 -60.30
N ILE A 4273 21.12 60.89 -59.93
CA ILE A 4273 19.81 61.53 -59.86
C ILE A 4273 19.14 61.56 -61.22
N GLY A 4274 19.91 61.88 -62.27
CA GLY A 4274 19.37 61.84 -63.61
C GLY A 4274 18.97 60.44 -64.06
N VAL A 4275 19.77 59.44 -63.66
CA VAL A 4275 19.43 58.06 -63.97
C VAL A 4275 18.12 57.66 -63.31
N VAL A 4276 17.94 58.06 -62.05
CA VAL A 4276 16.68 57.79 -61.36
C VAL A 4276 15.54 58.55 -62.04
N HIS A 4277 15.81 59.76 -62.52
CA HIS A 4277 14.82 60.50 -63.28
C HIS A 4277 14.37 59.72 -64.51
N LEU A 4278 15.32 59.15 -65.24
CA LEU A 4278 14.96 58.35 -66.42
C LEU A 4278 14.18 57.11 -66.03
N VAL A 4279 14.60 56.45 -64.94
CA VAL A 4279 13.91 55.24 -64.49
C VAL A 4279 12.46 55.54 -64.14
N LEU A 4280 12.22 56.63 -63.41
CA LEU A 4280 10.87 56.98 -63.01
C LEU A 4280 10.07 57.62 -64.15
N ARG A 4281 10.74 58.20 -65.16
CA ARG A 4281 10.03 58.72 -66.31
C ARG A 4281 9.53 57.61 -67.22
N ARG A 4282 10.29 56.52 -67.34
CA ARG A 4282 9.87 55.45 -68.23
C ARG A 4282 8.63 54.74 -67.71
N LEU A 4283 8.28 54.94 -66.43
CA LEU A 4283 6.97 54.50 -65.94
C LEU A 4283 5.86 55.37 -66.51
N LEU A 4284 6.11 56.67 -66.66
CA LEU A 4284 5.09 57.57 -67.19
C LEU A 4284 4.92 57.38 -68.69
N GLN A 4285 6.03 57.21 -69.43
CA GLN A 4285 5.96 57.05 -70.87
C GLN A 4285 5.50 55.67 -71.32
N GLU A 4286 4.97 54.86 -70.41
CA GLU A 4286 4.38 53.56 -70.74
C GLU A 4286 2.90 53.61 -70.36
N GLN A 4287 2.06 54.04 -71.30
CA GLN A 4287 0.62 54.15 -71.07
C GLN A 4287 -0.15 53.02 -71.73
N HIS A 4288 0.52 52.06 -72.36
CA HIS A 4288 -0.15 50.96 -73.02
C HIS A 4288 -0.74 49.98 -72.01
N PHE A 4298 -0.54 43.70 -62.24
CA PHE A 4298 -1.70 42.81 -62.17
C PHE A 4298 -2.60 43.18 -61.00
N ASP A 4299 -2.21 42.77 -59.80
CA ASP A 4299 -3.01 43.07 -58.62
C ASP A 4299 -2.98 44.56 -58.31
N THR A 4300 -4.11 45.07 -57.82
CA THR A 4300 -4.21 46.50 -57.57
C THR A 4300 -3.78 46.86 -56.15
N GLU A 4301 -4.10 46.03 -55.16
CA GLU A 4301 -3.77 46.34 -53.79
C GLU A 4301 -2.70 45.43 -53.19
N LEU A 4302 -2.12 44.54 -53.99
CA LEU A 4302 -1.04 43.65 -53.54
C LEU A 4302 -1.51 42.80 -52.35
N SER A 4303 -2.47 41.93 -52.64
CA SER A 4303 -3.17 41.19 -51.59
C SER A 4303 -2.21 40.41 -50.69
N THR A 4304 -1.36 39.60 -51.29
CA THR A 4304 -0.46 38.74 -50.54
C THR A 4304 0.96 38.79 -51.12
N LYS A 4305 1.84 37.99 -50.52
CA LYS A 4305 3.25 38.07 -50.85
C LYS A 4305 3.56 37.53 -52.24
N GLU A 4306 2.94 36.40 -52.62
CA GLU A 4306 3.28 35.78 -53.89
C GLU A 4306 2.85 36.62 -55.09
N MET A 4307 1.64 37.19 -55.06
CA MET A 4307 1.24 38.05 -56.18
C MET A 4307 2.01 39.37 -56.15
N ARG A 4308 2.47 39.80 -54.96
CA ARG A 4308 3.34 40.96 -54.89
C ARG A 4308 4.68 40.68 -55.58
N ASN A 4309 5.24 39.48 -55.35
CA ASN A 4309 6.44 39.08 -56.07
C ASN A 4309 6.18 38.98 -57.56
N ASN A 4310 5.00 38.51 -57.94
CA ASN A 4310 4.63 38.46 -59.36
C ASN A 4310 4.58 39.87 -59.95
N TRP A 4311 4.06 40.84 -59.19
CA TRP A 4311 4.01 42.21 -59.67
C TRP A 4311 5.40 42.80 -59.79
N GLU A 4312 6.30 42.47 -58.86
CA GLU A 4312 7.71 42.83 -59.03
C GLU A 4312 8.27 42.22 -60.30
N LYS A 4313 7.92 40.96 -60.58
CA LYS A 4313 8.41 40.29 -61.78
C LYS A 4313 7.96 41.01 -63.04
N GLU A 4314 6.67 41.37 -63.12
CA GLU A 4314 6.16 41.99 -64.33
C GLU A 4314 6.55 43.45 -64.46
N ILE A 4315 6.91 44.12 -63.37
CA ILE A 4315 7.39 45.50 -63.48
C ILE A 4315 8.88 45.55 -63.78
N ALA A 4316 9.66 44.56 -63.31
CA ALA A 4316 11.09 44.56 -63.59
C ALA A 4316 11.36 44.36 -65.07
N ALA A 4317 10.60 43.48 -65.72
CA ALA A 4317 10.79 43.25 -67.15
C ALA A 4317 10.53 44.49 -67.98
N VAL A 4318 9.68 45.40 -67.50
CA VAL A 4318 9.42 46.64 -68.19
C VAL A 4318 10.46 47.70 -67.87
N ILE A 4319 10.88 47.78 -66.60
CA ILE A 4319 11.86 48.79 -66.20
C ILE A 4319 13.24 48.49 -66.80
N SER A 4320 13.61 47.20 -66.88
CA SER A 4320 14.98 46.82 -67.18
C SER A 4320 15.51 47.35 -68.51
N PRO A 4321 14.81 47.20 -69.66
CA PRO A 4321 15.46 47.50 -70.94
C PRO A 4321 16.00 48.93 -71.04
N GLU A 4322 15.34 49.89 -70.40
CA GLU A 4322 15.84 51.26 -70.41
C GLU A 4322 17.19 51.37 -69.71
N LEU A 4323 17.36 50.65 -68.60
CA LEU A 4323 18.64 50.64 -67.91
C LEU A 4323 19.69 49.81 -68.66
N GLU A 4324 19.26 48.78 -69.39
CA GLU A 4324 20.18 48.07 -70.26
C GLU A 4324 20.70 49.00 -71.36
N HIS A 4325 19.83 49.87 -71.88
CA HIS A 4325 20.26 50.87 -72.85
C HIS A 4325 20.67 52.18 -72.17
N LEU A 4326 21.56 52.08 -71.18
CA LEU A 4326 22.15 53.24 -70.54
C LEU A 4326 23.50 53.62 -71.14
N ASP A 4327 24.04 52.80 -72.04
CA ASP A 4327 25.32 53.11 -72.66
C ASP A 4327 25.21 54.27 -73.63
N LYS A 4328 24.04 54.45 -74.24
CA LYS A 4328 23.81 55.52 -75.20
C LYS A 4328 23.03 56.69 -74.62
N THR A 4329 22.13 56.43 -73.67
CA THR A 4329 21.35 57.52 -73.08
C THR A 4329 22.19 58.38 -72.15
N LEU A 4330 23.26 57.82 -71.58
CA LEU A 4330 24.14 58.61 -70.73
C LEU A 4330 24.84 59.72 -71.49
N PRO A 4331 25.50 59.48 -72.63
CA PRO A 4331 26.03 60.62 -73.40
C PRO A 4331 24.96 61.57 -73.87
N THR A 4332 23.77 61.07 -74.19
CA THR A 4332 22.67 61.95 -74.59
C THR A 4332 22.30 62.92 -73.48
N MET A 4333 22.08 62.40 -72.27
CA MET A 4333 21.75 63.24 -71.13
C MET A 4333 22.89 64.18 -70.76
N ASN A 4334 24.14 63.71 -70.89
CA ASN A 4334 25.29 64.59 -70.67
C ASN A 4334 25.26 65.76 -71.65
N ASN A 4335 24.99 65.48 -72.93
CA ASN A 4335 24.98 66.53 -73.93
C ASN A 4335 23.82 67.49 -73.73
N LEU A 4336 22.64 66.98 -73.36
CA LEU A 4336 21.51 67.87 -73.08
C LEU A 4336 21.83 68.79 -71.91
N ILE A 4337 22.46 68.27 -70.87
CA ILE A 4337 22.87 69.13 -69.76
C ILE A 4337 23.88 70.17 -70.22
N SER A 4338 24.90 69.74 -70.98
CA SER A 4338 25.94 70.66 -71.43
C SER A 4338 25.42 71.74 -72.36
N GLN A 4339 24.33 71.46 -73.10
CA GLN A 4339 23.79 72.41 -74.06
C GLN A 4339 22.94 73.51 -73.43
N ASP A 4340 22.39 73.28 -72.23
CA ASP A 4340 21.50 74.25 -71.63
C ASP A 4340 22.26 75.51 -71.24
N LYS A 4341 21.55 76.65 -71.27
CA LYS A 4341 22.20 77.94 -71.11
C LYS A 4341 22.75 78.15 -69.70
N ARG A 4342 22.07 77.65 -68.67
CA ARG A 4342 22.50 77.95 -67.31
C ARG A 4342 23.79 77.21 -66.95
N ILE A 4343 24.01 76.03 -67.54
CA ILE A 4343 25.28 75.34 -67.36
C ILE A 4343 26.41 76.13 -68.01
N SER A 4344 26.10 76.99 -68.98
CA SER A 4344 27.09 77.85 -69.62
C SER A 4344 27.13 79.24 -68.97
N SER A 4345 26.68 79.34 -67.72
CA SER A 4345 26.69 80.61 -67.00
C SER A 4345 27.40 80.50 -65.66
N ASN A 4346 28.23 79.46 -65.46
CA ASN A 4346 28.96 79.28 -64.22
C ASN A 4346 30.27 78.54 -64.47
N PRO A 4347 31.40 79.09 -64.02
CA PRO A 4347 32.69 78.42 -64.27
C PRO A 4347 32.78 77.03 -63.65
N VAL A 4348 32.17 76.82 -62.48
CA VAL A 4348 32.23 75.52 -61.84
C VAL A 4348 31.50 74.48 -62.68
N ALA A 4349 30.36 74.87 -63.27
CA ALA A 4349 29.67 73.97 -64.20
C ALA A 4349 30.52 73.68 -65.43
N LYS A 4350 31.19 74.71 -65.96
CA LYS A 4350 32.05 74.52 -67.12
C LYS A 4350 33.26 73.65 -66.80
N ILE A 4351 33.62 73.53 -65.52
CA ILE A 4351 34.73 72.67 -65.13
C ILE A 4351 34.44 71.22 -65.52
N ILE A 4352 33.23 70.75 -65.25
CA ILE A 4352 32.87 69.38 -65.60
C ILE A 4352 32.24 69.29 -66.99
N TYR A 4353 31.70 70.39 -67.50
CA TYR A 4353 31.10 70.44 -68.84
C TYR A 4353 31.86 71.49 -69.64
N GLY A 4354 32.94 71.08 -70.27
CA GLY A 4354 33.80 71.96 -71.03
C GLY A 4354 35.25 71.82 -70.60
N ASP A 4355 36.14 72.46 -71.36
CA ASP A 4355 37.56 72.39 -71.07
C ASP A 4355 38.09 73.75 -70.64
N PRO A 4356 38.86 73.81 -69.55
CA PRO A 4356 39.45 75.09 -69.14
C PRO A 4356 40.42 75.66 -70.15
N VAL A 4357 40.96 74.83 -71.06
CA VAL A 4357 41.91 75.33 -72.04
C VAL A 4357 41.25 76.33 -72.99
N THR A 4358 39.97 76.13 -73.32
CA THR A 4358 39.21 77.07 -74.13
C THR A 4358 38.43 78.06 -73.30
N PHE A 4359 38.52 77.99 -71.97
CA PHE A 4359 37.79 78.89 -71.08
C PHE A 4359 38.76 79.81 -70.34
N LEU A 4360 39.71 79.24 -69.61
CA LEU A 4360 40.63 80.02 -68.78
C LEU A 4360 42.03 79.97 -69.39
N PRO A 4361 42.54 81.10 -69.90
CA PRO A 4361 43.92 81.09 -70.41
C PRO A 4361 44.98 80.98 -69.32
N HIS A 4362 44.61 81.17 -68.05
CA HIS A 4362 45.59 81.07 -66.97
C HIS A 4362 46.10 79.64 -66.83
N LEU A 4363 45.33 78.66 -67.28
CA LEU A 4363 45.76 77.26 -67.18
C LEU A 4363 46.97 77.03 -68.07
N PRO A 4364 47.96 76.26 -67.61
CA PRO A 4364 49.14 75.99 -68.43
C PRO A 4364 48.79 75.13 -69.63
N ARG A 4365 49.61 75.28 -70.68
CA ARG A 4365 49.39 74.59 -71.94
C ARG A 4365 50.75 74.11 -72.44
N LYS A 4366 50.81 73.77 -73.73
CA LYS A 4366 52.00 73.35 -74.50
C LYS A 4366 52.52 71.98 -74.10
N SER A 4367 51.95 71.34 -73.10
CA SER A 4367 52.38 70.01 -72.66
C SER A 4367 51.26 69.01 -72.93
N VAL A 4368 51.63 67.86 -73.51
CA VAL A 4368 50.66 66.80 -73.78
C VAL A 4368 50.07 66.25 -72.49
N VAL A 4369 50.79 66.37 -71.38
CA VAL A 4369 50.26 65.90 -70.10
C VAL A 4369 49.03 66.70 -69.70
N HIS A 4370 49.07 68.02 -69.88
CA HIS A 4370 47.94 68.88 -69.54
C HIS A 4370 46.96 68.92 -70.71
N CYS A 4371 45.90 68.13 -70.60
CA CYS A 4371 44.87 68.09 -71.63
C CYS A 4371 43.58 67.56 -70.99
N SER A 4372 42.50 67.55 -71.77
CA SER A 4372 41.19 67.19 -71.26
C SER A 4372 41.11 65.72 -70.85
N LYS A 4373 41.54 64.82 -71.74
CA LYS A 4373 41.36 63.39 -71.48
C LYS A 4373 42.24 62.89 -70.36
N ILE A 4374 43.51 63.32 -70.33
CA ILE A 4374 44.45 62.81 -69.33
C ILE A 4374 44.00 63.20 -67.93
N TRP A 4375 43.62 64.47 -67.75
CA TRP A 4375 43.17 64.96 -66.45
C TRP A 4375 41.64 64.96 -66.38
N SER A 4376 41.07 63.77 -66.50
CA SER A 4376 39.63 63.57 -66.45
C SER A 4376 39.28 62.63 -65.32
N CYS A 4377 38.23 62.96 -64.58
CA CYS A 4377 37.88 62.20 -63.39
C CYS A 4377 37.48 60.78 -63.76
N ARG A 4378 37.86 59.83 -62.91
CA ARG A 4378 37.62 58.41 -63.12
C ARG A 4378 36.68 57.88 -62.04
N LYS A 4379 36.35 56.60 -62.15
CA LYS A 4379 35.50 55.90 -61.20
C LYS A 4379 36.25 54.70 -60.65
N ARG A 4380 36.31 54.60 -59.33
CA ARG A 4380 36.97 53.46 -58.70
C ARG A 4380 36.15 52.20 -58.88
N ILE A 4381 36.84 51.08 -59.08
CA ILE A 4381 36.20 49.80 -59.36
C ILE A 4381 36.08 49.07 -58.02
N THR A 4382 34.98 49.31 -57.32
CA THR A 4382 34.69 48.65 -56.06
C THR A 4382 33.92 47.36 -56.29
N VAL A 4383 33.84 46.54 -55.25
CA VAL A 4383 33.27 45.20 -55.38
C VAL A 4383 31.83 45.27 -55.86
N GLU A 4384 31.07 46.24 -55.35
CA GLU A 4384 29.70 46.44 -55.84
C GLU A 4384 29.69 46.86 -57.30
N TYR A 4385 30.75 47.50 -57.77
CA TYR A 4385 30.81 47.84 -59.20
C TYR A 4385 31.04 46.56 -60.02
N LEU A 4386 31.80 45.60 -59.49
CA LEU A 4386 31.88 44.30 -60.14
C LEU A 4386 30.53 43.58 -60.12
N GLN A 4387 29.76 43.73 -59.04
CA GLN A 4387 28.40 43.20 -59.05
C GLN A 4387 27.58 43.84 -60.17
N HIS A 4388 27.72 45.16 -60.33
CA HIS A 4388 27.04 45.87 -61.42
C HIS A 4388 27.47 45.32 -62.77
N ILE A 4389 28.78 45.06 -62.93
CA ILE A 4389 29.30 44.52 -64.18
C ILE A 4389 28.68 43.16 -64.47
N VAL A 4390 28.61 42.31 -63.44
CA VAL A 4390 28.00 40.98 -63.60
C VAL A 4390 26.54 41.12 -63.98
N GLU A 4391 25.81 42.05 -63.36
CA GLU A 4391 24.40 42.21 -63.65
C GLU A 4391 24.16 42.71 -65.07
N GLN A 4392 24.91 43.73 -65.51
CA GLN A 4392 24.66 44.29 -66.84
C GLN A 4392 25.16 43.35 -67.94
N LYS A 4393 26.28 42.68 -67.72
CA LYS A 4393 26.71 41.64 -68.65
C LYS A 4393 25.74 40.46 -68.62
N ASN A 4394 25.10 40.23 -67.48
CA ASN A 4394 24.24 39.07 -67.26
C ASN A 4394 25.01 37.79 -67.57
N GLY A 4395 26.28 37.78 -67.17
CA GLY A 4395 27.06 36.57 -67.14
C GLY A 4395 26.71 35.79 -65.89
N LYS A 4396 25.40 35.73 -65.63
CA LYS A 4396 24.88 35.19 -64.38
C LYS A 4396 25.19 33.71 -64.24
N GLU A 4397 24.85 32.90 -65.24
CA GLU A 4397 25.26 31.50 -65.24
C GLU A 4397 26.66 31.30 -65.76
N ARG A 4398 27.25 32.33 -66.37
CA ARG A 4398 28.61 32.23 -66.90
C ARG A 4398 29.62 31.97 -65.77
N VAL A 4399 29.45 32.63 -64.64
CA VAL A 4399 30.39 32.49 -63.52
C VAL A 4399 29.61 32.19 -62.24
N PRO A 4400 29.07 30.97 -62.08
CA PRO A 4400 28.25 30.67 -60.90
C PRO A 4400 28.99 30.84 -59.58
N ILE A 4401 30.26 30.45 -59.52
CA ILE A 4401 31.03 30.63 -58.29
C ILE A 4401 31.19 32.11 -57.97
N LEU A 4402 31.53 32.91 -58.99
CA LEU A 4402 31.60 34.35 -58.81
C LEU A 4402 30.22 34.95 -58.53
N TRP A 4403 29.18 34.41 -59.18
CA TRP A 4403 27.82 34.77 -58.82
C TRP A 4403 27.62 34.67 -57.32
N HIS A 4404 27.89 33.49 -56.76
CA HIS A 4404 27.61 33.25 -55.36
C HIS A 4404 28.53 34.08 -54.46
N PHE A 4405 29.74 34.36 -54.94
CA PHE A 4405 30.65 35.21 -54.18
C PHE A 4405 30.07 36.61 -53.99
N LEU A 4406 29.83 37.33 -55.10
CA LEU A 4406 29.29 38.68 -54.91
C LEU A 4406 27.80 38.69 -54.61
N GLN A 4407 27.15 37.54 -54.45
CA GLN A 4407 25.77 37.54 -53.99
C GLN A 4407 25.65 38.14 -52.59
N LYS A 4408 26.26 37.48 -51.61
CA LYS A 4408 26.13 37.83 -50.20
C LYS A 4408 27.49 38.05 -49.57
N GLU A 4409 28.41 38.67 -50.32
CA GLU A 4409 29.77 38.87 -49.83
C GLU A 4409 29.78 39.73 -48.57
N ALA A 4410 28.81 40.64 -48.44
CA ALA A 4410 28.77 41.49 -47.25
C ALA A 4410 28.59 40.69 -45.98
N GLU A 4411 27.72 39.68 -46.00
CA GLU A 4411 27.51 38.82 -44.85
C GLU A 4411 28.33 37.53 -44.91
N LEU A 4412 28.88 37.18 -46.08
CA LEU A 4412 29.75 36.02 -46.20
C LEU A 4412 31.14 36.27 -45.65
N ARG A 4413 31.59 37.52 -45.59
CA ARG A 4413 32.90 37.82 -45.03
C ARG A 4413 32.93 37.66 -43.51
N LEU A 4414 31.78 37.48 -42.87
CA LEU A 4414 31.72 37.27 -41.43
C LEU A 4414 31.88 35.81 -41.04
N VAL A 4415 32.00 34.90 -42.01
CA VAL A 4415 32.24 33.50 -41.69
C VAL A 4415 33.63 33.32 -41.07
N LYS A 4416 34.56 34.22 -41.37
CA LYS A 4416 35.91 34.12 -40.82
C LYS A 4416 35.92 34.23 -39.30
N PHE A 4417 34.90 34.85 -38.70
CA PHE A 4417 34.79 34.94 -37.26
C PHE A 4417 34.11 33.73 -36.64
N LEU A 4418 33.74 32.74 -37.45
CA LEU A 4418 33.06 31.55 -36.94
C LEU A 4418 33.84 30.80 -35.88
N PRO A 4419 35.14 30.49 -36.06
CA PRO A 4419 35.82 29.69 -35.04
C PRO A 4419 35.90 30.37 -33.68
N GLU A 4420 36.24 31.66 -33.65
CA GLU A 4420 36.43 32.36 -32.38
C GLU A 4420 35.18 32.26 -31.52
N ILE A 4421 34.03 32.64 -32.09
CA ILE A 4421 32.78 32.55 -31.32
C ILE A 4421 32.51 31.11 -30.93
N LEU A 4422 32.85 30.16 -31.81
CA LEU A 4422 32.69 28.75 -31.46
C LEU A 4422 33.49 28.43 -30.20
N ALA A 4423 34.75 28.88 -30.15
CA ALA A 4423 35.53 28.71 -28.93
C ALA A 4423 34.82 29.36 -27.75
N LEU A 4424 34.27 30.56 -27.97
CA LEU A 4424 33.54 31.25 -26.92
C LEU A 4424 32.41 30.38 -26.40
N GLN A 4425 31.76 29.61 -27.28
CA GLN A 4425 30.76 28.66 -26.80
C GLN A 4425 31.41 27.55 -25.98
N ARG A 4426 32.45 26.91 -26.55
CA ARG A 4426 33.06 25.77 -25.88
C ARG A 4426 33.69 26.18 -24.56
N ASP A 4427 34.46 27.26 -24.57
CA ASP A 4427 35.13 27.76 -23.37
C ASP A 4427 34.12 28.29 -22.36
N LEU A 4428 32.83 28.18 -22.69
CA LEU A 4428 31.77 28.37 -21.70
C LEU A 4428 31.15 27.05 -21.28
N VAL A 4429 30.84 26.18 -22.26
CA VAL A 4429 30.18 24.92 -21.94
C VAL A 4429 31.04 24.08 -21.00
N LYS A 4430 32.34 24.01 -21.28
CA LYS A 4430 33.25 23.36 -20.34
C LYS A 4430 33.37 24.15 -19.04
N GLN A 4431 33.44 25.48 -19.14
CA GLN A 4431 33.69 26.30 -17.95
C GLN A 4431 32.47 26.35 -17.04
N PHE A 4432 31.27 26.38 -17.63
CA PHE A 4432 30.04 26.45 -16.83
C PHE A 4432 29.67 25.06 -16.31
N GLN A 4433 30.08 24.79 -15.07
CA GLN A 4433 29.53 23.65 -14.35
C GLN A 4433 28.17 24.07 -13.79
N ASN A 4434 27.13 23.34 -14.20
CA ASN A 4434 25.77 23.86 -14.12
C ASN A 4434 25.38 24.29 -12.71
N VAL A 4435 25.10 25.58 -12.55
CA VAL A 4435 24.60 26.13 -11.29
C VAL A 4435 23.08 26.22 -11.27
N GLN A 4436 22.40 25.70 -12.30
CA GLN A 4436 20.96 25.56 -12.47
C GLN A 4436 20.25 26.84 -12.90
N GLN A 4437 20.98 27.94 -13.06
CA GLN A 4437 20.34 29.22 -13.38
C GLN A 4437 21.37 30.13 -14.01
N VAL A 4438 20.90 31.21 -14.62
CA VAL A 4438 21.75 32.27 -15.13
C VAL A 4438 21.84 33.36 -14.07
N GLU A 4439 23.01 33.97 -13.93
CA GLU A 4439 23.22 35.02 -12.96
C GLU A 4439 22.59 36.32 -13.48
N TYR A 4440 22.91 37.44 -12.84
CA TYR A 4440 22.32 38.71 -13.22
C TYR A 4440 22.60 39.02 -14.69
N SER A 4441 21.59 39.55 -15.37
CA SER A 4441 21.60 39.71 -16.82
C SER A 4441 22.48 40.89 -17.21
N SER A 4442 23.78 40.64 -17.21
CA SER A 4442 24.77 41.65 -17.61
C SER A 4442 26.08 40.94 -17.90
N ILE A 4443 26.54 41.00 -19.16
CA ILE A 4443 27.83 40.41 -19.49
C ILE A 4443 28.95 41.16 -18.78
N ARG A 4444 28.84 42.49 -18.70
CA ARG A 4444 29.85 43.30 -18.04
C ARG A 4444 29.96 42.94 -16.56
N GLY A 4445 28.84 42.70 -15.90
CA GLY A 4445 28.89 42.23 -14.53
C GLY A 4445 29.51 40.86 -14.41
N PHE A 4446 29.29 39.99 -15.41
CA PHE A 4446 29.94 38.70 -15.42
C PHE A 4446 31.46 38.84 -15.49
N LEU A 4447 31.95 39.76 -16.32
CA LEU A 4447 33.39 40.01 -16.36
C LEU A 4447 33.87 40.64 -15.06
N SER A 4448 33.04 41.48 -14.44
CA SER A 4448 33.41 42.10 -13.17
C SER A 4448 33.60 41.04 -12.08
N LYS A 4449 32.71 40.04 -12.03
CA LYS A 4449 32.85 38.99 -11.04
C LYS A 4449 33.87 37.93 -11.45
N HIS A 4450 34.36 37.96 -12.69
CA HIS A 4450 35.36 36.99 -13.11
C HIS A 4450 36.66 37.25 -12.37
N SER A 4451 37.37 36.16 -12.04
CA SER A 4451 38.47 36.25 -11.09
C SER A 4451 39.68 36.96 -11.69
N SER A 4452 40.25 36.41 -12.76
CA SER A 4452 41.53 36.89 -13.28
C SER A 4452 41.31 37.91 -14.37
N ASP A 4453 42.13 38.98 -14.34
CA ASP A 4453 42.03 40.05 -15.32
C ASP A 4453 42.51 39.63 -16.71
N GLY A 4454 43.43 38.67 -16.81
CA GLY A 4454 43.85 38.21 -18.12
C GLY A 4454 42.76 37.46 -18.87
N LEU A 4455 42.12 36.50 -18.20
CA LEU A 4455 40.96 35.86 -18.79
C LEU A 4455 39.80 36.84 -18.93
N ARG A 4456 39.75 37.85 -18.06
CA ARG A 4456 38.78 38.93 -18.26
C ARG A 4456 39.00 39.62 -19.60
N GLN A 4457 40.25 39.94 -19.92
CA GLN A 4457 40.54 40.60 -21.19
C GLN A 4457 40.26 39.67 -22.37
N LEU A 4458 40.62 38.39 -22.25
CA LEU A 4458 40.34 37.45 -23.33
C LEU A 4458 38.84 37.32 -23.58
N LEU A 4459 38.08 37.10 -22.50
CA LEU A 4459 36.63 37.01 -22.62
C LEU A 4459 36.03 38.31 -23.12
N HIS A 4460 36.64 39.46 -22.77
CA HIS A 4460 36.14 40.75 -23.23
C HIS A 4460 36.31 40.90 -24.73
N ASN A 4461 37.48 40.52 -25.25
CA ASN A 4461 37.67 40.52 -26.69
C ASN A 4461 36.68 39.59 -27.37
N ARG A 4462 36.47 38.41 -26.79
CA ARG A 4462 35.54 37.45 -27.38
C ARG A 4462 34.11 37.97 -27.40
N ILE A 4463 33.65 38.59 -26.30
CA ILE A 4463 32.27 39.08 -26.27
C ILE A 4463 32.12 40.25 -27.23
N THR A 4464 33.14 41.11 -27.33
CA THR A 4464 33.04 42.21 -28.27
C THR A 4464 32.94 41.71 -29.70
N VAL A 4465 33.74 40.69 -30.05
CA VAL A 4465 33.65 40.11 -31.39
C VAL A 4465 32.27 39.51 -31.62
N PHE A 4466 31.77 38.76 -30.62
CA PHE A 4466 30.47 38.10 -30.76
C PHE A 4466 29.35 39.13 -30.92
N LEU A 4467 29.37 40.19 -30.10
CA LEU A 4467 28.32 41.20 -30.19
C LEU A 4467 28.41 41.97 -31.50
N SER A 4468 29.63 42.23 -31.98
CA SER A 4468 29.77 42.91 -33.27
C SER A 4468 29.22 42.06 -34.40
N THR A 4469 29.51 40.75 -34.39
CA THR A 4469 29.02 39.90 -35.47
C THR A 4469 27.55 39.56 -35.29
N TRP A 4470 26.99 39.77 -34.10
CA TRP A 4470 25.58 39.51 -33.88
C TRP A 4470 24.72 40.71 -34.27
N ASN A 4471 25.16 41.92 -33.90
CA ASN A 4471 24.39 43.12 -34.22
C ASN A 4471 24.27 43.31 -35.72
N LYS A 4472 25.34 43.07 -36.46
CA LYS A 4472 25.33 43.24 -37.91
C LYS A 4472 24.49 42.19 -38.62
N LEU A 4473 24.10 41.12 -37.94
CA LEU A 4473 23.38 40.02 -38.57
C LEU A 4473 22.01 39.75 -37.96
N ARG A 4474 21.64 40.44 -36.86
CA ARG A 4474 20.37 40.13 -36.21
C ARG A 4474 19.18 40.47 -37.12
N ARG A 4475 19.27 41.56 -37.86
CA ARG A 4475 18.21 41.88 -38.82
C ARG A 4475 18.12 40.80 -39.90
N SER A 4476 19.27 40.31 -40.35
CA SER A 4476 19.26 39.17 -41.27
C SER A 4476 18.68 37.93 -40.60
N LEU A 4477 19.11 37.66 -39.37
CA LEU A 4477 18.64 36.48 -38.66
C LEU A 4477 17.14 36.51 -38.42
N GLU A 4478 16.54 37.70 -38.44
CA GLU A 4478 15.10 37.81 -38.21
C GLU A 4478 14.28 37.10 -39.27
N THR A 4479 14.83 36.91 -40.48
CA THR A 4479 14.08 36.28 -41.57
C THR A 4479 14.83 35.19 -42.31
N ASN A 4480 16.16 35.18 -42.30
CA ASN A 4480 16.92 34.20 -43.07
C ASN A 4480 17.24 32.93 -42.30
N GLY A 4481 16.86 32.85 -41.04
CA GLY A 4481 17.11 31.64 -40.27
C GLY A 4481 16.14 30.52 -40.60
N GLU A 4482 16.48 29.32 -40.15
CA GLU A 4482 15.64 28.15 -40.33
C GLU A 4482 14.93 27.73 -39.05
N ILE A 4483 15.01 28.55 -38.01
CA ILE A 4483 14.32 28.30 -36.75
C ILE A 4483 13.56 29.56 -36.37
N ASN A 4484 12.34 29.39 -35.88
CA ASN A 4484 11.42 30.50 -35.65
C ASN A 4484 11.87 31.27 -34.40
N LEU A 4485 12.77 32.22 -34.61
CA LEU A 4485 13.16 33.12 -33.53
C LEU A 4485 12.07 34.17 -33.32
N PRO A 4486 11.59 34.34 -32.10
CA PRO A 4486 10.61 35.40 -31.83
C PRO A 4486 11.17 36.77 -32.22
N LYS A 4487 10.29 37.61 -32.75
CA LYS A 4487 10.69 38.86 -33.39
C LYS A 4487 11.32 39.85 -32.41
N ASP A 4488 11.08 39.71 -31.12
CA ASP A 4488 11.63 40.65 -30.15
C ASP A 4488 13.13 40.46 -29.92
N TYR A 4489 13.62 39.22 -30.06
CA TYR A 4489 15.05 39.00 -29.89
C TYR A 4489 15.87 39.73 -30.94
N CYS A 4490 15.45 39.65 -32.20
CA CYS A 4490 16.14 40.33 -33.30
C CYS A 4490 15.54 41.71 -33.56
N SER A 4491 15.48 42.53 -32.53
CA SER A 4491 14.86 43.85 -32.65
C SER A 4491 15.78 44.98 -32.21
N THR A 4492 16.59 44.77 -31.19
CA THR A 4492 17.46 45.81 -30.65
C THR A 4492 18.91 45.43 -30.87
N ASP A 4493 19.78 46.44 -30.82
CA ASP A 4493 21.23 46.26 -30.96
C ASP A 4493 21.74 45.90 -29.58
N LEU A 4494 21.98 44.61 -29.35
CA LEU A 4494 22.46 44.15 -28.05
C LEU A 4494 23.89 44.64 -27.81
N ASP A 4495 24.22 44.82 -26.53
CA ASP A 4495 25.55 45.27 -26.14
C ASP A 4495 26.09 44.42 -24.99
N LEU A 4496 27.22 44.83 -24.41
CA LEU A 4496 27.82 44.09 -23.31
C LEU A 4496 27.01 44.17 -22.03
N ASP A 4497 26.01 45.04 -21.96
CA ASP A 4497 25.17 45.16 -20.77
C ASP A 4497 23.84 44.43 -20.91
N THR A 4498 23.67 43.62 -21.95
CA THR A 4498 22.43 42.90 -22.17
C THR A 4498 22.42 41.64 -21.30
N GLU A 4499 21.45 40.76 -21.50
CA GLU A 4499 21.33 39.56 -20.69
C GLU A 4499 22.43 38.56 -21.04
N PHE A 4500 22.98 37.93 -19.99
CA PHE A 4500 24.11 37.02 -20.18
C PHE A 4500 23.70 35.72 -20.84
N GLU A 4501 22.41 35.38 -20.84
CA GLU A 4501 21.94 34.12 -21.41
C GLU A 4501 22.23 34.03 -22.90
N ILE A 4502 22.52 35.16 -23.56
CA ILE A 4502 22.80 35.16 -24.99
C ILE A 4502 24.02 34.31 -25.30
N LEU A 4503 25.08 34.43 -24.50
CA LEU A 4503 26.33 33.73 -24.81
C LEU A 4503 26.16 32.21 -24.78
N LEU A 4504 25.44 31.70 -23.78
CA LEU A 4504 25.20 30.26 -23.72
C LEU A 4504 24.29 29.85 -24.87
N PRO A 4505 24.66 28.81 -25.64
CA PRO A 4505 23.91 28.42 -26.84
C PRO A 4505 22.71 27.52 -26.55
N ARG A 4506 21.89 27.91 -25.57
CA ARG A 4506 20.73 27.11 -25.20
C ARG A 4506 19.77 26.98 -26.37
N ARG A 4507 19.22 25.78 -26.54
CA ARG A 4507 18.31 25.50 -27.64
C ARG A 4507 16.96 26.18 -27.47
N ARG A 4508 16.62 26.66 -26.27
CA ARG A 4508 15.37 27.33 -26.02
C ARG A 4508 15.62 28.56 -25.15
N GLY A 4509 15.00 29.68 -25.51
CA GLY A 4509 15.15 30.90 -24.76
C GLY A 4509 16.04 31.92 -25.46
N LEU A 4510 16.73 32.75 -24.66
CA LEU A 4510 17.62 33.75 -25.24
C LEU A 4510 18.78 33.11 -25.97
N GLY A 4511 19.33 32.01 -25.43
CA GLY A 4511 20.44 31.33 -26.07
C GLY A 4511 20.14 30.87 -27.48
N LEU A 4512 18.87 30.63 -27.80
CA LEU A 4512 18.49 30.23 -29.14
C LEU A 4512 18.90 31.26 -30.18
N CYS A 4513 19.11 32.51 -29.77
CA CYS A 4513 19.71 33.48 -30.66
C CYS A 4513 21.10 33.03 -31.10
N ALA A 4514 22.02 32.85 -30.14
CA ALA A 4514 23.41 32.58 -30.48
C ALA A 4514 23.53 31.35 -31.35
N THR A 4515 22.93 30.24 -30.93
CA THR A 4515 22.93 29.02 -31.74
C THR A 4515 22.48 29.31 -33.15
N ALA A 4516 21.36 30.04 -33.28
CA ALA A 4516 20.86 30.39 -34.60
C ALA A 4516 21.95 31.04 -35.44
N LEU A 4517 22.61 32.05 -34.87
CA LEU A 4517 23.69 32.72 -35.60
C LEU A 4517 24.71 31.71 -36.08
N VAL A 4518 25.17 30.84 -35.19
CA VAL A 4518 26.16 29.83 -35.58
C VAL A 4518 25.62 29.01 -36.74
N SER A 4519 24.36 28.56 -36.62
CA SER A 4519 23.76 27.77 -37.70
C SER A 4519 23.85 28.53 -39.01
N TYR A 4520 23.44 29.80 -39.00
CA TYR A 4520 23.48 30.59 -40.23
C TYR A 4520 24.88 30.62 -40.79
N LEU A 4521 25.88 30.84 -39.92
CA LEU A 4521 27.26 30.88 -40.39
C LEU A 4521 27.63 29.57 -41.06
N ILE A 4522 27.25 28.43 -40.46
CA ILE A 4522 27.48 27.15 -41.12
C ILE A 4522 26.76 27.13 -42.46
N ARG A 4523 25.48 27.50 -42.47
CA ARG A 4523 24.73 27.55 -43.70
C ARG A 4523 25.26 28.63 -44.64
N LEU A 4524 26.02 29.59 -44.10
CA LEU A 4524 26.67 30.56 -44.97
C LEU A 4524 27.89 29.97 -45.66
N HIS A 4525 28.58 29.05 -45.00
CA HIS A 4525 29.82 28.50 -45.57
C HIS A 4525 29.52 27.35 -46.54
N ASN A 4526 28.96 26.26 -46.02
CA ASN A 4526 28.79 25.06 -46.83
C ASN A 4526 28.02 25.35 -48.11
N GLU A 4527 27.04 26.26 -48.05
CA GLU A 4527 26.24 26.57 -49.22
C GLU A 4527 27.11 27.04 -50.38
N ILE A 4528 28.01 27.99 -50.13
CA ILE A 4528 28.87 28.40 -51.24
C ILE A 4528 29.83 27.26 -51.58
N VAL A 4529 30.28 26.51 -50.58
CA VAL A 4529 31.03 25.29 -50.87
C VAL A 4529 30.16 24.32 -51.67
N TYR A 4530 28.85 24.31 -51.38
CA TYR A 4530 27.92 23.53 -52.18
C TYR A 4530 28.04 23.86 -53.66
N ALA A 4531 28.24 25.15 -53.97
CA ALA A 4531 28.43 25.55 -55.37
C ALA A 4531 29.65 24.88 -55.96
N VAL A 4532 30.75 24.82 -55.20
CA VAL A 4532 31.93 24.08 -55.65
C VAL A 4532 31.58 22.62 -55.84
N GLU A 4533 30.73 22.06 -54.97
CA GLU A 4533 30.27 20.69 -55.13
C GLU A 4533 29.49 20.50 -56.44
N LYS A 4534 28.96 21.58 -57.00
CA LYS A 4534 28.25 21.54 -58.27
C LYS A 4534 29.15 21.84 -59.45
N LEU A 4535 30.45 22.05 -59.21
CA LEU A 4535 31.39 22.39 -60.26
C LEU A 4535 32.40 21.28 -60.55
N SER A 4536 33.11 20.80 -59.51
CA SER A 4536 34.15 19.80 -59.74
C SER A 4536 33.58 18.43 -60.05
N LYS A 4537 32.38 18.12 -59.55
CA LYS A 4537 31.67 16.86 -59.70
C LYS A 4537 32.28 15.73 -58.87
N GLU A 4538 33.40 15.97 -58.19
CA GLU A 4538 33.99 15.00 -57.27
C GLU A 4538 33.97 15.60 -55.87
N ASN A 4539 33.24 14.96 -54.97
CA ASN A 4539 33.03 15.46 -53.62
C ASN A 4539 34.14 14.96 -52.70
N ASN A 4540 34.79 15.89 -52.02
CA ASN A 4540 35.73 15.58 -50.94
C ASN A 4540 34.99 15.79 -49.63
N SER A 4541 34.52 14.70 -49.03
CA SER A 4541 33.75 14.79 -47.80
C SER A 4541 34.67 15.10 -46.62
N TYR A 4542 35.28 16.29 -46.64
CA TYR A 4542 36.13 16.75 -45.56
C TYR A 4542 35.31 17.52 -44.52
N SER A 4543 34.22 16.90 -44.09
CA SER A 4543 33.20 17.56 -43.28
C SER A 4543 33.63 17.54 -41.83
N VAL A 4544 34.40 18.54 -41.44
CA VAL A 4544 34.79 18.68 -40.04
C VAL A 4544 33.58 19.12 -39.22
N ASP A 4545 33.51 18.66 -37.98
CA ASP A 4545 32.41 18.98 -37.10
C ASP A 4545 32.69 20.29 -36.35
N ALA A 4546 31.66 20.80 -35.69
CA ALA A 4546 31.77 22.11 -35.06
C ALA A 4546 32.44 22.03 -33.69
N ALA A 4547 33.56 21.31 -33.61
CA ALA A 4547 34.51 21.45 -32.51
C ALA A 4547 35.95 21.42 -32.97
N GLU A 4548 36.24 20.97 -34.19
CA GLU A 4548 37.56 21.04 -34.79
C GLU A 4548 37.67 22.20 -35.77
N VAL A 4549 36.67 23.07 -35.81
CA VAL A 4549 36.63 24.15 -36.79
C VAL A 4549 37.74 25.14 -36.47
N THR A 4550 38.60 25.40 -37.45
CA THR A 4550 39.70 26.34 -37.27
C THR A 4550 39.77 27.31 -38.43
N GLU A 4551 40.86 28.08 -38.51
CA GLU A 4551 41.05 29.03 -39.59
C GLU A 4551 41.12 28.36 -40.96
N LEU A 4552 41.39 27.04 -41.00
CA LEU A 4552 41.54 26.36 -42.28
C LEU A 4552 40.22 26.29 -43.04
N HIS A 4553 39.14 25.92 -42.35
CA HIS A 4553 37.87 25.63 -43.03
C HIS A 4553 37.01 26.86 -43.28
N VAL A 4554 37.33 28.00 -42.69
CA VAL A 4554 36.57 29.24 -42.92
C VAL A 4554 37.08 29.91 -44.17
N ILE A 4555 36.16 30.45 -44.97
CA ILE A 4555 36.56 31.30 -46.09
C ILE A 4555 36.93 32.66 -45.51
N SER A 4556 38.21 32.87 -45.24
CA SER A 4556 38.69 34.05 -44.55
C SER A 4556 39.33 35.00 -45.56
N TYR A 4557 38.81 36.23 -45.61
CA TYR A 4557 39.35 37.26 -46.48
C TYR A 4557 38.94 38.62 -45.93
N GLU A 4558 39.65 39.65 -46.36
CA GLU A 4558 39.35 41.02 -45.99
C GLU A 4558 38.98 41.82 -47.23
N VAL A 4559 38.14 42.84 -47.02
CA VAL A 4559 37.66 43.65 -48.14
C VAL A 4559 38.82 44.38 -48.82
N GLU A 4560 39.80 44.81 -48.04
CA GLU A 4560 40.91 45.60 -48.56
C GLU A 4560 42.21 44.82 -48.71
N ARG A 4561 42.32 43.64 -48.11
CA ARG A 4561 43.59 42.93 -48.05
C ARG A 4561 43.78 41.99 -49.24
N ASP A 4562 42.76 41.20 -49.58
CA ASP A 4562 42.83 40.28 -50.72
C ASP A 4562 41.77 40.54 -51.79
N LEU A 4563 40.76 41.37 -51.52
CA LEU A 4563 39.69 41.57 -52.49
C LEU A 4563 40.04 42.66 -53.50
N THR A 4564 40.25 43.89 -53.02
CA THR A 4564 40.65 44.96 -53.92
C THR A 4564 41.99 44.73 -54.61
N PRO A 4565 43.06 44.25 -53.94
CA PRO A 4565 44.30 44.02 -54.69
C PRO A 4565 44.15 42.99 -55.80
N LEU A 4566 43.32 41.97 -55.59
CA LEU A 4566 43.07 41.00 -56.66
C LEU A 4566 42.23 41.62 -57.76
N ILE A 4567 41.17 42.33 -57.40
CA ILE A 4567 40.20 42.80 -58.39
C ILE A 4567 40.81 43.90 -59.25
N LEU A 4568 41.70 44.70 -58.67
CA LEU A 4568 42.37 45.76 -59.42
C LEU A 4568 43.62 45.26 -60.13
N SER A 4569 44.06 44.03 -59.87
CA SER A 4569 45.12 43.39 -60.63
C SER A 4569 44.60 42.75 -61.91
N ASN A 4570 43.28 42.75 -62.12
CA ASN A 4570 42.69 42.22 -63.34
C ASN A 4570 41.84 43.25 -64.08
N CYS A 4571 41.76 44.48 -63.60
CA CYS A 4571 41.04 45.53 -64.31
C CYS A 4571 41.79 45.86 -65.59
N GLN A 4572 41.20 45.50 -66.73
CA GLN A 4572 41.89 45.55 -68.02
C GLN A 4572 41.60 46.86 -68.71
N TYR A 4573 42.66 47.61 -69.00
CA TYR A 4573 42.61 48.85 -69.77
C TYR A 4573 43.09 48.56 -71.18
N GLN A 4574 42.20 48.61 -72.17
CA GLN A 4574 42.64 48.43 -73.55
C GLN A 4574 42.18 49.58 -74.42
N VAL A 4575 43.11 50.15 -75.19
CA VAL A 4575 42.85 51.31 -76.03
C VAL A 4575 42.91 50.91 -77.49
N GLU A 4576 41.85 51.20 -78.23
CA GLU A 4576 41.81 51.04 -79.67
C GLU A 4576 42.03 52.39 -80.33
N GLU A 4577 42.63 52.38 -81.52
CA GLU A 4577 42.89 53.62 -82.23
C GLU A 4577 41.57 54.26 -82.66
N GLY A 4578 41.41 55.54 -82.34
CA GLY A 4578 40.19 56.27 -82.63
C GLY A 4578 39.07 56.03 -81.65
N ARG A 4579 39.28 55.26 -80.58
CA ARG A 4579 38.25 54.96 -79.61
C ARG A 4579 38.86 55.01 -78.22
N GLU A 4580 37.99 55.20 -77.22
CA GLU A 4580 38.42 55.34 -75.84
C GLU A 4580 38.68 53.95 -75.23
N THR A 4581 38.92 53.90 -73.93
CA THR A 4581 39.35 52.66 -73.29
C THR A 4581 38.18 51.69 -73.14
N VAL A 4582 38.53 50.41 -73.10
CA VAL A 4582 37.60 49.33 -72.80
C VAL A 4582 38.06 48.68 -71.50
N GLN A 4583 37.08 48.36 -70.64
CA GLN A 4583 37.27 48.05 -69.23
C GLN A 4583 36.89 46.62 -68.88
N GLU A 4584 36.48 45.80 -69.84
CA GLU A 4584 36.00 44.47 -69.53
C GLU A 4584 37.12 43.65 -68.88
N PHE A 4585 36.79 43.01 -67.76
CA PHE A 4585 37.76 42.24 -67.01
C PHE A 4585 37.74 40.78 -67.45
N ASP A 4586 38.64 39.99 -66.85
CA ASP A 4586 38.67 38.54 -67.06
C ASP A 4586 37.91 37.91 -65.90
N LEU A 4587 36.57 37.90 -66.04
CA LEU A 4587 35.72 37.39 -64.97
C LEU A 4587 35.99 35.91 -64.71
N GLU A 4588 36.23 35.13 -65.77
CA GLU A 4588 36.58 33.72 -65.59
C GLU A 4588 37.88 33.57 -64.83
N LYS A 4589 38.89 34.40 -65.16
CA LYS A 4589 40.14 34.35 -64.42
C LYS A 4589 39.96 34.82 -62.98
N ILE A 4590 39.05 35.78 -62.76
CA ILE A 4590 38.76 36.23 -61.41
C ILE A 4590 38.16 35.09 -60.59
N GLN A 4591 37.21 34.36 -61.18
CA GLN A 4591 36.62 33.20 -60.51
C GLN A 4591 37.68 32.15 -60.24
N ARG A 4592 38.58 31.91 -61.19
CA ARG A 4592 39.65 30.93 -60.98
C ARG A 4592 40.54 31.34 -59.82
N GLN A 4593 40.94 32.61 -59.78
CA GLN A 4593 41.79 33.08 -58.68
C GLN A 4593 41.09 32.95 -57.34
N ILE A 4594 39.81 33.31 -57.29
CA ILE A 4594 39.07 33.23 -56.02
C ILE A 4594 38.93 31.79 -55.58
N VAL A 4595 38.55 30.90 -56.50
CA VAL A 4595 38.34 29.50 -56.13
C VAL A 4595 39.67 28.82 -55.80
N SER A 4596 40.78 29.36 -56.29
CA SER A 4596 42.07 28.77 -55.93
C SER A 4596 42.54 29.27 -54.57
N ARG A 4597 42.44 30.58 -54.32
CA ARG A 4597 42.98 31.12 -53.07
C ARG A 4597 42.07 30.84 -51.88
N PHE A 4598 40.75 30.93 -52.06
CA PHE A 4598 39.82 30.82 -50.96
C PHE A 4598 38.90 29.61 -51.05
N LEU A 4599 38.25 29.40 -52.20
CA LEU A 4599 37.13 28.47 -52.29
C LEU A 4599 37.54 27.03 -52.55
N GLN A 4600 38.76 26.64 -52.16
CA GLN A 4600 39.12 25.23 -52.19
C GLN A 4600 38.23 24.45 -51.23
N GLY A 4601 38.06 23.16 -51.51
CA GLY A 4601 37.13 22.34 -50.77
C GLY A 4601 37.37 22.29 -49.27
N LYS A 4602 36.36 22.68 -48.49
CA LYS A 4602 36.44 22.64 -47.03
C LYS A 4602 35.05 22.69 -46.42
N PRO A 4603 34.33 21.51 -46.33
CA PRO A 4603 32.95 21.65 -45.83
C PRO A 4603 32.74 21.43 -44.38
N ARG A 4604 31.44 21.53 -43.96
CA ARG A 4604 31.09 21.43 -42.55
C ARG A 4604 29.69 20.84 -42.24
N LEU A 4605 29.46 20.21 -41.08
CA LEU A 4605 28.21 19.58 -40.70
C LEU A 4605 27.92 19.96 -39.25
N SER A 4606 26.68 20.34 -38.98
CA SER A 4606 26.29 20.85 -37.66
C SER A 4606 25.85 19.68 -36.79
N LEU A 4607 26.67 19.33 -35.79
CA LEU A 4607 26.34 18.27 -34.85
C LEU A 4607 26.42 18.68 -33.39
N LYS A 4608 27.15 19.74 -33.05
CA LYS A 4608 27.30 20.12 -31.66
C LYS A 4608 27.41 21.65 -31.57
N GLY A 4609 27.83 22.13 -30.41
CA GLY A 4609 27.76 23.54 -30.08
C GLY A 4609 26.65 23.77 -29.09
N ILE A 4610 26.41 22.77 -28.24
CA ILE A 4610 25.25 22.73 -27.35
C ILE A 4610 25.73 22.84 -25.91
N PRO A 4611 25.05 23.62 -25.07
CA PRO A 4611 25.46 23.78 -23.65
C PRO A 4611 25.08 22.57 -22.80
N THR A 4612 25.83 21.48 -22.98
CA THR A 4612 25.63 20.26 -22.20
C THR A 4612 26.31 20.43 -20.84
N LEU A 4613 25.67 21.23 -20.00
CA LEU A 4613 26.21 21.51 -18.68
C LEU A 4613 26.03 20.30 -17.77
N VAL A 4614 26.43 20.47 -16.50
CA VAL A 4614 26.55 19.32 -15.60
C VAL A 4614 25.20 18.69 -15.33
N TYR A 4615 24.20 19.50 -14.98
CA TYR A 4615 22.95 18.99 -14.44
C TYR A 4615 21.75 19.27 -15.35
N ARG A 4616 21.46 20.53 -15.63
CA ARG A 4616 20.31 20.96 -16.44
C ARG A 4616 19.06 20.13 -16.17
N HIS A 4617 18.60 20.17 -14.91
CA HIS A 4617 17.23 19.79 -14.54
C HIS A 4617 16.90 18.34 -14.93
N ASP A 4618 17.55 17.44 -14.17
CA ASP A 4618 17.40 15.99 -14.30
C ASP A 4618 16.14 15.44 -13.61
N TRP A 4619 16.14 14.13 -13.34
CA TRP A 4619 15.14 13.45 -12.53
C TRP A 4619 13.74 13.38 -13.13
N ASN A 4620 13.60 12.71 -14.26
CA ASN A 4620 12.30 12.23 -14.73
C ASN A 4620 12.45 10.78 -15.20
N TYR A 4621 11.50 9.93 -14.83
CA TYR A 4621 11.57 8.52 -15.17
C TYR A 4621 11.04 8.21 -16.56
N GLU A 4622 10.29 9.13 -17.18
CA GLU A 4622 9.72 8.85 -18.49
C GLU A 4622 10.79 8.69 -19.55
N HIS A 4623 11.76 9.61 -19.60
CA HIS A 4623 12.85 9.51 -20.55
C HIS A 4623 13.76 8.33 -20.21
N LEU A 4624 13.92 8.05 -18.92
CA LEU A 4624 14.66 6.87 -18.50
C LEU A 4624 14.00 5.60 -19.03
N PHE A 4625 12.67 5.52 -18.91
CA PHE A 4625 11.94 4.36 -19.42
C PHE A 4625 12.01 4.30 -20.94
N MET A 4626 11.99 5.45 -21.62
CA MET A 4626 12.14 5.46 -23.07
C MET A 4626 13.49 4.89 -23.48
N ASP A 4627 14.56 5.29 -22.77
CA ASP A 4627 15.87 4.74 -23.05
C ASP A 4627 15.90 3.23 -22.80
N ILE A 4628 15.28 2.79 -21.70
CA ILE A 4628 15.21 1.35 -21.41
C ILE A 4628 14.54 0.61 -22.57
N LYS A 4629 13.38 1.10 -23.00
CA LYS A 4629 12.59 0.36 -23.99
C LYS A 4629 13.22 0.43 -25.38
N ASN A 4630 13.91 1.51 -25.70
CA ASN A 4630 14.56 1.63 -27.00
C ASN A 4630 15.95 1.02 -27.04
N LYS A 4631 16.50 0.64 -25.88
CA LYS A 4631 17.81 -0.02 -25.84
C LYS A 4631 17.71 -1.53 -25.69
N MET A 4632 16.56 -2.06 -25.28
CA MET A 4632 16.35 -3.50 -25.16
C MET A 4632 14.86 -3.76 -25.03
N ALA A 4633 14.49 -5.04 -25.11
CA ALA A 4633 13.11 -5.46 -25.01
C ALA A 4633 12.72 -5.69 -23.56
N GLN A 4634 11.52 -5.26 -23.19
CA GLN A 4634 11.02 -5.38 -21.82
C GLN A 4634 9.72 -6.18 -21.85
N ASP A 4635 9.64 -7.20 -21.01
CA ASP A 4635 8.45 -8.02 -20.90
C ASP A 4635 7.55 -7.47 -19.78
N SER A 4636 6.54 -8.24 -19.40
CA SER A 4636 5.65 -7.90 -18.31
C SER A 4636 5.93 -8.82 -17.12
N LEU A 4637 5.23 -8.56 -16.01
CA LEU A 4637 5.45 -9.31 -14.79
C LEU A 4637 4.49 -10.49 -14.71
N PRO A 4638 4.99 -11.73 -14.67
CA PRO A 4638 4.08 -12.89 -14.66
C PRO A 4638 3.23 -12.92 -13.40
N SER A 4639 2.02 -13.49 -13.55
CA SER A 4639 1.06 -13.53 -12.44
C SER A 4639 1.61 -14.32 -11.25
N SER A 4640 2.34 -15.40 -11.53
CA SER A 4640 2.96 -16.16 -10.44
C SER A 4640 3.95 -15.30 -9.68
N VAL A 4641 4.75 -14.50 -10.40
CA VAL A 4641 5.72 -13.64 -9.75
C VAL A 4641 5.04 -12.56 -8.91
N ILE A 4642 3.96 -11.97 -9.44
CA ILE A 4642 3.28 -10.92 -8.67
C ILE A 4642 2.63 -11.52 -7.43
N SER A 4643 2.07 -12.72 -7.55
CA SER A 4643 1.48 -13.37 -6.38
C SER A 4643 2.54 -13.70 -5.33
N ALA A 4644 3.68 -14.22 -5.78
CA ALA A 4644 4.75 -14.55 -4.85
C ALA A 4644 5.27 -13.30 -4.15
N ILE A 4645 5.45 -12.21 -4.89
CA ILE A 4645 5.97 -10.98 -4.30
C ILE A 4645 4.96 -10.42 -3.31
N SER A 4646 3.69 -10.32 -3.72
CA SER A 4646 2.67 -9.81 -2.80
C SER A 4646 2.49 -10.70 -1.58
N GLY A 4647 2.86 -11.97 -1.68
CA GLY A 4647 2.84 -12.83 -0.52
C GLY A 4647 4.02 -12.62 0.42
N GLN A 4648 5.23 -12.50 -0.14
CA GLN A 4648 6.44 -12.39 0.66
C GLN A 4648 6.88 -10.96 0.91
N LEU A 4649 6.11 -9.96 0.47
CA LEU A 4649 6.41 -8.56 0.74
C LEU A 4649 5.35 -8.05 1.70
N GLN A 4650 5.60 -8.26 2.99
CA GLN A 4650 4.63 -7.95 4.03
C GLN A 4650 4.83 -6.59 4.67
N SER A 4651 5.87 -5.85 4.27
CA SER A 4651 6.21 -4.59 4.92
C SER A 4651 6.54 -3.53 3.88
N TYR A 4652 6.36 -2.27 4.28
CA TYR A 4652 6.71 -1.15 3.42
C TYR A 4652 8.23 -1.02 3.27
N SER A 4653 8.97 -1.34 4.33
CA SER A 4653 10.43 -1.24 4.28
C SER A 4653 11.03 -2.23 3.30
N ASP A 4654 10.49 -3.45 3.25
CA ASP A 4654 10.99 -4.44 2.29
C ASP A 4654 10.76 -3.97 0.87
N ALA A 4655 9.57 -3.42 0.59
CA ALA A 4655 9.30 -2.87 -0.74
C ALA A 4655 10.25 -1.73 -1.06
N CYS A 4656 10.52 -0.88 -0.08
CA CYS A 4656 11.44 0.24 -0.29
C CYS A 4656 12.84 -0.26 -0.64
N GLU A 4657 13.33 -1.27 0.08
CA GLU A 4657 14.66 -1.81 -0.21
C GLU A 4657 14.72 -2.44 -1.60
N VAL A 4658 13.70 -3.23 -1.96
CA VAL A 4658 13.69 -3.87 -3.27
C VAL A 4658 13.64 -2.82 -4.37
N LEU A 4659 12.81 -1.79 -4.19
CA LEU A 4659 12.73 -0.72 -5.19
C LEU A 4659 14.03 0.08 -5.25
N SER A 4660 14.72 0.23 -4.11
CA SER A 4660 16.01 0.91 -4.12
C SER A 4660 17.02 0.14 -4.96
N VAL A 4661 17.03 -1.19 -4.84
CA VAL A 4661 17.89 -2.00 -5.70
C VAL A 4661 17.47 -1.86 -7.16
N VAL A 4662 16.15 -1.92 -7.42
CA VAL A 4662 15.63 -1.88 -8.78
C VAL A 4662 15.96 -0.56 -9.46
N GLU A 4663 15.98 0.55 -8.71
CA GLU A 4663 16.27 1.84 -9.32
C GLU A 4663 17.71 1.92 -9.81
N VAL A 4664 18.66 1.44 -9.01
CA VAL A 4664 20.05 1.39 -9.45
C VAL A 4664 20.19 0.44 -10.64
N THR A 4665 19.47 -0.67 -10.61
CA THR A 4665 19.47 -1.59 -11.76
C THR A 4665 18.98 -0.87 -13.01
N LEU A 4666 17.91 -0.08 -12.89
CA LEU A 4666 17.38 0.68 -14.02
C LEU A 4666 18.41 1.67 -14.54
N GLY A 4667 19.07 2.39 -13.63
CA GLY A 4667 20.06 3.36 -14.06
C GLY A 4667 21.19 2.73 -14.85
N PHE A 4668 21.73 1.62 -14.32
CA PHE A 4668 22.81 0.93 -15.05
C PHE A 4668 22.31 0.34 -16.36
N LEU A 4669 21.13 -0.27 -16.34
CA LEU A 4669 20.55 -0.88 -17.53
C LEU A 4669 20.27 0.14 -18.63
N SER A 4670 20.05 1.40 -18.25
CA SER A 4670 19.90 2.46 -19.25
C SER A 4670 21.24 2.96 -19.74
N THR A 4671 22.15 3.31 -18.83
CA THR A 4671 23.40 3.91 -19.27
C THR A 4671 24.29 2.93 -20.02
N ALA A 4672 24.12 1.62 -19.81
CA ALA A 4672 24.92 0.63 -20.51
C ALA A 4672 24.10 -0.32 -21.36
N GLY A 4673 23.09 -0.96 -20.78
CA GLY A 4673 22.36 -2.00 -21.51
C GLY A 4673 22.98 -3.36 -21.30
N GLY A 4674 22.13 -4.38 -21.35
CA GLY A 4674 22.57 -5.74 -21.10
C GLY A 4674 21.68 -6.82 -21.68
N ASP A 4675 21.91 -8.06 -21.24
CA ASP A 4675 21.15 -9.19 -21.74
C ASP A 4675 19.78 -9.21 -21.07
N PRO A 4676 18.68 -9.18 -21.83
CA PRO A 4676 17.35 -9.25 -21.22
C PRO A 4676 17.04 -10.58 -20.54
N ASN A 4677 17.85 -11.62 -20.76
CA ASN A 4677 17.62 -12.91 -20.14
C ASN A 4677 18.50 -13.18 -18.93
N MET A 4678 19.43 -12.29 -18.60
CA MET A 4678 20.25 -12.48 -17.41
C MET A 4678 19.40 -12.31 -16.16
N GLN A 4679 19.65 -13.19 -15.18
CA GLN A 4679 18.91 -13.11 -13.92
C GLN A 4679 19.26 -11.83 -13.17
N LEU A 4680 18.24 -11.22 -12.57
CA LEU A 4680 18.45 -9.94 -11.89
C LEU A 4680 19.39 -10.11 -10.70
N ASN A 4681 19.25 -11.19 -9.94
CA ASN A 4681 20.11 -11.41 -8.78
C ASN A 4681 21.55 -11.65 -9.17
N VAL A 4682 21.84 -11.94 -10.43
CA VAL A 4682 23.21 -12.02 -10.90
C VAL A 4682 23.73 -10.66 -11.33
N TYR A 4683 22.91 -9.94 -12.11
CA TYR A 4683 23.29 -8.60 -12.55
C TYR A 4683 23.60 -7.70 -11.37
N THR A 4684 22.80 -7.78 -10.31
CA THR A 4684 23.05 -6.98 -9.12
C THR A 4684 24.18 -7.53 -8.26
N GLN A 4685 24.56 -8.80 -8.42
CA GLN A 4685 25.53 -9.38 -7.51
C GLN A 4685 26.96 -9.31 -8.05
N ASP A 4686 27.22 -9.88 -9.22
CA ASP A 4686 28.58 -9.88 -9.75
C ASP A 4686 28.78 -9.06 -11.02
N ILE A 4687 27.77 -8.32 -11.47
CA ILE A 4687 27.98 -7.37 -12.55
C ILE A 4687 28.13 -5.95 -12.01
N LEU A 4688 27.27 -5.54 -11.09
CA LEU A 4688 27.40 -4.27 -10.40
C LEU A 4688 28.13 -4.39 -9.08
N GLN A 4689 28.42 -5.60 -8.62
CA GLN A 4689 29.18 -5.85 -7.39
C GLN A 4689 28.50 -5.23 -6.17
N MET A 4690 27.17 -5.35 -6.10
CA MET A 4690 26.41 -4.89 -4.93
C MET A 4690 26.44 -5.99 -3.86
N GLY A 4691 27.61 -6.11 -3.24
CA GLY A 4691 27.83 -7.17 -2.27
C GLY A 4691 27.40 -6.84 -0.86
N ASP A 4692 26.28 -6.15 -0.70
CA ASP A 4692 25.75 -5.83 0.62
C ASP A 4692 24.24 -6.00 0.69
N GLN A 4693 23.67 -6.78 -0.22
CA GLN A 4693 22.23 -7.02 -0.22
C GLN A 4693 21.84 -7.95 0.91
N THR A 4694 20.61 -7.79 1.40
CA THR A 4694 20.07 -8.65 2.44
C THR A 4694 19.64 -9.98 1.82
N ILE A 4695 19.05 -10.86 2.62
CA ILE A 4695 18.58 -12.13 2.10
C ILE A 4695 17.14 -12.04 1.58
N HIS A 4696 16.35 -11.09 2.11
CA HIS A 4696 14.97 -10.99 1.66
C HIS A 4696 14.88 -10.39 0.25
N VAL A 4697 15.75 -9.43 -0.07
CA VAL A 4697 15.74 -8.86 -1.41
C VAL A 4697 16.14 -9.91 -2.44
N LEU A 4698 17.16 -10.72 -2.12
CA LEU A 4698 17.54 -11.80 -3.01
C LEU A 4698 16.42 -12.82 -3.14
N LYS A 4699 15.75 -13.14 -2.02
CA LYS A 4699 14.63 -14.07 -2.08
C LYS A 4699 13.52 -13.56 -2.98
N ALA A 4700 13.26 -12.25 -2.92
CA ALA A 4700 12.18 -11.67 -3.71
C ALA A 4700 12.55 -11.60 -5.19
N LEU A 4701 13.80 -11.27 -5.51
CA LEU A 4701 14.22 -11.06 -6.88
C LEU A 4701 14.93 -12.27 -7.49
N ASN A 4702 14.89 -13.42 -6.83
CA ASN A 4702 15.49 -14.62 -7.39
C ASN A 4702 14.85 -15.00 -8.73
N ARG A 4703 13.53 -14.84 -8.84
CA ARG A 4703 12.79 -15.29 -10.02
C ARG A 4703 12.52 -14.15 -11.00
N CYS A 4704 13.46 -13.22 -11.14
CA CYS A 4704 13.31 -12.10 -12.06
C CYS A 4704 14.55 -11.96 -12.92
N GLN A 4705 14.34 -11.54 -14.17
CA GLN A 4705 15.42 -11.31 -15.12
C GLN A 4705 15.39 -9.86 -15.57
N LEU A 4706 16.36 -9.48 -16.40
CA LEU A 4706 16.45 -8.10 -16.85
C LEU A 4706 15.52 -7.83 -18.02
N LYS A 4707 14.26 -8.23 -17.89
CA LYS A 4707 13.24 -7.87 -18.86
C LYS A 4707 11.90 -7.55 -18.22
N HIS A 4708 11.81 -7.58 -16.89
CA HIS A 4708 10.60 -7.23 -16.17
C HIS A 4708 10.74 -5.93 -15.39
N THR A 4709 11.91 -5.29 -15.44
CA THR A 4709 12.22 -4.19 -14.53
C THR A 4709 11.20 -3.06 -14.66
N ILE A 4710 10.90 -2.64 -15.90
CA ILE A 4710 9.89 -1.61 -16.11
C ILE A 4710 8.56 -2.06 -15.54
N ALA A 4711 8.18 -3.31 -15.79
CA ALA A 4711 7.01 -3.88 -15.13
C ALA A 4711 7.22 -3.98 -13.63
N LEU A 4712 8.42 -4.39 -13.21
CA LEU A 4712 8.69 -4.56 -11.78
C LEU A 4712 8.58 -3.21 -11.05
N TRP A 4713 9.26 -2.19 -11.57
CA TRP A 4713 9.09 -0.85 -11.04
C TRP A 4713 7.64 -0.40 -11.14
N GLN A 4714 6.92 -0.91 -12.15
CA GLN A 4714 5.49 -0.64 -12.26
C GLN A 4714 4.74 -1.19 -11.05
N PHE A 4715 5.09 -2.40 -10.61
CA PHE A 4715 4.32 -3.05 -9.56
C PHE A 4715 4.70 -2.52 -8.19
N LEU A 4716 6.01 -2.52 -7.88
CA LEU A 4716 6.46 -2.12 -6.55
C LEU A 4716 6.01 -0.70 -6.23
N SER A 4717 6.25 0.25 -7.15
CA SER A 4717 5.87 1.63 -6.91
C SER A 4717 4.37 1.79 -6.67
N ALA A 4718 3.57 0.82 -7.12
CA ALA A 4718 2.16 0.80 -6.76
C ALA A 4718 1.95 0.07 -5.43
N HIS A 4719 2.54 -1.11 -5.28
CA HIS A 4719 2.27 -1.93 -4.11
C HIS A 4719 2.74 -1.24 -2.84
N LYS A 4720 3.92 -0.63 -2.86
CA LYS A 4720 4.40 0.10 -1.69
C LYS A 4720 3.48 1.26 -1.36
N SER A 4721 2.80 1.84 -2.36
CA SER A 4721 1.78 2.82 -2.08
C SER A 4721 0.48 2.17 -1.61
N GLU A 4722 0.17 0.98 -2.16
CA GLU A 4722 -1.08 0.30 -1.83
C GLU A 4722 -1.17 0.03 -0.34
N GLN A 4723 -0.07 -0.43 0.27
CA GLN A 4723 -0.04 -0.66 1.71
C GLN A 4723 -0.41 0.60 2.46
N LEU A 4724 0.06 1.76 1.99
CA LEU A 4724 -0.25 3.02 2.67
C LEU A 4724 -1.75 3.29 2.68
N LEU A 4725 -2.47 2.79 1.68
CA LEU A 4725 -3.92 2.94 1.69
C LEU A 4725 -4.58 1.98 2.66
N ARG A 4726 -4.00 0.79 2.86
CA ARG A 4726 -4.61 -0.20 3.73
C ARG A 4726 -4.37 0.09 5.21
N LEU A 4727 -3.53 1.08 5.54
CA LEU A 4727 -3.37 1.54 6.90
C LEU A 4727 -4.09 2.87 7.14
N HIS A 4728 -4.94 3.30 6.21
CA HIS A 4728 -5.72 4.53 6.31
C HIS A 4728 -4.85 5.77 6.41
N LYS A 4729 -3.62 5.70 5.89
CA LYS A 4729 -2.75 6.86 5.82
C LYS A 4729 -2.93 7.54 4.46
N GLU A 4730 -2.07 8.50 4.14
CA GLU A 4730 -2.14 9.18 2.86
C GLU A 4730 -1.31 8.43 1.82
N PRO A 4731 -1.90 8.02 0.69
CA PRO A 4731 -1.12 7.33 -0.34
C PRO A 4731 -0.09 8.25 -0.98
N PHE A 4732 -0.54 9.40 -1.47
CA PHE A 4732 0.32 10.36 -2.17
C PHE A 4732 0.41 11.63 -1.34
N GLY A 4733 1.59 11.90 -0.79
CA GLY A 4733 1.85 13.10 -0.04
C GLY A 4733 2.58 14.18 -0.80
N GLU A 4734 3.02 13.90 -2.03
CA GLU A 4734 3.72 14.88 -2.85
C GLU A 4734 2.86 15.46 -3.96
N ILE A 4735 1.74 14.82 -4.29
CA ILE A 4735 0.84 15.33 -5.32
C ILE A 4735 0.11 16.55 -4.79
N SER A 4736 0.07 17.62 -5.58
CA SER A 4736 -0.63 18.83 -5.17
C SER A 4736 -2.13 18.56 -5.06
N SER A 4737 -2.80 19.38 -4.26
CA SER A 4737 -4.22 19.17 -3.95
C SER A 4737 -5.13 19.37 -5.15
N ARG A 4738 -4.61 19.93 -6.25
CA ARG A 4738 -5.46 20.15 -7.43
C ARG A 4738 -5.99 18.84 -7.99
N TYR A 4739 -5.22 17.76 -7.90
CA TYR A 4739 -5.63 16.45 -8.40
C TYR A 4739 -6.27 15.59 -7.31
N LYS A 4740 -6.49 16.13 -6.12
CA LYS A 4740 -7.04 15.38 -5.00
C LYS A 4740 -8.49 15.77 -4.70
N ALA A 4741 -9.25 16.14 -5.73
CA ALA A 4741 -10.63 16.51 -5.54
C ALA A 4741 -11.49 15.27 -5.27
N ASP A 4742 -12.76 15.51 -4.97
CA ASP A 4742 -13.70 14.45 -4.61
C ASP A 4742 -14.63 14.17 -5.78
N LEU A 4743 -14.87 12.89 -6.04
CA LEU A 4743 -15.81 12.49 -7.08
C LEU A 4743 -17.23 12.88 -6.70
N SER A 4744 -18.00 13.33 -7.68
CA SER A 4744 -19.41 13.58 -7.46
C SER A 4744 -20.15 12.25 -7.31
N PRO A 4745 -21.26 12.23 -6.56
CA PRO A 4745 -21.97 10.95 -6.35
C PRO A 4745 -22.40 10.27 -7.64
N GLU A 4746 -22.87 11.04 -8.62
CA GLU A 4746 -23.20 10.44 -9.92
C GLU A 4746 -21.97 9.91 -10.62
N ASN A 4747 -20.85 10.63 -10.52
CA ASN A 4747 -19.60 10.14 -11.10
C ASN A 4747 -19.14 8.86 -10.40
N ALA A 4748 -19.26 8.80 -9.07
CA ALA A 4748 -18.88 7.58 -8.36
C ALA A 4748 -19.78 6.42 -8.75
N LYS A 4749 -21.09 6.66 -8.89
CA LYS A 4749 -22.01 5.62 -9.33
C LYS A 4749 -21.68 5.13 -10.74
N LEU A 4750 -21.32 6.03 -11.65
CA LEU A 4750 -20.93 5.61 -12.99
C LEU A 4750 -19.60 4.85 -12.97
N LEU A 4751 -18.66 5.27 -12.11
CA LEU A 4751 -17.36 4.62 -12.06
C LEU A 4751 -17.43 3.25 -11.42
N SER A 4752 -18.42 3.02 -10.56
CA SER A 4752 -18.59 1.69 -9.97
C SER A 4752 -18.83 0.65 -11.05
N THR A 4753 -19.63 1.00 -12.07
CA THR A 4753 -19.87 0.07 -13.18
C THR A 4753 -18.57 -0.26 -13.89
N PHE A 4754 -17.76 0.76 -14.18
CA PHE A 4754 -16.48 0.51 -14.86
C PHE A 4754 -15.57 -0.37 -14.02
N LEU A 4755 -15.52 -0.11 -12.70
CA LEU A 4755 -14.69 -0.92 -11.83
C LEU A 4755 -15.17 -2.37 -11.79
N ASN A 4756 -16.49 -2.58 -11.89
CA ASN A 4756 -17.02 -3.94 -11.95
C ASN A 4756 -16.95 -4.55 -13.35
N GLN A 4757 -16.61 -3.76 -14.37
CA GLN A 4757 -16.52 -4.30 -15.73
C GLN A 4757 -15.20 -5.01 -15.97
N THR A 4758 -14.09 -4.28 -15.88
CA THR A 4758 -12.78 -4.79 -16.24
C THR A 4758 -11.96 -5.11 -14.99
N GLY A 4759 -10.95 -5.95 -15.18
CA GLY A 4759 -10.04 -6.33 -14.12
C GLY A 4759 -9.28 -5.13 -13.56
N LEU A 4760 -9.22 -5.04 -12.24
CA LEU A 4760 -8.59 -3.88 -11.58
C LEU A 4760 -7.12 -4.14 -11.27
N ASP A 4761 -6.36 -4.55 -12.28
CA ASP A 4761 -4.91 -4.67 -12.15
C ASP A 4761 -4.18 -3.72 -13.10
N ALA A 4762 -4.41 -3.84 -14.41
CA ALA A 4762 -3.73 -2.97 -15.37
C ALA A 4762 -4.21 -1.54 -15.24
N PHE A 4763 -5.51 -1.35 -15.01
CA PHE A 4763 -6.06 -0.01 -14.79
C PHE A 4763 -5.38 0.66 -13.60
N LEU A 4764 -5.30 -0.06 -12.48
CA LEU A 4764 -4.65 0.51 -11.30
C LEU A 4764 -3.18 0.80 -11.56
N LEU A 4765 -2.48 -0.11 -12.23
CA LEU A 4765 -1.06 0.09 -12.50
C LEU A 4765 -0.83 1.33 -13.36
N GLU A 4766 -1.59 1.48 -14.44
CA GLU A 4766 -1.38 2.61 -15.35
C GLU A 4766 -1.80 3.93 -14.70
N LEU A 4767 -2.91 3.92 -13.96
CA LEU A 4767 -3.29 5.13 -13.23
C LEU A 4767 -2.22 5.52 -12.23
N HIS A 4768 -1.61 4.53 -11.56
CA HIS A 4768 -0.55 4.83 -10.62
C HIS A 4768 0.68 5.39 -11.33
N GLU A 4769 1.00 4.88 -12.52
CA GLU A 4769 2.07 5.49 -13.31
C GLU A 4769 1.78 6.97 -13.58
N MET A 4770 0.57 7.28 -14.04
CA MET A 4770 0.27 8.69 -14.32
C MET A 4770 0.38 9.54 -13.05
N ILE A 4771 -0.14 9.04 -11.93
CA ILE A 4771 -0.10 9.82 -10.70
C ILE A 4771 1.33 9.90 -10.13
N ILE A 4772 2.21 8.98 -10.47
CA ILE A 4772 3.53 8.93 -9.85
C ILE A 4772 4.63 9.58 -10.68
N LEU A 4773 4.48 9.65 -12.00
CA LEU A 4773 5.53 10.25 -12.84
C LEU A 4773 5.02 11.22 -13.89
N LYS A 4774 3.73 11.56 -13.90
CA LYS A 4774 3.19 12.56 -14.80
C LYS A 4774 2.60 13.76 -14.09
N LEU A 4775 1.87 13.54 -12.99
CA LEU A 4775 1.29 14.63 -12.23
C LEU A 4775 2.16 15.04 -11.04
N LYS A 4776 3.33 14.40 -10.87
CA LYS A 4776 4.20 14.73 -9.74
C LYS A 4776 4.94 16.05 -9.94
N ASN A 4777 5.09 16.49 -11.19
CA ASN A 4777 5.92 17.68 -11.36
C ASN A 4777 5.07 18.94 -11.48
N PRO A 4778 5.52 20.06 -10.92
CA PRO A 4778 4.83 21.34 -11.08
C PRO A 4778 5.06 21.99 -12.45
N GLN A 4779 4.97 21.18 -13.50
CA GLN A 4779 5.06 21.66 -14.87
C GLN A 4779 3.74 21.54 -15.62
N THR A 4780 2.82 20.71 -15.14
CA THR A 4780 1.50 20.58 -15.73
C THR A 4780 0.53 21.65 -15.24
N GLN A 4781 1.02 22.66 -14.52
CA GLN A 4781 0.15 23.77 -14.12
C GLN A 4781 -0.44 24.47 -15.34
N THR A 4782 0.34 24.62 -16.40
CA THR A 4782 -0.20 25.06 -17.68
C THR A 4782 -0.99 23.93 -18.31
N GLU A 4783 -2.07 24.29 -19.02
CA GLU A 4783 -2.96 23.30 -19.60
C GLU A 4783 -2.33 22.50 -20.72
N GLU A 4784 -1.16 22.92 -21.23
CA GLU A 4784 -0.56 22.25 -22.38
C GLU A 4784 -0.17 20.81 -22.04
N ARG A 4785 0.44 20.59 -20.88
CA ARG A 4785 0.92 19.25 -20.53
C ARG A 4785 -0.23 18.37 -20.05
N PHE A 4786 -0.87 18.74 -18.94
CA PHE A 4786 -1.96 17.95 -18.37
C PHE A 4786 -2.95 18.92 -17.73
N ARG A 4787 -4.00 19.26 -18.46
CA ARG A 4787 -5.00 20.19 -17.96
C ARG A 4787 -5.84 19.50 -16.90
N PRO A 4788 -5.91 20.03 -15.67
CA PRO A 4788 -6.78 19.42 -14.64
C PRO A 4788 -8.25 19.42 -14.99
N GLN A 4789 -8.69 20.30 -15.90
CA GLN A 4789 -10.08 20.33 -16.33
C GLN A 4789 -10.41 19.26 -17.36
N TRP A 4790 -9.40 18.65 -17.97
CA TRP A 4790 -9.65 17.59 -18.94
C TRP A 4790 -10.10 16.31 -18.24
N SER A 4791 -10.71 15.42 -19.02
CA SER A 4791 -11.17 14.15 -18.49
C SER A 4791 -9.99 13.19 -18.27
N LEU A 4792 -10.32 11.98 -17.81
CA LEU A 4792 -9.31 10.97 -17.56
C LEU A 4792 -9.20 9.96 -18.69
N ARG A 4793 -10.30 9.70 -19.40
CA ARG A 4793 -10.27 8.71 -20.48
C ARG A 4793 -9.35 9.15 -21.61
N ASP A 4794 -9.49 10.41 -22.06
CA ASP A 4794 -8.62 10.94 -23.09
C ASP A 4794 -7.16 10.98 -22.65
N THR A 4795 -6.92 11.37 -21.40
CA THR A 4795 -5.55 11.39 -20.89
C THR A 4795 -4.94 9.99 -20.92
N LEU A 4796 -5.71 8.98 -20.48
CA LEU A 4796 -5.19 7.62 -20.45
C LEU A 4796 -4.93 7.08 -21.86
N VAL A 4797 -5.88 7.29 -22.77
CA VAL A 4797 -5.68 6.77 -24.12
C VAL A 4797 -4.47 7.44 -24.77
N SER A 4798 -4.33 8.76 -24.59
CA SER A 4798 -3.14 9.44 -25.10
C SER A 4798 -1.87 8.92 -24.44
N TYR A 4799 -1.95 8.54 -23.16
CA TYR A 4799 -0.76 8.09 -22.46
C TYR A 4799 -0.27 6.75 -23.01
N MET A 4800 -1.17 5.78 -23.18
CA MET A 4800 -0.73 4.53 -23.81
C MET A 4800 -0.41 4.72 -25.29
N GLN A 4801 -0.97 5.75 -25.93
CA GLN A 4801 -0.50 6.08 -27.26
C GLN A 4801 0.96 6.51 -27.23
N THR A 4802 1.36 7.26 -26.20
CA THR A 4802 2.76 7.60 -26.01
C THR A 4802 3.55 6.52 -25.31
N LYS A 4803 2.90 5.53 -24.69
CA LYS A 4803 3.58 4.47 -23.97
C LYS A 4803 3.80 3.22 -24.82
N GLU A 4804 3.33 3.22 -26.07
CA GLU A 4804 3.47 2.10 -27.01
C GLU A 4804 3.22 0.74 -26.34
N SER A 4805 2.18 0.71 -25.50
CA SER A 4805 1.83 -0.49 -24.74
C SER A 4805 0.45 -0.97 -25.17
N GLU A 4806 0.25 -2.28 -25.08
CA GLU A 4806 -1.05 -2.86 -25.41
C GLU A 4806 -2.11 -2.36 -24.43
N ILE A 4807 -3.27 -1.99 -24.98
CA ILE A 4807 -4.34 -1.41 -24.19
C ILE A 4807 -5.54 -2.34 -24.22
N LEU A 4808 -6.42 -2.16 -23.24
CA LEU A 4808 -7.72 -2.80 -23.25
C LEU A 4808 -8.75 -1.82 -23.81
N PRO A 4809 -9.33 -2.10 -24.98
CA PRO A 4809 -10.29 -1.13 -25.56
C PRO A 4809 -11.51 -0.91 -24.71
N GLU A 4810 -11.79 -1.79 -23.75
CA GLU A 4810 -12.95 -1.59 -22.88
C GLU A 4810 -12.83 -0.29 -22.10
N MET A 4811 -11.62 0.02 -21.62
CA MET A 4811 -11.41 1.25 -20.88
C MET A 4811 -11.54 2.46 -21.79
N ALA A 4812 -11.12 2.32 -23.05
CA ALA A 4812 -11.28 3.41 -24.01
C ALA A 4812 -12.73 3.59 -24.42
N SER A 4813 -13.57 2.57 -24.27
CA SER A 4813 -14.94 2.60 -24.76
C SER A 4813 -15.96 2.97 -23.69
N GLN A 4814 -16.01 2.19 -22.60
CA GLN A 4814 -17.11 2.30 -21.65
C GLN A 4814 -16.83 3.26 -20.50
N PHE A 4815 -15.57 3.66 -20.29
CA PHE A 4815 -15.24 4.57 -19.20
C PHE A 4815 -16.01 5.88 -19.35
N PRO A 4816 -16.75 6.32 -18.33
CA PRO A 4816 -17.45 7.60 -18.40
C PRO A 4816 -16.48 8.75 -18.64
N GLU A 4817 -16.91 9.71 -19.46
CA GLU A 4817 -16.08 10.85 -19.81
C GLU A 4817 -16.19 12.01 -18.84
N GLU A 4818 -17.11 11.96 -17.88
CA GLU A 4818 -17.24 13.02 -16.90
C GLU A 4818 -16.21 12.93 -15.79
N ILE A 4819 -15.43 11.85 -15.75
CA ILE A 4819 -14.35 11.71 -14.78
C ILE A 4819 -13.20 12.63 -15.22
N LEU A 4820 -12.99 13.72 -14.49
CA LEU A 4820 -11.98 14.69 -14.85
C LEU A 4820 -10.64 14.37 -14.20
N LEU A 4821 -9.57 14.89 -14.80
CA LEU A 4821 -8.24 14.69 -14.26
C LEU A 4821 -8.06 15.35 -12.90
N ALA A 4822 -8.85 16.39 -12.61
CA ALA A 4822 -8.79 17.01 -11.29
C ALA A 4822 -9.21 16.04 -10.19
N SER A 4823 -10.01 15.04 -10.53
CA SER A 4823 -10.42 13.99 -9.60
C SER A 4823 -9.92 12.66 -10.15
N CYS A 4824 -8.67 12.35 -9.86
CA CYS A 4824 -8.06 11.08 -10.28
C CYS A 4824 -7.64 10.23 -9.11
N VAL A 4825 -6.99 10.83 -8.09
CA VAL A 4825 -6.62 10.09 -6.89
C VAL A 4825 -7.86 9.49 -6.25
N SER A 4826 -8.93 10.29 -6.15
CA SER A 4826 -10.19 9.78 -5.61
C SER A 4826 -10.67 8.57 -6.40
N VAL A 4827 -10.44 8.57 -7.71
CA VAL A 4827 -10.73 7.38 -8.51
C VAL A 4827 -9.82 6.23 -8.09
N TRP A 4828 -8.51 6.49 -8.04
CA TRP A 4828 -7.54 5.43 -7.76
C TRP A 4828 -7.80 4.79 -6.41
N LYS A 4829 -8.06 5.61 -5.38
CA LYS A 4829 -8.45 5.08 -4.09
C LYS A 4829 -9.69 4.21 -4.22
N THR A 4830 -10.72 4.72 -4.91
CA THR A 4830 -11.90 3.91 -5.16
C THR A 4830 -11.56 2.73 -6.05
N ALA A 4831 -10.56 2.87 -6.92
CA ALA A 4831 -10.08 1.74 -7.69
C ALA A 4831 -9.25 0.77 -6.87
N ALA A 4832 -8.66 1.23 -5.77
CA ALA A 4832 -7.86 0.36 -4.92
C ALA A 4832 -8.62 -0.17 -3.72
N VAL A 4833 -9.68 0.50 -3.29
CA VAL A 4833 -10.51 -0.02 -2.21
C VAL A 4833 -11.20 -1.30 -2.65
N LEU A 4834 -11.78 -1.30 -3.85
CA LEU A 4834 -12.50 -2.47 -4.33
C LEU A 4834 -11.59 -3.68 -4.41
N LYS A 4835 -10.40 -3.52 -4.99
CA LYS A 4835 -9.43 -4.60 -5.00
C LYS A 4835 -9.14 -5.08 -3.59
N TRP A 4836 -9.04 -4.14 -2.64
CA TRP A 4836 -8.91 -4.51 -1.23
C TRP A 4836 -10.05 -5.42 -0.82
N ASN A 4837 -11.30 -5.00 -1.09
CA ASN A 4837 -12.43 -5.87 -0.82
C ASN A 4837 -12.62 -6.89 -1.93
N ARG A 4838 -11.50 -7.49 -2.35
CA ARG A 4838 -11.49 -8.70 -3.13
C ARG A 4838 -10.31 -9.57 -2.73
N GLU A 4839 -9.52 -9.17 -1.73
CA GLU A 4839 -8.29 -9.86 -1.37
C GLU A 4839 -8.46 -10.75 -0.14
N MET A 4840 -9.03 -10.20 0.94
CA MET A 4840 -9.22 -10.99 2.15
C MET A 4840 -10.19 -12.15 1.94
N ARG A 4841 -11.03 -12.08 0.92
CA ARG A 4841 -11.98 -13.14 0.62
C ARG A 4841 -11.28 -14.38 0.07
#